data_4POQ
#
_entry.id   4POQ
#
_cell.length_a   97.330
_cell.length_b   180.090
_cell.length_c   199.390
_cell.angle_alpha   90.00
_cell.angle_beta   90.00
_cell.angle_gamma   90.00
#
_symmetry.space_group_name_H-M   'P 21 21 21'
#
loop_
_entity.id
_entity.type
_entity.pdbx_description
1 polymer VP1
2 non-polymer 'CALCIUM ION'
3 non-polymer 1,2-ETHANEDIOL
4 non-polymer 'ISOPROPYL ALCOHOL'
5 water water
#
_entity_poly.entity_id   1
_entity_poly.type   'polypeptide(L)'
_entity_poly.pdbx_seq_one_letter_code
;GSHMGGVEVLEVRTGPDAITQIEAYLNPRMGNNNPTDELYGYSADINVASSKASDNPNATTLPTYSVAVIKLPMLNEDMT
CDTLLMWEAVSVKTEVMGISSLVNLHQGGKYIYGSSSGTIPVQGTTLHMFSVGGEPLELQGLVASSTTTYPTDMVTIKNM
KPVNQALDPNAKALLDKDGKYPVEVWSPDPSKNENTRYYGSFTGGATTPPVMQFTNSVTTVLLDENGVGPLCKGDKLFLS
AVDIVGIHTNYSESQNWRGLPRYFNVTLRKRVVKNPYP
;
_entity_poly.pdbx_strand_id   A,B,C,D,E,F,G,H,I,J
#
# COMPACT_ATOMS: atom_id res chain seq x y z
N VAL A 7 -18.06 -26.32 -20.41
CA VAL A 7 -16.61 -26.61 -20.27
C VAL A 7 -16.06 -25.89 -19.02
N GLU A 8 -15.49 -26.65 -18.09
CA GLU A 8 -14.93 -26.08 -16.86
C GLU A 8 -13.49 -25.60 -17.05
N VAL A 9 -13.28 -24.33 -16.76
CA VAL A 9 -12.00 -23.67 -16.98
C VAL A 9 -11.19 -23.70 -15.70
N LEU A 10 -9.95 -24.16 -15.82
CA LEU A 10 -9.03 -24.28 -14.68
C LEU A 10 -7.92 -23.20 -14.77
N GLU A 11 -6.73 -23.49 -14.26
CA GLU A 11 -5.67 -22.48 -14.14
C GLU A 11 -4.89 -22.24 -15.43
N VAL A 12 -4.10 -21.17 -15.44
CA VAL A 12 -3.14 -20.89 -16.50
C VAL A 12 -1.94 -21.85 -16.40
N ARG A 13 -1.51 -22.37 -17.55
CA ARG A 13 -0.36 -23.26 -17.59
C ARG A 13 0.92 -22.45 -17.69
N THR A 14 1.85 -22.69 -16.78
CA THR A 14 3.12 -21.97 -16.79
C THR A 14 4.22 -22.85 -17.38
N GLY A 15 5.46 -22.34 -17.38
CA GLY A 15 6.58 -23.04 -17.98
C GLY A 15 6.98 -22.28 -19.23
N PRO A 16 8.08 -22.70 -19.88
CA PRO A 16 8.50 -21.98 -21.09
C PRO A 16 7.48 -22.22 -22.20
N ASP A 17 7.61 -21.51 -23.32
CA ASP A 17 6.79 -21.82 -24.48
C ASP A 17 5.29 -21.87 -24.18
N ALA A 18 4.83 -21.13 -23.17
CA ALA A 18 3.39 -21.10 -22.87
C ALA A 18 2.66 -19.94 -23.56
N ILE A 19 3.43 -19.09 -24.24
CA ILE A 19 2.85 -17.90 -24.86
C ILE A 19 3.15 -17.96 -26.34
N THR A 20 2.19 -17.51 -27.14
CA THR A 20 2.46 -17.28 -28.54
C THR A 20 1.83 -15.96 -28.98
N GLN A 21 2.22 -15.49 -30.16
CA GLN A 21 1.70 -14.26 -30.73
C GLN A 21 1.35 -14.52 -32.18
N ILE A 22 0.29 -13.90 -32.64
CA ILE A 22 -0.01 -13.94 -34.06
C ILE A 22 -0.28 -12.51 -34.52
N GLU A 23 -0.12 -12.29 -35.82
CA GLU A 23 -0.56 -11.03 -36.38
C GLU A 23 -1.27 -11.29 -37.70
N ALA A 24 -2.17 -10.38 -38.05
CA ALA A 24 -2.98 -10.50 -39.26
C ALA A 24 -3.55 -9.14 -39.63
N TYR A 25 -4.03 -9.02 -40.87
CA TYR A 25 -4.76 -7.83 -41.30
C TYR A 25 -6.01 -8.26 -42.07
N LEU A 26 -7.04 -7.44 -41.98
CA LEU A 26 -8.30 -7.69 -42.68
C LEU A 26 -8.50 -6.51 -43.62
N ASN A 27 -8.57 -6.78 -44.92
CA ASN A 27 -8.97 -5.75 -45.86
C ASN A 27 -10.46 -5.44 -45.82
N PRO A 28 -10.80 -4.16 -46.04
CA PRO A 28 -12.19 -3.72 -45.98
C PRO A 28 -13.08 -4.39 -47.04
N ARG A 29 -14.33 -4.65 -46.70
CA ARG A 29 -15.29 -5.18 -47.66
C ARG A 29 -16.43 -4.16 -47.80
N MET A 30 -16.23 -3.19 -48.66
CA MET A 30 -17.14 -2.03 -48.77
C MET A 30 -18.18 -2.23 -49.87
N GLY A 31 -17.96 -3.22 -50.71
CA GLY A 31 -18.89 -3.52 -51.80
C GLY A 31 -18.13 -3.92 -53.04
N ASN A 32 -17.11 -3.13 -53.36
CA ASN A 32 -16.13 -3.59 -54.31
C ASN A 32 -15.07 -4.35 -53.56
N ASN A 33 -15.17 -5.68 -53.58
CA ASN A 33 -14.40 -6.50 -52.64
C ASN A 33 -13.32 -7.36 -53.23
N ASN A 34 -13.17 -7.29 -54.55
CA ASN A 34 -12.14 -8.04 -55.26
C ASN A 34 -10.97 -7.09 -55.54
N PRO A 35 -9.73 -7.51 -55.21
CA PRO A 35 -8.54 -6.65 -55.34
C PRO A 35 -8.28 -6.12 -56.76
N THR A 36 -8.89 -6.73 -57.77
CA THR A 36 -8.77 -6.23 -59.14
C THR A 36 -9.89 -5.25 -59.49
N ASP A 37 -10.83 -5.04 -58.57
CA ASP A 37 -11.90 -4.04 -58.77
C ASP A 37 -11.31 -2.64 -58.83
N GLU A 38 -11.63 -1.91 -59.88
CA GLU A 38 -11.17 -0.53 -60.02
C GLU A 38 -11.34 0.27 -58.70
N LEU A 39 -12.50 0.11 -58.06
CA LEU A 39 -12.84 0.81 -56.82
C LEU A 39 -12.70 -0.08 -55.58
N TYR A 40 -11.71 -0.95 -55.58
CA TYR A 40 -11.42 -1.76 -54.41
C TYR A 40 -11.23 -0.82 -53.21
N GLY A 41 -11.91 -1.15 -52.10
CA GLY A 41 -11.79 -0.37 -50.88
C GLY A 41 -12.90 0.65 -50.75
N TYR A 42 -13.84 0.64 -51.70
CA TYR A 42 -15.00 1.54 -51.78
C TYR A 42 -16.25 0.76 -52.12
N SER A 43 -17.42 1.33 -51.84
CA SER A 43 -18.63 0.74 -52.37
C SER A 43 -18.81 1.29 -53.79
N ALA A 44 -19.75 0.71 -54.53
CA ALA A 44 -20.20 1.28 -55.79
C ALA A 44 -21.08 2.48 -55.45
N ASP A 45 -21.31 3.39 -56.41
CA ASP A 45 -22.21 4.56 -56.19
C ASP A 45 -23.51 4.16 -55.49
N ILE A 46 -23.85 4.78 -54.37
CA ILE A 46 -25.08 4.40 -53.65
C ILE A 46 -26.29 4.52 -54.57
N ASN A 47 -27.11 3.47 -54.68
CA ASN A 47 -28.38 3.57 -55.40
C ASN A 47 -29.51 3.72 -54.38
N VAL A 48 -30.15 4.89 -54.40
CA VAL A 48 -31.15 5.25 -53.38
C VAL A 48 -32.52 4.63 -53.72
N ALA A 49 -33.26 4.20 -52.71
CA ALA A 49 -34.67 3.80 -52.85
C ALA A 49 -35.52 4.85 -53.56
N SER A 50 -36.35 4.41 -54.49
CA SER A 50 -37.33 5.27 -55.12
C SER A 50 -38.52 5.50 -54.17
N SER A 51 -38.85 4.48 -53.38
CA SER A 51 -39.92 4.53 -52.39
C SER A 51 -39.59 3.51 -51.32
N LYS A 52 -40.25 3.59 -50.16
CA LYS A 52 -40.00 2.61 -49.09
C LYS A 52 -40.26 1.17 -49.57
N ALA A 53 -41.34 1.00 -50.33
CA ALA A 53 -41.76 -0.30 -50.85
C ALA A 53 -40.81 -0.91 -51.88
N SER A 54 -40.09 -0.09 -52.64
CA SER A 54 -39.10 -0.60 -53.58
C SER A 54 -37.67 -0.13 -53.28
N ASP A 55 -37.16 -0.52 -52.14
CA ASP A 55 -35.78 -0.23 -51.78
C ASP A 55 -35.01 -1.50 -52.12
N ASN A 56 -34.21 -1.44 -53.18
CA ASN A 56 -33.45 -2.59 -53.71
C ASN A 56 -31.97 -2.21 -53.83
N PRO A 57 -31.23 -2.16 -52.71
CA PRO A 57 -29.84 -1.73 -52.81
C PRO A 57 -28.99 -2.77 -53.53
N ASN A 58 -28.12 -2.33 -54.45
CA ASN A 58 -27.21 -3.23 -55.12
C ASN A 58 -26.21 -3.78 -54.11
N ALA A 59 -25.87 -5.06 -54.27
CA ALA A 59 -24.89 -5.71 -53.38
C ALA A 59 -23.56 -4.94 -53.27
N THR A 60 -23.15 -4.29 -54.35
CA THR A 60 -21.85 -3.63 -54.36
C THR A 60 -21.89 -2.29 -53.63
N THR A 61 -23.07 -1.89 -53.18
CA THR A 61 -23.24 -0.63 -52.48
C THR A 61 -23.24 -0.81 -50.96
N LEU A 62 -23.22 -2.06 -50.52
CA LEU A 62 -23.49 -2.44 -49.12
C LEU A 62 -22.24 -2.96 -48.40
N PRO A 63 -21.66 -2.13 -47.49
CA PRO A 63 -20.51 -2.59 -46.71
C PRO A 63 -20.84 -3.74 -45.76
N THR A 64 -19.94 -4.73 -45.74
CA THR A 64 -20.08 -5.93 -44.93
C THR A 64 -18.88 -6.10 -43.98
N TYR A 65 -19.05 -6.95 -42.97
CA TYR A 65 -18.01 -7.21 -41.98
C TYR A 65 -16.87 -8.02 -42.60
N SER A 66 -15.64 -7.71 -42.22
CA SER A 66 -14.49 -8.55 -42.56
C SER A 66 -14.33 -9.60 -41.46
N VAL A 67 -13.87 -10.80 -41.82
CA VAL A 67 -13.59 -11.82 -40.81
C VAL A 67 -12.47 -12.76 -41.29
N ALA A 68 -11.56 -13.11 -40.40
CA ALA A 68 -10.56 -14.12 -40.74
C ALA A 68 -10.40 -15.11 -39.59
N VAL A 69 -10.17 -16.37 -39.93
CA VAL A 69 -9.89 -17.41 -38.94
C VAL A 69 -8.38 -17.70 -38.97
N ILE A 70 -7.74 -17.73 -37.80
CA ILE A 70 -6.33 -18.08 -37.72
C ILE A 70 -6.23 -19.39 -36.98
N LYS A 71 -5.58 -20.35 -37.64
CA LYS A 71 -5.31 -21.66 -37.06
CA LYS A 71 -5.32 -21.65 -37.05
C LYS A 71 -4.10 -21.54 -36.14
N LEU A 72 -4.23 -22.01 -34.91
CA LEU A 72 -3.14 -21.96 -33.93
C LEU A 72 -2.44 -23.32 -33.81
N PRO A 73 -1.20 -23.36 -33.23
CA PRO A 73 -0.53 -24.67 -33.09
C PRO A 73 -1.40 -25.65 -32.28
N MET A 74 -1.38 -26.93 -32.68
CA MET A 74 -2.17 -27.95 -32.00
C MET A 74 -1.62 -28.18 -30.58
N LEU A 75 -2.50 -28.51 -29.65
CA LEU A 75 -2.15 -28.43 -28.25
C LEU A 75 -2.24 -29.72 -27.48
N ASN A 76 -3.19 -30.56 -27.87
CA ASN A 76 -3.41 -31.81 -27.15
C ASN A 76 -3.09 -33.02 -28.02
N GLU A 77 -2.00 -33.71 -27.68
CA GLU A 77 -1.65 -35.00 -28.24
C GLU A 77 -2.78 -35.98 -27.96
N ASP A 78 -2.79 -36.48 -26.72
CA ASP A 78 -3.78 -37.41 -26.23
C ASP A 78 -5.03 -36.64 -25.77
N MET A 79 -6.14 -36.89 -26.39
CA MET A 79 -7.35 -36.23 -26.00
C MET A 79 -8.12 -37.08 -25.04
N THR A 80 -7.41 -37.93 -24.32
CA THR A 80 -8.03 -38.81 -23.37
C THR A 80 -7.54 -38.53 -21.98
N CYS A 81 -6.81 -37.43 -21.83
CA CYS A 81 -6.31 -37.00 -20.53
C CYS A 81 -7.36 -36.17 -19.81
N ASP A 82 -7.40 -36.23 -18.49
CA ASP A 82 -8.48 -35.61 -17.73
C ASP A 82 -8.53 -34.11 -17.92
N THR A 83 -7.43 -33.49 -18.31
CA THR A 83 -7.42 -32.08 -18.63
C THR A 83 -6.75 -31.86 -19.95
N LEU A 84 -7.13 -30.75 -20.56
CA LEU A 84 -6.64 -30.35 -21.87
C LEU A 84 -6.26 -28.87 -21.81
N LEU A 85 -5.55 -28.42 -22.83
CA LEU A 85 -5.15 -27.02 -22.97
C LEU A 85 -5.90 -26.38 -24.12
N MET A 86 -6.23 -25.10 -23.94
CA MET A 86 -6.78 -24.30 -25.00
C MET A 86 -5.94 -23.03 -25.06
N TRP A 87 -5.81 -22.46 -26.25
CA TRP A 87 -5.22 -21.13 -26.40
C TRP A 87 -6.21 -20.10 -25.90
N GLU A 88 -5.72 -19.19 -25.08
CA GLU A 88 -6.54 -18.13 -24.48
C GLU A 88 -5.99 -16.79 -24.96
N ALA A 89 -6.83 -16.00 -25.62
CA ALA A 89 -6.41 -14.69 -26.09
C ALA A 89 -6.38 -13.68 -24.93
N VAL A 90 -5.22 -13.09 -24.68
CA VAL A 90 -5.00 -12.26 -23.48
C VAL A 90 -5.07 -10.77 -23.77
N SER A 91 -4.53 -10.37 -24.92
CA SER A 91 -4.47 -8.97 -25.26
C SER A 91 -4.28 -8.81 -26.77
N VAL A 92 -4.65 -7.64 -27.27
CA VAL A 92 -4.54 -7.35 -28.69
C VAL A 92 -4.00 -5.96 -28.90
N LYS A 93 -3.12 -5.82 -29.89
CA LYS A 93 -2.78 -4.50 -30.40
C LYS A 93 -3.40 -4.43 -31.78
N THR A 94 -4.20 -3.40 -32.02
CA THR A 94 -4.92 -3.27 -33.28
C THR A 94 -4.82 -1.83 -33.82
N GLU A 95 -4.84 -1.70 -35.14
CA GLU A 95 -4.60 -0.43 -35.79
C GLU A 95 -5.35 -0.32 -37.11
N VAL A 96 -5.99 0.81 -37.35
CA VAL A 96 -6.56 1.07 -38.67
C VAL A 96 -5.44 1.64 -39.53
N MET A 97 -5.16 0.96 -40.64
CA MET A 97 -4.00 1.31 -41.47
C MET A 97 -4.39 2.22 -42.61
N GLY A 98 -3.46 3.05 -43.07
CA GLY A 98 -3.71 4.00 -44.17
C GLY A 98 -4.54 5.24 -43.82
N ILE A 99 -4.57 5.62 -42.56
CA ILE A 99 -5.40 6.78 -42.16
C ILE A 99 -5.04 8.05 -42.94
N SER A 100 -3.75 8.30 -43.12
CA SER A 100 -3.30 9.46 -43.86
C SER A 100 -3.62 9.50 -45.37
N SER A 101 -3.95 8.36 -46.01
CA SER A 101 -4.42 8.41 -47.40
C SER A 101 -5.65 9.37 -47.56
N LEU A 102 -6.38 9.60 -46.48
CA LEU A 102 -7.51 10.58 -46.49
C LEU A 102 -7.10 12.06 -46.57
N VAL A 103 -5.85 12.35 -46.23
CA VAL A 103 -5.29 13.70 -46.29
C VAL A 103 -4.85 13.99 -47.72
N ASN A 104 -5.84 14.31 -48.54
CA ASN A 104 -5.70 14.27 -49.97
C ASN A 104 -6.82 15.16 -50.49
N LEU A 105 -6.46 16.32 -51.04
CA LEU A 105 -7.46 17.22 -51.62
C LEU A 105 -7.40 17.36 -53.15
N HIS A 106 -6.70 16.46 -53.84
CA HIS A 106 -6.55 16.58 -55.31
C HIS A 106 -7.32 15.51 -56.06
N GLN A 107 -7.85 14.56 -55.31
CA GLN A 107 -8.67 13.49 -55.84
C GLN A 107 -9.87 14.09 -56.54
N GLY A 108 -10.26 13.48 -57.66
CA GLY A 108 -11.47 13.90 -58.36
C GLY A 108 -12.61 13.99 -57.34
N GLY A 109 -13.43 15.02 -57.47
CA GLY A 109 -14.54 15.16 -56.55
C GLY A 109 -15.27 16.49 -56.64
N LYS A 110 -15.92 16.82 -55.55
CA LYS A 110 -16.76 17.98 -55.46
C LYS A 110 -15.92 19.11 -54.85
N TYR A 111 -15.87 20.28 -55.50
CA TYR A 111 -15.05 21.38 -55.03
C TYR A 111 -15.49 21.89 -53.67
N ILE A 112 -14.53 22.20 -52.82
CA ILE A 112 -14.83 22.84 -51.54
C ILE A 112 -15.52 24.18 -51.77
N TYR A 113 -14.92 25.03 -52.59
CA TYR A 113 -15.57 26.27 -53.02
C TYR A 113 -15.80 26.14 -54.51
N GLY A 114 -15.22 27.01 -55.34
CA GLY A 114 -15.37 26.89 -56.78
C GLY A 114 -14.28 26.04 -57.41
N SER A 115 -14.13 26.18 -58.72
CA SER A 115 -13.30 25.28 -59.47
C SER A 115 -11.80 25.52 -59.27
N SER A 116 -11.45 26.56 -58.51
CA SER A 116 -10.04 26.82 -58.18
C SER A 116 -9.57 26.11 -56.92
N SER A 117 -10.50 25.59 -56.13
CA SER A 117 -10.19 25.04 -54.82
C SER A 117 -9.95 23.54 -54.88
N GLY A 118 -9.49 22.98 -53.76
CA GLY A 118 -9.39 21.53 -53.60
C GLY A 118 -10.78 20.89 -53.55
N THR A 119 -10.83 19.55 -53.57
CA THR A 119 -12.09 18.81 -53.48
C THR A 119 -12.40 18.38 -52.03
N ILE A 120 -13.67 18.10 -51.75
CA ILE A 120 -14.08 17.69 -50.40
C ILE A 120 -13.57 16.28 -50.07
N PRO A 121 -12.90 16.11 -48.92
CA PRO A 121 -12.38 14.77 -48.64
C PRO A 121 -13.46 13.82 -48.07
N VAL A 122 -13.07 12.59 -47.78
CA VAL A 122 -13.99 11.60 -47.19
C VAL A 122 -14.51 12.14 -45.87
N GLN A 123 -15.84 12.18 -45.75
CA GLN A 123 -16.50 12.58 -44.52
C GLN A 123 -17.92 11.98 -44.41
N GLY A 124 -18.55 12.14 -43.26
CA GLY A 124 -19.88 11.60 -43.02
C GLY A 124 -19.77 10.49 -41.99
N THR A 125 -20.69 9.53 -42.11
CA THR A 125 -20.87 8.46 -41.16
C THR A 125 -19.63 7.59 -41.06
N THR A 126 -19.19 7.29 -39.84
CA THR A 126 -18.08 6.35 -39.64
C THR A 126 -18.57 5.20 -38.76
N LEU A 127 -17.98 4.01 -38.95
CA LEU A 127 -18.28 2.87 -38.11
C LEU A 127 -17.01 2.03 -37.93
N HIS A 128 -16.55 1.91 -36.69
CA HIS A 128 -15.35 1.14 -36.35
C HIS A 128 -15.74 0.07 -35.40
N MET A 129 -15.31 -1.15 -35.70
CA MET A 129 -15.50 -2.28 -34.82
C MET A 129 -14.40 -3.29 -35.05
N PHE A 130 -13.90 -3.86 -33.96
CA PHE A 130 -13.07 -5.05 -34.04
C PHE A 130 -13.50 -6.03 -32.96
N SER A 131 -13.32 -7.33 -33.26
CA SER A 131 -13.49 -8.35 -32.25
C SER A 131 -12.46 -9.45 -32.33
N VAL A 132 -12.24 -10.09 -31.19
CA VAL A 132 -11.33 -11.22 -31.05
C VAL A 132 -12.09 -12.21 -30.17
N GLY A 133 -12.27 -13.44 -30.69
CA GLY A 133 -13.03 -14.47 -30.01
C GLY A 133 -12.55 -15.87 -30.35
N GLY A 134 -12.98 -16.87 -29.59
CA GLY A 134 -12.55 -18.24 -29.81
C GLY A 134 -13.54 -19.05 -30.64
N GLU A 135 -14.44 -18.35 -31.34
CA GLU A 135 -15.49 -18.91 -32.18
C GLU A 135 -16.11 -17.74 -33.00
N PRO A 136 -16.96 -18.03 -34.00
CA PRO A 136 -17.57 -16.91 -34.74
C PRO A 136 -18.24 -15.85 -33.87
N LEU A 137 -18.07 -14.59 -34.24
CA LEU A 137 -18.83 -13.50 -33.65
C LEU A 137 -20.34 -13.72 -33.80
N GLU A 138 -21.07 -13.69 -32.70
CA GLU A 138 -22.53 -13.91 -32.74
C GLU A 138 -23.26 -12.59 -33.03
N LEU A 139 -24.19 -12.64 -34.00
CA LEU A 139 -24.82 -11.41 -34.51
C LEU A 139 -26.33 -11.33 -34.24
N GLN A 140 -26.82 -10.10 -34.05
CA GLN A 140 -28.25 -9.80 -33.96
C GLN A 140 -28.69 -8.99 -35.19
N GLY A 141 -29.86 -9.32 -35.73
CA GLY A 141 -30.38 -8.62 -36.90
C GLY A 141 -31.28 -7.47 -36.49
N LEU A 142 -31.13 -6.34 -37.18
CA LEU A 142 -32.00 -5.18 -37.04
C LEU A 142 -31.77 -4.22 -38.21
N VAL A 143 -32.87 -3.78 -38.85
CA VAL A 143 -32.81 -2.93 -40.06
C VAL A 143 -33.54 -1.59 -39.92
N ALA A 144 -33.20 -0.66 -40.81
CA ALA A 144 -33.89 0.62 -40.91
C ALA A 144 -35.32 0.45 -41.43
N SER A 145 -35.53 -0.54 -42.32
CA SER A 145 -36.84 -0.76 -42.94
C SER A 145 -37.00 -2.22 -43.38
N SER A 146 -38.04 -2.88 -42.89
CA SER A 146 -38.27 -4.27 -43.24
C SER A 146 -38.77 -4.44 -44.66
N THR A 147 -39.11 -3.35 -45.34
CA THR A 147 -39.59 -3.46 -46.72
C THR A 147 -38.51 -3.18 -47.76
N THR A 148 -37.26 -3.19 -47.32
CA THR A 148 -36.11 -3.19 -48.18
C THR A 148 -35.91 -4.63 -48.70
N THR A 149 -35.65 -4.78 -49.99
CA THR A 149 -35.32 -6.10 -50.52
C THR A 149 -33.81 -6.18 -50.73
N TYR A 150 -33.17 -7.07 -49.96
CA TYR A 150 -31.70 -7.20 -49.95
C TYR A 150 -31.21 -8.17 -51.03
N PRO A 151 -29.96 -8.00 -51.49
CA PRO A 151 -29.45 -8.91 -52.51
C PRO A 151 -29.40 -10.33 -51.96
N THR A 152 -29.85 -11.28 -52.77
CA THR A 152 -29.98 -12.67 -52.35
C THR A 152 -28.65 -13.34 -52.05
N ASP A 153 -27.60 -12.91 -52.72
CA ASP A 153 -26.26 -13.49 -52.50
C ASP A 153 -25.51 -12.91 -51.27
N MET A 154 -26.22 -12.13 -50.45
CA MET A 154 -25.71 -11.74 -49.14
C MET A 154 -26.52 -12.46 -48.06
N VAL A 155 -26.05 -12.44 -46.81
CA VAL A 155 -26.79 -13.05 -45.71
C VAL A 155 -27.54 -11.97 -44.93
N THR A 156 -28.86 -11.99 -45.02
CA THR A 156 -29.68 -11.02 -44.29
C THR A 156 -30.80 -11.78 -43.58
N ILE A 157 -31.75 -11.02 -43.03
CA ILE A 157 -32.80 -11.58 -42.20
C ILE A 157 -33.86 -12.23 -43.08
N LYS A 158 -34.05 -13.52 -42.88
CA LYS A 158 -35.08 -14.29 -43.61
C LYS A 158 -36.48 -13.94 -43.11
N ASN A 159 -37.41 -13.78 -44.06
CA ASN A 159 -38.82 -13.46 -43.78
C ASN A 159 -38.98 -12.21 -42.91
N MET A 160 -38.32 -11.12 -43.31
CA MET A 160 -38.39 -9.86 -42.59
C MET A 160 -39.81 -9.35 -42.42
N LYS A 161 -40.11 -8.91 -41.21
CA LYS A 161 -41.38 -8.26 -40.94
C LYS A 161 -41.03 -6.98 -40.21
N PRO A 162 -42.02 -6.06 -40.04
CA PRO A 162 -41.80 -4.80 -39.32
C PRO A 162 -41.11 -4.93 -37.96
N VAL A 163 -41.37 -6.01 -37.24
CA VAL A 163 -40.68 -6.29 -35.96
C VAL A 163 -39.15 -6.19 -36.08
N ASN A 164 -38.62 -6.48 -37.27
CA ASN A 164 -37.17 -6.43 -37.51
C ASN A 164 -36.57 -5.04 -37.60
N GLN A 165 -37.43 -4.03 -37.48
CA GLN A 165 -36.98 -2.66 -37.37
C GLN A 165 -36.59 -2.40 -35.91
N ALA A 166 -36.96 -3.32 -35.03
CA ALA A 166 -36.44 -3.36 -33.67
C ALA A 166 -35.94 -4.77 -33.35
N LEU A 167 -36.10 -5.22 -32.12
CA LEU A 167 -35.49 -6.49 -31.72
C LEU A 167 -36.43 -7.69 -31.92
N ASP A 168 -36.06 -8.55 -32.86
CA ASP A 168 -36.70 -9.84 -33.01
C ASP A 168 -35.72 -10.92 -32.55
N PRO A 169 -36.04 -11.63 -31.45
CA PRO A 169 -35.09 -12.60 -30.90
C PRO A 169 -34.77 -13.79 -31.82
N ASN A 170 -35.58 -14.02 -32.86
CA ASN A 170 -35.25 -15.01 -33.90
C ASN A 170 -34.27 -14.54 -34.98
N ALA A 171 -34.07 -13.24 -35.14
CA ALA A 171 -33.12 -12.72 -36.13
C ALA A 171 -31.66 -12.83 -35.64
N LYS A 172 -31.09 -14.04 -35.70
CA LYS A 172 -29.71 -14.28 -35.22
C LYS A 172 -28.84 -14.90 -36.31
N ALA A 173 -27.54 -14.64 -36.26
CA ALA A 173 -26.59 -15.21 -37.22
C ALA A 173 -25.23 -15.32 -36.58
N LEU A 174 -24.30 -15.98 -37.27
CA LEU A 174 -22.89 -15.98 -36.90
C LEU A 174 -22.11 -15.33 -38.02
N LEU A 175 -21.09 -14.55 -37.66
CA LEU A 175 -20.23 -13.94 -38.65
C LEU A 175 -19.20 -14.99 -39.08
N ASP A 176 -19.62 -15.86 -40.00
CA ASP A 176 -18.79 -16.97 -40.45
C ASP A 176 -18.35 -16.86 -41.91
N LYS A 177 -18.62 -15.72 -42.54
CA LYS A 177 -18.26 -15.51 -43.94
C LYS A 177 -17.82 -14.07 -44.12
N ASP A 178 -16.70 -13.90 -44.79
CA ASP A 178 -16.08 -12.59 -45.00
C ASP A 178 -16.80 -11.87 -46.16
N GLY A 179 -17.12 -10.59 -45.96
CA GLY A 179 -17.78 -9.79 -46.99
C GLY A 179 -19.15 -10.29 -47.45
N LYS A 180 -19.95 -10.82 -46.51
CA LYS A 180 -21.30 -11.33 -46.84
C LYS A 180 -22.43 -10.83 -45.93
N TYR A 181 -22.06 -10.30 -44.77
CA TYR A 181 -23.00 -9.87 -43.73
C TYR A 181 -23.01 -8.34 -43.63
N PRO A 182 -24.08 -7.69 -44.15
CA PRO A 182 -24.11 -6.23 -44.19
C PRO A 182 -24.15 -5.61 -42.80
N VAL A 183 -23.32 -4.61 -42.60
CA VAL A 183 -23.35 -3.86 -41.34
C VAL A 183 -24.71 -3.22 -41.07
N GLU A 184 -25.43 -2.81 -42.10
CA GLU A 184 -26.73 -2.14 -41.89
C GLU A 184 -27.84 -3.12 -41.46
N VAL A 185 -27.53 -4.42 -41.53
CA VAL A 185 -28.44 -5.48 -41.08
C VAL A 185 -28.01 -6.11 -39.71
N TRP A 186 -26.72 -6.37 -39.55
CA TRP A 186 -26.18 -7.17 -38.42
C TRP A 186 -25.30 -6.36 -37.52
N SER A 187 -25.41 -6.57 -36.22
CA SER A 187 -24.53 -5.96 -35.22
C SER A 187 -24.29 -7.02 -34.13
N PRO A 188 -23.23 -6.84 -33.33
CA PRO A 188 -22.90 -7.83 -32.30
C PRO A 188 -24.01 -8.06 -31.31
N ASP A 189 -24.24 -9.31 -30.95
CA ASP A 189 -25.39 -9.69 -30.13
C ASP A 189 -24.93 -9.72 -28.68
N PRO A 190 -25.34 -8.71 -27.88
CA PRO A 190 -24.76 -8.62 -26.54
C PRO A 190 -25.33 -9.66 -25.58
N SER A 191 -26.35 -10.41 -26.02
CA SER A 191 -26.95 -11.46 -25.17
C SER A 191 -26.17 -12.78 -25.30
N LYS A 192 -25.25 -12.84 -26.26
CA LYS A 192 -24.37 -13.99 -26.40
C LYS A 192 -22.92 -13.49 -26.34
N ASN A 193 -22.05 -14.03 -27.19
CA ASN A 193 -20.66 -13.59 -27.26
C ASN A 193 -19.91 -13.66 -25.93
N GLU A 194 -20.28 -14.65 -25.12
CA GLU A 194 -19.56 -14.95 -23.88
C GLU A 194 -18.06 -15.27 -24.14
N ASN A 195 -17.71 -15.65 -25.37
CA ASN A 195 -16.37 -16.13 -25.71
C ASN A 195 -15.65 -15.27 -26.78
N THR A 196 -16.06 -13.99 -26.87
CA THR A 196 -15.55 -13.01 -27.84
C THR A 196 -15.59 -11.64 -27.14
N ARG A 197 -14.54 -10.83 -27.31
CA ARG A 197 -14.58 -9.44 -26.93
C ARG A 197 -14.74 -8.59 -28.18
N TYR A 198 -15.76 -7.73 -28.21
CA TYR A 198 -15.90 -6.81 -29.33
C TYR A 198 -16.00 -5.38 -28.79
N TYR A 199 -15.62 -4.42 -29.64
CA TYR A 199 -15.43 -3.01 -29.30
C TYR A 199 -15.84 -2.23 -30.54
N GLY A 200 -16.77 -1.27 -30.39
CA GLY A 200 -17.37 -0.57 -31.53
C GLY A 200 -17.64 0.90 -31.25
N SER A 201 -17.52 1.74 -32.26
CA SER A 201 -17.96 3.12 -32.12
C SER A 201 -18.50 3.61 -33.43
N PHE A 202 -19.46 4.54 -33.29
CA PHE A 202 -20.23 5.02 -34.41
C PHE A 202 -20.47 6.51 -34.25
N THR A 203 -20.31 7.25 -35.35
CA THR A 203 -20.69 8.67 -35.40
C THR A 203 -21.41 8.80 -36.75
N GLY A 204 -22.62 9.34 -36.71
CA GLY A 204 -23.45 9.38 -37.90
C GLY A 204 -23.26 10.66 -38.68
N GLY A 205 -24.36 11.14 -39.27
CA GLY A 205 -24.41 12.39 -40.01
C GLY A 205 -23.93 12.33 -41.45
N ALA A 206 -24.31 13.34 -42.22
CA ALA A 206 -24.03 13.36 -43.66
C ALA A 206 -22.59 13.72 -43.97
N THR A 207 -22.10 14.76 -43.28
CA THR A 207 -20.86 15.41 -43.64
C THR A 207 -19.83 15.48 -42.51
N THR A 208 -20.08 14.75 -41.41
CA THR A 208 -19.26 14.78 -40.19
C THR A 208 -17.75 14.54 -40.46
N PRO A 209 -16.86 15.39 -39.92
CA PRO A 209 -15.41 15.14 -39.99
C PRO A 209 -15.05 13.82 -39.29
N PRO A 210 -14.36 12.91 -39.99
CA PRO A 210 -13.91 11.71 -39.29
C PRO A 210 -12.75 12.01 -38.34
N VAL A 211 -12.72 11.29 -37.23
CA VAL A 211 -11.65 11.40 -36.24
C VAL A 211 -11.04 10.01 -36.04
N MET A 212 -9.70 9.91 -36.15
CA MET A 212 -9.00 8.64 -35.91
C MET A 212 -7.61 8.82 -35.34
N GLN A 213 -7.22 7.94 -34.43
CA GLN A 213 -5.86 7.97 -33.89
C GLN A 213 -5.13 6.72 -34.33
N PHE A 214 -3.80 6.79 -34.33
CA PHE A 214 -2.93 5.65 -34.62
C PHE A 214 -1.67 5.73 -33.79
N THR A 215 -1.26 4.60 -33.23
CA THR A 215 -0.09 4.52 -32.36
C THR A 215 0.34 3.05 -32.28
N ASN A 216 1.55 2.80 -31.79
CA ASN A 216 1.86 1.44 -31.45
C ASN A 216 2.04 1.25 -29.94
N SER A 217 1.58 2.24 -29.17
CA SER A 217 1.81 2.29 -27.72
C SER A 217 0.64 1.74 -26.88
N VAL A 218 -0.46 1.34 -27.52
CA VAL A 218 -1.71 0.98 -26.82
C VAL A 218 -2.12 -0.50 -26.98
N THR A 219 -2.40 -1.16 -25.86
CA THR A 219 -2.85 -2.54 -25.84
C THR A 219 -4.24 -2.65 -25.21
N THR A 220 -5.09 -3.50 -25.75
CA THR A 220 -6.36 -3.81 -25.09
C THR A 220 -6.27 -5.19 -24.47
N VAL A 221 -6.56 -5.26 -23.17
CA VAL A 221 -6.58 -6.52 -22.43
C VAL A 221 -7.93 -7.21 -22.68
N LEU A 222 -7.90 -8.51 -23.02
CA LEU A 222 -9.11 -9.25 -23.44
C LEU A 222 -9.73 -10.14 -22.34
N LEU A 223 -9.14 -10.11 -21.14
CA LEU A 223 -9.60 -10.92 -20.01
C LEU A 223 -10.93 -10.41 -19.50
N ASP A 224 -11.82 -11.31 -19.10
CA ASP A 224 -13.09 -10.91 -18.51
C ASP A 224 -12.94 -10.66 -17.01
N GLU A 225 -14.07 -10.46 -16.34
CA GLU A 225 -14.10 -10.18 -14.89
C GLU A 225 -13.43 -11.26 -14.04
N ASN A 226 -13.45 -12.50 -14.51
CA ASN A 226 -12.74 -13.59 -13.82
C ASN A 226 -11.30 -13.84 -14.31
N GLY A 227 -10.79 -12.94 -15.14
CA GLY A 227 -9.42 -13.03 -15.64
C GLY A 227 -9.24 -14.06 -16.76
N VAL A 228 -10.31 -14.33 -17.50
CA VAL A 228 -10.25 -15.34 -18.58
C VAL A 228 -10.53 -14.65 -19.91
N GLY A 229 -9.60 -14.83 -20.85
CA GLY A 229 -9.78 -14.30 -22.20
C GLY A 229 -10.55 -15.31 -23.01
N PRO A 230 -10.84 -14.97 -24.28
CA PRO A 230 -11.46 -15.87 -25.25
C PRO A 230 -10.65 -17.18 -25.42
N LEU A 231 -11.36 -18.30 -25.36
CA LEU A 231 -10.75 -19.61 -25.45
C LEU A 231 -11.01 -20.16 -26.84
N CYS A 232 -9.95 -20.64 -27.49
CA CYS A 232 -9.98 -20.95 -28.91
C CYS A 232 -10.46 -22.37 -29.22
N LYS A 233 -11.72 -22.49 -29.59
CA LYS A 233 -12.30 -23.79 -29.88
C LYS A 233 -11.68 -24.39 -31.14
N GLY A 234 -11.23 -25.64 -31.02
CA GLY A 234 -10.51 -26.31 -32.09
C GLY A 234 -9.29 -25.54 -32.56
N ASP A 235 -8.63 -24.83 -31.63
CA ASP A 235 -7.39 -24.10 -31.92
C ASP A 235 -7.55 -23.08 -33.03
N LYS A 236 -8.73 -22.44 -33.05
CA LYS A 236 -9.07 -21.43 -34.03
C LYS A 236 -9.31 -20.09 -33.34
N LEU A 237 -8.74 -19.05 -33.94
CA LEU A 237 -8.94 -17.68 -33.48
C LEU A 237 -9.66 -16.91 -34.56
N PHE A 238 -10.71 -16.20 -34.17
CA PHE A 238 -11.58 -15.46 -35.06
C PHE A 238 -11.38 -13.96 -34.83
N LEU A 239 -11.00 -13.27 -35.90
CA LEU A 239 -10.79 -11.84 -35.92
C LEU A 239 -11.83 -11.25 -36.86
N SER A 240 -12.54 -10.23 -36.39
CA SER A 240 -13.57 -9.57 -37.19
C SER A 240 -13.46 -8.05 -37.05
N ALA A 241 -13.94 -7.34 -38.08
CA ALA A 241 -13.73 -5.91 -38.18
C ALA A 241 -14.63 -5.27 -39.21
N VAL A 242 -14.87 -3.98 -39.02
CA VAL A 242 -15.32 -3.09 -40.09
C VAL A 242 -14.78 -1.70 -39.72
N ASP A 243 -14.32 -0.96 -40.72
CA ASP A 243 -13.79 0.36 -40.53
C ASP A 243 -14.19 1.25 -41.71
N ILE A 244 -15.44 1.70 -41.65
CA ILE A 244 -15.99 2.64 -42.61
C ILE A 244 -15.56 4.01 -42.11
N VAL A 245 -14.74 4.72 -42.89
CA VAL A 245 -14.22 6.02 -42.45
C VAL A 245 -15.01 7.22 -43.02
N GLY A 246 -16.05 6.91 -43.78
CA GLY A 246 -16.93 7.95 -44.30
C GLY A 246 -17.32 7.72 -45.75
N ILE A 247 -17.67 8.82 -46.42
CA ILE A 247 -18.20 8.80 -47.77
C ILE A 247 -17.37 9.68 -48.70
N HIS A 248 -16.94 9.16 -49.84
CA HIS A 248 -16.35 10.04 -50.86
C HIS A 248 -17.40 10.47 -51.81
N THR A 249 -17.45 11.78 -52.06
CA THR A 249 -18.41 12.36 -53.00
C THR A 249 -17.69 12.66 -54.33
N ASN A 250 -18.27 12.21 -55.44
CA ASN A 250 -17.77 12.53 -56.78
C ASN A 250 -18.27 13.88 -57.25
N TYR A 251 -17.63 14.42 -58.30
CA TYR A 251 -18.04 15.71 -58.87
C TYR A 251 -19.52 15.74 -59.23
N SER A 252 -20.00 14.62 -59.75
CA SER A 252 -21.40 14.46 -60.13
C SER A 252 -22.32 14.42 -58.93
N GLU A 253 -21.73 14.26 -57.75
CA GLU A 253 -22.50 14.13 -56.50
C GLU A 253 -22.96 12.72 -56.18
N SER A 254 -22.57 11.75 -56.99
CA SER A 254 -22.73 10.36 -56.59
C SER A 254 -21.78 10.09 -55.41
N GLN A 255 -22.13 9.11 -54.59
CA GLN A 255 -21.35 8.88 -53.37
C GLN A 255 -20.94 7.42 -53.19
N ASN A 256 -19.75 7.22 -52.62
CA ASN A 256 -19.21 5.89 -52.35
C ASN A 256 -18.70 5.80 -50.90
N TRP A 257 -19.05 4.71 -50.22
CA TRP A 257 -18.48 4.43 -48.90
C TRP A 257 -17.00 4.18 -49.05
N ARG A 258 -16.24 4.62 -48.05
CA ARG A 258 -14.79 4.37 -48.03
C ARG A 258 -14.42 3.64 -46.75
N GLY A 259 -13.62 2.57 -46.89
CA GLY A 259 -13.11 1.83 -45.75
C GLY A 259 -11.60 1.66 -45.78
N LEU A 260 -11.03 1.25 -44.65
CA LEU A 260 -9.60 1.00 -44.50
C LEU A 260 -9.38 -0.33 -43.82
N PRO A 261 -8.23 -0.98 -44.09
CA PRO A 261 -7.86 -2.24 -43.43
C PRO A 261 -7.52 -2.07 -41.97
N ARG A 262 -7.64 -3.18 -41.23
CA ARG A 262 -7.29 -3.22 -39.82
C ARG A 262 -6.25 -4.30 -39.56
N TYR A 263 -5.26 -3.95 -38.75
CA TYR A 263 -4.22 -4.89 -38.35
C TYR A 263 -4.50 -5.36 -36.93
N PHE A 264 -4.08 -6.57 -36.61
CA PHE A 264 -4.28 -7.17 -35.28
C PHE A 264 -2.95 -7.80 -34.88
N ASN A 265 -2.55 -7.61 -33.63
CA ASN A 265 -1.48 -8.41 -33.04
C ASN A 265 -2.02 -8.95 -31.72
N VAL A 266 -2.23 -10.25 -31.67
CA VAL A 266 -2.85 -10.88 -30.49
C VAL A 266 -1.88 -11.80 -29.78
N THR A 267 -1.82 -11.64 -28.47
CA THR A 267 -1.00 -12.49 -27.61
C THR A 267 -1.85 -13.55 -26.94
N LEU A 268 -1.40 -14.81 -27.06
CA LEU A 268 -2.13 -15.92 -26.46
C LEU A 268 -1.27 -16.68 -25.47
N ARG A 269 -1.94 -17.20 -24.44
CA ARG A 269 -1.34 -18.11 -23.48
C ARG A 269 -2.12 -19.45 -23.42
N LYS A 270 -1.51 -20.47 -22.80
CA LYS A 270 -2.15 -21.79 -22.66
C LYS A 270 -2.97 -21.83 -21.38
N ARG A 271 -4.21 -22.30 -21.49
CA ARG A 271 -5.11 -22.36 -20.34
C ARG A 271 -5.61 -23.77 -20.14
N VAL A 272 -5.55 -24.24 -18.90
CA VAL A 272 -6.00 -25.59 -18.57
C VAL A 272 -7.53 -25.63 -18.49
N VAL A 273 -8.13 -26.63 -19.12
CA VAL A 273 -9.54 -26.92 -18.97
C VAL A 273 -9.77 -28.38 -18.60
N LYS A 274 -10.87 -28.65 -17.90
CA LYS A 274 -11.28 -30.02 -17.60
C LYS A 274 -11.77 -30.67 -18.90
N ASN A 275 -11.38 -31.91 -19.12
CA ASN A 275 -11.85 -32.67 -20.29
C ASN A 275 -13.33 -33.06 -20.13
N PRO A 276 -14.20 -32.64 -21.08
CA PRO A 276 -15.52 -33.27 -21.15
C PRO A 276 -15.47 -34.51 -22.05
N TYR A 277 -15.62 -35.69 -21.45
CA TYR A 277 -15.46 -36.94 -22.19
C TYR A 277 -16.77 -37.63 -22.57
N VAL B 7 19.24 -9.04 -31.11
CA VAL B 7 20.26 -8.84 -30.04
C VAL B 7 19.60 -9.04 -28.67
N GLU B 8 20.29 -9.73 -27.76
CA GLU B 8 19.77 -9.92 -26.40
C GLU B 8 19.96 -8.63 -25.59
N VAL B 9 18.87 -8.12 -25.04
CA VAL B 9 18.88 -6.89 -24.25
C VAL B 9 19.04 -7.22 -22.78
N LEU B 10 20.05 -6.64 -22.14
CA LEU B 10 20.30 -6.87 -20.72
C LEU B 10 19.77 -5.73 -19.87
N GLU B 11 20.50 -5.40 -18.81
CA GLU B 11 20.03 -4.39 -17.86
C GLU B 11 20.45 -2.94 -18.18
N VAL B 12 19.78 -2.01 -17.52
CA VAL B 12 20.16 -0.61 -17.58
C VAL B 12 21.49 -0.37 -16.86
N ARG B 13 22.40 0.34 -17.51
CA ARG B 13 23.68 0.69 -16.90
C ARG B 13 23.50 1.87 -15.97
N THR B 14 23.87 1.72 -14.70
CA THR B 14 23.67 2.78 -13.71
C THR B 14 24.97 3.53 -13.52
N GLY B 15 24.91 4.60 -12.73
CA GLY B 15 26.11 5.31 -12.29
C GLY B 15 26.11 6.72 -12.81
N PRO B 16 27.20 7.48 -12.56
CA PRO B 16 27.30 8.84 -13.07
C PRO B 16 27.30 8.86 -14.59
N ASP B 17 26.83 9.95 -15.19
CA ASP B 17 26.88 10.14 -16.66
C ASP B 17 26.12 9.11 -17.51
N ALA B 18 25.19 8.36 -16.91
CA ALA B 18 24.46 7.31 -17.62
C ALA B 18 23.29 7.82 -18.46
N ILE B 19 22.97 9.10 -18.30
CA ILE B 19 21.82 9.74 -18.96
C ILE B 19 22.29 10.88 -19.86
N THR B 20 21.62 11.06 -21.00
CA THR B 20 21.83 12.27 -21.78
C THR B 20 20.48 12.78 -22.31
N GLN B 21 20.48 14.00 -22.81
CA GLN B 21 19.30 14.50 -23.52
C GLN B 21 19.69 15.34 -24.74
N ILE B 22 18.84 15.28 -25.75
CA ILE B 22 19.09 15.99 -26.98
C ILE B 22 17.84 16.78 -27.30
N GLU B 23 18.00 17.88 -28.01
CA GLU B 23 16.84 18.57 -28.52
C GLU B 23 17.04 18.89 -29.99
N ALA B 24 15.92 19.02 -30.70
CA ALA B 24 15.94 19.22 -32.12
C ALA B 24 14.59 19.79 -32.52
N TYR B 25 14.54 20.43 -33.69
CA TYR B 25 13.26 20.80 -34.28
C TYR B 25 13.25 20.30 -35.72
N LEU B 26 12.05 19.97 -36.23
CA LEU B 26 11.87 19.54 -37.61
C LEU B 26 10.96 20.53 -38.32
N ASN B 27 11.44 21.15 -39.40
CA ASN B 27 10.58 22.02 -40.21
C ASN B 27 9.59 21.22 -41.08
N PRO B 28 8.37 21.76 -41.25
CA PRO B 28 7.33 21.09 -42.04
C PRO B 28 7.72 21.00 -43.50
N ARG B 29 7.27 19.94 -44.16
CA ARG B 29 7.51 19.75 -45.58
C ARG B 29 6.18 19.62 -46.32
N MET B 30 5.54 20.79 -46.52
CA MET B 30 4.22 20.85 -47.12
C MET B 30 4.24 20.81 -48.64
N GLY B 31 5.42 20.96 -49.24
CA GLY B 31 5.55 21.03 -50.70
C GLY B 31 6.51 22.11 -51.15
N ASN B 32 6.35 23.32 -50.62
CA ASN B 32 7.41 24.32 -50.76
C ASN B 32 8.38 24.10 -49.61
N ASN B 33 9.44 23.34 -49.89
CA ASN B 33 10.29 22.78 -48.84
C ASN B 33 11.66 23.43 -48.74
N ASN B 34 11.90 24.42 -49.59
CA ASN B 34 13.16 25.16 -49.64
C ASN B 34 12.95 26.45 -48.86
N PRO B 35 13.77 26.70 -47.82
CA PRO B 35 13.59 27.93 -47.02
C PRO B 35 13.58 29.26 -47.79
N THR B 36 14.11 29.28 -49.01
CA THR B 36 14.01 30.49 -49.83
C THR B 36 12.69 30.60 -50.63
N ASP B 37 11.84 29.58 -50.57
CA ASP B 37 10.53 29.59 -51.25
C ASP B 37 9.65 30.65 -50.62
N GLU B 38 9.05 31.50 -51.45
CA GLU B 38 8.11 32.50 -50.96
C GLU B 38 7.01 31.90 -50.03
N LEU B 39 6.54 30.69 -50.35
CA LEU B 39 5.50 30.03 -49.57
C LEU B 39 6.02 28.87 -48.70
N TYR B 40 7.28 28.98 -48.26
CA TYR B 40 7.86 27.98 -47.37
C TYR B 40 6.87 27.73 -46.22
N GLY B 41 6.69 26.47 -45.88
CA GLY B 41 5.76 26.09 -44.81
C GLY B 41 4.31 25.93 -45.29
N TYR B 42 4.10 26.11 -46.59
CA TYR B 42 2.85 25.78 -47.28
C TYR B 42 3.11 24.89 -48.47
N SER B 43 2.08 24.18 -48.96
CA SER B 43 2.11 23.56 -50.29
C SER B 43 1.85 24.66 -51.34
N ALA B 44 2.17 24.37 -52.61
CA ALA B 44 1.69 25.21 -53.71
C ALA B 44 0.18 25.08 -53.80
N ASP B 45 -0.44 25.82 -54.71
CA ASP B 45 -1.90 25.73 -54.90
C ASP B 45 -2.23 24.31 -55.33
N ILE B 46 -3.15 23.68 -54.59
CA ILE B 46 -3.58 22.32 -54.89
C ILE B 46 -4.09 22.25 -56.32
N ASN B 47 -3.59 21.28 -57.08
CA ASN B 47 -4.08 21.04 -58.44
C ASN B 47 -4.87 19.75 -58.50
N VAL B 48 -6.16 19.88 -58.81
CA VAL B 48 -7.11 18.79 -58.72
C VAL B 48 -7.17 17.96 -59.99
N ALA B 49 -7.30 16.64 -59.84
CA ALA B 49 -7.52 15.73 -60.96
C ALA B 49 -8.67 16.16 -61.89
N SER B 50 -8.49 16.02 -63.19
CA SER B 50 -9.59 16.22 -64.13
C SER B 50 -10.45 14.96 -64.26
N SER B 51 -9.82 13.79 -64.07
CA SER B 51 -10.55 12.51 -64.03
C SER B 51 -9.78 11.52 -63.17
N LYS B 52 -10.34 10.32 -62.96
CA LYS B 52 -9.64 9.27 -62.21
C LYS B 52 -8.38 8.87 -62.98
N ALA B 53 -8.52 8.70 -64.28
CA ALA B 53 -7.42 8.34 -65.17
C ALA B 53 -6.36 9.44 -65.26
N SER B 54 -6.78 10.69 -65.11
CA SER B 54 -5.90 11.83 -65.33
C SER B 54 -5.68 12.60 -64.02
N ASP B 55 -4.78 12.10 -63.20
CA ASP B 55 -4.55 12.66 -61.87
C ASP B 55 -3.05 12.77 -61.63
N ASN B 56 -2.52 13.95 -61.93
CA ASN B 56 -1.08 14.22 -61.81
C ASN B 56 -0.82 15.34 -60.81
N PRO B 57 -0.82 15.04 -59.50
CA PRO B 57 -0.51 16.08 -58.52
C PRO B 57 0.92 16.60 -58.61
N ASN B 58 1.09 17.91 -58.60
CA ASN B 58 2.43 18.50 -58.55
C ASN B 58 3.15 18.13 -57.24
N ALA B 59 4.45 17.85 -57.37
CA ALA B 59 5.29 17.51 -56.19
C ALA B 59 5.17 18.55 -55.09
N THR B 60 5.02 19.81 -55.49
CA THR B 60 4.91 20.91 -54.52
C THR B 60 3.54 21.03 -53.85
N THR B 61 2.58 20.19 -54.25
CA THR B 61 1.25 20.23 -53.65
C THR B 61 1.04 19.07 -52.68
N LEU B 62 2.10 18.26 -52.46
CA LEU B 62 1.96 17.03 -51.67
C LEU B 62 2.78 17.07 -50.38
N PRO B 63 2.09 17.21 -49.23
CA PRO B 63 2.82 17.19 -47.96
C PRO B 63 3.53 15.86 -47.71
N THR B 64 4.74 15.95 -47.19
CA THR B 64 5.58 14.77 -46.94
C THR B 64 6.02 14.69 -45.49
N TYR B 65 6.46 13.51 -45.04
CA TYR B 65 7.01 13.38 -43.68
C TYR B 65 8.33 14.13 -43.52
N SER B 66 8.51 14.66 -42.32
CA SER B 66 9.79 15.26 -41.93
C SER B 66 10.55 14.19 -41.16
N VAL B 67 11.87 14.09 -41.40
CA VAL B 67 12.71 13.16 -40.64
C VAL B 67 14.08 13.80 -40.35
N ALA B 68 14.56 13.63 -39.12
CA ALA B 68 15.94 13.99 -38.78
C ALA B 68 16.64 12.85 -38.05
N VAL B 69 17.95 12.77 -38.24
CA VAL B 69 18.76 11.75 -37.57
C VAL B 69 19.68 12.48 -36.60
N ILE B 70 19.61 12.15 -35.32
CA ILE B 70 20.49 12.78 -34.33
C ILE B 70 21.61 11.80 -33.98
N LYS B 71 22.86 12.23 -34.17
CA LYS B 71 24.01 11.39 -33.82
C LYS B 71 24.24 11.46 -32.31
N LEU B 72 24.40 10.30 -31.69
CA LEU B 72 24.62 10.26 -30.24
C LEU B 72 26.08 9.91 -29.93
N PRO B 73 26.55 10.27 -28.72
CA PRO B 73 27.97 10.01 -28.40
C PRO B 73 28.28 8.51 -28.50
N MET B 74 29.43 8.21 -29.12
CA MET B 74 29.96 6.85 -29.21
C MET B 74 30.17 6.30 -27.79
N LEU B 75 29.73 5.06 -27.56
CA LEU B 75 29.70 4.50 -26.21
C LEU B 75 30.75 3.42 -25.93
N ASN B 76 31.17 2.73 -26.98
CA ASN B 76 32.01 1.53 -26.83
C ASN B 76 33.41 1.75 -27.37
N GLU B 77 34.40 1.60 -26.50
CA GLU B 77 35.79 1.86 -26.84
C GLU B 77 36.50 0.65 -27.42
N ASP B 78 35.82 -0.51 -27.43
CA ASP B 78 36.43 -1.78 -27.86
C ASP B 78 35.34 -2.78 -28.21
N MET B 79 35.13 -2.97 -29.47
CA MET B 79 34.02 -3.78 -29.92
C MET B 79 34.21 -5.26 -29.72
N THR B 80 35.26 -5.63 -29.02
CA THR B 80 35.48 -7.04 -28.70
C THR B 80 34.89 -7.56 -27.36
N CYS B 81 34.40 -6.66 -26.52
CA CYS B 81 33.86 -7.08 -25.22
C CYS B 81 32.57 -7.85 -25.25
N ASP B 82 32.39 -8.73 -24.27
CA ASP B 82 31.22 -9.57 -24.15
C ASP B 82 29.91 -8.78 -24.16
N THR B 83 29.94 -7.56 -23.67
CA THR B 83 28.74 -6.74 -23.65
C THR B 83 29.04 -5.39 -24.22
N LEU B 84 28.04 -4.79 -24.83
CA LEU B 84 28.20 -3.43 -25.30
C LEU B 84 27.03 -2.59 -24.79
N LEU B 85 27.17 -1.27 -24.96
CA LEU B 85 26.17 -0.31 -24.53
C LEU B 85 25.50 0.35 -25.74
N MET B 86 24.19 0.55 -25.63
CA MET B 86 23.42 1.31 -26.60
C MET B 86 22.63 2.40 -25.90
N TRP B 87 22.38 3.50 -26.62
CA TRP B 87 21.47 4.53 -26.14
C TRP B 87 20.04 4.10 -26.27
N GLU B 88 19.27 4.31 -25.21
CA GLU B 88 17.87 3.89 -25.10
C GLU B 88 17.04 5.13 -24.83
N ALA B 89 16.13 5.45 -25.73
CA ALA B 89 15.29 6.62 -25.54
C ALA B 89 14.21 6.26 -24.52
N VAL B 90 14.14 7.03 -23.43
CA VAL B 90 13.23 6.75 -22.30
CA VAL B 90 13.21 6.71 -22.35
C VAL B 90 11.95 7.58 -22.36
N SER B 91 12.11 8.88 -22.64
CA SER B 91 10.97 9.80 -22.68
C SER B 91 11.22 10.98 -23.63
N VAL B 92 10.15 11.70 -23.95
CA VAL B 92 10.20 12.82 -24.88
C VAL B 92 9.22 13.91 -24.45
N LYS B 93 9.64 15.15 -24.56
CA LYS B 93 8.72 16.27 -24.56
C LYS B 93 8.69 16.81 -25.97
N THR B 94 7.50 17.09 -26.48
CA THR B 94 7.38 17.49 -27.87
C THR B 94 6.27 18.50 -28.01
N GLU B 95 6.43 19.42 -28.94
CA GLU B 95 5.56 20.58 -29.01
C GLU B 95 5.46 21.02 -30.45
N VAL B 96 4.26 21.39 -30.88
CA VAL B 96 4.08 22.03 -32.19
C VAL B 96 4.24 23.52 -31.94
N MET B 97 5.17 24.16 -32.66
CA MET B 97 5.50 25.57 -32.39
C MET B 97 4.75 26.53 -33.31
N GLY B 98 4.56 27.77 -32.89
CA GLY B 98 3.90 28.75 -33.73
C GLY B 98 2.41 28.51 -33.92
N ILE B 99 1.80 27.79 -32.99
CA ILE B 99 0.35 27.55 -33.05
C ILE B 99 -0.41 28.87 -33.15
N SER B 100 -0.03 29.88 -32.35
CA SER B 100 -0.69 31.18 -32.35
C SER B 100 -0.56 32.00 -33.64
N SER B 101 0.33 31.62 -34.56
CA SER B 101 0.39 32.31 -35.86
C SER B 101 -0.90 32.14 -36.67
N LEU B 102 -1.73 31.20 -36.24
CA LEU B 102 -3.00 30.92 -36.93
C LEU B 102 -4.07 31.91 -36.48
N VAL B 103 -3.77 32.62 -35.40
CA VAL B 103 -4.72 33.57 -34.85
C VAL B 103 -4.50 34.91 -35.58
N ASN B 104 -5.02 34.95 -36.80
CA ASN B 104 -4.69 35.95 -37.79
C ASN B 104 -5.86 36.05 -38.73
N LEU B 105 -6.59 37.18 -38.66
CA LEU B 105 -7.76 37.41 -39.52
C LEU B 105 -7.55 38.45 -40.61
N HIS B 106 -6.30 38.88 -40.80
CA HIS B 106 -6.00 39.98 -41.70
C HIS B 106 -5.25 39.55 -42.92
N GLN B 107 -4.76 38.32 -42.91
CA GLN B 107 -4.04 37.73 -44.02
C GLN B 107 -4.89 37.80 -45.27
N GLY B 108 -4.27 38.08 -46.41
CA GLY B 108 -4.99 37.99 -47.69
C GLY B 108 -5.64 36.61 -47.88
N GLY B 109 -6.89 36.60 -48.34
CA GLY B 109 -7.63 35.36 -48.49
C GLY B 109 -9.11 35.60 -48.76
N LYS B 110 -9.94 34.65 -48.35
CA LYS B 110 -11.38 34.66 -48.61
C LYS B 110 -12.09 35.29 -47.41
N TYR B 111 -12.98 36.25 -47.65
CA TYR B 111 -13.69 36.90 -46.54
C TYR B 111 -14.61 35.94 -45.81
N ILE B 112 -14.70 36.09 -44.48
CA ILE B 112 -15.68 35.30 -43.69
C ILE B 112 -17.13 35.64 -44.13
N TYR B 113 -17.47 36.92 -44.09
CA TYR B 113 -18.73 37.38 -44.64
C TYR B 113 -18.43 38.20 -45.91
N GLY B 114 -18.84 39.46 -45.94
CA GLY B 114 -18.51 40.33 -47.08
C GLY B 114 -17.15 41.00 -46.94
N SER B 115 -16.88 41.92 -47.87
CA SER B 115 -15.57 42.55 -47.96
C SER B 115 -15.26 43.50 -46.80
N SER B 116 -16.18 43.66 -45.84
CA SER B 116 -15.86 44.40 -44.60
C SER B 116 -15.31 43.52 -43.46
N SER B 117 -15.33 42.20 -43.65
CA SER B 117 -15.00 41.30 -42.55
C SER B 117 -13.54 40.85 -42.61
N GLY B 118 -13.13 40.06 -41.62
CA GLY B 118 -11.83 39.41 -41.66
C GLY B 118 -11.83 38.29 -42.69
N THR B 119 -10.68 37.65 -42.88
CA THR B 119 -10.56 36.54 -43.81
C THR B 119 -10.61 35.20 -43.08
N ILE B 120 -11.02 34.13 -43.79
CA ILE B 120 -11.16 32.80 -43.21
C ILE B 120 -9.77 32.31 -42.82
N PRO B 121 -9.57 31.87 -41.55
CA PRO B 121 -8.24 31.42 -41.12
C PRO B 121 -8.00 29.97 -41.53
N VAL B 122 -6.79 29.45 -41.30
CA VAL B 122 -6.50 28.07 -41.69
C VAL B 122 -7.44 27.06 -40.99
N GLN B 123 -8.06 26.19 -41.79
CA GLN B 123 -8.99 25.22 -41.26
C GLN B 123 -9.14 24.01 -42.22
N GLY B 124 -9.85 22.99 -41.77
CA GLY B 124 -10.02 21.77 -42.57
C GLY B 124 -9.22 20.61 -41.99
N THR B 125 -8.91 19.63 -42.83
CA THR B 125 -8.15 18.45 -42.43
C THR B 125 -6.84 18.73 -41.70
N THR B 126 -6.69 18.11 -40.52
CA THR B 126 -5.43 18.16 -39.78
C THR B 126 -4.81 16.77 -39.65
N LEU B 127 -3.48 16.71 -39.62
CA LEU B 127 -2.79 15.46 -39.34
C LEU B 127 -1.53 15.74 -38.52
N HIS B 128 -1.45 15.10 -37.37
CA HIS B 128 -0.30 15.26 -36.49
C HIS B 128 0.26 13.93 -36.18
N MET B 129 1.58 13.81 -36.28
CA MET B 129 2.24 12.56 -35.97
C MET B 129 3.65 12.87 -35.51
N PHE B 130 4.09 12.18 -34.46
CA PHE B 130 5.51 12.20 -34.12
C PHE B 130 5.99 10.79 -33.81
N SER B 131 7.26 10.55 -34.08
CA SER B 131 7.86 9.27 -33.72
C SER B 131 9.29 9.43 -33.25
N VAL B 132 9.69 8.59 -32.29
CA VAL B 132 11.08 8.46 -31.81
C VAL B 132 11.49 7.00 -31.97
N GLY B 133 12.60 6.77 -32.66
CA GLY B 133 13.07 5.40 -32.88
C GLY B 133 14.57 5.25 -33.00
N GLY B 134 15.05 4.02 -33.01
CA GLY B 134 16.49 3.75 -33.10
C GLY B 134 16.91 3.29 -34.48
N GLU B 135 16.02 3.48 -35.44
CA GLU B 135 16.21 3.16 -36.86
C GLU B 135 15.07 3.85 -37.62
N PRO B 136 15.12 3.89 -38.98
CA PRO B 136 14.03 4.54 -39.72
C PRO B 136 12.64 4.00 -39.40
N LEU B 137 11.67 4.90 -39.38
CA LEU B 137 10.28 4.53 -39.21
C LEU B 137 9.85 3.61 -40.37
N GLU B 138 9.14 2.54 -40.05
CA GLU B 138 8.70 1.61 -41.10
C GLU B 138 7.29 1.92 -41.60
N LEU B 139 7.16 2.09 -42.92
CA LEU B 139 5.93 2.61 -43.55
C LEU B 139 5.18 1.57 -44.36
N GLN B 140 3.87 1.75 -44.44
CA GLN B 140 2.99 0.93 -45.29
C GLN B 140 2.36 1.86 -46.30
N GLY B 141 2.31 1.45 -47.56
CA GLY B 141 1.65 2.26 -48.59
C GLY B 141 0.18 1.91 -48.76
N LEU B 142 -0.65 2.95 -48.91
CA LEU B 142 -2.08 2.81 -49.14
C LEU B 142 -2.50 4.13 -49.70
N VAL B 143 -3.22 4.12 -50.81
CA VAL B 143 -3.63 5.36 -51.51
C VAL B 143 -5.14 5.45 -51.74
N ALA B 144 -5.64 6.69 -51.91
CA ALA B 144 -7.04 6.92 -52.23
C ALA B 144 -7.40 6.43 -53.63
N SER B 145 -6.45 6.52 -54.57
CA SER B 145 -6.68 6.07 -55.95
C SER B 145 -5.39 5.52 -56.59
N SER B 146 -5.43 4.28 -57.03
CA SER B 146 -4.27 3.63 -57.63
C SER B 146 -3.92 4.12 -59.05
N THR B 147 -4.76 4.97 -59.64
CA THR B 147 -4.47 5.45 -60.99
C THR B 147 -3.84 6.84 -61.01
N THR B 148 -3.64 7.42 -59.82
CA THR B 148 -2.90 8.66 -59.65
C THR B 148 -1.46 8.47 -60.14
N THR B 149 -0.97 9.43 -60.92
CA THR B 149 0.42 9.45 -61.36
C THR B 149 1.17 10.40 -60.44
N TYR B 150 2.00 9.83 -59.58
CA TYR B 150 2.81 10.61 -58.66
C TYR B 150 4.12 11.06 -59.32
N PRO B 151 4.65 12.21 -58.90
CA PRO B 151 5.93 12.69 -59.43
C PRO B 151 7.01 11.66 -59.17
N THR B 152 7.85 11.42 -60.18
CA THR B 152 8.87 10.36 -60.12
C THR B 152 9.98 10.66 -59.12
N ASP B 153 10.19 11.93 -58.79
CA ASP B 153 11.23 12.26 -57.84
C ASP B 153 10.75 12.26 -56.37
N MET B 154 9.54 11.75 -56.12
CA MET B 154 9.10 11.45 -54.76
C MET B 154 9.16 9.94 -54.60
N VAL B 155 9.09 9.45 -53.37
CA VAL B 155 9.11 8.02 -53.16
C VAL B 155 7.70 7.55 -52.88
N THR B 156 7.19 6.73 -53.79
CA THR B 156 5.81 6.28 -53.73
C THR B 156 5.79 4.80 -54.10
N ILE B 157 4.61 4.22 -54.21
CA ILE B 157 4.47 2.81 -54.54
C ILE B 157 4.77 2.51 -56.01
N LYS B 158 5.70 1.59 -56.25
CA LYS B 158 6.07 1.19 -57.62
C LYS B 158 4.98 0.32 -58.26
N ASN B 159 4.61 0.66 -59.49
CA ASN B 159 3.60 -0.09 -60.27
C ASN B 159 2.34 -0.44 -59.49
N MET B 160 1.59 0.58 -59.09
CA MET B 160 0.35 0.36 -58.33
C MET B 160 -0.70 -0.40 -59.13
N LYS B 161 -1.52 -1.16 -58.41
CA LYS B 161 -2.71 -1.77 -58.95
C LYS B 161 -3.84 -1.44 -57.95
N PRO B 162 -5.11 -1.69 -58.34
CA PRO B 162 -6.21 -1.36 -57.43
C PRO B 162 -6.06 -1.92 -56.02
N VAL B 163 -5.31 -3.02 -55.87
CA VAL B 163 -5.02 -3.59 -54.53
C VAL B 163 -4.46 -2.53 -53.57
N ASN B 164 -3.82 -1.51 -54.14
CA ASN B 164 -3.14 -0.46 -53.35
C ASN B 164 -4.08 0.62 -52.74
N GLN B 165 -5.38 0.55 -53.06
CA GLN B 165 -6.41 1.31 -52.35
C GLN B 165 -6.82 0.63 -51.03
N ALA B 166 -6.24 -0.54 -50.77
CA ALA B 166 -6.32 -1.15 -49.44
C ALA B 166 -4.91 -1.74 -49.14
N LEU B 167 -4.85 -2.81 -48.34
CA LEU B 167 -3.56 -3.37 -47.91
C LEU B 167 -2.96 -4.36 -48.89
N ASP B 168 -1.84 -3.96 -49.49
CA ASP B 168 -1.00 -4.83 -50.29
C ASP B 168 0.28 -5.03 -49.46
N PRO B 169 0.54 -6.29 -49.02
CA PRO B 169 1.65 -6.51 -48.10
C PRO B 169 3.02 -6.29 -48.74
N ASN B 170 3.07 -6.02 -50.05
CA ASN B 170 4.33 -5.67 -50.72
C ASN B 170 4.68 -4.19 -50.71
N ALA B 171 3.71 -3.34 -50.40
CA ALA B 171 3.91 -1.90 -50.45
C ALA B 171 4.49 -1.37 -49.13
N LYS B 172 5.79 -1.63 -48.93
CA LYS B 172 6.48 -1.21 -47.72
C LYS B 172 7.68 -0.32 -48.01
N ALA B 173 8.02 0.55 -47.07
CA ALA B 173 9.19 1.42 -47.25
C ALA B 173 9.77 1.82 -45.91
N LEU B 174 10.90 2.52 -45.97
CA LEU B 174 11.52 3.10 -44.78
C LEU B 174 11.47 4.61 -44.90
N LEU B 175 11.10 5.29 -43.82
CA LEU B 175 11.18 6.74 -43.81
C LEU B 175 12.62 7.17 -43.60
N ASP B 176 13.38 7.19 -44.70
CA ASP B 176 14.82 7.43 -44.62
C ASP B 176 15.23 8.66 -45.43
N LYS B 177 14.25 9.45 -45.86
CA LYS B 177 14.52 10.70 -46.58
C LYS B 177 13.59 11.82 -46.10
N ASP B 178 14.14 12.99 -45.84
CA ASP B 178 13.30 14.10 -45.44
C ASP B 178 12.55 14.70 -46.64
N GLY B 179 11.25 14.86 -46.52
CA GLY B 179 10.50 15.61 -47.51
C GLY B 179 10.35 14.90 -48.84
N LYS B 180 10.20 13.59 -48.80
CA LYS B 180 10.12 12.80 -50.02
C LYS B 180 8.99 11.77 -50.01
N TYR B 181 8.49 11.41 -48.81
CA TYR B 181 7.45 10.39 -48.70
C TYR B 181 6.10 11.07 -48.41
N PRO B 182 5.18 11.03 -49.39
CA PRO B 182 3.89 11.72 -49.24
C PRO B 182 3.04 11.09 -48.15
N VAL B 183 2.37 11.91 -47.36
CA VAL B 183 1.52 11.39 -46.29
C VAL B 183 0.27 10.69 -46.85
N GLU B 184 -0.12 11.02 -48.08
CA GLU B 184 -1.32 10.43 -48.67
C GLU B 184 -1.00 9.08 -49.29
N VAL B 185 0.29 8.74 -49.33
CA VAL B 185 0.73 7.42 -49.80
C VAL B 185 1.24 6.52 -48.66
N TRP B 186 1.85 7.09 -47.62
CA TRP B 186 2.53 6.28 -46.56
C TRP B 186 2.00 6.53 -45.18
N SER B 187 1.85 5.47 -44.37
CA SER B 187 1.50 5.60 -42.95
C SER B 187 2.33 4.64 -42.10
N PRO B 188 2.49 4.90 -40.79
CA PRO B 188 3.32 3.97 -40.03
C PRO B 188 2.80 2.54 -40.11
N ASP B 189 3.72 1.57 -40.26
CA ASP B 189 3.37 0.16 -40.44
C ASP B 189 3.29 -0.55 -39.06
N PRO B 190 2.08 -0.91 -38.61
CA PRO B 190 1.98 -1.49 -37.26
C PRO B 190 2.50 -2.92 -37.15
N SER B 191 2.74 -3.59 -38.28
CA SER B 191 3.28 -4.95 -38.29
C SER B 191 4.79 -4.95 -38.03
N LYS B 192 5.39 -3.76 -37.96
CA LYS B 192 6.83 -3.69 -37.68
C LYS B 192 7.08 -2.65 -36.60
N ASN B 193 8.09 -1.80 -36.78
CA ASN B 193 8.36 -0.73 -35.79
C ASN B 193 8.43 -1.22 -34.34
N GLU B 194 9.04 -2.37 -34.14
CA GLU B 194 9.36 -2.89 -32.83
C GLU B 194 10.31 -1.95 -32.06
N ASN B 195 11.13 -1.22 -32.81
CA ASN B 195 12.15 -0.37 -32.21
C ASN B 195 11.88 1.14 -32.42
N THR B 196 10.62 1.48 -32.68
CA THR B 196 10.18 2.86 -32.81
C THR B 196 8.85 2.99 -32.06
N ARG B 197 8.63 4.16 -31.46
CA ARG B 197 7.30 4.49 -30.93
CA ARG B 197 7.29 4.46 -30.96
C ARG B 197 6.73 5.64 -31.74
N TYR B 198 5.50 5.47 -32.23
CA TYR B 198 4.82 6.52 -33.01
C TYR B 198 3.45 6.80 -32.46
N TYR B 199 3.01 8.05 -32.64
CA TYR B 199 1.78 8.58 -32.05
C TYR B 199 1.17 9.52 -33.11
N GLY B 200 -0.08 9.27 -33.47
CA GLY B 200 -0.71 10.06 -34.52
C GLY B 200 -2.18 10.34 -34.27
N SER B 201 -2.67 11.46 -34.80
CA SER B 201 -4.08 11.82 -34.75
C SER B 201 -4.49 12.59 -35.99
N PHE B 202 -5.70 12.30 -36.43
CA PHE B 202 -6.21 12.75 -37.72
C PHE B 202 -7.60 13.28 -37.44
N THR B 203 -7.93 14.41 -38.05
CA THR B 203 -9.34 14.88 -38.11
C THR B 203 -9.49 15.39 -39.52
N GLY B 204 -10.49 14.86 -40.22
CA GLY B 204 -10.68 15.22 -41.62
C GLY B 204 -11.68 16.34 -41.79
N GLY B 205 -12.42 16.28 -42.88
CA GLY B 205 -13.39 17.34 -43.17
C GLY B 205 -12.81 18.45 -44.02
N ALA B 206 -13.69 19.13 -44.74
CA ALA B 206 -13.29 20.17 -45.66
C ALA B 206 -12.92 21.45 -44.92
N THR B 207 -13.66 21.76 -43.85
CA THR B 207 -13.55 23.07 -43.22
C THR B 207 -13.49 23.03 -41.68
N THR B 208 -13.13 21.88 -41.12
CA THR B 208 -13.08 21.66 -39.66
C THR B 208 -12.12 22.63 -38.91
N PRO B 209 -12.58 23.22 -37.79
CA PRO B 209 -11.68 24.07 -37.00
C PRO B 209 -10.54 23.23 -36.46
N PRO B 210 -9.28 23.71 -36.58
CA PRO B 210 -8.19 22.93 -35.97
C PRO B 210 -8.17 23.12 -34.45
N VAL B 211 -7.77 22.09 -33.71
CA VAL B 211 -7.64 22.17 -32.26
C VAL B 211 -6.24 21.71 -31.87
N MET B 212 -5.51 22.54 -31.12
CA MET B 212 -4.16 22.15 -30.62
C MET B 212 -3.85 22.65 -29.21
N GLN B 213 -3.10 21.87 -28.46
CA GLN B 213 -2.63 22.28 -27.11
C GLN B 213 -1.14 22.55 -27.16
N PHE B 214 -0.65 23.40 -26.27
CA PHE B 214 0.78 23.57 -26.09
C PHE B 214 1.07 23.82 -24.62
N THR B 215 2.15 23.21 -24.15
CA THR B 215 2.55 23.30 -22.76
C THR B 215 3.99 22.75 -22.65
N ASN B 216 4.71 23.13 -21.61
CA ASN B 216 5.96 22.47 -21.31
C ASN B 216 5.84 21.52 -20.11
N SER B 217 4.62 21.21 -19.68
CA SER B 217 4.45 20.34 -18.50
C SER B 217 4.22 18.83 -18.80
N VAL B 218 4.29 18.44 -20.07
CA VAL B 218 3.85 17.09 -20.45
C VAL B 218 4.98 16.26 -21.04
N THR B 219 5.17 15.07 -20.49
CA THR B 219 6.15 14.10 -21.01
C THR B 219 5.46 12.84 -21.49
N THR B 220 6.00 12.25 -22.57
CA THR B 220 5.59 10.93 -23.05
C THR B 220 6.71 9.89 -22.79
N VAL B 221 6.40 8.87 -22.00
CA VAL B 221 7.32 7.75 -21.71
C VAL B 221 7.34 6.79 -22.90
N LEU B 222 8.54 6.41 -23.34
CA LEU B 222 8.74 5.62 -24.54
C LEU B 222 9.00 4.12 -24.30
N LEU B 223 9.05 3.72 -23.03
CA LEU B 223 9.31 2.34 -22.67
C LEU B 223 8.18 1.42 -23.10
N ASP B 224 8.52 0.23 -23.63
CA ASP B 224 7.50 -0.76 -23.94
C ASP B 224 7.08 -1.53 -22.67
N GLU B 225 6.19 -2.50 -22.80
CA GLU B 225 5.69 -3.24 -21.63
C GLU B 225 6.77 -4.04 -20.88
N ASN B 226 7.97 -4.12 -21.46
CA ASN B 226 9.07 -4.80 -20.79
C ASN B 226 10.07 -3.82 -20.20
N GLY B 227 9.75 -2.54 -20.28
CA GLY B 227 10.59 -1.50 -19.71
C GLY B 227 11.70 -1.05 -20.63
N VAL B 228 11.60 -1.38 -21.91
CA VAL B 228 12.64 -1.06 -22.89
C VAL B 228 12.16 -0.04 -23.91
N GLY B 229 12.86 1.09 -24.01
CA GLY B 229 12.62 2.08 -25.02
C GLY B 229 13.37 1.75 -26.30
N PRO B 230 13.19 2.57 -27.36
CA PRO B 230 13.92 2.38 -28.61
C PRO B 230 15.44 2.37 -28.42
N LEU B 231 16.11 1.38 -29.02
CA LEU B 231 17.56 1.24 -28.88
C LEU B 231 18.22 1.76 -30.15
N CYS B 232 19.17 2.66 -29.98
CA CYS B 232 19.68 3.48 -31.08
C CYS B 232 20.79 2.81 -31.85
N LYS B 233 20.46 2.25 -33.01
CA LYS B 233 21.44 1.48 -33.78
C LYS B 233 22.47 2.41 -34.42
N GLY B 234 23.73 2.01 -34.34
CA GLY B 234 24.87 2.81 -34.82
C GLY B 234 24.87 4.21 -34.22
N ASP B 235 24.42 4.30 -32.97
CA ASP B 235 24.29 5.58 -32.25
C ASP B 235 23.52 6.67 -32.98
N LYS B 236 22.44 6.30 -33.66
CA LYS B 236 21.59 7.26 -34.33
C LYS B 236 20.19 7.23 -33.74
N LEU B 237 19.64 8.41 -33.47
CA LEU B 237 18.26 8.55 -33.02
C LEU B 237 17.45 9.16 -34.17
N PHE B 238 16.40 8.45 -34.58
CA PHE B 238 15.54 8.91 -35.67
C PHE B 238 14.31 9.63 -35.10
N LEU B 239 14.12 10.87 -35.54
CA LEU B 239 12.96 11.66 -35.13
C LEU B 239 12.15 11.93 -36.38
N SER B 240 10.87 11.59 -36.36
CA SER B 240 10.02 11.81 -37.55
C SER B 240 8.76 12.53 -37.18
N ALA B 241 8.19 13.30 -38.13
CA ALA B 241 6.97 14.06 -37.84
C ALA B 241 6.23 14.53 -39.07
N VAL B 242 4.93 14.78 -38.86
CA VAL B 242 4.16 15.61 -39.79
C VAL B 242 3.12 16.36 -38.95
N ASP B 243 2.94 17.65 -39.25
CA ASP B 243 1.96 18.47 -38.53
C ASP B 243 1.22 19.41 -39.48
N ILE B 244 0.24 18.83 -40.18
CA ILE B 244 -0.63 19.56 -41.09
C ILE B 244 -1.74 20.16 -40.24
N VAL B 245 -1.83 21.48 -40.22
CA VAL B 245 -2.79 22.19 -39.36
C VAL B 245 -4.03 22.66 -40.10
N GLY B 246 -4.06 22.35 -41.39
CA GLY B 246 -5.24 22.65 -42.19
C GLY B 246 -4.83 23.31 -43.49
N ILE B 247 -5.76 24.13 -44.01
CA ILE B 247 -5.70 24.62 -45.38
C ILE B 247 -5.92 26.12 -45.38
N HIS B 248 -5.08 26.83 -46.11
CA HIS B 248 -5.32 28.24 -46.29
C HIS B 248 -5.97 28.47 -47.62
N THR B 249 -7.04 29.26 -47.62
CA THR B 249 -7.76 29.60 -48.85
C THR B 249 -7.44 31.01 -49.30
N ASN B 250 -7.03 31.14 -50.55
CA ASN B 250 -6.74 32.44 -51.14
C ASN B 250 -8.01 33.12 -51.64
N TYR B 251 -7.93 34.43 -51.88
CA TYR B 251 -9.06 35.18 -52.45
C TYR B 251 -9.62 34.54 -53.75
N SER B 252 -8.74 33.93 -54.54
CA SER B 252 -9.12 33.25 -55.79
C SER B 252 -9.83 31.94 -55.53
N GLU B 253 -9.82 31.52 -54.25
CA GLU B 253 -10.33 30.21 -53.79
C GLU B 253 -9.36 29.06 -54.05
N SER B 254 -8.18 29.36 -54.60
CA SER B 254 -7.11 28.36 -54.62
C SER B 254 -6.67 28.02 -53.18
N GLN B 255 -6.10 26.85 -52.98
CA GLN B 255 -5.85 26.39 -51.60
C GLN B 255 -4.47 25.86 -51.40
N ASN B 256 -3.91 26.16 -50.22
CA ASN B 256 -2.59 25.67 -49.81
C ASN B 256 -2.62 24.95 -48.47
N TRP B 257 -1.99 23.77 -48.41
CA TRP B 257 -1.75 23.12 -47.13
C TRP B 257 -0.86 23.98 -46.28
N ARG B 258 -1.10 23.97 -44.97
CA ARG B 258 -0.31 24.73 -44.03
C ARG B 258 0.17 23.73 -42.98
N GLY B 259 1.46 23.82 -42.66
CA GLY B 259 2.07 22.99 -41.62
C GLY B 259 2.90 23.81 -40.65
N LEU B 260 3.22 23.23 -39.49
CA LEU B 260 3.99 23.92 -38.45
C LEU B 260 5.16 23.05 -38.00
N PRO B 261 6.27 23.67 -37.51
CA PRO B 261 7.42 22.86 -37.11
C PRO B 261 7.14 22.10 -35.81
N ARG B 262 7.93 21.05 -35.55
CA ARG B 262 7.81 20.33 -34.27
C ARG B 262 9.13 20.28 -33.50
N TYR B 263 9.05 20.52 -32.20
CA TYR B 263 10.20 20.41 -31.31
C TYR B 263 10.19 19.07 -30.57
N PHE B 264 11.40 18.54 -30.33
CA PHE B 264 11.61 17.30 -29.59
C PHE B 264 12.69 17.54 -28.53
N ASN B 265 12.43 17.03 -27.33
CA ASN B 265 13.44 16.93 -26.26
C ASN B 265 13.36 15.51 -25.75
N VAL B 266 14.38 14.73 -26.08
CA VAL B 266 14.40 13.30 -25.77
C VAL B 266 15.45 13.07 -24.68
N THR B 267 15.05 12.34 -23.64
CA THR B 267 15.96 11.80 -22.64
C THR B 267 16.35 10.34 -22.99
N LEU B 268 17.65 10.06 -22.95
CA LEU B 268 18.18 8.72 -23.23
C LEU B 268 19.04 8.20 -22.09
N ARG B 269 19.13 6.88 -21.99
CA ARG B 269 20.01 6.26 -21.01
C ARG B 269 20.81 5.14 -21.67
N LYS B 270 21.82 4.68 -20.95
CA LYS B 270 22.69 3.60 -21.39
C LYS B 270 22.07 2.26 -21.05
N ARG B 271 21.90 1.42 -22.06
CA ARG B 271 21.36 0.07 -21.94
C ARG B 271 22.42 -0.98 -22.32
N VAL B 272 22.61 -1.97 -21.45
CA VAL B 272 23.56 -3.06 -21.73
C VAL B 272 22.96 -4.11 -22.69
N VAL B 273 23.73 -4.51 -23.69
CA VAL B 273 23.31 -5.55 -24.62
C VAL B 273 24.41 -6.61 -24.76
N LYS B 274 24.03 -7.84 -25.10
CA LYS B 274 25.05 -8.86 -25.35
C LYS B 274 25.65 -8.63 -26.74
N ASN B 275 26.98 -8.58 -26.79
CA ASN B 275 27.71 -8.36 -28.04
C ASN B 275 27.46 -9.51 -29.00
N PRO B 276 26.86 -9.22 -30.17
CA PRO B 276 26.68 -10.29 -31.17
C PRO B 276 28.00 -10.79 -31.75
N VAL C 7 23.07 27.52 -11.30
CA VAL C 7 22.64 27.58 -9.87
C VAL C 7 22.19 26.20 -9.36
N GLU C 8 22.82 25.75 -8.27
CA GLU C 8 22.50 24.47 -7.70
C GLU C 8 21.36 24.60 -6.71
N VAL C 9 20.25 23.94 -7.01
CA VAL C 9 19.04 23.97 -6.19
C VAL C 9 19.13 22.93 -5.07
N LEU C 10 18.86 23.35 -3.85
CA LEU C 10 18.91 22.47 -2.70
C LEU C 10 17.49 22.23 -2.17
N GLU C 11 17.37 21.96 -0.88
CA GLU C 11 16.09 21.52 -0.33
C GLU C 11 15.11 22.68 -0.07
N VAL C 12 13.87 22.32 0.22
CA VAL C 12 12.81 23.27 0.61
C VAL C 12 13.03 23.69 2.06
N ARG C 13 12.84 24.98 2.33
CA ARG C 13 12.97 25.52 3.67
C ARG C 13 11.70 25.29 4.46
N THR C 14 11.81 24.62 5.62
CA THR C 14 10.63 24.38 6.46
C THR C 14 10.47 25.43 7.55
N GLY C 15 9.53 25.18 8.45
CA GLY C 15 9.32 26.02 9.63
C GLY C 15 8.19 27.02 9.40
N PRO C 16 7.97 27.91 10.38
CA PRO C 16 6.93 28.94 10.26
C PRO C 16 7.27 29.96 9.17
N ASP C 17 6.23 30.57 8.60
CA ASP C 17 6.37 31.65 7.60
C ASP C 17 7.14 31.26 6.33
N ALA C 18 7.15 29.98 5.97
CA ALA C 18 7.90 29.53 4.81
C ALA C 18 7.09 29.67 3.52
N ILE C 19 5.78 29.85 3.67
CA ILE C 19 4.85 29.89 2.55
C ILE C 19 4.28 31.30 2.40
N THR C 20 4.00 31.70 1.16
CA THR C 20 3.27 32.94 0.90
C THR C 20 2.29 32.75 -0.25
N GLN C 21 1.43 33.75 -0.46
CA GLN C 21 0.44 33.67 -1.51
C GLN C 21 0.26 35.03 -2.14
N ILE C 22 0.30 35.11 -3.46
CA ILE C 22 -0.08 36.37 -4.13
C ILE C 22 -1.29 36.16 -5.04
N GLU C 23 -2.00 37.24 -5.31
CA GLU C 23 -3.05 37.23 -6.32
C GLU C 23 -2.95 38.46 -7.21
N ALA C 24 -3.40 38.33 -8.46
CA ALA C 24 -3.35 39.43 -9.41
C ALA C 24 -4.29 39.17 -10.59
N TYR C 25 -4.55 40.19 -11.39
CA TYR C 25 -5.32 40.01 -12.61
C TYR C 25 -4.64 40.74 -13.77
N LEU C 26 -4.75 40.17 -14.96
CA LEU C 26 -4.22 40.77 -16.17
C LEU C 26 -5.38 41.08 -17.07
N ASN C 27 -5.59 42.35 -17.38
CA ASN C 27 -6.58 42.77 -18.36
C ASN C 27 -6.13 42.42 -19.78
N PRO C 28 -7.09 42.09 -20.68
CA PRO C 28 -6.70 41.68 -22.02
C PRO C 28 -6.10 42.83 -22.85
N ARG C 29 -5.26 42.48 -23.82
CA ARG C 29 -4.65 43.48 -24.69
C ARG C 29 -4.93 43.11 -26.13
N MET C 30 -6.16 43.39 -26.57
CA MET C 30 -6.64 42.99 -27.91
C MET C 30 -6.32 44.04 -28.98
N GLY C 31 -5.89 45.24 -28.57
CA GLY C 31 -5.55 46.33 -29.50
C GLY C 31 -6.02 47.70 -29.02
N ASN C 32 -7.26 47.78 -28.56
CA ASN C 32 -7.69 48.95 -27.80
C ASN C 32 -7.31 48.62 -26.37
N ASN C 33 -6.19 49.18 -25.92
CA ASN C 33 -5.53 48.75 -24.69
C ASN C 33 -5.49 49.79 -23.56
N ASN C 34 -6.09 50.95 -23.79
CA ASN C 34 -6.27 51.99 -22.79
C ASN C 34 -7.73 51.95 -22.29
N PRO C 35 -7.93 51.81 -20.96
CA PRO C 35 -9.28 51.68 -20.35
C PRO C 35 -10.29 52.79 -20.68
N THR C 36 -9.83 53.90 -21.25
CA THR C 36 -10.74 54.94 -21.71
C THR C 36 -11.17 54.69 -23.17
N ASP C 37 -10.53 53.74 -23.85
CA ASP C 37 -10.89 53.39 -25.22
C ASP C 37 -12.31 52.89 -25.24
N GLU C 38 -13.10 53.37 -26.20
CA GLU C 38 -14.49 52.95 -26.35
C GLU C 38 -14.60 51.42 -26.48
N LEU C 39 -13.65 50.84 -27.21
CA LEU C 39 -13.68 49.41 -27.45
C LEU C 39 -12.59 48.70 -26.64
N TYR C 40 -12.36 49.15 -25.40
CA TYR C 40 -11.44 48.46 -24.48
C TYR C 40 -11.89 47.01 -24.34
N GLY C 41 -10.93 46.09 -24.42
CA GLY C 41 -11.23 44.67 -24.39
C GLY C 41 -11.47 44.09 -25.76
N TYR C 42 -11.47 44.94 -26.78
CA TYR C 42 -11.66 44.51 -28.17
C TYR C 42 -10.53 45.03 -29.02
N SER C 43 -10.26 44.39 -30.15
CA SER C 43 -9.41 45.02 -31.15
C SER C 43 -10.23 46.04 -31.91
N ALA C 44 -9.55 46.94 -32.63
CA ALA C 44 -10.22 47.74 -33.65
C ALA C 44 -10.67 46.83 -34.80
N ASP C 45 -11.53 47.34 -35.68
CA ASP C 45 -11.99 46.60 -36.85
C ASP C 45 -10.82 46.04 -37.63
N ILE C 46 -10.87 44.75 -37.96
CA ILE C 46 -9.79 44.07 -38.65
C ILE C 46 -9.55 44.72 -40.02
N ASN C 47 -8.33 45.22 -40.25
CA ASN C 47 -7.98 45.72 -41.58
C ASN C 47 -7.25 44.65 -42.40
N VAL C 48 -7.93 44.13 -43.42
CA VAL C 48 -7.46 42.99 -44.19
C VAL C 48 -6.45 43.37 -45.28
N ALA C 49 -5.49 42.48 -45.54
CA ALA C 49 -4.46 42.73 -46.55
C ALA C 49 -5.06 42.79 -47.95
N SER C 50 -4.59 43.72 -48.78
CA SER C 50 -5.09 43.77 -50.16
C SER C 50 -4.48 42.64 -51.00
N SER C 51 -3.25 42.25 -50.66
CA SER C 51 -2.54 41.12 -51.29
C SER C 51 -1.44 40.61 -50.35
N LYS C 52 -0.70 39.58 -50.77
CA LYS C 52 0.43 39.08 -49.97
C LYS C 52 1.50 40.16 -49.78
N ALA C 53 1.73 40.94 -50.84
CA ALA C 53 2.75 41.98 -50.84
C ALA C 53 2.32 43.23 -50.06
N SER C 54 1.02 43.43 -49.92
CA SER C 54 0.49 44.61 -49.28
C SER C 54 -0.34 44.27 -48.03
N ASP C 55 0.35 43.84 -46.98
CA ASP C 55 -0.29 43.49 -45.73
C ASP C 55 0.23 44.39 -44.60
N ASN C 56 -0.56 45.39 -44.25
CA ASN C 56 -0.19 46.36 -43.23
C ASN C 56 -1.21 46.48 -42.10
N PRO C 57 -1.26 45.48 -41.19
CA PRO C 57 -2.23 45.54 -40.07
C PRO C 57 -1.98 46.73 -39.17
N ASN C 58 -3.04 47.43 -38.79
CA ASN C 58 -2.92 48.50 -37.80
C ASN C 58 -2.60 47.88 -36.44
N ALA C 59 -1.88 48.63 -35.59
CA ALA C 59 -1.47 48.12 -34.27
C ALA C 59 -2.67 47.76 -33.41
N THR C 60 -3.73 48.54 -33.54
CA THR C 60 -4.95 48.37 -32.75
C THR C 60 -5.77 47.14 -33.17
N THR C 61 -5.41 46.50 -34.27
CA THR C 61 -6.11 45.31 -34.74
C THR C 61 -5.43 44.00 -34.34
N LEU C 62 -4.29 44.10 -33.63
CA LEU C 62 -3.46 42.93 -33.32
C LEU C 62 -3.42 42.56 -31.82
N PRO C 63 -4.11 41.47 -31.42
CA PRO C 63 -4.00 41.06 -30.00
C PRO C 63 -2.55 40.75 -29.57
N THR C 64 -2.17 41.23 -28.39
CA THR C 64 -0.86 40.96 -27.81
C THR C 64 -0.96 40.23 -26.45
N TYR C 65 0.17 39.71 -25.98
CA TYR C 65 0.26 39.07 -24.65
C TYR C 65 0.16 40.11 -23.54
N SER C 66 -0.53 39.76 -22.46
CA SER C 66 -0.45 40.51 -21.23
C SER C 66 0.71 39.93 -20.40
N VAL C 67 1.37 40.74 -19.61
CA VAL C 67 2.35 40.25 -18.63
C VAL C 67 2.39 41.22 -17.47
N ALA C 68 2.46 40.70 -16.24
CA ALA C 68 2.79 41.54 -15.10
C ALA C 68 3.95 40.92 -14.28
N VAL C 69 4.72 41.79 -13.65
CA VAL C 69 5.85 41.42 -12.77
C VAL C 69 5.46 41.78 -11.33
N ILE C 70 5.50 40.79 -10.44
CA ILE C 70 5.15 40.99 -9.04
C ILE C 70 6.43 40.92 -8.21
N LYS C 71 6.67 41.96 -7.41
CA LYS C 71 7.79 41.96 -6.47
C LYS C 71 7.37 41.19 -5.25
N LEU C 72 8.20 40.24 -4.85
CA LEU C 72 7.94 39.43 -3.67
C LEU C 72 8.78 39.94 -2.51
N PRO C 73 8.46 39.52 -1.28
CA PRO C 73 9.25 39.95 -0.13
C PRO C 73 10.73 39.59 -0.26
N MET C 74 11.60 40.53 0.09
CA MET C 74 13.04 40.29 0.01
C MET C 74 13.36 39.13 0.97
N LEU C 75 14.17 38.19 0.50
CA LEU C 75 14.51 37.02 1.31
C LEU C 75 15.91 37.06 1.91
N ASN C 76 16.85 37.66 1.18
CA ASN C 76 18.26 37.59 1.56
C ASN C 76 18.84 38.89 2.12
N ASP C 78 21.86 39.68 3.68
CA ASP C 78 23.18 39.07 3.48
C ASP C 78 23.25 38.34 2.14
N MET C 79 23.95 38.90 1.19
CA MET C 79 24.13 38.19 -0.05
C MET C 79 25.45 37.50 -0.12
N THR C 80 26.01 37.17 1.01
CA THR C 80 27.32 36.53 1.02
C THR C 80 27.31 35.20 1.75
N CYS C 81 26.16 34.81 2.29
CA CYS C 81 26.04 33.52 2.91
C CYS C 81 26.14 32.40 1.89
N ASP C 82 26.66 31.26 2.33
CA ASP C 82 26.90 30.12 1.49
C ASP C 82 25.63 29.58 0.77
N THR C 83 24.49 29.62 1.42
CA THR C 83 23.25 29.32 0.75
C THR C 83 22.38 30.54 0.76
N LEU C 84 21.50 30.63 -0.21
CA LEU C 84 20.52 31.71 -0.32
C LEU C 84 19.15 31.06 -0.47
N LEU C 85 18.08 31.85 -0.29
CA LEU C 85 16.72 31.38 -0.50
C LEU C 85 16.15 32.02 -1.74
N MET C 86 15.24 31.31 -2.42
CA MET C 86 14.45 31.86 -3.51
C MET C 86 12.97 31.47 -3.35
N TRP C 87 12.07 32.34 -3.79
CA TRP C 87 10.65 31.98 -3.88
C TRP C 87 10.40 30.98 -5.00
N GLU C 88 9.74 29.89 -4.65
CA GLU C 88 9.44 28.82 -5.58
C GLU C 88 7.95 28.80 -5.75
N ALA C 89 7.49 28.93 -6.98
CA ALA C 89 6.05 28.91 -7.24
C ALA C 89 5.61 27.46 -7.29
N VAL C 90 4.73 27.09 -6.35
CA VAL C 90 4.31 25.71 -6.13
CA VAL C 90 4.37 25.69 -6.25
C VAL C 90 3.08 25.32 -6.96
N SER C 91 2.08 26.20 -6.93
CA SER C 91 0.78 25.91 -7.50
C SER C 91 0.09 27.21 -7.84
N VAL C 92 -0.94 27.14 -8.68
CA VAL C 92 -1.68 28.33 -9.10
C VAL C 92 -3.16 28.01 -9.33
N LYS C 93 -4.03 28.85 -8.79
CA LYS C 93 -5.42 28.85 -9.24
C LYS C 93 -5.55 29.99 -10.22
N THR C 94 -6.11 29.72 -11.39
CA THR C 94 -6.29 30.74 -12.40
C THR C 94 -7.66 30.60 -13.09
N GLU C 95 -8.28 31.72 -13.42
CA GLU C 95 -9.63 31.74 -13.94
C GLU C 95 -9.79 32.89 -14.93
N VAL C 96 -10.45 32.62 -16.05
CA VAL C 96 -10.84 33.64 -17.00
C VAL C 96 -12.12 34.26 -16.46
N MET C 97 -12.08 35.57 -16.23
CA MET C 97 -13.20 36.29 -15.61
C MET C 97 -14.16 36.87 -16.62
N GLY C 98 -15.44 36.88 -16.26
CA GLY C 98 -16.46 37.50 -17.09
C GLY C 98 -16.91 36.68 -18.28
N ILE C 99 -16.81 35.36 -18.16
CA ILE C 99 -17.26 34.43 -19.19
C ILE C 99 -18.72 34.72 -19.53
N SER C 100 -19.55 34.84 -18.50
CA SER C 100 -20.97 35.07 -18.72
C SER C 100 -21.34 36.33 -19.51
N SER C 101 -20.42 37.29 -19.61
CA SER C 101 -20.74 38.52 -20.38
C SER C 101 -21.01 38.19 -21.86
N LEU C 102 -20.59 37.00 -22.28
CA LEU C 102 -20.83 36.56 -23.66
C LEU C 102 -22.27 36.07 -23.88
N VAL C 103 -22.97 35.77 -22.77
CA VAL C 103 -24.34 35.27 -22.79
C VAL C 103 -25.27 36.47 -22.97
N ASN C 104 -25.32 36.93 -24.21
CA ASN C 104 -25.82 38.25 -24.56
C ASN C 104 -26.13 38.22 -26.05
N LEU C 105 -27.43 38.30 -26.35
CA LEU C 105 -27.91 38.31 -27.72
C LEU C 105 -28.60 39.61 -28.15
N HIS C 106 -28.44 40.69 -27.37
CA HIS C 106 -29.06 41.98 -27.68
C HIS C 106 -28.05 43.01 -28.11
N GLN C 107 -26.77 42.74 -27.88
CA GLN C 107 -25.69 43.61 -28.34
C GLN C 107 -25.91 43.97 -29.82
N GLY C 108 -25.52 45.18 -30.24
CA GLY C 108 -25.49 45.48 -31.68
C GLY C 108 -24.61 44.50 -32.45
N GLY C 109 -25.14 43.97 -33.55
CA GLY C 109 -24.39 43.00 -34.35
C GLY C 109 -25.17 42.53 -35.57
N LYS C 110 -24.76 41.38 -36.08
CA LYS C 110 -25.39 40.73 -37.22
C LYS C 110 -26.50 39.80 -36.71
N TYR C 111 -27.65 39.83 -37.35
CA TYR C 111 -28.80 39.02 -36.91
C TYR C 111 -28.52 37.53 -37.12
N ILE C 112 -28.95 36.70 -36.17
CA ILE C 112 -28.87 35.26 -36.31
C ILE C 112 -29.73 34.80 -37.50
N TYR C 113 -30.97 35.27 -37.59
CA TYR C 113 -31.83 34.94 -38.75
C TYR C 113 -32.21 36.19 -39.52
N GLY C 114 -33.35 36.77 -39.20
CA GLY C 114 -33.77 38.03 -39.79
C GLY C 114 -33.79 39.09 -38.71
N SER C 115 -34.34 40.26 -39.03
CA SER C 115 -34.30 41.38 -38.09
C SER C 115 -35.18 41.21 -36.84
N SER C 116 -35.87 40.07 -36.73
CA SER C 116 -36.63 39.79 -35.50
C SER C 116 -35.83 39.02 -34.45
N SER C 117 -34.71 38.43 -34.86
CA SER C 117 -33.92 37.57 -33.97
C SER C 117 -32.88 38.34 -33.15
N GLY C 118 -32.21 37.64 -32.23
CA GLY C 118 -31.05 38.16 -31.52
C GLY C 118 -29.85 38.27 -32.46
N THR C 119 -28.70 38.72 -31.93
CA THR C 119 -27.52 38.91 -32.74
C THR C 119 -26.55 37.79 -32.48
N ILE C 120 -25.75 37.45 -33.47
CA ILE C 120 -24.75 36.42 -33.33
C ILE C 120 -23.77 36.81 -32.21
N PRO C 121 -23.61 35.95 -31.20
CA PRO C 121 -22.66 36.22 -30.11
C PRO C 121 -21.21 36.02 -30.57
N VAL C 122 -20.25 36.34 -29.71
CA VAL C 122 -18.84 36.21 -30.01
C VAL C 122 -18.51 34.75 -30.34
N GLN C 123 -17.83 34.53 -31.46
CA GLN C 123 -17.45 33.16 -31.87
C GLN C 123 -16.24 33.17 -32.80
N GLY C 124 -15.79 31.98 -33.21
CA GLY C 124 -14.58 31.88 -34.03
C GLY C 124 -13.36 31.49 -33.21
N THR C 125 -12.19 31.81 -33.76
CA THR C 125 -10.91 31.41 -33.22
C THR C 125 -10.76 31.85 -31.77
N THR C 126 -10.30 30.92 -30.94
CA THR C 126 -9.97 31.21 -29.54
C THR C 126 -8.53 30.77 -29.22
N LEU C 127 -7.96 31.40 -28.20
CA LEU C 127 -6.58 31.15 -27.81
C LEU C 127 -6.45 31.54 -26.35
N HIS C 128 -6.11 30.54 -25.55
CA HIS C 128 -5.99 30.67 -24.12
C HIS C 128 -4.64 30.20 -23.74
N MET C 129 -3.95 31.03 -22.95
N MET C 129 -3.96 31.03 -22.94
CA MET C 129 -2.63 30.70 -22.46
CA MET C 129 -2.62 30.73 -22.47
C MET C 129 -2.36 31.44 -21.16
C MET C 129 -2.39 31.45 -21.14
N PHE C 130 -1.77 30.74 -20.20
CA PHE C 130 -1.24 31.37 -19.00
C PHE C 130 0.13 30.79 -18.72
N SER C 131 1.01 31.58 -18.11
CA SER C 131 2.30 31.05 -17.70
C SER C 131 2.69 31.70 -16.38
N VAL C 132 3.47 30.96 -15.59
CA VAL C 132 3.95 31.42 -14.32
C VAL C 132 5.43 31.08 -14.34
N GLY C 133 6.27 32.11 -14.20
CA GLY C 133 7.71 31.89 -14.25
C GLY C 133 8.49 32.78 -13.32
N GLY C 134 9.74 32.42 -13.07
CA GLY C 134 10.61 33.23 -12.22
C GLY C 134 11.43 34.21 -13.03
N GLU C 135 10.97 34.46 -14.26
CA GLU C 135 11.64 35.34 -15.21
C GLU C 135 10.77 35.43 -16.46
N PRO C 136 11.09 36.35 -17.40
CA PRO C 136 10.22 36.52 -18.59
C PRO C 136 10.05 35.24 -19.39
N LEU C 137 8.82 34.98 -19.84
CA LEU C 137 8.58 33.89 -20.75
C LEU C 137 9.41 34.10 -22.00
N GLU C 138 10.09 33.03 -22.42
CA GLU C 138 10.89 33.05 -23.63
C GLU C 138 10.03 32.72 -24.85
N LEU C 139 10.21 33.50 -25.91
CA LEU C 139 9.33 33.46 -27.08
C LEU C 139 10.07 33.05 -28.32
N GLN C 140 9.36 32.34 -29.19
CA GLN C 140 9.79 31.99 -30.55
C GLN C 140 8.91 32.68 -31.61
N GLY C 141 9.58 33.28 -32.61
CA GLY C 141 8.91 33.92 -33.73
C GLY C 141 8.54 32.98 -34.86
N LEU C 142 7.35 33.19 -35.40
CA LEU C 142 6.81 32.44 -36.55
C LEU C 142 5.52 33.17 -36.98
N VAL C 143 5.45 33.54 -38.26
CA VAL C 143 4.30 34.26 -38.83
C VAL C 143 3.61 33.47 -39.97
N ALA C 144 2.37 33.83 -40.31
CA ALA C 144 1.70 33.25 -41.48
C ALA C 144 2.34 33.81 -42.77
N SER C 145 2.83 35.05 -42.73
CA SER C 145 3.45 35.63 -43.91
C SER C 145 4.69 36.42 -43.61
N SER C 146 5.80 36.11 -44.27
CA SER C 146 7.00 36.90 -44.04
C SER C 146 6.96 38.28 -44.73
N THR C 147 5.95 38.53 -45.59
CA THR C 147 5.88 39.81 -46.30
C THR C 147 4.94 40.83 -45.67
N THR C 148 4.38 40.47 -44.52
CA THR C 148 3.56 41.37 -43.72
C THR C 148 4.45 42.45 -43.13
N THR C 149 3.95 43.68 -43.09
CA THR C 149 4.66 44.80 -42.48
C THR C 149 3.95 45.12 -41.17
N TYR C 150 4.62 44.85 -40.06
CA TYR C 150 4.01 45.07 -38.75
C TYR C 150 4.20 46.53 -38.30
N PRO C 151 3.38 47.02 -37.35
CA PRO C 151 3.61 48.39 -36.87
C PRO C 151 4.95 48.47 -36.15
N THR C 152 5.65 49.57 -36.35
CA THR C 152 7.04 49.72 -35.86
C THR C 152 7.16 49.83 -34.35
N ASP C 153 6.09 50.25 -33.69
CA ASP C 153 6.12 50.42 -32.25
C ASP C 153 5.71 49.17 -31.49
N MET C 154 5.49 48.07 -32.22
CA MET C 154 5.28 46.76 -31.63
C MET C 154 6.57 45.95 -31.77
N VAL C 155 6.75 44.94 -30.93
CA VAL C 155 7.95 44.10 -31.02
C VAL C 155 7.66 42.85 -31.88
N THR C 156 8.24 42.83 -33.07
CA THR C 156 8.04 41.72 -34.02
C THR C 156 9.42 41.26 -34.55
N ILE C 157 9.46 40.36 -35.53
CA ILE C 157 10.73 39.84 -36.05
C ILE C 157 11.45 40.81 -37.00
N LYS C 158 12.73 41.07 -36.73
CA LYS C 158 13.51 41.98 -37.56
C LYS C 158 14.05 41.25 -38.79
N ASN C 159 14.00 41.91 -39.95
CA ASN C 159 14.61 41.41 -41.18
C ASN C 159 13.96 40.07 -41.59
N MET C 160 12.63 40.04 -41.58
CA MET C 160 11.89 38.81 -41.90
C MET C 160 12.18 38.25 -43.27
N LYS C 161 12.30 36.93 -43.35
CA LYS C 161 12.49 36.20 -44.61
C LYS C 161 11.52 35.02 -44.63
N PRO C 162 11.37 34.34 -45.78
CA PRO C 162 10.39 33.23 -45.83
C PRO C 162 10.61 32.15 -44.78
N VAL C 163 11.86 31.94 -44.35
CA VAL C 163 12.14 31.00 -43.26
C VAL C 163 11.27 31.27 -42.02
N ASN C 164 10.93 32.53 -41.76
CA ASN C 164 10.10 32.89 -40.62
C ASN C 164 8.64 32.44 -40.72
N GLN C 165 8.27 31.80 -41.83
CA GLN C 165 6.96 31.16 -41.91
C GLN C 165 7.04 29.78 -41.27
N ALA C 166 8.26 29.41 -40.88
CA ALA C 166 8.52 28.17 -40.16
C ALA C 166 9.51 28.50 -39.04
N LEU C 167 10.34 27.53 -38.64
CA LEU C 167 11.23 27.75 -37.50
C LEU C 167 12.55 28.35 -37.91
N ASP C 168 12.79 29.60 -37.53
CA ASP C 168 14.11 30.22 -37.62
C ASP C 168 14.64 30.36 -36.19
N PRO C 169 15.71 29.60 -35.87
CA PRO C 169 16.17 29.61 -34.49
C PRO C 169 16.76 30.96 -34.07
N ASN C 170 16.94 31.88 -35.01
CA ASN C 170 17.37 33.24 -34.65
C ASN C 170 16.25 34.14 -34.16
N ALA C 171 15.00 33.78 -34.46
CA ALA C 171 13.84 34.60 -34.09
C ALA C 171 13.35 34.30 -32.68
N LYS C 172 14.04 34.89 -31.70
CA LYS C 172 13.79 34.71 -30.28
C LYS C 172 13.46 36.05 -29.61
N ALA C 173 12.65 36.02 -28.55
CA ALA C 173 12.40 37.21 -27.74
C ALA C 173 11.98 36.82 -26.32
N LEU C 174 11.98 37.81 -25.44
CA LEU C 174 11.46 37.68 -24.08
C LEU C 174 10.18 38.50 -23.99
N LEU C 175 9.15 37.94 -23.34
CA LEU C 175 7.93 38.68 -23.06
C LEU C 175 8.18 39.64 -21.90
N ASP C 176 8.70 40.81 -22.21
CA ASP C 176 9.13 41.74 -21.16
C ASP C 176 8.34 43.05 -21.18
N LYS C 177 7.34 43.11 -22.04
CA LYS C 177 6.44 44.26 -22.13
C LYS C 177 5.01 43.79 -22.34
N ASP C 178 4.10 44.39 -21.57
CA ASP C 178 2.68 44.18 -21.67
C ASP C 178 2.18 44.88 -22.93
N GLY C 179 1.38 44.18 -23.75
CA GLY C 179 0.67 44.84 -24.85
C GLY C 179 1.53 45.27 -26.03
N LYS C 180 2.58 44.51 -26.31
CA LYS C 180 3.56 44.86 -27.35
C LYS C 180 3.98 43.66 -28.22
N TYR C 181 3.76 42.45 -27.72
CA TYR C 181 4.16 41.23 -28.43
C TYR C 181 2.93 40.57 -29.08
N PRO C 182 2.79 40.68 -30.43
CA PRO C 182 1.63 40.12 -31.12
C PRO C 182 1.54 38.62 -30.99
N VAL C 183 0.36 38.13 -30.61
CA VAL C 183 0.19 36.68 -30.53
C VAL C 183 0.43 36.02 -31.90
N GLU C 184 0.13 36.73 -33.00
CA GLU C 184 0.24 36.08 -34.31
C GLU C 184 1.69 35.95 -34.77
N VAL C 185 2.61 36.59 -34.05
CA VAL C 185 4.05 36.54 -34.33
C VAL C 185 4.83 35.61 -33.37
N TRP C 186 4.37 35.52 -32.12
CA TRP C 186 5.18 34.93 -31.04
C TRP C 186 4.41 33.88 -30.33
N SER C 187 5.12 32.84 -29.88
CA SER C 187 4.52 31.76 -29.11
C SER C 187 5.60 31.30 -28.12
N PRO C 188 5.23 30.56 -27.05
CA PRO C 188 6.22 30.09 -26.07
C PRO C 188 7.30 29.22 -26.72
N ASP C 189 8.56 29.49 -26.37
CA ASP C 189 9.71 28.69 -26.87
C ASP C 189 9.97 27.42 -26.04
N PRO C 190 9.63 26.25 -26.61
CA PRO C 190 9.75 25.02 -25.85
C PRO C 190 11.20 24.57 -25.68
N SER C 191 12.12 25.15 -26.46
CA SER C 191 13.55 24.84 -26.29
C SER C 191 14.15 25.58 -25.12
N LYS C 192 13.40 26.52 -24.55
CA LYS C 192 13.90 27.21 -23.39
C LYS C 192 12.87 27.11 -22.27
N ASN C 193 12.58 28.20 -21.59
CA ASN C 193 11.58 28.20 -20.50
C ASN C 193 11.75 27.13 -19.41
N GLU C 194 13.00 26.88 -19.02
CA GLU C 194 13.32 25.93 -17.96
CA GLU C 194 13.25 25.89 -17.98
C GLU C 194 12.78 26.43 -16.63
N ASN C 195 12.56 27.74 -16.54
CA ASN C 195 12.14 28.35 -15.30
C ASN C 195 10.74 29.00 -15.38
N THR C 196 9.90 28.49 -16.28
CA THR C 196 8.52 28.97 -16.41
C THR C 196 7.69 27.76 -16.76
N ARG C 197 6.48 27.66 -16.21
CA ARG C 197 5.51 26.68 -16.67
CA ARG C 197 5.51 26.67 -16.66
C ARG C 197 4.44 27.43 -17.46
N TYR C 198 4.14 26.95 -18.67
CA TYR C 198 3.14 27.58 -19.52
C TYR C 198 2.14 26.55 -20.04
N TYR C 199 0.91 27.00 -20.31
CA TYR C 199 -0.21 26.12 -20.60
C TYR C 199 -1.09 26.87 -21.59
N GLY C 200 -1.44 26.20 -22.69
CA GLY C 200 -2.13 26.86 -23.78
C GLY C 200 -3.04 25.92 -24.56
N SER C 201 -4.12 26.48 -25.09
CA SER C 201 -5.01 25.74 -25.98
C SER C 201 -5.59 26.65 -27.05
N PHE C 202 -5.76 26.08 -28.23
CA PHE C 202 -6.17 26.84 -29.38
C PHE C 202 -7.24 26.06 -30.10
N THR C 203 -8.31 26.75 -30.49
CA THR C 203 -9.29 26.19 -31.42
C THR C 203 -9.51 27.25 -32.48
N GLY C 204 -9.41 26.84 -33.73
CA GLY C 204 -9.45 27.79 -34.85
C GLY C 204 -10.85 27.92 -35.41
N GLY C 205 -10.94 28.43 -36.62
CA GLY C 205 -12.20 28.43 -37.36
C GLY C 205 -12.79 29.81 -37.40
N ALA C 206 -13.71 30.01 -38.33
CA ALA C 206 -14.35 31.32 -38.53
C ALA C 206 -15.49 31.54 -37.55
N THR C 207 -16.29 30.50 -37.30
CA THR C 207 -17.52 30.65 -36.56
C THR C 207 -17.66 29.70 -35.36
N THR C 208 -16.55 29.08 -34.97
CA THR C 208 -16.57 28.06 -33.95
C THR C 208 -17.10 28.55 -32.61
N PRO C 209 -18.01 27.79 -31.98
CA PRO C 209 -18.53 28.07 -30.63
C PRO C 209 -17.41 28.04 -29.58
N PRO C 210 -17.27 29.12 -28.79
CA PRO C 210 -16.30 29.10 -27.70
C PRO C 210 -16.78 28.21 -26.55
N VAL C 211 -15.83 27.57 -25.87
CA VAL C 211 -16.12 26.68 -24.75
C VAL C 211 -15.17 27.07 -23.63
N MET C 212 -15.70 27.37 -22.45
CA MET C 212 -14.90 27.75 -21.29
C MET C 212 -15.52 27.22 -19.98
N GLN C 213 -14.64 26.94 -19.01
N GLN C 213 -14.66 26.94 -19.00
CA GLN C 213 -15.02 26.48 -17.68
CA GLN C 213 -15.08 26.48 -17.68
C GLN C 213 -14.71 27.58 -16.69
C GLN C 213 -14.68 27.53 -16.66
N PHE C 214 -15.38 27.55 -15.53
CA PHE C 214 -15.02 28.39 -14.42
C PHE C 214 -15.41 27.75 -13.10
N THR C 215 -14.47 27.80 -12.16
CA THR C 215 -14.61 27.14 -10.87
C THR C 215 -13.53 27.70 -9.92
N ASN C 216 -13.74 27.58 -8.61
CA ASN C 216 -12.65 27.84 -7.67
C ASN C 216 -12.17 26.53 -7.02
N SER C 217 -12.46 25.40 -7.65
CA SER C 217 -12.08 24.12 -7.09
C SER C 217 -10.82 23.52 -7.71
N VAL C 218 -10.28 24.12 -8.77
CA VAL C 218 -9.15 23.51 -9.49
C VAL C 218 -7.83 24.27 -9.29
N THR C 219 -6.77 23.52 -9.00
CA THR C 219 -5.43 24.07 -8.80
C THR C 219 -4.50 23.35 -9.80
N THR C 220 -3.52 24.07 -10.33
CA THR C 220 -2.49 23.48 -11.16
C THR C 220 -1.19 23.47 -10.37
N VAL C 221 -0.57 22.30 -10.25
CA VAL C 221 0.74 22.22 -9.57
C VAL C 221 1.84 22.57 -10.56
N LEU C 222 2.75 23.45 -10.17
CA LEU C 222 3.77 23.93 -11.10
C LEU C 222 5.11 23.19 -11.01
N LEU C 223 5.20 22.18 -10.15
CA LEU C 223 6.46 21.51 -9.88
C LEU C 223 6.88 20.70 -11.09
N ASP C 224 8.18 20.69 -11.38
CA ASP C 224 8.69 19.88 -12.50
C ASP C 224 8.92 18.41 -12.08
N GLU C 225 9.44 17.61 -13.00
CA GLU C 225 9.75 16.21 -12.73
C GLU C 225 10.59 15.98 -11.47
N ASN C 226 11.39 16.98 -11.06
CA ASN C 226 12.24 16.87 -9.86
C ASN C 226 11.64 17.46 -8.59
N GLY C 227 10.43 17.99 -8.68
CA GLY C 227 9.73 18.55 -7.54
C GLY C 227 10.01 20.03 -7.31
N VAL C 228 10.50 20.70 -8.35
CA VAL C 228 10.94 22.09 -8.26
C VAL C 228 10.06 22.99 -9.12
N GLY C 229 9.53 24.04 -8.52
CA GLY C 229 8.75 25.02 -9.26
C GLY C 229 9.64 26.12 -9.81
N PRO C 230 9.04 27.06 -10.56
CA PRO C 230 9.77 28.24 -11.02
C PRO C 230 10.41 29.03 -9.86
N LEU C 231 11.64 29.48 -10.06
CA LEU C 231 12.37 30.18 -9.01
C LEU C 231 12.51 31.64 -9.41
N CYS C 232 12.10 32.52 -8.51
CA CYS C 232 11.95 33.94 -8.83
C CYS C 232 13.25 34.73 -8.70
N LYS C 233 13.93 34.92 -9.83
CA LYS C 233 15.19 35.65 -9.84
C LYS C 233 14.95 37.11 -9.45
N GLY C 234 15.83 37.66 -8.60
CA GLY C 234 15.64 38.99 -8.03
C GLY C 234 14.31 39.16 -7.29
N ASP C 235 13.77 38.06 -6.78
CA ASP C 235 12.49 38.06 -6.05
C ASP C 235 11.29 38.53 -6.87
N LYS C 236 11.33 38.30 -8.17
CA LYS C 236 10.24 38.74 -9.04
C LYS C 236 9.54 37.57 -9.71
N LEU C 237 8.21 37.61 -9.64
CA LEU C 237 7.33 36.60 -10.20
C LEU C 237 6.73 37.14 -11.49
N PHE C 238 6.77 36.32 -12.55
CA PHE C 238 6.28 36.73 -13.84
C PHE C 238 5.02 35.97 -14.20
N LEU C 239 3.94 36.72 -14.40
CA LEU C 239 2.68 36.18 -14.87
C LEU C 239 2.38 36.68 -16.29
N SER C 240 2.11 35.75 -17.22
CA SER C 240 1.78 36.10 -18.60
C SER C 240 0.50 35.37 -19.05
N ALA C 241 -0.19 35.93 -20.05
CA ALA C 241 -1.50 35.41 -20.47
C ALA C 241 -2.00 35.98 -21.79
N VAL C 242 -2.81 35.23 -22.52
CA VAL C 242 -3.68 35.79 -23.54
C VAL C 242 -4.99 35.00 -23.50
N ASP C 243 -6.13 35.70 -23.56
CA ASP C 243 -7.41 34.99 -23.58
C ASP C 243 -8.33 35.59 -24.62
N ILE C 244 -8.08 35.15 -25.86
CA ILE C 244 -8.93 35.50 -27.00
C ILE C 244 -10.09 34.51 -26.96
N VAL C 245 -11.29 35.03 -26.79
CA VAL C 245 -12.47 34.17 -26.65
C VAL C 245 -13.34 34.22 -27.90
N GLY C 246 -12.86 34.89 -28.93
CA GLY C 246 -13.55 34.90 -30.21
C GLY C 246 -13.61 36.20 -30.96
N ILE C 247 -14.53 36.28 -31.92
CA ILE C 247 -14.71 37.43 -32.79
C ILE C 247 -16.14 37.94 -32.69
N HIS C 248 -16.29 39.23 -32.38
CA HIS C 248 -17.59 39.89 -32.51
C HIS C 248 -17.74 40.50 -33.88
N THR C 249 -18.88 40.19 -34.52
CA THR C 249 -19.22 40.78 -35.81
C THR C 249 -20.28 41.89 -35.66
N ASN C 250 -20.02 43.03 -36.30
CA ASN C 250 -20.94 44.15 -36.35
C ASN C 250 -21.92 44.00 -37.50
N TYR C 251 -23.01 44.76 -37.43
CA TYR C 251 -24.01 44.77 -38.51
C TYR C 251 -23.39 44.99 -39.90
N SER C 252 -22.49 45.97 -40.00
CA SER C 252 -21.73 46.24 -41.23
C SER C 252 -20.86 45.05 -41.69
N GLU C 253 -20.72 44.05 -40.83
CA GLU C 253 -19.87 42.87 -41.07
C GLU C 253 -18.38 43.07 -40.78
N SER C 254 -18.00 44.25 -40.27
CA SER C 254 -16.65 44.41 -39.72
C SER C 254 -16.55 43.61 -38.42
N GLN C 255 -15.33 43.26 -38.05
CA GLN C 255 -15.12 42.31 -36.96
C GLN C 255 -14.02 42.74 -35.98
N ASN C 256 -14.21 42.40 -34.72
CA ASN C 256 -13.28 42.75 -33.66
C ASN C 256 -13.05 41.58 -32.76
N TRP C 257 -11.78 41.30 -32.50
CA TRP C 257 -11.39 40.32 -31.49
C TRP C 257 -11.93 40.69 -30.16
N ARG C 258 -12.34 39.68 -29.39
CA ARG C 258 -12.79 39.86 -28.03
C ARG C 258 -11.90 39.07 -27.07
N GLY C 259 -11.37 39.76 -26.07
CA GLY C 259 -10.60 39.13 -24.99
C GLY C 259 -11.22 39.33 -23.61
N LEU C 260 -10.85 38.45 -22.67
CA LEU C 260 -11.28 38.54 -21.28
C LEU C 260 -10.08 38.53 -20.32
N PRO C 261 -10.23 39.18 -19.15
CA PRO C 261 -9.12 39.21 -18.17
C PRO C 261 -8.91 37.87 -17.45
N ARG C 262 -7.70 37.68 -16.93
CA ARG C 262 -7.38 36.45 -16.19
C ARG C 262 -6.91 36.79 -14.78
N TYR C 263 -7.45 36.07 -13.80
CA TYR C 263 -7.00 36.12 -12.41
C TYR C 263 -5.95 35.05 -12.12
N PHE C 264 -5.00 35.38 -11.24
CA PHE C 264 -4.00 34.39 -10.79
C PHE C 264 -3.97 34.39 -9.27
N ASN C 265 -3.85 33.22 -8.67
CA ASN C 265 -3.55 33.12 -7.25
C ASN C 265 -2.45 32.09 -7.13
N VAL C 266 -1.25 32.56 -6.79
CA VAL C 266 -0.06 31.72 -6.82
C VAL C 266 0.40 31.47 -5.40
N THR C 267 0.72 30.21 -5.08
CA THR C 267 1.25 29.91 -3.75
C THR C 267 2.75 29.72 -3.92
N LEU C 268 3.54 30.31 -3.02
CA LEU C 268 4.98 30.19 -3.15
C LEU C 268 5.57 29.69 -1.83
N ARG C 269 6.69 28.99 -1.93
CA ARG C 269 7.42 28.60 -0.73
C ARG C 269 8.86 29.06 -0.86
N LYS C 270 9.62 28.86 0.21
CA LYS C 270 11.02 29.25 0.26
C LYS C 270 11.93 28.07 -0.09
N ARG C 271 12.82 28.28 -1.05
CA ARG C 271 13.70 27.21 -1.54
C ARG C 271 15.19 27.55 -1.39
N VAL C 272 15.93 26.68 -0.69
CA VAL C 272 17.39 26.82 -0.57
C VAL C 272 18.12 26.58 -1.91
N VAL C 273 19.05 27.47 -2.23
CA VAL C 273 19.95 27.28 -3.37
C VAL C 273 21.38 27.58 -2.93
N LYS C 274 22.35 26.94 -3.59
CA LYS C 274 23.74 27.29 -3.34
C LYS C 274 24.03 28.66 -3.99
N ASN C 275 24.70 29.53 -3.22
CA ASN C 275 25.16 30.83 -3.69
C ASN C 275 26.03 30.71 -4.95
N PRO C 276 25.62 31.40 -6.04
CA PRO C 276 26.37 31.36 -7.30
C PRO C 276 27.57 32.31 -7.33
N VAL D 7 -11.73 34.11 11.99
CA VAL D 7 -12.22 32.90 12.72
C VAL D 7 -11.29 31.71 12.47
N GLU D 8 -10.79 31.13 13.56
CA GLU D 8 -9.86 30.00 13.47
C GLU D 8 -10.66 28.68 13.42
N VAL D 9 -10.40 27.88 12.38
CA VAL D 9 -11.10 26.60 12.17
C VAL D 9 -10.36 25.47 12.84
N LEU D 10 -11.08 24.71 13.67
CA LEU D 10 -10.52 23.58 14.39
C LEU D 10 -11.02 22.26 13.78
N GLU D 11 -11.20 21.23 14.59
CA GLU D 11 -11.49 19.90 14.07
C GLU D 11 -12.99 19.64 13.84
N VAL D 12 -13.29 18.54 13.14
CA VAL D 12 -14.66 18.07 12.90
C VAL D 12 -15.23 17.49 14.21
N ARG D 13 -16.47 17.86 14.52
CA ARG D 13 -17.17 17.29 15.68
C ARG D 13 -17.71 15.89 15.33
N THR D 14 -17.31 14.89 16.11
CA THR D 14 -17.73 13.50 15.90
C THR D 14 -18.93 13.12 16.77
N GLY D 15 -19.43 11.90 16.59
CA GLY D 15 -20.49 11.36 17.44
C GLY D 15 -21.86 11.41 16.78
N PRO D 16 -22.92 11.01 17.51
CA PRO D 16 -24.27 10.90 16.94
C PRO D 16 -24.89 12.25 16.62
N ASP D 17 -25.65 12.30 15.53
CA ASP D 17 -26.29 13.54 15.05
C ASP D 17 -25.31 14.66 14.69
N ALA D 18 -24.12 14.28 14.23
CA ALA D 18 -23.12 15.26 13.79
C ALA D 18 -23.34 15.63 12.32
N ILE D 19 -24.19 14.86 11.66
CA ILE D 19 -24.45 15.02 10.23
C ILE D 19 -25.90 15.44 10.05
N THR D 20 -26.15 16.24 9.02
CA THR D 20 -27.49 16.46 8.51
C THR D 20 -27.48 16.61 6.99
N GLN D 21 -28.67 16.58 6.42
CA GLN D 21 -28.84 16.55 4.99
C GLN D 21 -30.00 17.46 4.62
N ILE D 22 -29.83 18.29 3.59
CA ILE D 22 -30.93 19.14 3.14
C ILE D 22 -31.11 19.01 1.64
N GLU D 23 -32.30 19.34 1.18
CA GLU D 23 -32.54 19.38 -0.26
C GLU D 23 -33.42 20.56 -0.67
N ALA D 24 -33.29 20.95 -1.94
CA ALA D 24 -33.98 22.12 -2.46
C ALA D 24 -33.91 22.13 -3.98
N TYR D 25 -34.88 22.80 -4.61
CA TYR D 25 -34.78 23.06 -6.04
C TYR D 25 -34.82 24.55 -6.26
N LEU D 26 -34.30 25.01 -7.40
CA LEU D 26 -34.29 26.41 -7.74
C LEU D 26 -34.88 26.53 -9.13
N ASN D 27 -36.01 27.24 -9.26
CA ASN D 27 -36.57 27.47 -10.59
C ASN D 27 -35.75 28.50 -11.36
N PRO D 28 -35.74 28.41 -12.70
CA PRO D 28 -34.92 29.37 -13.46
C PRO D 28 -35.53 30.79 -13.48
N ARG D 29 -34.66 31.78 -13.59
CA ARG D 29 -35.04 33.19 -13.73
C ARG D 29 -34.51 33.72 -15.07
N MET D 30 -35.23 33.35 -16.12
CA MET D 30 -34.85 33.70 -17.49
C MET D 30 -35.37 35.04 -17.95
N GLY D 31 -36.30 35.62 -17.19
CA GLY D 31 -36.99 36.85 -17.60
C GLY D 31 -38.47 36.86 -17.24
N ASN D 32 -39.21 35.86 -17.70
CA ASN D 32 -40.57 35.62 -17.18
C ASN D 32 -40.44 34.81 -15.88
N ASN D 33 -40.41 35.56 -14.77
CA ASN D 33 -40.02 35.04 -13.46
C ASN D 33 -41.18 34.83 -12.48
N ASN D 34 -42.40 35.02 -12.97
CA ASN D 34 -43.60 34.81 -12.18
C ASN D 34 -44.28 33.52 -12.63
N PRO D 35 -44.59 32.63 -11.67
CA PRO D 35 -45.14 31.32 -12.06
C PRO D 35 -46.43 31.43 -12.86
N THR D 36 -47.13 32.57 -12.79
CA THR D 36 -48.31 32.81 -13.61
C THR D 36 -48.01 33.27 -15.07
N ASP D 37 -46.82 33.82 -15.34
CA ASP D 37 -46.45 34.25 -16.70
C ASP D 37 -46.59 33.10 -17.69
N GLU D 38 -47.28 33.37 -18.81
CA GLU D 38 -47.42 32.41 -19.91
C GLU D 38 -46.08 31.77 -20.32
N LEU D 39 -45.02 32.55 -20.34
CA LEU D 39 -43.71 32.05 -20.78
C LEU D 39 -42.75 31.83 -19.61
N TYR D 40 -43.31 31.41 -18.48
CA TYR D 40 -42.52 31.08 -17.29
C TYR D 40 -41.44 30.08 -17.71
N GLY D 41 -40.20 30.34 -17.30
CA GLY D 41 -39.07 29.48 -17.65
C GLY D 41 -38.41 29.85 -18.97
N TYR D 42 -38.85 30.96 -19.55
CA TYR D 42 -38.25 31.59 -20.73
C TYR D 42 -38.04 33.09 -20.49
N SER D 43 -37.18 33.70 -21.31
CA SER D 43 -37.11 35.14 -21.40
C SER D 43 -38.23 35.64 -22.31
N ALA D 44 -38.46 36.95 -22.30
CA ALA D 44 -39.31 37.61 -23.31
C ALA D 44 -38.50 37.65 -24.62
N ASP D 45 -39.15 37.99 -25.72
CA ASP D 45 -38.45 38.10 -27.00
C ASP D 45 -37.28 39.06 -26.84
N ILE D 46 -36.08 38.63 -27.19
CA ILE D 46 -34.90 39.50 -27.17
C ILE D 46 -35.19 40.78 -27.96
N ASN D 47 -34.93 41.94 -27.35
CA ASN D 47 -34.93 43.18 -28.12
C ASN D 47 -33.50 43.59 -28.37
N VAL D 48 -33.14 43.70 -29.65
CA VAL D 48 -31.76 43.98 -30.05
C VAL D 48 -31.48 45.48 -30.02
N ALA D 49 -30.30 45.86 -29.56
CA ALA D 49 -29.88 47.25 -29.57
C ALA D 49 -30.03 47.82 -30.98
N SER D 50 -30.51 49.05 -31.07
CA SER D 50 -30.56 49.71 -32.37
C SER D 50 -29.16 50.19 -32.72
N SER D 51 -28.45 50.66 -31.70
CA SER D 51 -27.05 51.08 -31.82
C SER D 51 -26.29 50.84 -30.52
N LYS D 52 -24.98 51.00 -30.58
CA LYS D 52 -24.15 50.88 -29.38
C LYS D 52 -24.56 51.95 -28.37
N ALA D 53 -24.86 53.15 -28.86
CA ALA D 53 -25.30 54.25 -27.98
C ALA D 53 -26.68 53.98 -27.37
N SER D 54 -27.53 53.26 -28.11
CA SER D 54 -28.91 53.05 -27.71
C SER D 54 -29.24 51.57 -27.55
N ASP D 55 -28.97 51.06 -26.35
CA ASP D 55 -29.11 49.64 -26.03
C ASP D 55 -29.88 49.55 -24.73
N ASN D 56 -31.15 49.18 -24.83
CA ASN D 56 -32.02 49.13 -23.66
C ASN D 56 -32.74 47.79 -23.58
N PRO D 57 -32.04 46.74 -23.13
CA PRO D 57 -32.72 45.46 -23.01
C PRO D 57 -33.80 45.49 -21.92
N ASN D 58 -35.01 45.03 -22.26
CA ASN D 58 -36.07 44.86 -21.28
C ASN D 58 -35.64 43.92 -20.13
N ALA D 59 -36.12 44.17 -18.93
CA ALA D 59 -35.76 43.36 -17.74
C ALA D 59 -36.09 41.90 -17.99
N THR D 60 -37.26 41.69 -18.58
CA THR D 60 -37.78 40.36 -18.90
C THR D 60 -37.01 39.61 -19.98
N THR D 61 -36.05 40.25 -20.64
CA THR D 61 -35.22 39.58 -21.67
C THR D 61 -33.83 39.20 -21.14
N LEU D 62 -33.58 39.40 -19.85
CA LEU D 62 -32.24 39.21 -19.30
C LEU D 62 -32.27 38.11 -18.24
N PRO D 63 -31.65 36.96 -18.53
CA PRO D 63 -31.53 35.91 -17.53
C PRO D 63 -30.73 36.38 -16.32
N THR D 64 -31.24 36.07 -15.13
CA THR D 64 -30.57 36.36 -13.85
C THR D 64 -30.23 35.09 -13.09
N TYR D 65 -29.39 35.21 -12.06
CA TYR D 65 -29.05 34.08 -11.20
C TYR D 65 -30.21 33.70 -10.30
N SER D 66 -30.27 32.42 -9.96
CA SER D 66 -31.15 31.96 -8.90
C SER D 66 -30.34 31.82 -7.61
N VAL D 67 -30.94 32.30 -6.51
CA VAL D 67 -30.35 32.12 -5.19
C VAL D 67 -31.43 31.72 -4.19
N ALA D 68 -31.08 30.81 -3.29
CA ALA D 68 -31.94 30.45 -2.16
C ALA D 68 -31.09 30.32 -0.90
N VAL D 69 -31.62 30.82 0.21
CA VAL D 69 -30.96 30.66 1.49
C VAL D 69 -31.72 29.61 2.28
N ILE D 70 -31.00 28.67 2.87
CA ILE D 70 -31.61 27.62 3.67
C ILE D 70 -31.13 27.77 5.10
N LYS D 71 -32.09 27.87 6.02
CA LYS D 71 -31.83 27.98 7.44
C LYS D 71 -31.57 26.58 8.01
N LEU D 72 -30.44 26.41 8.67
CA LEU D 72 -30.08 25.11 9.25
C LEU D 72 -30.34 25.06 10.75
N PRO D 73 -30.40 23.85 11.36
CA PRO D 73 -30.69 23.81 12.78
C PRO D 73 -29.68 24.64 13.58
N MET D 74 -30.18 25.24 14.66
CA MET D 74 -29.40 26.12 15.54
C MET D 74 -28.40 25.29 16.30
N LEU D 75 -27.18 25.80 16.44
CA LEU D 75 -26.08 24.95 16.92
C LEU D 75 -25.50 25.36 18.24
N ASN D 76 -25.54 26.66 18.52
CA ASN D 76 -24.84 27.20 19.66
C ASN D 76 -25.84 27.69 20.69
N GLU D 77 -25.76 27.14 21.90
CA GLU D 77 -26.65 27.56 22.98
C GLU D 77 -26.11 28.80 23.70
N ASP D 78 -24.80 28.84 23.91
CA ASP D 78 -24.18 29.92 24.67
C ASP D 78 -23.01 30.51 23.92
N MET D 79 -23.20 31.70 23.37
CA MET D 79 -22.16 32.33 22.57
C MET D 79 -20.94 32.78 23.33
N THR D 80 -20.87 32.50 24.61
CA THR D 80 -19.67 32.86 25.36
C THR D 80 -18.63 31.75 25.45
N CYS D 81 -18.92 30.56 24.95
CA CYS D 81 -17.98 29.46 25.07
C CYS D 81 -16.79 29.62 24.19
N ASP D 82 -15.68 29.11 24.66
CA ASP D 82 -14.43 29.25 23.98
C ASP D 82 -14.48 28.74 22.57
N THR D 83 -15.28 27.72 22.35
CA THR D 83 -15.40 27.15 21.03
C THR D 83 -16.84 27.01 20.62
N LEU D 84 -17.05 27.08 19.32
CA LEU D 84 -18.40 27.08 18.76
C LEU D 84 -18.52 26.08 17.61
N LEU D 85 -19.75 25.78 17.20
CA LEU D 85 -19.98 24.88 16.07
C LEU D 85 -20.54 25.63 14.88
N MET D 86 -20.15 25.19 13.67
CA MET D 86 -20.78 25.66 12.43
C MET D 86 -21.09 24.47 11.56
N TRP D 87 -22.11 24.60 10.73
CA TRP D 87 -22.37 23.60 9.72
C TRP D 87 -21.37 23.74 8.62
N GLU D 88 -20.82 22.60 8.22
CA GLU D 88 -19.85 22.50 7.14
C GLU D 88 -20.50 21.72 6.01
N ALA D 89 -20.63 22.36 4.85
CA ALA D 89 -21.10 21.67 3.65
C ALA D 89 -19.96 20.78 3.12
N VAL D 90 -20.19 19.47 3.09
CA VAL D 90 -19.16 18.46 2.73
C VAL D 90 -19.25 17.99 1.28
N SER D 91 -20.48 17.80 0.82
CA SER D 91 -20.73 17.28 -0.52
C SER D 91 -22.13 17.60 -1.00
N VAL D 92 -22.30 17.63 -2.32
CA VAL D 92 -23.60 17.90 -2.93
C VAL D 92 -23.86 16.91 -4.07
N LYS D 93 -25.09 16.43 -4.17
CA LYS D 93 -25.58 15.89 -5.42
C LYS D 93 -26.43 16.99 -6.06
N THR D 94 -26.20 17.20 -7.36
CA THR D 94 -26.96 18.23 -8.07
C THR D 94 -27.36 17.76 -9.46
N GLU D 95 -28.45 18.32 -9.96
CA GLU D 95 -29.10 17.79 -11.15
C GLU D 95 -29.95 18.87 -11.79
N VAL D 96 -29.75 19.07 -13.09
CA VAL D 96 -30.65 19.87 -13.90
C VAL D 96 -31.86 19.00 -14.25
N MET D 97 -33.04 19.49 -13.91
CA MET D 97 -34.26 18.72 -14.06
C MET D 97 -34.97 19.11 -15.35
N GLY D 98 -35.67 18.14 -15.95
CA GLY D 98 -36.55 18.41 -17.08
C GLY D 98 -35.84 18.42 -18.42
N ILE D 99 -34.69 17.75 -18.47
CA ILE D 99 -33.84 17.79 -19.65
C ILE D 99 -34.55 17.26 -20.88
N SER D 100 -35.23 16.13 -20.69
CA SER D 100 -36.03 15.53 -21.76
C SER D 100 -37.22 16.37 -22.28
N SER D 101 -37.52 17.48 -21.61
CA SER D 101 -38.57 18.37 -22.13
C SER D 101 -38.10 19.05 -23.44
N LEU D 102 -36.79 19.06 -23.67
CA LEU D 102 -36.26 19.64 -24.92
C LEU D 102 -36.43 18.69 -26.11
N VAL D 103 -36.80 17.44 -25.82
CA VAL D 103 -36.93 16.40 -26.84
C VAL D 103 -38.33 16.52 -27.40
N ASN D 104 -38.49 17.49 -28.28
CA ASN D 104 -39.80 17.97 -28.65
C ASN D 104 -39.71 18.71 -29.96
N LEU D 105 -40.22 18.11 -31.03
CA LEU D 105 -40.17 18.73 -32.36
C LEU D 105 -41.53 19.21 -32.87
N HIS D 106 -42.56 19.14 -32.04
CA HIS D 106 -43.92 19.62 -32.44
C HIS D 106 -44.26 20.96 -31.88
N GLN D 107 -43.37 21.51 -31.05
CA GLN D 107 -43.64 22.79 -30.44
C GLN D 107 -43.74 23.84 -31.56
N GLY D 108 -44.48 24.91 -31.32
CA GLY D 108 -44.54 26.02 -32.28
C GLY D 108 -43.15 26.57 -32.53
N GLY D 109 -42.89 27.05 -33.75
CA GLY D 109 -41.55 27.55 -34.07
C GLY D 109 -41.13 27.64 -35.52
N LYS D 110 -39.81 27.69 -35.73
CA LYS D 110 -39.21 27.71 -37.06
C LYS D 110 -39.02 26.28 -37.54
N TYR D 111 -39.42 26.01 -38.78
CA TYR D 111 -39.30 24.68 -39.36
C TYR D 111 -37.84 24.29 -39.64
N ILE D 112 -37.48 23.04 -39.39
CA ILE D 112 -36.14 22.56 -39.70
C ILE D 112 -35.88 22.67 -41.21
N TYR D 113 -36.81 22.15 -42.01
CA TYR D 113 -36.76 22.29 -43.47
C TYR D 113 -37.95 23.14 -43.92
N GLY D 114 -38.93 22.55 -44.58
CA GLY D 114 -40.13 23.27 -44.96
C GLY D 114 -41.29 22.99 -44.01
N SER D 115 -42.49 23.40 -44.41
CA SER D 115 -43.67 23.27 -43.56
C SER D 115 -44.14 21.85 -43.26
N SER D 116 -43.55 20.84 -43.90
CA SER D 116 -43.85 19.44 -43.56
C SER D 116 -42.98 18.88 -42.42
N SER D 117 -41.95 19.62 -42.02
CA SER D 117 -40.98 19.14 -41.01
C SER D 117 -41.30 19.56 -39.58
N GLY D 118 -40.51 19.04 -38.64
CA GLY D 118 -40.60 19.45 -37.24
C GLY D 118 -39.99 20.83 -37.05
N THR D 119 -40.07 21.35 -35.84
CA THR D 119 -39.52 22.67 -35.59
C THR D 119 -38.13 22.56 -34.90
N ILE D 120 -37.32 23.58 -35.13
CA ILE D 120 -35.98 23.67 -34.56
C ILE D 120 -36.05 23.69 -33.03
N PRO D 121 -35.42 22.70 -32.36
CA PRO D 121 -35.46 22.61 -30.89
C PRO D 121 -34.61 23.71 -30.26
N VAL D 122 -34.63 23.81 -28.94
CA VAL D 122 -33.82 24.80 -28.22
C VAL D 122 -32.34 24.54 -28.48
N GLN D 123 -31.60 25.59 -28.86
CA GLN D 123 -30.18 25.44 -29.21
C GLN D 123 -29.41 26.76 -29.07
N GLY D 124 -28.10 26.71 -29.21
CA GLY D 124 -27.30 27.92 -29.17
C GLY D 124 -26.60 28.01 -27.83
N THR D 125 -26.28 29.24 -27.43
CA THR D 125 -25.52 29.52 -26.23
C THR D 125 -26.10 28.85 -24.98
N THR D 126 -25.23 28.19 -24.22
CA THR D 126 -25.62 27.58 -22.95
CA THR D 126 -25.60 27.54 -22.97
C THR D 126 -24.72 28.04 -21.81
N LEU D 127 -25.32 28.12 -20.62
CA LEU D 127 -24.55 28.44 -19.42
C LEU D 127 -25.08 27.66 -18.21
N HIS D 128 -24.20 26.90 -17.57
CA HIS D 128 -24.57 26.14 -16.39
C HIS D 128 -23.66 26.49 -15.26
N MET D 129 -24.25 26.77 -14.10
CA MET D 129 -23.50 27.05 -12.89
C MET D 129 -24.32 26.67 -11.65
N PHE D 130 -23.64 26.10 -10.67
CA PHE D 130 -24.18 26.01 -9.32
C PHE D 130 -23.10 26.39 -8.31
N SER D 131 -23.52 26.87 -7.16
CA SER D 131 -22.60 27.11 -6.06
C SER D 131 -23.25 26.73 -4.74
N VAL D 132 -22.41 26.33 -3.80
CA VAL D 132 -22.82 26.05 -2.45
C VAL D 132 -21.88 26.81 -1.51
N GLY D 133 -22.46 27.63 -0.65
CA GLY D 133 -21.66 28.53 0.18
C GLY D 133 -22.21 28.73 1.57
N GLY D 134 -21.35 29.23 2.46
CA GLY D 134 -21.78 29.61 3.81
C GLY D 134 -22.14 31.08 3.94
N GLU D 135 -22.26 31.76 2.79
CA GLU D 135 -22.56 33.20 2.69
C GLU D 135 -22.86 33.49 1.22
N PRO D 136 -23.29 34.73 0.89
CA PRO D 136 -23.62 35.01 -0.51
C PRO D 136 -22.41 34.87 -1.43
N LEU D 137 -22.67 34.30 -2.61
CA LEU D 137 -21.69 34.25 -3.68
C LEU D 137 -21.22 35.68 -4.00
N GLU D 138 -19.91 35.86 -4.05
CA GLU D 138 -19.36 37.17 -4.36
C GLU D 138 -19.17 37.29 -5.87
N LEU D 139 -19.44 38.49 -6.39
CA LEU D 139 -19.60 38.68 -7.82
C LEU D 139 -18.68 39.77 -8.37
N GLN D 140 -18.27 39.59 -9.62
CA GLN D 140 -17.45 40.55 -10.35
C GLN D 140 -18.20 41.06 -11.59
N GLY D 141 -18.27 42.39 -11.73
CA GLY D 141 -18.95 43.02 -12.85
C GLY D 141 -18.12 43.18 -14.09
N LEU D 142 -18.66 42.73 -15.22
CA LEU D 142 -18.01 42.85 -16.54
C LEU D 142 -19.05 42.66 -17.64
N VAL D 143 -19.03 43.58 -18.61
CA VAL D 143 -20.08 43.61 -19.64
C VAL D 143 -19.51 43.67 -21.05
N ALA D 144 -20.29 43.19 -22.01
CA ALA D 144 -19.93 43.28 -23.43
C ALA D 144 -19.80 44.74 -23.88
N SER D 145 -20.70 45.60 -23.39
CA SER D 145 -20.67 47.02 -23.74
C SER D 145 -21.01 47.93 -22.57
N SER D 146 -20.13 48.90 -22.29
CA SER D 146 -20.32 49.84 -21.18
C SER D 146 -21.36 50.92 -21.45
N THR D 147 -21.87 50.99 -22.68
CA THR D 147 -22.85 52.01 -23.05
C THR D 147 -24.27 51.42 -23.05
N THR D 148 -24.40 50.14 -22.74
CA THR D 148 -25.74 49.55 -22.56
C THR D 148 -26.42 50.25 -21.38
N THR D 149 -27.72 50.52 -21.50
CA THR D 149 -28.51 51.07 -20.40
C THR D 149 -29.36 49.97 -19.78
N TYR D 150 -29.01 49.56 -18.56
CA TYR D 150 -29.76 48.48 -17.91
C TYR D 150 -30.99 48.99 -17.16
N PRO D 151 -32.02 48.13 -17.04
CA PRO D 151 -33.21 48.47 -16.23
C PRO D 151 -32.80 48.74 -14.79
N THR D 152 -33.37 49.79 -14.20
CA THR D 152 -32.93 50.28 -12.89
C THR D 152 -33.47 49.43 -11.73
N ASP D 153 -34.49 48.61 -12.03
CA ASP D 153 -35.04 47.60 -11.11
C ASP D 153 -34.20 46.29 -11.08
N MET D 154 -33.05 46.31 -11.74
CA MET D 154 -32.08 45.23 -11.60
C MET D 154 -30.83 45.78 -10.93
N VAL D 155 -29.96 44.89 -10.48
CA VAL D 155 -28.69 45.30 -9.88
C VAL D 155 -27.61 45.13 -10.94
N THR D 156 -27.08 46.26 -11.39
CA THR D 156 -26.01 46.24 -12.39
C THR D 156 -24.91 47.18 -11.93
N ILE D 157 -23.84 47.28 -12.73
CA ILE D 157 -22.71 48.13 -12.36
C ILE D 157 -23.11 49.61 -12.39
N LYS D 158 -22.96 50.28 -11.25
CA LYS D 158 -23.23 51.70 -11.14
C LYS D 158 -22.22 52.49 -11.97
N ASN D 159 -22.71 53.49 -12.70
CA ASN D 159 -21.86 54.48 -13.40
C ASN D 159 -20.79 53.86 -14.27
N MET D 160 -21.23 53.09 -15.26
CA MET D 160 -20.31 52.34 -16.10
C MET D 160 -19.44 53.23 -16.96
N LYS D 161 -18.18 52.84 -17.11
CA LYS D 161 -17.26 53.44 -18.05
C LYS D 161 -16.66 52.31 -18.89
N PRO D 162 -15.99 52.66 -20.02
CA PRO D 162 -15.36 51.64 -20.89
C PRO D 162 -14.46 50.59 -20.19
N VAL D 163 -13.85 50.97 -19.07
CA VAL D 163 -13.12 50.03 -18.20
C VAL D 163 -13.95 48.76 -17.84
N ASN D 164 -15.27 48.91 -17.78
CA ASN D 164 -16.16 47.84 -17.34
C ASN D 164 -16.37 46.74 -18.37
N GLN D 165 -15.85 46.94 -19.58
CA GLN D 165 -15.75 45.88 -20.58
C GLN D 165 -14.57 44.92 -20.29
N ALA D 166 -13.75 45.31 -19.31
CA ALA D 166 -12.69 44.46 -18.76
C ALA D 166 -12.79 44.33 -17.24
N LEU D 167 -11.65 44.19 -16.56
CA LEU D 167 -11.69 44.08 -15.10
C LEU D 167 -11.55 45.46 -14.46
N ASP D 168 -12.64 45.91 -13.82
CA ASP D 168 -12.68 47.09 -12.98
C ASP D 168 -12.84 46.54 -11.58
N PRO D 169 -11.81 46.72 -10.73
CA PRO D 169 -11.82 46.07 -9.42
C PRO D 169 -12.85 46.64 -8.47
N ASN D 170 -13.42 47.79 -8.84
CA ASN D 170 -14.48 48.43 -8.06
C ASN D 170 -15.88 47.90 -8.36
N ALA D 171 -16.02 47.12 -9.44
CA ALA D 171 -17.31 46.52 -9.82
C ALA D 171 -17.51 45.15 -9.15
N LYS D 172 -17.89 45.19 -7.87
CA LYS D 172 -18.10 44.00 -7.07
C LYS D 172 -19.51 43.99 -6.50
N ALA D 173 -20.05 42.80 -6.27
CA ALA D 173 -21.38 42.65 -5.71
C ALA D 173 -21.49 41.36 -4.94
N LEU D 174 -22.60 41.21 -4.23
CA LEU D 174 -22.97 39.95 -3.61
C LEU D 174 -24.25 39.43 -4.26
N LEU D 175 -24.32 38.12 -4.47
CA LEU D 175 -25.55 37.51 -4.97
C LEU D 175 -26.48 37.28 -3.79
N ASP D 176 -27.26 38.31 -3.48
CA ASP D 176 -28.12 38.31 -2.29
C ASP D 176 -29.62 38.41 -2.60
N LYS D 177 -29.95 38.57 -3.88
CA LYS D 177 -31.36 38.56 -4.29
C LYS D 177 -31.60 37.61 -5.47
N ASP D 178 -32.68 36.86 -5.42
CA ASP D 178 -33.07 35.97 -6.53
C ASP D 178 -33.61 36.81 -7.70
N GLY D 179 -33.38 36.36 -8.93
CA GLY D 179 -33.89 37.04 -10.13
C GLY D 179 -33.60 38.53 -10.29
N LYS D 180 -32.44 39.00 -9.81
CA LYS D 180 -32.11 40.44 -9.89
C LYS D 180 -30.75 40.80 -10.50
N TYR D 181 -29.82 39.84 -10.45
CA TYR D 181 -28.47 40.02 -10.96
C TYR D 181 -28.28 39.25 -12.29
N PRO D 182 -28.20 39.99 -13.42
CA PRO D 182 -28.10 39.40 -14.77
C PRO D 182 -26.77 38.72 -15.04
N VAL D 183 -26.84 37.57 -15.72
CA VAL D 183 -25.65 36.77 -15.97
C VAL D 183 -24.69 37.49 -16.92
N GLU D 184 -25.24 38.29 -17.83
CA GLU D 184 -24.39 39.04 -18.76
C GLU D 184 -23.66 40.21 -18.11
N VAL D 185 -23.89 40.43 -16.82
CA VAL D 185 -23.22 41.53 -16.06
C VAL D 185 -22.30 40.97 -14.98
N TRP D 186 -22.78 39.96 -14.27
CA TRP D 186 -22.08 39.44 -13.10
C TRP D 186 -21.58 38.03 -13.33
N SER D 187 -20.40 37.73 -12.83
CA SER D 187 -19.87 36.37 -12.77
C SER D 187 -19.10 36.14 -11.44
N PRO D 188 -18.87 34.87 -11.04
CA PRO D 188 -18.22 34.64 -9.74
C PRO D 188 -16.84 35.29 -9.67
N ASP D 189 -16.54 35.90 -8.52
CA ASP D 189 -15.27 36.59 -8.32
C ASP D 189 -14.24 35.59 -7.77
N PRO D 190 -13.26 35.16 -8.61
CA PRO D 190 -12.25 34.24 -8.10
C PRO D 190 -11.29 34.89 -7.09
N SER D 191 -11.34 36.22 -6.94
CA SER D 191 -10.48 36.89 -5.94
C SER D 191 -11.02 36.77 -4.51
N LYS D 192 -12.27 36.35 -4.36
CA LYS D 192 -12.84 36.13 -3.03
C LYS D 192 -13.45 34.73 -3.04
N ASN D 193 -14.65 34.59 -2.46
CA ASN D 193 -15.35 33.29 -2.45
C ASN D 193 -14.58 32.15 -1.77
N GLU D 194 -13.72 32.51 -0.82
CA GLU D 194 -13.00 31.54 0.04
C GLU D 194 -13.96 30.58 0.75
N ASN D 195 -15.21 31.03 0.97
CA ASN D 195 -16.16 30.26 1.77
C ASN D 195 -17.33 29.73 0.92
N THR D 196 -17.17 29.76 -0.40
CA THR D 196 -18.14 29.19 -1.33
C THR D 196 -17.40 28.27 -2.32
N ARG D 197 -18.09 27.28 -2.87
CA ARG D 197 -17.54 26.51 -3.97
C ARG D 197 -18.46 26.72 -5.17
N TYR D 198 -17.91 27.20 -6.27
CA TYR D 198 -18.67 27.31 -7.52
C TYR D 198 -18.08 26.53 -8.70
N TYR D 199 -18.97 26.15 -9.60
CA TYR D 199 -18.67 25.23 -10.72
C TYR D 199 -19.47 25.67 -11.92
N GLY D 200 -18.80 25.97 -13.04
CA GLY D 200 -19.51 26.51 -14.20
C GLY D 200 -18.98 26.06 -15.53
N SER D 201 -19.87 26.00 -16.52
CA SER D 201 -19.46 25.75 -17.90
C SER D 201 -20.32 26.54 -18.90
N PHE D 202 -19.64 27.02 -19.96
CA PHE D 202 -20.20 27.89 -20.97
C PHE D 202 -19.81 27.32 -22.32
N THR D 203 -20.80 27.18 -23.20
CA THR D 203 -20.58 26.94 -24.63
C THR D 203 -21.41 27.96 -25.40
N GLY D 204 -20.76 28.68 -26.32
CA GLY D 204 -21.41 29.80 -26.99
C GLY D 204 -22.03 29.40 -28.32
N GLY D 205 -22.06 30.33 -29.26
CA GLY D 205 -22.61 30.07 -30.58
C GLY D 205 -24.09 30.38 -30.68
N ALA D 206 -24.53 30.65 -31.92
CA ALA D 206 -25.90 31.04 -32.19
C ALA D 206 -26.82 29.83 -32.30
N THR D 207 -26.27 28.69 -32.74
CA THR D 207 -27.10 27.50 -32.96
C THR D 207 -26.51 26.20 -32.41
N THR D 208 -25.56 26.29 -31.49
CA THR D 208 -24.88 25.09 -30.97
C THR D 208 -25.83 24.08 -30.29
N PRO D 209 -25.66 22.78 -30.61
CA PRO D 209 -26.51 21.81 -29.90
C PRO D 209 -26.16 21.75 -28.39
N PRO D 210 -27.18 21.81 -27.52
CA PRO D 210 -27.04 21.59 -26.08
C PRO D 210 -26.57 20.17 -25.77
N VAL D 211 -25.73 20.04 -24.75
CA VAL D 211 -25.32 18.73 -24.28
C VAL D 211 -25.48 18.73 -22.76
N MET D 212 -26.23 17.76 -22.22
CA MET D 212 -26.41 17.61 -20.78
C MET D 212 -26.50 16.15 -20.34
N GLN D 213 -26.03 15.90 -19.11
CA GLN D 213 -26.09 14.59 -18.49
C GLN D 213 -27.08 14.59 -17.33
N PHE D 214 -27.62 13.42 -17.01
CA PHE D 214 -28.42 13.26 -15.79
C PHE D 214 -28.28 11.88 -15.15
N THR D 215 -28.08 11.85 -13.84
CA THR D 215 -27.82 10.61 -13.11
C THR D 215 -28.02 10.86 -11.61
N ASN D 216 -28.33 9.82 -10.86
CA ASN D 216 -28.29 9.98 -9.41
C ASN D 216 -27.08 9.27 -8.81
N SER D 217 -26.06 9.03 -9.63
CA SER D 217 -24.88 8.29 -9.16
C SER D 217 -23.66 9.17 -8.84
N VAL D 218 -23.77 10.48 -9.07
CA VAL D 218 -22.59 11.35 -9.00
C VAL D 218 -22.63 12.33 -7.84
N THR D 219 -21.56 12.34 -7.05
CA THR D 219 -21.41 13.30 -5.96
C THR D 219 -20.21 14.23 -6.18
N THR D 220 -20.39 15.51 -5.85
CA THR D 220 -19.31 16.48 -5.85
C THR D 220 -18.93 16.76 -4.40
N VAL D 221 -17.63 16.64 -4.11
CA VAL D 221 -17.06 16.91 -2.78
C VAL D 221 -16.62 18.38 -2.67
N LEU D 222 -17.03 19.03 -1.59
CA LEU D 222 -16.88 20.49 -1.43
C LEU D 222 -15.71 20.93 -0.53
N LEU D 223 -14.93 20.00 0.00
CA LEU D 223 -13.82 20.35 0.88
C LEU D 223 -12.68 21.01 0.10
N ASP D 224 -12.05 22.04 0.66
CA ASP D 224 -10.89 22.63 -0.01
C ASP D 224 -9.63 21.81 0.27
N GLU D 225 -8.45 22.34 -0.07
CA GLU D 225 -7.21 21.58 0.09
C GLU D 225 -6.86 21.28 1.55
N ASN D 226 -7.44 22.04 2.48
CA ASN D 226 -7.26 21.76 3.91
C ASN D 226 -8.33 20.84 4.49
N GLY D 227 -9.17 20.27 3.62
CA GLY D 227 -10.25 19.39 4.05
C GLY D 227 -11.40 20.10 4.76
N VAL D 228 -11.62 21.36 4.40
CA VAL D 228 -12.68 22.17 5.02
C VAL D 228 -13.66 22.64 3.95
N GLY D 229 -14.93 22.35 4.15
CA GLY D 229 -15.97 22.80 3.24
C GLY D 229 -16.43 24.21 3.59
N PRO D 230 -17.41 24.75 2.84
CA PRO D 230 -18.00 26.05 3.23
C PRO D 230 -18.64 26.01 4.63
N LEU D 231 -18.44 27.08 5.41
CA LEU D 231 -18.94 27.17 6.78
C LEU D 231 -20.10 28.17 6.88
N CYS D 232 -21.23 27.71 7.40
CA CYS D 232 -22.50 28.42 7.28
C CYS D 232 -22.65 29.49 8.33
N LYS D 233 -22.40 30.73 7.92
CA LYS D 233 -22.45 31.87 8.83
C LYS D 233 -23.90 32.15 9.25
N GLY D 234 -24.12 32.29 10.55
CA GLY D 234 -25.46 32.45 11.12
C GLY D 234 -26.37 31.28 10.77
N ASP D 235 -25.79 30.09 10.64
CA ASP D 235 -26.54 28.86 10.34
C ASP D 235 -27.32 28.95 9.00
N LYS D 236 -26.75 29.68 8.04
CA LYS D 236 -27.35 29.93 6.73
C LYS D 236 -26.56 29.31 5.58
N LEU D 237 -27.25 28.51 4.76
CA LEU D 237 -26.64 27.88 3.59
C LEU D 237 -27.12 28.56 2.31
N PHE D 238 -26.18 29.09 1.53
CA PHE D 238 -26.49 29.75 0.25
C PHE D 238 -26.31 28.83 -0.99
N LEU D 239 -27.42 28.55 -1.68
CA LEU D 239 -27.40 27.84 -2.96
C LEU D 239 -27.67 28.83 -4.09
N SER D 240 -26.88 28.70 -5.14
CA SER D 240 -27.01 29.56 -6.31
C SER D 240 -26.87 28.77 -7.58
N ALA D 241 -27.45 29.29 -8.65
CA ALA D 241 -27.53 28.56 -9.92
C ALA D 241 -27.95 29.44 -11.08
N VAL D 242 -27.49 29.06 -12.27
CA VAL D 242 -28.14 29.44 -13.52
C VAL D 242 -28.00 28.27 -14.48
N ASP D 243 -29.06 27.97 -15.21
CA ASP D 243 -29.02 26.87 -16.15
C ASP D 243 -29.74 27.24 -17.44
N ILE D 244 -29.04 28.02 -18.27
CA ILE D 244 -29.56 28.43 -19.58
C ILE D 244 -29.23 27.31 -20.56
N VAL D 245 -30.27 26.72 -21.16
CA VAL D 245 -30.06 25.52 -21.99
C VAL D 245 -30.14 25.83 -23.48
N GLY D 246 -30.35 27.10 -23.79
CA GLY D 246 -30.30 27.56 -25.16
C GLY D 246 -31.38 28.58 -25.46
N ILE D 247 -31.69 28.70 -26.73
CA ILE D 247 -32.57 29.73 -27.26
C ILE D 247 -33.67 29.02 -28.05
N HIS D 248 -34.94 29.39 -27.84
CA HIS D 248 -36.02 28.89 -28.71
C HIS D 248 -36.36 29.93 -29.72
N THR D 249 -36.48 29.54 -30.97
CA THR D 249 -36.83 30.49 -32.03
C THR D 249 -38.29 30.26 -32.39
N ASN D 250 -39.05 31.37 -32.44
CA ASN D 250 -40.44 31.32 -32.83
C ASN D 250 -40.54 31.40 -34.33
N TYR D 251 -41.72 31.08 -34.85
CA TYR D 251 -41.96 31.15 -36.29
C TYR D 251 -41.63 32.53 -36.87
N SER D 252 -41.95 33.59 -36.13
CA SER D 252 -41.62 34.96 -36.53
C SER D 252 -40.11 35.25 -36.50
N GLU D 253 -39.31 34.29 -36.01
CA GLU D 253 -37.87 34.44 -35.84
C GLU D 253 -37.48 35.26 -34.60
N SER D 254 -38.48 35.73 -33.85
CA SER D 254 -38.18 36.27 -32.52
C SER D 254 -37.63 35.12 -31.66
N GLN D 255 -36.87 35.45 -30.62
CA GLN D 255 -36.16 34.42 -29.86
C GLN D 255 -36.25 34.59 -28.34
N ASN D 256 -36.32 33.46 -27.64
CA ASN D 256 -36.45 33.42 -26.17
C ASN D 256 -35.42 32.47 -25.55
N TRP D 257 -34.69 32.95 -24.54
CA TRP D 257 -33.82 32.10 -23.73
C TRP D 257 -34.66 31.09 -23.05
N ARG D 258 -34.13 29.88 -22.91
CA ARG D 258 -34.82 28.82 -22.18
C ARG D 258 -33.94 28.38 -21.03
N GLY D 259 -34.54 28.22 -19.86
CA GLY D 259 -33.83 27.75 -18.67
C GLY D 259 -34.54 26.58 -18.05
N LEU D 260 -33.79 25.78 -17.28
CA LEU D 260 -34.34 24.64 -16.54
C LEU D 260 -34.00 24.74 -15.05
N PRO D 261 -34.81 24.10 -14.18
CA PRO D 261 -34.57 24.12 -12.75
C PRO D 261 -33.42 23.23 -12.34
N ARG D 262 -32.84 23.54 -11.18
CA ARG D 262 -31.75 22.75 -10.63
C ARG D 262 -32.08 22.25 -9.22
N TYR D 263 -31.83 20.97 -8.99
CA TYR D 263 -32.04 20.33 -7.69
C TYR D 263 -30.71 20.28 -6.93
N PHE D 264 -30.78 20.42 -5.61
CA PHE D 264 -29.61 20.29 -4.75
C PHE D 264 -29.91 19.29 -3.65
N ASN D 265 -28.93 18.44 -3.32
CA ASN D 265 -28.96 17.65 -2.09
C ASN D 265 -27.63 17.80 -1.40
N VAL D 266 -27.60 18.55 -0.30
CA VAL D 266 -26.34 18.90 0.38
C VAL D 266 -26.18 18.14 1.71
N THR D 267 -25.04 17.50 1.88
CA THR D 267 -24.71 16.84 3.14
C THR D 267 -23.81 17.79 3.96
N LEU D 268 -24.16 17.98 5.23
CA LEU D 268 -23.42 18.86 6.14
C LEU D 268 -23.04 18.14 7.43
N ARG D 269 -22.04 18.68 8.11
CA ARG D 269 -21.49 18.09 9.34
C ARG D 269 -21.05 19.23 10.22
N LYS D 270 -20.93 18.99 11.53
CA LYS D 270 -20.59 20.06 12.46
C LYS D 270 -19.07 20.26 12.54
N ARG D 271 -18.66 21.53 12.52
CA ARG D 271 -17.25 21.90 12.58
C ARG D 271 -16.97 22.85 13.76
N VAL D 272 -16.04 22.45 14.61
CA VAL D 272 -15.59 23.31 15.71
C VAL D 272 -14.78 24.49 15.18
N VAL D 273 -15.14 25.69 15.66
CA VAL D 273 -14.31 26.87 15.45
C VAL D 273 -13.96 27.48 16.79
N LYS D 274 -12.88 28.25 16.81
CA LYS D 274 -12.53 29.06 17.98
C LYS D 274 -13.46 30.29 18.03
N ASN D 275 -14.00 30.58 19.21
CA ASN D 275 -14.93 31.70 19.38
C ASN D 275 -14.22 33.01 19.08
N PRO D 276 -14.63 33.71 17.99
CA PRO D 276 -13.88 34.88 17.57
C PRO D 276 -14.06 36.10 18.50
N TYR D 277 -14.91 35.97 19.51
CA TYR D 277 -15.10 37.02 20.52
C TYR D 277 -15.30 36.45 21.92
N VAL E 7 -36.70 1.10 6.49
CA VAL E 7 -36.36 -0.36 6.50
C VAL E 7 -34.85 -0.53 6.66
N GLU E 8 -34.46 -1.17 7.76
CA GLU E 8 -33.05 -1.24 8.14
C GLU E 8 -32.32 -2.29 7.31
N VAL E 9 -31.27 -1.86 6.61
CA VAL E 9 -30.46 -2.76 5.78
C VAL E 9 -29.29 -3.35 6.58
N LEU E 10 -29.11 -4.66 6.50
CA LEU E 10 -28.02 -5.32 7.19
C LEU E 10 -26.99 -5.86 6.20
N GLU E 11 -26.25 -6.89 6.57
CA GLU E 11 -25.13 -7.36 5.75
C GLU E 11 -25.56 -8.14 4.51
N VAL E 12 -24.61 -8.36 3.61
CA VAL E 12 -24.78 -9.28 2.48
C VAL E 12 -24.76 -10.75 2.94
N ARG E 13 -25.68 -11.55 2.38
CA ARG E 13 -25.70 -12.97 2.66
C ARG E 13 -24.62 -13.70 1.84
N THR E 14 -23.79 -14.50 2.49
CA THR E 14 -22.78 -15.31 1.78
C THR E 14 -23.30 -16.71 1.52
N GLY E 15 -22.46 -17.56 0.94
CA GLY E 15 -22.77 -18.99 0.72
C GLY E 15 -22.83 -19.35 -0.74
N PRO E 16 -23.12 -20.62 -1.06
CA PRO E 16 -23.43 -20.98 -2.45
C PRO E 16 -24.76 -20.36 -2.85
N ASP E 17 -24.99 -20.22 -4.15
CA ASP E 17 -26.29 -19.76 -4.67
C ASP E 17 -26.74 -18.42 -4.11
N ALA E 18 -25.80 -17.60 -3.67
CA ALA E 18 -26.12 -16.25 -3.16
C ALA E 18 -26.22 -15.21 -4.29
N ILE E 19 -25.80 -15.62 -5.49
CA ILE E 19 -25.74 -14.75 -6.66
C ILE E 19 -26.70 -15.23 -7.73
N THR E 20 -27.37 -14.30 -8.41
CA THR E 20 -28.05 -14.64 -9.64
C THR E 20 -27.77 -13.59 -10.73
N GLN E 21 -28.25 -13.86 -11.94
CA GLN E 21 -27.99 -13.01 -13.08
C GLN E 21 -29.19 -13.07 -13.99
N ILE E 22 -29.70 -11.92 -14.43
CA ILE E 22 -30.77 -11.93 -15.43
C ILE E 22 -30.39 -11.13 -16.67
N GLU E 23 -31.09 -11.41 -17.76
CA GLU E 23 -30.93 -10.63 -18.98
C GLU E 23 -32.29 -10.40 -19.59
N ALA E 24 -32.45 -9.23 -20.22
CA ALA E 24 -33.68 -8.87 -20.87
C ALA E 24 -33.38 -7.83 -21.95
N TYR E 25 -34.33 -7.64 -22.85
CA TYR E 25 -34.24 -6.50 -23.76
C TYR E 25 -35.54 -5.69 -23.73
N LEU E 26 -35.44 -4.38 -23.96
CA LEU E 26 -36.59 -3.50 -24.01
C LEU E 26 -36.65 -2.89 -25.41
N ASN E 27 -37.78 -3.06 -26.09
CA ASN E 27 -38.00 -2.45 -27.41
C ASN E 27 -38.42 -0.98 -27.29
N PRO E 28 -37.96 -0.13 -28.22
CA PRO E 28 -38.25 1.31 -28.19
C PRO E 28 -39.75 1.60 -28.35
N ARG E 29 -40.18 2.70 -27.72
CA ARG E 29 -41.57 3.11 -27.83
C ARG E 29 -41.62 4.54 -28.36
N MET E 30 -41.44 4.65 -29.68
CA MET E 30 -41.29 5.94 -30.32
C MET E 30 -42.62 6.53 -30.77
N GLY E 31 -43.67 5.72 -30.77
CA GLY E 31 -45.00 6.19 -31.12
C GLY E 31 -45.77 5.07 -31.82
N ASN E 32 -45.12 4.43 -32.81
CA ASN E 32 -45.61 3.20 -33.40
C ASN E 32 -45.11 2.04 -32.53
N ASN E 33 -45.91 1.69 -31.53
CA ASN E 33 -45.50 0.77 -30.46
C ASN E 33 -45.97 -0.69 -30.60
N ASN E 34 -46.65 -0.98 -31.70
CA ASN E 34 -47.10 -2.36 -31.99
C ASN E 34 -46.19 -3.01 -33.03
N PRO E 35 -45.64 -4.20 -32.74
CA PRO E 35 -44.79 -4.98 -33.64
C PRO E 35 -45.26 -5.07 -35.09
N THR E 36 -46.57 -4.98 -35.34
CA THR E 36 -47.07 -5.09 -36.71
C THR E 36 -47.19 -3.75 -37.43
N ASP E 37 -46.96 -2.64 -36.73
CA ASP E 37 -46.94 -1.33 -37.35
C ASP E 37 -45.89 -1.27 -38.44
N GLU E 38 -46.27 -0.76 -39.60
CA GLU E 38 -45.33 -0.55 -40.70
C GLU E 38 -44.08 0.22 -40.24
N LEU E 39 -44.29 1.23 -39.40
CA LEU E 39 -43.21 2.07 -38.85
C LEU E 39 -42.80 1.75 -37.42
N TYR E 40 -42.95 0.51 -36.99
CA TYR E 40 -42.45 0.08 -35.67
C TYR E 40 -40.99 0.58 -35.44
N GLY E 41 -40.69 1.06 -34.25
CA GLY E 41 -39.36 1.63 -33.97
C GLY E 41 -39.16 3.09 -34.35
N TYR E 42 -40.21 3.69 -34.88
CA TYR E 42 -40.23 5.08 -35.30
C TYR E 42 -41.52 5.72 -34.78
N SER E 43 -41.51 7.03 -34.59
CA SER E 43 -42.75 7.77 -34.36
C SER E 43 -43.50 7.91 -35.69
N ALA E 44 -44.79 8.25 -35.64
CA ALA E 44 -45.49 8.70 -36.83
C ALA E 44 -44.96 10.07 -37.23
N ASP E 45 -45.25 10.51 -38.45
CA ASP E 45 -44.82 11.83 -38.93
C ASP E 45 -45.17 12.88 -37.89
N ILE E 46 -44.17 13.66 -37.45
CA ILE E 46 -44.38 14.70 -36.46
C ILE E 46 -45.46 15.67 -36.95
N ASN E 47 -46.53 15.84 -36.17
CA ASN E 47 -47.51 16.91 -36.43
C ASN E 47 -47.23 18.13 -35.54
N VAL E 48 -46.88 19.24 -36.19
CA VAL E 48 -46.42 20.46 -35.51
C VAL E 48 -47.58 21.35 -35.12
N ALA E 49 -47.42 22.08 -34.01
CA ALA E 49 -48.41 23.09 -33.61
C ALA E 49 -48.51 24.26 -34.59
N SER E 50 -49.74 24.63 -34.96
CA SER E 50 -49.98 25.87 -35.70
C SER E 50 -49.71 27.09 -34.80
N SER E 51 -50.00 26.94 -33.52
CA SER E 51 -49.77 28.00 -32.53
C SER E 51 -49.68 27.36 -31.15
N LYS E 52 -49.19 28.13 -30.17
CA LYS E 52 -48.94 27.62 -28.82
C LYS E 52 -50.22 27.09 -28.18
N ALA E 53 -51.34 27.75 -28.45
CA ALA E 53 -52.63 27.36 -27.89
C ALA E 53 -53.28 26.26 -28.72
N SER E 54 -52.70 25.99 -29.89
CA SER E 54 -53.22 24.97 -30.78
C SER E 54 -52.15 23.92 -31.07
N ASP E 55 -51.93 23.05 -30.08
CA ASP E 55 -50.82 22.11 -30.07
C ASP E 55 -51.36 20.76 -29.62
N ASN E 56 -51.77 19.93 -30.58
CA ASN E 56 -52.32 18.60 -30.28
C ASN E 56 -51.48 17.48 -30.88
N PRO E 57 -50.37 17.15 -30.23
CA PRO E 57 -49.54 16.08 -30.76
C PRO E 57 -50.27 14.74 -30.72
N ASN E 58 -50.33 14.05 -31.85
CA ASN E 58 -50.85 12.67 -31.87
C ASN E 58 -50.03 11.78 -30.94
N ALA E 59 -50.71 10.85 -30.26
CA ALA E 59 -50.06 9.86 -29.41
C ALA E 59 -48.96 9.11 -30.15
N THR E 60 -49.19 8.80 -31.42
CA THR E 60 -48.21 8.06 -32.21
C THR E 60 -46.98 8.88 -32.58
N THR E 61 -46.99 10.17 -32.27
CA THR E 61 -45.84 11.04 -32.57
C THR E 61 -44.95 11.29 -31.36
N LEU E 62 -45.35 10.77 -30.19
CA LEU E 62 -44.65 11.07 -28.92
C LEU E 62 -43.90 9.87 -28.33
N PRO E 63 -42.54 9.93 -28.35
CA PRO E 63 -41.75 8.89 -27.68
C PRO E 63 -42.02 8.79 -26.18
N THR E 64 -42.13 7.55 -25.70
CA THR E 64 -42.43 7.26 -24.30
C THR E 64 -41.33 6.34 -23.74
N TYR E 65 -41.28 6.18 -22.42
CA TYR E 65 -40.27 5.31 -21.81
C TYR E 65 -40.67 3.86 -21.99
N SER E 66 -39.67 2.99 -22.10
CA SER E 66 -39.87 1.55 -22.03
C SER E 66 -39.62 1.14 -20.59
N VAL E 67 -40.34 0.13 -20.13
CA VAL E 67 -40.16 -0.35 -18.76
C VAL E 67 -40.54 -1.81 -18.74
N ALA E 68 -39.71 -2.62 -18.09
CA ALA E 68 -40.00 -4.04 -17.87
C ALA E 68 -39.85 -4.39 -16.38
N VAL E 69 -40.73 -5.27 -15.90
CA VAL E 69 -40.61 -5.84 -14.56
C VAL E 69 -40.15 -7.30 -14.72
N ILE E 70 -39.01 -7.62 -14.12
CA ILE E 70 -38.50 -8.99 -14.15
C ILE E 70 -38.79 -9.63 -12.78
N LYS E 71 -39.46 -10.78 -12.78
CA LYS E 71 -39.74 -11.49 -11.54
C LYS E 71 -38.58 -12.44 -11.15
N LEU E 72 -38.06 -12.23 -9.95
CA LEU E 72 -36.89 -12.94 -9.42
C LEU E 72 -37.28 -14.10 -8.51
N PRO E 73 -36.42 -15.13 -8.37
CA PRO E 73 -36.75 -16.23 -7.47
C PRO E 73 -37.17 -15.71 -6.08
N MET E 74 -38.25 -16.26 -5.54
CA MET E 74 -38.76 -15.91 -4.21
C MET E 74 -37.72 -16.24 -3.15
N LEU E 75 -37.56 -15.35 -2.17
CA LEU E 75 -36.48 -15.48 -1.19
C LEU E 75 -36.96 -15.85 0.20
N ASN E 76 -38.19 -15.46 0.51
CA ASN E 76 -38.71 -15.64 1.85
C ASN E 76 -39.98 -16.49 1.83
N GLU E 77 -39.81 -17.78 2.13
CA GLU E 77 -40.92 -18.73 2.19
C GLU E 77 -41.71 -18.53 3.48
N ASP E 78 -41.03 -17.98 4.47
CA ASP E 78 -41.61 -17.66 5.77
C ASP E 78 -41.49 -16.15 5.98
N MET E 79 -42.59 -15.40 5.86
CA MET E 79 -42.49 -13.95 5.93
C MET E 79 -42.55 -13.37 7.29
N THR E 80 -42.26 -14.16 8.30
CA THR E 80 -42.29 -13.65 9.64
C THR E 80 -40.96 -13.72 10.32
N CYS E 81 -39.92 -14.18 9.63
CA CYS E 81 -38.64 -14.37 10.26
C CYS E 81 -38.19 -13.06 10.73
N ASP E 82 -37.26 -13.07 11.64
CA ASP E 82 -36.80 -11.85 12.21
C ASP E 82 -35.97 -11.02 11.23
N THR E 83 -35.33 -11.69 10.29
CA THR E 83 -34.69 -11.01 9.21
C THR E 83 -35.17 -11.59 7.91
N LEU E 84 -35.18 -10.76 6.89
CA LEU E 84 -35.58 -11.21 5.57
C LEU E 84 -34.45 -10.92 4.59
N LEU E 85 -34.55 -11.55 3.43
CA LEU E 85 -33.62 -11.34 2.36
C LEU E 85 -34.29 -10.52 1.28
N MET E 86 -33.49 -9.76 0.55
CA MET E 86 -33.92 -9.07 -0.66
C MET E 86 -32.81 -9.25 -1.69
N TRP E 87 -33.22 -9.35 -2.96
CA TRP E 87 -32.30 -9.30 -4.09
C TRP E 87 -31.75 -7.91 -4.27
N GLU E 88 -30.42 -7.80 -4.26
CA GLU E 88 -29.72 -6.53 -4.43
C GLU E 88 -29.04 -6.50 -5.81
N ALA E 89 -29.38 -5.51 -6.62
CA ALA E 89 -28.80 -5.38 -7.96
C ALA E 89 -27.41 -4.74 -7.79
N VAL E 90 -26.38 -5.47 -8.20
CA VAL E 90 -24.99 -5.09 -7.94
C VAL E 90 -24.32 -4.39 -9.13
N SER E 91 -24.60 -4.88 -10.32
CA SER E 91 -23.98 -4.39 -11.54
C SER E 91 -24.81 -4.77 -12.76
N VAL E 92 -24.50 -4.11 -13.88
CA VAL E 92 -25.27 -4.25 -15.10
C VAL E 92 -24.35 -3.98 -16.28
N LYS E 93 -24.49 -4.81 -17.30
CA LYS E 93 -23.90 -4.52 -18.60
C LYS E 93 -25.09 -4.21 -19.45
N THR E 94 -25.04 -3.08 -20.12
CA THR E 94 -26.13 -2.69 -20.96
C THR E 94 -25.64 -2.21 -22.34
N GLU E 95 -26.43 -2.51 -23.37
CA GLU E 95 -26.04 -2.24 -24.76
C GLU E 95 -27.25 -1.74 -25.55
N VAL E 96 -27.04 -0.71 -26.37
CA VAL E 96 -28.07 -0.25 -27.32
C VAL E 96 -27.79 -1.07 -28.56
N MET E 97 -28.78 -1.88 -28.98
CA MET E 97 -28.55 -2.84 -30.09
C MET E 97 -28.93 -2.29 -31.46
N GLY E 98 -28.34 -2.87 -32.50
CA GLY E 98 -28.62 -2.42 -33.86
C GLY E 98 -28.10 -1.05 -34.24
N ILE E 99 -27.09 -0.55 -33.53
CA ILE E 99 -26.52 0.77 -33.86
C ILE E 99 -26.13 0.86 -35.35
N SER E 100 -25.59 -0.22 -35.90
CA SER E 100 -25.05 -0.17 -37.27
C SER E 100 -26.18 -0.07 -38.30
N SER E 101 -27.41 -0.33 -37.88
CA SER E 101 -28.53 -0.18 -38.81
C SER E 101 -28.67 1.26 -39.33
N LEU E 102 -28.10 2.22 -38.60
CA LEU E 102 -28.05 3.63 -39.04
C LEU E 102 -27.04 3.89 -40.16
N VAL E 103 -26.13 2.94 -40.39
CA VAL E 103 -25.07 3.13 -41.40
C VAL E 103 -25.65 2.71 -42.73
N ASN E 104 -26.44 3.61 -43.32
CA ASN E 104 -27.35 3.30 -44.41
C ASN E 104 -27.65 4.62 -45.15
N LEU E 105 -27.20 4.69 -46.40
CA LEU E 105 -27.38 5.88 -47.23
C LEU E 105 -28.37 5.67 -48.37
N HIS E 106 -29.03 4.54 -48.37
CA HIS E 106 -29.95 4.22 -49.50
C HIS E 106 -31.44 4.28 -49.14
N GLN E 107 -31.74 4.32 -47.85
CA GLN E 107 -33.13 4.38 -47.37
C GLN E 107 -33.85 5.56 -48.05
N GLY E 108 -35.13 5.40 -48.38
CA GLY E 108 -35.90 6.54 -48.90
C GLY E 108 -35.76 7.77 -48.01
N GLY E 109 -35.56 8.94 -48.61
CA GLY E 109 -35.53 10.18 -47.81
C GLY E 109 -35.06 11.42 -48.54
N LYS E 110 -34.41 12.31 -47.80
CA LYS E 110 -33.99 13.57 -48.37
C LYS E 110 -32.53 13.45 -48.83
N TYR E 111 -32.27 13.86 -50.08
CA TYR E 111 -30.93 13.81 -50.64
C TYR E 111 -29.94 14.69 -49.88
N ILE E 112 -28.74 14.15 -49.69
CA ILE E 112 -27.62 14.90 -49.07
C ILE E 112 -27.26 16.12 -49.93
N TYR E 113 -27.03 15.89 -51.22
CA TYR E 113 -26.79 16.99 -52.14
C TYR E 113 -27.97 16.99 -53.12
N GLY E 114 -27.73 16.77 -54.41
CA GLY E 114 -28.85 16.57 -55.37
C GLY E 114 -29.30 15.12 -55.48
N SER E 115 -30.09 14.80 -56.51
CA SER E 115 -30.70 13.48 -56.63
C SER E 115 -29.75 12.37 -57.04
N SER E 116 -28.50 12.70 -57.31
CA SER E 116 -27.48 11.69 -57.58
C SER E 116 -26.82 11.12 -56.32
N SER E 117 -27.07 11.75 -55.18
CA SER E 117 -26.31 11.49 -53.93
C SER E 117 -27.05 10.54 -53.00
N GLY E 118 -26.44 10.12 -51.91
CA GLY E 118 -27.17 9.37 -50.88
C GLY E 118 -28.20 10.22 -50.13
N THR E 119 -29.00 9.60 -49.28
CA THR E 119 -29.95 10.37 -48.46
C THR E 119 -29.46 10.63 -47.03
N ILE E 120 -30.00 11.66 -46.40
CA ILE E 120 -29.55 12.07 -45.08
C ILE E 120 -29.91 11.00 -44.07
N PRO E 121 -28.93 10.55 -43.29
CA PRO E 121 -29.20 9.53 -42.31
C PRO E 121 -29.86 10.12 -41.07
N VAL E 122 -30.28 9.25 -40.16
CA VAL E 122 -30.85 9.65 -38.87
C VAL E 122 -29.90 10.57 -38.11
N GLN E 123 -30.38 11.77 -37.76
CA GLN E 123 -29.54 12.73 -37.05
C GLN E 123 -30.40 13.69 -36.26
N GLY E 124 -29.76 14.56 -35.48
CA GLY E 124 -30.50 15.50 -34.62
C GLY E 124 -30.56 14.98 -33.19
N THR E 125 -31.57 15.44 -32.47
CA THR E 125 -31.71 15.21 -31.02
C THR E 125 -31.60 13.75 -30.64
N THR E 126 -30.74 13.46 -29.68
CA THR E 126 -30.65 12.14 -29.08
C THR E 126 -30.93 12.18 -27.58
N LEU E 127 -31.53 11.13 -27.06
CA LEU E 127 -31.78 10.98 -25.64
C LEU E 127 -31.59 9.52 -25.27
N HIS E 128 -30.63 9.26 -24.40
CA HIS E 128 -30.36 7.91 -23.91
C HIS E 128 -30.48 7.89 -22.44
N MET E 129 -31.27 6.96 -21.94
CA MET E 129 -31.38 6.77 -20.51
C MET E 129 -31.57 5.30 -20.18
N PHE E 130 -30.92 4.85 -19.11
CA PHE E 130 -31.32 3.60 -18.49
C PHE E 130 -31.36 3.70 -16.97
N SER E 131 -32.15 2.81 -16.39
CA SER E 131 -32.29 2.71 -14.95
C SER E 131 -32.58 1.26 -14.56
N VAL E 132 -32.10 0.95 -13.36
CA VAL E 132 -32.31 -0.33 -12.72
C VAL E 132 -32.73 -0.01 -11.29
N GLY E 133 -33.92 -0.51 -10.91
CA GLY E 133 -34.43 -0.29 -9.56
C GLY E 133 -35.17 -1.46 -8.97
N GLY E 134 -35.36 -1.43 -7.66
CA GLY E 134 -36.16 -2.44 -6.97
C GLY E 134 -37.62 -2.03 -6.83
N GLU E 135 -38.01 -1.03 -7.63
CA GLU E 135 -39.37 -0.45 -7.60
C GLU E 135 -39.44 0.48 -8.81
N PRO E 136 -40.64 1.03 -9.13
CA PRO E 136 -40.75 1.86 -10.34
C PRO E 136 -39.99 3.18 -10.24
N LEU E 137 -39.41 3.59 -11.37
CA LEU E 137 -38.71 4.85 -11.48
C LEU E 137 -39.65 6.02 -11.14
N GLU E 138 -39.18 6.92 -10.27
CA GLU E 138 -39.95 8.09 -9.87
C GLU E 138 -39.67 9.29 -10.77
N LEU E 139 -40.76 9.94 -11.20
CA LEU E 139 -40.72 10.95 -12.25
C LEU E 139 -41.15 12.35 -11.80
N GLN E 140 -40.56 13.33 -12.46
CA GLN E 140 -40.93 14.71 -12.28
C GLN E 140 -41.40 15.19 -13.64
N GLY E 141 -42.56 15.83 -13.65
CA GLY E 141 -43.15 16.37 -14.86
C GLY E 141 -42.67 17.78 -15.10
N LEU E 142 -42.34 18.08 -16.35
CA LEU E 142 -41.97 19.43 -16.76
C LEU E 142 -42.04 19.45 -18.26
N VAL E 143 -42.68 20.48 -18.82
CA VAL E 143 -42.92 20.55 -20.25
C VAL E 143 -42.38 21.85 -20.86
N ALA E 144 -42.15 21.82 -22.18
CA ALA E 144 -41.84 23.03 -22.95
C ALA E 144 -43.02 24.02 -22.96
N SER E 145 -44.25 23.52 -23.09
CA SER E 145 -45.43 24.38 -23.16
C SER E 145 -46.61 23.85 -22.36
N SER E 146 -47.08 24.63 -21.40
CA SER E 146 -48.20 24.20 -20.55
C SER E 146 -49.57 24.25 -21.24
N THR E 147 -49.61 24.77 -22.46
CA THR E 147 -50.85 24.85 -23.21
C THR E 147 -51.02 23.70 -24.22
N THR E 148 -50.05 22.79 -24.28
CA THR E 148 -50.17 21.62 -25.15
C THR E 148 -51.30 20.74 -24.65
N THR E 149 -52.13 20.24 -25.57
CA THR E 149 -53.14 19.24 -25.26
C THR E 149 -52.60 17.86 -25.61
N TYR E 150 -52.25 17.09 -24.58
CA TYR E 150 -51.75 15.73 -24.78
C TYR E 150 -52.91 14.75 -24.98
N PRO E 151 -52.65 13.65 -25.68
CA PRO E 151 -53.70 12.62 -25.82
C PRO E 151 -54.08 11.98 -24.47
N THR E 152 -55.36 11.71 -24.31
CA THR E 152 -55.88 11.20 -23.03
C THR E 152 -55.45 9.77 -22.70
N ASP E 153 -55.18 8.95 -23.72
CA ASP E 153 -54.71 7.58 -23.48
CA ASP E 153 -54.69 7.58 -23.52
C ASP E 153 -53.23 7.51 -23.01
N MET E 154 -52.61 8.67 -22.80
CA MET E 154 -51.24 8.72 -22.30
C MET E 154 -51.28 9.24 -20.88
N VAL E 155 -50.21 9.03 -20.11
CA VAL E 155 -50.14 9.59 -18.76
C VAL E 155 -49.33 10.88 -18.79
N THR E 156 -49.99 12.01 -18.55
CA THR E 156 -49.30 13.29 -18.51
C THR E 156 -49.71 14.07 -17.27
N ILE E 157 -49.28 15.33 -17.17
CA ILE E 157 -49.56 16.15 -15.99
C ILE E 157 -51.03 16.59 -16.01
N LYS E 158 -51.73 16.33 -14.91
CA LYS E 158 -53.13 16.73 -14.76
C LYS E 158 -53.26 18.25 -14.55
N ASN E 159 -54.18 18.88 -15.30
CA ASN E 159 -54.48 20.33 -15.18
C ASN E 159 -53.25 21.25 -15.20
N MET E 160 -52.56 21.26 -16.33
CA MET E 160 -51.32 22.02 -16.48
C MET E 160 -51.52 23.52 -16.34
N LYS E 161 -50.55 24.18 -15.72
CA LYS E 161 -50.49 25.64 -15.61
C LYS E 161 -49.07 26.06 -16.01
N PRO E 162 -48.85 27.37 -16.28
CA PRO E 162 -47.54 27.84 -16.71
C PRO E 162 -46.36 27.42 -15.80
N VAL E 163 -46.65 27.15 -14.52
CA VAL E 163 -45.65 26.68 -13.55
C VAL E 163 -44.99 25.35 -14.02
N ASN E 164 -45.74 24.59 -14.82
CA ASN E 164 -45.28 23.30 -15.32
C ASN E 164 -44.24 23.39 -16.42
N GLN E 165 -43.93 24.61 -16.87
CA GLN E 165 -42.79 24.87 -17.74
C GLN E 165 -41.48 24.95 -16.95
N ALA E 166 -41.62 24.77 -15.64
CA ALA E 166 -40.53 24.70 -14.70
C ALA E 166 -40.98 23.72 -13.63
N LEU E 167 -40.49 23.89 -12.41
CA LEU E 167 -40.66 22.87 -11.38
C LEU E 167 -41.88 23.12 -10.53
N ASP E 168 -42.86 22.25 -10.70
CA ASP E 168 -44.06 22.21 -9.87
C ASP E 168 -43.93 20.92 -9.05
N PRO E 169 -43.69 21.05 -7.74
CA PRO E 169 -43.44 19.88 -6.91
C PRO E 169 -44.63 18.92 -6.82
N ASN E 170 -45.80 19.33 -7.32
CA ASN E 170 -46.97 18.43 -7.36
C ASN E 170 -47.03 17.56 -8.62
N ALA E 171 -46.24 17.88 -9.63
CA ALA E 171 -46.23 17.09 -10.86
C ALA E 171 -45.28 15.91 -10.73
N LYS E 172 -45.71 14.84 -10.04
CA LYS E 172 -44.90 13.60 -9.92
C LYS E 172 -45.63 12.36 -10.47
N ALA E 173 -44.87 11.33 -10.82
CA ALA E 173 -45.47 10.08 -11.29
C ALA E 173 -44.52 8.90 -11.08
N LEU E 174 -45.04 7.70 -11.33
CA LEU E 174 -44.26 6.47 -11.26
C LEU E 174 -44.22 5.87 -12.65
N LEU E 175 -43.04 5.47 -13.12
CA LEU E 175 -42.92 4.80 -14.41
C LEU E 175 -43.39 3.38 -14.25
N ASP E 176 -44.69 3.19 -14.40
CA ASP E 176 -45.29 1.90 -14.11
C ASP E 176 -46.03 1.26 -15.28
N LYS E 177 -45.92 1.85 -16.47
CA LYS E 177 -46.55 1.33 -17.67
C LYS E 177 -45.60 1.54 -18.86
N ASP E 178 -45.43 0.50 -19.67
CA ASP E 178 -44.59 0.57 -20.85
C ASP E 178 -45.30 1.38 -21.94
N GLY E 179 -44.59 2.36 -22.49
CA GLY E 179 -45.10 3.12 -23.65
C GLY E 179 -46.29 4.06 -23.42
N LYS E 180 -46.30 4.73 -22.27
CA LYS E 180 -47.44 5.57 -21.88
C LYS E 180 -47.01 6.94 -21.33
N TYR E 181 -45.80 7.01 -20.77
CA TYR E 181 -45.25 8.22 -20.20
C TYR E 181 -44.35 8.90 -21.24
N PRO E 182 -44.80 10.02 -21.84
CA PRO E 182 -43.95 10.68 -22.85
C PRO E 182 -42.68 11.28 -22.26
N VAL E 183 -41.55 11.15 -22.98
CA VAL E 183 -40.28 11.69 -22.47
C VAL E 183 -40.25 13.23 -22.37
N GLU E 184 -41.00 13.91 -23.23
CA GLU E 184 -41.05 15.38 -23.25
C GLU E 184 -41.87 15.93 -22.07
N VAL E 185 -42.49 15.02 -21.33
CA VAL E 185 -43.27 15.39 -20.16
C VAL E 185 -42.58 14.92 -18.88
N TRP E 186 -42.05 13.70 -18.86
CA TRP E 186 -41.45 13.15 -17.63
C TRP E 186 -39.97 12.95 -17.70
N SER E 187 -39.28 13.23 -16.60
CA SER E 187 -37.87 12.91 -16.44
C SER E 187 -37.64 12.30 -15.04
N PRO E 188 -36.49 11.62 -14.80
CA PRO E 188 -36.30 11.01 -13.48
C PRO E 188 -36.20 12.06 -12.39
N ASP E 189 -36.83 11.80 -11.25
CA ASP E 189 -36.97 12.79 -10.19
C ASP E 189 -35.81 12.64 -9.19
N PRO E 190 -34.82 13.56 -9.22
CA PRO E 190 -33.62 13.38 -8.39
C PRO E 190 -33.87 13.50 -6.89
N SER E 191 -35.01 14.06 -6.51
CA SER E 191 -35.36 14.19 -5.09
C SER E 191 -35.89 12.89 -4.52
N LYS E 192 -36.20 11.93 -5.39
CA LYS E 192 -36.58 10.61 -4.93
C LYS E 192 -35.59 9.59 -5.49
N ASN E 193 -36.06 8.42 -5.92
CA ASN E 193 -35.20 7.40 -6.51
C ASN E 193 -34.04 6.91 -5.63
N GLU E 194 -34.29 6.87 -4.32
CA GLU E 194 -33.37 6.27 -3.35
C GLU E 194 -33.06 4.81 -3.69
N ASN E 195 -34.01 4.13 -4.33
CA ASN E 195 -33.89 2.70 -4.59
C ASN E 195 -33.76 2.34 -6.07
N THR E 196 -33.29 3.29 -6.88
CA THR E 196 -33.08 3.09 -8.30
C THR E 196 -31.80 3.79 -8.71
N ARG E 197 -31.04 3.22 -9.62
CA ARG E 197 -29.94 3.95 -10.22
C ARG E 197 -30.32 4.32 -11.63
N TYR E 198 -30.24 5.60 -11.98
CA TYR E 198 -30.47 6.02 -13.37
C TYR E 198 -29.32 6.80 -14.02
N TYR E 199 -29.21 6.70 -15.34
CA TYR E 199 -28.11 7.26 -16.10
C TYR E 199 -28.63 7.79 -17.42
N GLY E 200 -28.42 9.08 -17.66
CA GLY E 200 -28.96 9.73 -18.86
C GLY E 200 -27.96 10.58 -19.60
N SER E 201 -28.18 10.72 -20.90
CA SER E 201 -27.38 11.62 -21.73
C SER E 201 -28.22 12.23 -22.83
N PHE E 202 -28.14 13.55 -22.97
CA PHE E 202 -28.91 14.28 -23.98
C PHE E 202 -28.00 15.13 -24.85
N THR E 203 -28.22 15.08 -26.16
CA THR E 203 -27.64 16.03 -27.09
C THR E 203 -28.76 16.55 -28.04
N GLY E 204 -28.89 17.87 -28.09
CA GLY E 204 -29.96 18.51 -28.84
C GLY E 204 -29.58 18.78 -30.27
N GLY E 205 -30.25 19.77 -30.85
CA GLY E 205 -29.95 20.16 -32.20
C GLY E 205 -30.91 19.58 -33.20
N ALA E 206 -30.97 20.25 -34.33
CA ALA E 206 -31.81 19.82 -35.42
C ALA E 206 -31.10 18.75 -36.27
N THR E 207 -29.79 18.89 -36.45
CA THR E 207 -29.07 18.07 -37.42
C THR E 207 -27.79 17.41 -36.87
N THR E 208 -27.64 17.36 -35.56
CA THR E 208 -26.44 16.86 -34.88
C THR E 208 -26.18 15.38 -35.21
N PRO E 209 -24.91 15.03 -35.53
CA PRO E 209 -24.52 13.62 -35.75
C PRO E 209 -24.64 12.82 -34.44
N PRO E 210 -25.31 11.66 -34.47
CA PRO E 210 -25.36 10.90 -33.21
C PRO E 210 -24.05 10.18 -32.97
N VAL E 211 -23.71 9.91 -31.72
CA VAL E 211 -22.49 9.18 -31.42
C VAL E 211 -22.86 8.08 -30.44
N MET E 212 -22.44 6.84 -30.73
CA MET E 212 -22.74 5.72 -29.86
C MET E 212 -21.59 4.73 -29.86
N GLN E 213 -21.33 4.10 -28.71
CA GLN E 213 -20.39 2.98 -28.66
C GLN E 213 -21.09 1.67 -28.31
N PHE E 214 -20.44 0.56 -28.64
CA PHE E 214 -20.94 -0.75 -28.28
C PHE E 214 -19.76 -1.70 -28.01
N THR E 215 -19.89 -2.48 -26.94
CA THR E 215 -18.84 -3.38 -26.50
C THR E 215 -19.47 -4.35 -25.51
N ASN E 216 -18.83 -5.48 -25.30
CA ASN E 216 -19.25 -6.31 -24.17
C ASN E 216 -18.23 -6.31 -23.04
N SER E 217 -17.40 -5.26 -22.95
CA SER E 217 -16.30 -5.22 -21.97
C SER E 217 -16.56 -4.30 -20.77
N VAL E 218 -17.71 -3.65 -20.76
CA VAL E 218 -17.94 -2.56 -19.82
C VAL E 218 -19.11 -2.87 -18.87
N THR E 219 -18.85 -2.73 -17.57
CA THR E 219 -19.85 -2.92 -16.52
C THR E 219 -20.07 -1.61 -15.74
N THR E 220 -21.33 -1.32 -15.43
CA THR E 220 -21.65 -0.27 -14.49
C THR E 220 -21.98 -0.89 -13.12
N VAL E 221 -21.28 -0.45 -12.07
CA VAL E 221 -21.55 -0.86 -10.68
C VAL E 221 -22.69 -0.02 -10.09
N LEU E 222 -23.67 -0.68 -9.48
CA LEU E 222 -24.91 -0.03 -9.03
C LEU E 222 -24.96 0.25 -7.54
N LEU E 223 -23.87 -0.06 -6.84
CA LEU E 223 -23.82 0.16 -5.41
C LEU E 223 -23.81 1.64 -5.12
N ASP E 224 -24.51 2.05 -4.07
CA ASP E 224 -24.46 3.43 -3.63
C ASP E 224 -23.24 3.64 -2.74
N GLU E 225 -23.13 4.82 -2.13
CA GLU E 225 -21.97 5.19 -1.33
C GLU E 225 -21.81 4.36 -0.06
N ASN E 226 -22.88 3.70 0.39
CA ASN E 226 -22.78 2.77 1.51
C ASN E 226 -22.55 1.32 1.04
N GLY E 227 -22.28 1.17 -0.26
CA GLY E 227 -22.06 -0.13 -0.85
C GLY E 227 -23.34 -0.95 -1.01
N VAL E 228 -24.48 -0.28 -1.14
CA VAL E 228 -25.77 -0.97 -1.25
C VAL E 228 -26.41 -0.67 -2.59
N GLY E 229 -26.78 -1.72 -3.31
CA GLY E 229 -27.48 -1.58 -4.58
C GLY E 229 -28.99 -1.41 -4.41
N PRO E 230 -29.72 -1.17 -5.53
CA PRO E 230 -31.18 -1.23 -5.48
C PRO E 230 -31.69 -2.55 -4.89
N LEU E 231 -32.68 -2.45 -4.01
CA LEU E 231 -33.22 -3.64 -3.34
C LEU E 231 -34.61 -3.97 -3.90
N CYS E 232 -34.76 -5.20 -4.38
CA CYS E 232 -35.96 -5.58 -5.14
C CYS E 232 -37.17 -5.89 -4.27
N LYS E 233 -38.09 -4.93 -4.20
CA LYS E 233 -39.31 -5.10 -3.43
C LYS E 233 -40.21 -6.12 -4.09
N GLY E 234 -40.75 -7.04 -3.27
CA GLY E 234 -41.56 -8.16 -3.76
C GLY E 234 -40.85 -9.04 -4.77
N ASP E 235 -39.52 -9.13 -4.68
CA ASP E 235 -38.69 -9.87 -5.64
C ASP E 235 -38.89 -9.44 -7.11
N LYS E 236 -39.10 -8.13 -7.30
CA LYS E 236 -39.32 -7.56 -8.62
C LYS E 236 -38.26 -6.56 -8.98
N LEU E 237 -37.68 -6.73 -10.15
CA LEU E 237 -36.63 -5.83 -10.63
C LEU E 237 -37.23 -4.96 -11.74
N PHE E 238 -37.06 -3.64 -11.62
CA PHE E 238 -37.56 -2.69 -12.62
C PHE E 238 -36.45 -2.22 -13.54
N LEU E 239 -36.62 -2.44 -14.85
CA LEU E 239 -35.67 -2.00 -15.86
C LEU E 239 -36.37 -0.97 -16.73
N SER E 240 -35.81 0.23 -16.83
CA SER E 240 -36.40 1.28 -17.63
C SER E 240 -35.37 1.82 -18.62
N ALA E 241 -35.87 2.37 -19.74
CA ALA E 241 -35.01 2.94 -20.77
C ALA E 241 -35.71 3.85 -21.77
N VAL E 242 -34.90 4.67 -22.44
CA VAL E 242 -35.28 5.29 -23.70
C VAL E 242 -34.00 5.50 -24.48
N ASP E 243 -34.03 5.16 -25.76
CA ASP E 243 -32.90 5.40 -26.66
C ASP E 243 -33.35 5.97 -28.01
N ILE E 244 -33.57 7.27 -28.00
CA ILE E 244 -33.85 8.03 -29.20
C ILE E 244 -32.51 8.37 -29.84
N VAL E 245 -32.31 7.88 -31.05
CA VAL E 245 -31.00 7.99 -31.73
C VAL E 245 -31.02 9.10 -32.79
N GLY E 246 -32.19 9.69 -33.01
CA GLY E 246 -32.30 10.86 -33.87
C GLY E 246 -33.60 10.96 -34.63
N ILE E 247 -33.58 11.69 -35.74
CA ILE E 247 -34.75 11.91 -36.56
C ILE E 247 -34.47 11.40 -37.97
N HIS E 248 -35.39 10.63 -38.53
CA HIS E 248 -35.34 10.34 -39.96
C HIS E 248 -36.19 11.30 -40.73
N THR E 249 -35.64 11.87 -41.80
CA THR E 249 -36.37 12.77 -42.68
C THR E 249 -36.78 12.07 -43.99
N ASN E 250 -38.06 12.19 -44.33
CA ASN E 250 -38.57 11.62 -45.58
C ASN E 250 -38.33 12.57 -46.74
N TYR E 251 -38.46 12.07 -47.96
CA TYR E 251 -38.29 12.94 -49.13
C TYR E 251 -39.24 14.14 -49.08
N SER E 252 -40.43 13.98 -48.48
CA SER E 252 -41.41 15.07 -48.44
C SER E 252 -41.06 16.12 -47.38
N GLU E 253 -40.03 15.81 -46.60
CA GLU E 253 -39.57 16.63 -45.48
C GLU E 253 -40.32 16.37 -44.18
N SER E 254 -41.29 15.46 -44.17
CA SER E 254 -41.91 15.00 -42.93
C SER E 254 -40.85 14.23 -42.14
N GLN E 255 -41.01 14.15 -40.82
CA GLN E 255 -39.96 13.56 -39.99
C GLN E 255 -40.50 12.58 -38.96
N ASN E 256 -39.66 11.60 -38.60
CA ASN E 256 -40.00 10.59 -37.61
C ASN E 256 -38.87 10.36 -36.64
N TRP E 257 -39.21 10.27 -35.36
CA TRP E 257 -38.25 9.83 -34.34
C TRP E 257 -37.83 8.40 -34.59
N ARG E 258 -36.53 8.13 -34.39
CA ARG E 258 -35.99 6.79 -34.52
C ARG E 258 -35.43 6.33 -33.18
N GLY E 259 -35.85 5.16 -32.75
CA GLY E 259 -35.42 4.60 -31.48
C GLY E 259 -34.77 3.24 -31.69
N LEU E 260 -33.93 2.83 -30.75
CA LEU E 260 -33.26 1.53 -30.80
C LEU E 260 -33.53 0.75 -29.50
N PRO E 261 -33.48 -0.58 -29.54
CA PRO E 261 -33.70 -1.38 -28.33
C PRO E 261 -32.49 -1.36 -27.38
N ARG E 262 -32.72 -1.69 -26.11
CA ARG E 262 -31.66 -1.83 -25.13
C ARG E 262 -31.66 -3.19 -24.45
N TYR E 263 -30.47 -3.78 -24.38
CA TYR E 263 -30.19 -5.00 -23.65
C TYR E 263 -29.70 -4.65 -22.24
N PHE E 264 -30.18 -5.41 -21.25
CA PHE E 264 -29.70 -5.37 -19.88
C PHE E 264 -29.20 -6.76 -19.45
N ASN E 265 -28.06 -6.79 -18.79
CA ASN E 265 -27.62 -7.97 -18.10
C ASN E 265 -27.28 -7.60 -16.69
N VAL E 266 -28.09 -8.08 -15.75
CA VAL E 266 -28.01 -7.59 -14.39
C VAL E 266 -27.57 -8.67 -13.41
N THR E 267 -26.54 -8.37 -12.62
CA THR E 267 -26.08 -9.27 -11.58
C THR E 267 -26.63 -8.91 -10.20
N LEU E 268 -27.22 -9.90 -9.52
CA LEU E 268 -27.86 -9.66 -8.23
C LEU E 268 -27.39 -10.59 -7.13
N ARG E 269 -27.30 -10.04 -5.92
CA ARG E 269 -26.93 -10.81 -4.72
C ARG E 269 -27.99 -10.72 -3.62
N LYS E 270 -27.90 -11.63 -2.65
CA LYS E 270 -28.84 -11.66 -1.53
C LYS E 270 -28.36 -10.72 -0.43
N ARG E 271 -29.24 -9.79 -0.07
CA ARG E 271 -28.99 -8.83 0.98
C ARG E 271 -29.90 -9.11 2.18
N VAL E 272 -29.36 -9.05 3.40
CA VAL E 272 -30.18 -9.21 4.59
C VAL E 272 -30.80 -7.87 5.04
N VAL E 273 -32.08 -7.92 5.40
CA VAL E 273 -32.77 -6.76 5.93
C VAL E 273 -33.54 -7.14 7.21
N LYS E 274 -33.74 -6.17 8.10
CA LYS E 274 -34.54 -6.40 9.30
C LYS E 274 -36.02 -6.33 8.90
N ASN E 275 -36.82 -7.25 9.41
CA ASN E 275 -38.27 -7.27 9.15
C ASN E 275 -38.99 -6.01 9.70
N PRO E 276 -39.83 -5.35 8.86
CA PRO E 276 -40.77 -4.34 9.36
C PRO E 276 -42.21 -4.85 9.43
N VAL F 7 -19.11 9.15 30.95
CA VAL F 7 -18.90 10.34 30.08
C VAL F 7 -18.87 9.91 28.61
N GLU F 8 -19.49 10.70 27.74
CA GLU F 8 -19.43 10.45 26.31
C GLU F 8 -18.14 11.08 25.75
N VAL F 9 -17.25 10.22 25.26
CA VAL F 9 -16.00 10.70 24.67
C VAL F 9 -16.19 11.12 23.21
N LEU F 10 -15.73 12.31 22.87
CA LEU F 10 -15.81 12.81 21.51
C LEU F 10 -14.42 12.81 20.86
N GLU F 11 -14.14 13.83 20.04
CA GLU F 11 -12.93 13.81 19.22
C GLU F 11 -11.74 14.47 19.92
N VAL F 12 -10.54 14.24 19.40
CA VAL F 12 -9.37 14.94 19.89
C VAL F 12 -9.39 16.42 19.48
N ARG F 13 -9.01 17.31 20.39
CA ARG F 13 -9.00 18.73 20.08
C ARG F 13 -7.72 19.07 19.33
N THR F 14 -7.85 19.69 18.16
CA THR F 14 -6.70 20.08 17.34
C THR F 14 -6.41 21.56 17.51
N GLY F 15 -5.35 22.02 16.85
CA GLY F 15 -4.90 23.41 16.93
C GLY F 15 -3.59 23.49 17.71
N PRO F 16 -3.03 24.70 17.85
CA PRO F 16 -1.78 24.82 18.59
C PRO F 16 -2.02 24.61 20.09
N ASP F 17 -0.95 24.39 20.85
CA ASP F 17 -1.03 24.30 22.32
C ASP F 17 -1.92 23.17 22.83
N ALA F 18 -2.17 22.18 21.99
CA ALA F 18 -3.10 21.11 22.32
C ALA F 18 -2.41 19.93 23.01
N ILE F 19 -1.10 20.04 23.20
CA ILE F 19 -0.31 18.95 23.76
C ILE F 19 0.46 19.47 24.96
N THR F 20 0.64 18.60 25.95
CA THR F 20 1.52 18.91 27.06
C THR F 20 2.27 17.66 27.52
N GLN F 21 3.43 17.89 28.14
CA GLN F 21 4.19 16.82 28.75
C GLN F 21 4.38 17.09 30.23
N ILE F 22 4.35 16.03 31.02
CA ILE F 22 4.78 16.14 32.40
C ILE F 22 5.90 15.13 32.63
N GLU F 23 6.70 15.34 33.67
CA GLU F 23 7.63 14.31 34.11
C GLU F 23 7.62 14.27 35.64
N ALA F 24 7.92 13.10 36.18
CA ALA F 24 7.87 12.87 37.62
C ALA F 24 8.73 11.67 37.97
N TYR F 25 9.19 11.61 39.21
CA TYR F 25 9.86 10.42 39.72
C TYR F 25 9.14 9.95 40.99
N LEU F 26 9.16 8.64 41.21
CA LEU F 26 8.57 8.03 42.42
C LEU F 26 9.66 7.27 43.16
N ASN F 27 9.92 7.66 44.41
CA ASN F 27 10.88 6.91 45.24
C ASN F 27 10.29 5.61 45.78
N PRO F 28 11.12 4.58 45.92
CA PRO F 28 10.63 3.26 46.36
C PRO F 28 10.15 3.21 47.83
N ARG F 29 9.17 2.34 48.10
CA ARG F 29 8.63 2.17 49.46
C ARG F 29 8.80 0.72 49.91
N MET F 30 10.03 0.36 50.25
CA MET F 30 10.41 -1.04 50.58
C MET F 30 10.14 -1.40 52.04
N GLY F 31 9.88 -0.39 52.86
CA GLY F 31 9.63 -0.59 54.28
C GLY F 31 10.25 0.51 55.10
N ASN F 32 11.51 0.83 54.82
CA ASN F 32 12.14 2.03 55.36
C ASN F 32 11.84 3.18 54.41
N ASN F 33 10.78 3.93 54.72
CA ASN F 33 10.20 4.85 53.75
C ASN F 33 10.44 6.34 54.05
N ASN F 34 11.11 6.64 55.15
CA ASN F 34 11.51 8.00 55.49
C ASN F 34 12.95 8.27 55.01
N PRO F 35 13.15 9.34 54.22
CA PRO F 35 14.44 9.60 53.58
C PRO F 35 15.59 9.89 54.57
N THR F 36 15.31 9.84 55.87
CA THR F 36 16.36 9.88 56.89
C THR F 36 16.66 8.51 57.48
N ASP F 37 15.89 7.48 57.09
CA ASP F 37 16.17 6.11 57.52
C ASP F 37 17.52 5.63 57.00
N GLU F 38 18.30 5.02 57.88
CA GLU F 38 19.62 4.54 57.51
C GLU F 38 19.53 3.59 56.31
N LEU F 39 18.45 2.83 56.25
CA LEU F 39 18.23 1.82 55.22
C LEU F 39 17.14 2.25 54.24
N TYR F 40 17.01 3.56 54.04
CA TYR F 40 16.10 4.11 53.06
C TYR F 40 16.30 3.43 51.70
N GLY F 41 15.20 2.95 51.12
CA GLY F 41 15.27 2.21 49.86
C GLY F 41 15.42 0.71 50.03
N TYR F 42 15.45 0.27 51.28
CA TYR F 42 15.44 -1.14 51.65
C TYR F 42 14.29 -1.39 52.63
N SER F 43 13.88 -2.65 52.78
CA SER F 43 13.05 -3.05 53.92
C SER F 43 13.96 -3.30 55.14
N ALA F 44 13.37 -3.38 56.32
CA ALA F 44 14.07 -3.86 57.50
C ALA F 44 14.27 -5.36 57.34
N ASP F 45 15.19 -5.93 58.13
CA ASP F 45 15.49 -7.37 58.09
C ASP F 45 14.19 -8.17 58.08
N ILE F 46 14.05 -9.11 57.15
CA ILE F 46 12.80 -9.87 57.06
C ILE F 46 12.63 -10.73 58.33
N ASN F 47 11.49 -10.56 59.02
CA ASN F 47 11.14 -11.43 60.15
C ASN F 47 10.15 -12.53 59.72
N VAL F 48 10.61 -13.77 59.81
CA VAL F 48 9.92 -14.94 59.29
C VAL F 48 8.91 -15.46 60.32
N ALA F 49 7.77 -15.95 59.83
CA ALA F 49 6.76 -16.58 60.69
C ALA F 49 7.34 -17.78 61.47
N SER F 50 6.99 -17.88 62.75
CA SER F 50 7.31 -19.05 63.57
C SER F 50 6.54 -20.30 63.11
N SER F 51 5.29 -20.09 62.72
CA SER F 51 4.40 -21.12 62.17
C SER F 51 3.33 -20.41 61.34
N LYS F 52 2.43 -21.17 60.73
CA LYS F 52 1.33 -20.60 59.94
C LYS F 52 0.39 -19.73 60.77
N ALA F 53 0.05 -20.19 61.97
CA ALA F 53 -0.83 -19.44 62.88
C ALA F 53 -0.15 -18.22 63.47
N SER F 54 1.18 -18.28 63.58
CA SER F 54 1.98 -17.23 64.20
C SER F 54 2.87 -16.52 63.17
N ASP F 55 2.27 -15.60 62.41
CA ASP F 55 2.92 -14.91 61.28
C ASP F 55 2.56 -13.43 61.32
N ASN F 56 3.45 -12.64 61.92
CA ASN F 56 3.21 -11.23 62.18
C ASN F 56 4.30 -10.35 61.59
N PRO F 57 4.31 -10.17 60.26
CA PRO F 57 5.41 -9.40 59.66
C PRO F 57 5.42 -7.94 60.13
N ASN F 58 6.61 -7.41 60.44
CA ASN F 58 6.78 -6.00 60.79
C ASN F 58 6.45 -5.10 59.61
N ALA F 59 5.82 -3.97 59.88
CA ALA F 59 5.45 -3.00 58.84
C ALA F 59 6.65 -2.60 57.99
N THR F 60 7.78 -2.34 58.64
CA THR F 60 9.03 -2.04 57.93
C THR F 60 9.58 -3.18 57.05
N THR F 61 9.03 -4.39 57.18
CA THR F 61 9.50 -5.50 56.34
C THR F 61 8.67 -5.76 55.07
N LEU F 62 7.61 -4.97 54.85
CA LEU F 62 6.67 -5.21 53.73
C LEU F 62 6.74 -4.13 52.65
N PRO F 63 7.20 -4.49 51.45
CA PRO F 63 7.16 -3.50 50.37
C PRO F 63 5.74 -3.14 49.94
N THR F 64 5.54 -1.85 49.73
CA THR F 64 4.27 -1.30 49.29
C THR F 64 4.36 -0.56 47.96
N TYR F 65 3.21 -0.28 47.36
CA TYR F 65 3.16 0.43 46.08
C TYR F 65 3.53 1.90 46.23
N SER F 66 4.20 2.45 45.23
CA SER F 66 4.34 3.91 45.16
C SER F 66 3.23 4.47 44.30
N VAL F 67 2.85 5.70 44.58
CA VAL F 67 1.80 6.39 43.80
C VAL F 67 1.96 7.88 44.05
N ALA F 68 1.83 8.68 42.99
CA ALA F 68 1.77 10.15 43.09
C ALA F 68 0.66 10.72 42.22
N VAL F 69 0.20 11.92 42.56
CA VAL F 69 -0.82 12.63 41.79
C VAL F 69 -0.25 13.92 41.22
N ILE F 70 -0.30 14.04 39.90
CA ILE F 70 0.19 15.23 39.21
C ILE F 70 -0.99 16.09 38.75
N LYS F 71 -1.03 17.34 39.24
CA LYS F 71 -2.06 18.31 38.89
C LYS F 71 -1.70 18.96 37.56
N LEU F 72 -2.63 18.88 36.60
CA LEU F 72 -2.41 19.39 35.25
C LEU F 72 -3.02 20.80 35.06
N PRO F 73 -2.59 21.53 34.00
CA PRO F 73 -3.19 22.82 33.68
C PRO F 73 -4.70 22.72 33.57
N MET F 74 -5.39 23.74 34.07
CA MET F 74 -6.84 23.80 33.98
C MET F 74 -7.25 24.08 32.54
N LEU F 75 -8.28 23.37 32.08
CA LEU F 75 -8.67 23.36 30.67
C LEU F 75 -10.02 24.06 30.41
N ASN F 76 -10.91 24.00 31.40
CA ASN F 76 -12.26 24.55 31.19
C ASN F 76 -12.60 25.76 32.06
N GLU F 77 -12.67 26.92 31.41
CA GLU F 77 -12.99 28.18 32.09
C GLU F 77 -14.48 28.29 32.45
N ASP F 78 -15.33 27.53 31.76
CA ASP F 78 -16.78 27.53 31.95
C ASP F 78 -17.31 26.09 32.01
N MET F 79 -17.68 25.65 33.19
CA MET F 79 -18.22 24.33 33.39
C MET F 79 -19.67 24.10 32.94
N THR F 80 -20.27 25.06 32.29
CA THR F 80 -21.63 24.92 31.82
C THR F 80 -21.67 24.71 30.32
N CYS F 81 -20.54 24.87 29.66
CA CYS F 81 -20.49 24.66 28.22
C CYS F 81 -20.86 23.24 27.82
N ASP F 82 -21.44 23.07 26.66
CA ASP F 82 -22.01 21.80 26.30
C ASP F 82 -20.99 20.67 26.11
N THR F 83 -19.77 21.05 25.78
CA THR F 83 -18.66 20.13 25.76
C THR F 83 -17.47 20.70 26.56
N LEU F 84 -16.65 19.81 27.08
CA LEU F 84 -15.52 20.17 27.93
C LEU F 84 -14.29 19.41 27.45
N LEU F 85 -13.11 19.84 27.88
CA LEU F 85 -11.86 19.16 27.54
C LEU F 85 -11.31 18.41 28.74
N MET F 86 -10.77 17.22 28.47
CA MET F 86 -10.04 16.44 29.47
C MET F 86 -8.66 16.19 28.92
N TRP F 87 -7.67 16.12 29.80
CA TRP F 87 -6.35 15.70 29.43
C TRP F 87 -6.34 14.21 29.22
N GLU F 88 -5.80 13.79 28.09
CA GLU F 88 -5.74 12.38 27.72
C GLU F 88 -4.26 11.92 27.65
N ALA F 89 -3.89 10.96 28.49
CA ALA F 89 -2.54 10.39 28.40
C ALA F 89 -2.38 9.49 27.17
N VAL F 90 -1.43 9.88 26.34
CA VAL F 90 -1.21 9.33 25.02
C VAL F 90 -0.01 8.39 25.02
N SER F 91 1.08 8.79 25.68
CA SER F 91 2.26 7.95 25.73
C SER F 91 3.13 8.26 26.92
N VAL F 92 4.02 7.32 27.25
CA VAL F 92 4.88 7.42 28.42
C VAL F 92 6.27 6.84 28.16
N LYS F 93 7.31 7.57 28.57
CA LYS F 93 8.64 7.01 28.65
C LYS F 93 8.86 6.79 30.12
N THR F 94 9.27 5.59 30.49
CA THR F 94 9.51 5.31 31.90
C THR F 94 10.81 4.55 32.09
N GLU F 95 11.45 4.77 33.23
CA GLU F 95 12.75 4.21 33.46
C GLU F 95 12.94 3.95 34.94
N VAL F 96 13.60 2.85 35.26
CA VAL F 96 14.03 2.56 36.62
C VAL F 96 15.42 3.19 36.73
N MET F 97 15.63 4.02 37.74
CA MET F 97 16.90 4.76 37.84
C MET F 97 17.86 4.09 38.80
N GLY F 98 19.16 4.35 38.62
CA GLY F 98 20.20 3.80 39.51
C GLY F 98 20.39 2.28 39.42
N ILE F 99 20.09 1.69 38.26
CA ILE F 99 20.27 0.25 38.02
C ILE F 99 21.74 -0.13 38.29
N SER F 100 22.66 0.70 37.81
CA SER F 100 24.08 0.40 37.94
C SER F 100 24.57 0.41 39.40
N SER F 101 23.77 0.96 40.32
CA SER F 101 24.10 0.91 41.75
C SER F 101 24.23 -0.53 42.26
N LEU F 102 23.63 -1.46 41.53
CA LEU F 102 23.69 -2.89 41.87
C LEU F 102 25.03 -3.51 41.51
N VAL F 103 25.72 -2.91 40.54
CA VAL F 103 27.07 -3.33 40.13
C VAL F 103 28.09 -2.92 41.21
N ASN F 104 28.07 -3.64 42.33
CA ASN F 104 28.81 -3.29 43.54
C ASN F 104 29.07 -4.59 44.29
N LEU F 105 30.33 -4.99 44.42
CA LEU F 105 30.68 -6.22 45.13
C LEU F 105 31.52 -5.98 46.38
N HIS F 106 31.63 -4.72 46.77
CA HIS F 106 32.42 -4.36 47.96
C HIS F 106 31.56 -4.08 49.15
N GLN F 107 30.24 -4.03 48.93
CA GLN F 107 29.26 -3.74 50.00
C GLN F 107 29.31 -4.84 51.07
N GLY F 108 29.09 -4.49 52.33
CA GLY F 108 29.04 -5.47 53.42
C GLY F 108 27.97 -6.50 53.12
N GLY F 109 28.25 -7.76 53.38
CA GLY F 109 27.29 -8.81 53.04
C GLY F 109 27.92 -10.19 53.14
N LYS F 110 27.24 -11.15 52.52
CA LYS F 110 27.69 -12.55 52.50
C LYS F 110 28.68 -12.76 51.35
N TYR F 111 29.77 -13.49 51.63
CA TYR F 111 30.81 -13.73 50.61
C TYR F 111 30.36 -14.68 49.50
N ILE F 112 30.77 -14.38 48.26
CA ILE F 112 30.45 -15.25 47.14
C ILE F 112 31.11 -16.61 47.41
N TYR F 113 32.41 -16.59 47.70
CA TYR F 113 33.09 -17.81 48.08
C TYR F 113 33.54 -17.67 49.55
N GLY F 114 34.82 -17.48 49.80
CA GLY F 114 35.32 -17.24 51.14
C GLY F 114 35.58 -15.75 51.34
N SER F 115 36.20 -15.42 52.47
CA SER F 115 36.44 -14.03 52.85
C SER F 115 37.45 -13.26 51.98
N SER F 116 38.06 -13.93 51.02
CA SER F 116 38.89 -13.23 50.03
C SER F 116 38.10 -12.72 48.82
N SER F 117 36.84 -13.16 48.68
CA SER F 117 36.03 -12.83 47.50
C SER F 117 35.20 -11.56 47.71
N GLY F 118 34.49 -11.14 46.65
CA GLY F 118 33.47 -10.10 46.78
C GLY F 118 32.22 -10.64 47.46
N THR F 119 31.23 -9.77 47.69
CA THR F 119 29.99 -10.16 48.38
C THR F 119 28.89 -10.35 47.36
N ILE F 120 27.93 -11.21 47.70
CA ILE F 120 26.79 -11.52 46.83
C ILE F 120 25.95 -10.25 46.62
N PRO F 121 25.75 -9.83 45.37
CA PRO F 121 24.98 -8.62 45.14
C PRO F 121 23.48 -8.91 45.25
N VAL F 122 22.65 -7.87 45.12
CA VAL F 122 21.20 -8.01 45.20
C VAL F 122 20.71 -9.03 44.15
N GLN F 123 19.94 -10.02 44.59
CA GLN F 123 19.39 -11.08 43.69
C GLN F 123 18.14 -11.75 44.27
N GLY F 124 17.53 -12.69 43.55
CA GLY F 124 16.27 -13.28 44.03
C GLY F 124 15.04 -12.61 43.43
N THR F 125 13.89 -12.77 44.09
CA THR F 125 12.59 -12.30 43.57
C THR F 125 12.56 -10.84 43.11
N THR F 126 12.06 -10.60 41.90
CA THR F 126 11.87 -9.23 41.45
C THR F 126 10.42 -8.97 41.03
N LEU F 127 9.99 -7.72 41.23
CA LEU F 127 8.66 -7.28 40.80
CA LEU F 127 8.66 -7.28 40.82
C LEU F 127 8.77 -5.87 40.26
N HIS F 128 8.33 -5.68 39.02
CA HIS F 128 8.30 -4.37 38.35
C HIS F 128 6.92 -4.10 37.87
N MET F 129 6.38 -2.93 38.22
CA MET F 129 5.06 -2.54 37.76
CA MET F 129 5.05 -2.55 37.79
C MET F 129 4.99 -1.04 37.62
N PHE F 130 4.36 -0.58 36.54
CA PHE F 130 4.02 0.85 36.45
C PHE F 130 2.62 0.99 35.88
N SER F 131 1.96 2.09 36.24
CA SER F 131 0.64 2.37 35.72
C SER F 131 0.44 3.87 35.53
N VAL F 132 -0.32 4.20 34.51
CA VAL F 132 -0.63 5.59 34.20
C VAL F 132 -2.13 5.59 34.06
N GLY F 133 -2.81 6.40 34.88
CA GLY F 133 -4.26 6.41 34.88
C GLY F 133 -4.82 7.78 35.15
N GLY F 134 -6.09 7.95 34.81
CA GLY F 134 -6.78 9.23 35.06
C GLY F 134 -7.52 9.23 36.38
N GLU F 135 -7.23 8.23 37.21
CA GLU F 135 -7.84 8.02 38.52
C GLU F 135 -6.99 6.97 39.24
N PRO F 136 -7.31 6.64 40.50
CA PRO F 136 -6.42 5.70 41.21
C PRO F 136 -6.51 4.26 40.70
N LEU F 137 -5.38 3.56 40.72
CA LEU F 137 -5.34 2.15 40.31
C LEU F 137 -6.28 1.33 41.20
N GLU F 138 -7.08 0.49 40.56
CA GLU F 138 -8.00 -0.42 41.26
C GLU F 138 -7.32 -1.77 41.56
N LEU F 139 -7.48 -2.24 42.79
CA LEU F 139 -6.70 -3.34 43.36
C LEU F 139 -7.56 -4.51 43.77
N GLN F 140 -6.99 -5.71 43.65
CA GLN F 140 -7.63 -6.94 44.10
C GLN F 140 -6.70 -7.57 45.14
N GLY F 141 -7.30 -8.04 46.23
CA GLY F 141 -6.53 -8.63 47.33
C GLY F 141 -6.46 -10.13 47.24
N LEU F 142 -5.26 -10.67 47.46
CA LEU F 142 -5.01 -12.12 47.51
C LEU F 142 -3.70 -12.34 48.23
N VAL F 143 -3.70 -13.24 49.22
CA VAL F 143 -2.50 -13.49 50.02
C VAL F 143 -1.96 -14.94 49.94
N ALA F 144 -0.70 -15.13 50.35
CA ALA F 144 -0.17 -16.48 50.49
C ALA F 144 -0.84 -17.20 51.68
N SER F 145 -1.17 -16.43 52.72
CA SER F 145 -1.73 -16.99 53.95
C SER F 145 -2.80 -16.10 54.62
N SER F 146 -4.01 -16.63 54.76
CA SER F 146 -5.09 -15.89 55.41
C SER F 146 -4.93 -15.76 56.93
N THR F 147 -4.04 -16.57 57.52
CA THR F 147 -3.76 -16.49 58.96
C THR F 147 -2.63 -15.52 59.32
N THR F 148 -2.08 -14.83 58.32
CA THR F 148 -1.07 -13.78 58.56
C THR F 148 -1.72 -12.56 59.23
N THR F 149 -1.10 -12.07 60.29
CA THR F 149 -1.56 -10.88 61.00
C THR F 149 -0.75 -9.68 60.52
N TYR F 150 -1.37 -8.83 59.71
CA TYR F 150 -0.69 -7.69 59.10
C TYR F 150 -0.76 -6.52 60.06
N PRO F 151 0.20 -5.56 59.98
CA PRO F 151 0.16 -4.33 60.81
C PRO F 151 -1.09 -3.50 60.57
N THR F 152 -1.64 -2.90 61.62
CA THR F 152 -2.93 -2.18 61.50
C THR F 152 -2.85 -0.80 60.84
N ASP F 153 -1.65 -0.23 60.71
CA ASP F 153 -1.54 1.07 60.05
C ASP F 153 -1.32 0.97 58.54
N MET F 154 -1.20 -0.25 58.04
CA MET F 154 -1.21 -0.50 56.59
C MET F 154 -2.64 -0.86 56.16
N VAL F 155 -2.91 -0.76 54.86
CA VAL F 155 -4.22 -1.17 54.35
C VAL F 155 -4.14 -2.58 53.80
N THR F 156 -4.81 -3.51 54.49
CA THR F 156 -4.87 -4.90 54.04
C THR F 156 -6.32 -5.37 54.00
N ILE F 157 -6.54 -6.67 53.80
CA ILE F 157 -7.90 -7.23 53.68
C ILE F 157 -8.57 -7.38 55.05
N LYS F 158 -9.74 -6.76 55.20
CA LYS F 158 -10.52 -6.84 56.44
C LYS F 158 -11.01 -8.27 56.70
N ASN F 159 -10.76 -8.77 57.91
CA ASN F 159 -11.27 -10.10 58.33
C ASN F 159 -11.08 -11.24 57.32
N MET F 160 -9.83 -11.49 56.97
CA MET F 160 -9.48 -12.57 56.05
C MET F 160 -10.02 -13.93 56.46
N LYS F 161 -10.29 -14.77 55.46
CA LYS F 161 -10.66 -16.17 55.64
C LYS F 161 -9.84 -16.92 54.60
N PRO F 162 -9.82 -18.28 54.64
CA PRO F 162 -9.04 -19.04 53.63
C PRO F 162 -9.38 -18.74 52.16
N VAL F 163 -10.56 -18.17 51.92
CA VAL F 163 -10.95 -17.78 50.56
C VAL F 163 -10.00 -16.71 50.00
N ASN F 164 -9.41 -15.92 50.89
CA ASN F 164 -8.47 -14.87 50.48
C ASN F 164 -7.13 -15.39 49.97
N GLN F 165 -6.93 -16.70 50.02
CA GLN F 165 -5.74 -17.30 49.40
C GLN F 165 -5.96 -17.52 47.90
N ALA F 166 -7.20 -17.30 47.47
CA ALA F 166 -7.54 -17.20 46.05
C ALA F 166 -8.42 -15.97 45.84
N LEU F 167 -9.33 -16.03 44.86
CA LEU F 167 -10.10 -14.86 44.49
C LEU F 167 -11.37 -14.75 45.31
N ASP F 168 -11.41 -13.73 46.19
CA ASP F 168 -12.61 -13.30 46.91
C ASP F 168 -13.02 -11.93 46.34
N PRO F 169 -14.16 -11.89 45.61
CA PRO F 169 -14.59 -10.68 44.90
C PRO F 169 -14.88 -9.50 45.81
N ASN F 170 -15.01 -9.74 47.11
CA ASN F 170 -15.23 -8.63 48.03
C ASN F 170 -13.95 -7.86 48.40
N ALA F 171 -12.80 -8.52 48.32
CA ALA F 171 -11.51 -7.90 48.65
C ALA F 171 -10.98 -6.93 47.58
N LYS F 172 -11.53 -5.72 47.55
CA LYS F 172 -11.15 -4.69 46.57
C LYS F 172 -10.66 -3.43 47.28
N ALA F 173 -9.80 -2.66 46.62
CA ALA F 173 -9.30 -1.41 47.19
C ALA F 173 -8.86 -0.48 46.07
N LEU F 174 -8.50 0.75 46.44
CA LEU F 174 -7.92 1.69 45.49
C LEU F 174 -6.53 2.08 45.95
N LEU F 175 -5.57 2.07 45.03
CA LEU F 175 -4.23 2.55 45.34
C LEU F 175 -4.26 4.08 45.52
N ASP F 176 -4.60 4.51 46.73
CA ASP F 176 -4.86 5.93 46.97
C ASP F 176 -3.92 6.58 48.00
N LYS F 177 -2.98 5.80 48.53
CA LYS F 177 -1.98 6.29 49.48
C LYS F 177 -0.64 5.65 49.12
N ASP F 178 0.39 6.46 49.12
CA ASP F 178 1.75 6.01 48.87
C ASP F 178 2.21 5.19 50.07
N GLY F 179 3.00 4.16 49.83
CA GLY F 179 3.63 3.37 50.91
C GLY F 179 2.71 2.79 51.98
N LYS F 180 1.53 2.32 51.57
CA LYS F 180 0.54 1.75 52.51
C LYS F 180 -0.11 0.43 52.04
N TYR F 181 -0.13 0.17 50.74
CA TYR F 181 -0.74 -1.06 50.22
C TYR F 181 0.39 -2.08 49.90
N PRO F 182 0.49 -3.17 50.70
CA PRO F 182 1.56 -4.15 50.49
C PRO F 182 1.38 -4.90 49.17
N VAL F 183 2.48 -5.09 48.43
CA VAL F 183 2.40 -5.80 47.16
C VAL F 183 2.00 -7.25 47.37
N GLU F 184 2.29 -7.77 48.56
CA GLU F 184 2.02 -9.18 48.83
C GLU F 184 0.53 -9.40 49.12
N VAL F 185 -0.19 -8.31 49.33
CA VAL F 185 -1.65 -8.37 49.55
C VAL F 185 -2.44 -7.89 48.33
N TRP F 186 -1.91 -6.93 47.57
CA TRP F 186 -2.66 -6.30 46.48
C TRP F 186 -1.96 -6.38 45.17
N SER F 187 -2.75 -6.64 44.13
CA SER F 187 -2.30 -6.59 42.75
C SER F 187 -3.37 -5.92 41.87
N PRO F 188 -3.00 -5.45 40.65
CA PRO F 188 -4.01 -4.73 39.85
C PRO F 188 -5.23 -5.59 39.46
N ASP F 189 -6.43 -5.00 39.54
CA ASP F 189 -7.67 -5.72 39.29
C ASP F 189 -8.01 -5.69 37.80
N PRO F 190 -7.84 -6.83 37.11
CA PRO F 190 -8.12 -6.79 35.67
C PRO F 190 -9.63 -6.60 35.34
N SER F 191 -10.51 -6.86 36.30
CA SER F 191 -11.96 -6.69 36.09
C SER F 191 -12.37 -5.21 36.10
N LYS F 192 -11.50 -4.33 36.57
CA LYS F 192 -11.79 -2.90 36.53
C LYS F 192 -10.70 -2.16 35.73
N ASN F 193 -10.24 -1.00 36.18
CA ASN F 193 -9.15 -0.27 35.52
C ASN F 193 -9.38 0.11 34.05
N GLU F 194 -10.60 0.51 33.73
CA GLU F 194 -10.92 0.94 32.37
CA GLU F 194 -10.97 0.97 32.40
C GLU F 194 -10.26 2.29 32.04
N ASN F 195 -9.89 3.05 33.05
CA ASN F 195 -9.28 4.35 32.82
C ASN F 195 -7.84 4.42 33.34
N THR F 196 -7.16 3.28 33.31
CA THR F 196 -5.73 3.21 33.64
C THR F 196 -5.08 2.15 32.77
N ARG F 197 -3.85 2.38 32.36
CA ARG F 197 -3.05 1.32 31.75
C ARG F 197 -1.99 0.87 32.75
N TYR F 198 -1.87 -0.44 32.96
CA TYR F 198 -0.85 -0.96 33.89
C TYR F 198 -0.06 -2.06 33.19
N TYR F 199 1.20 -2.19 33.59
CA TYR F 199 2.16 -3.12 32.98
C TYR F 199 3.04 -3.67 34.09
N GLY F 200 3.25 -4.98 34.11
CA GLY F 200 3.98 -5.60 35.19
C GLY F 200 4.70 -6.89 34.85
N SER F 201 5.80 -7.13 35.53
N SER F 201 5.80 -7.12 35.53
CA SER F 201 6.59 -8.34 35.34
CA SER F 201 6.63 -8.30 35.35
C SER F 201 7.10 -8.85 36.67
C SER F 201 7.05 -8.84 36.71
N PHE F 202 7.13 -10.17 36.81
CA PHE F 202 7.58 -10.83 38.03
C PHE F 202 8.45 -12.02 37.66
N THR F 203 9.54 -12.19 38.40
CA THR F 203 10.39 -13.38 38.36
C THR F 203 10.68 -13.72 39.81
N GLY F 204 10.36 -14.94 40.19
CA GLY F 204 10.51 -15.37 41.56
C GLY F 204 11.87 -15.99 41.81
N GLY F 205 11.93 -16.89 42.79
CA GLY F 205 13.17 -17.55 43.14
C GLY F 205 13.90 -16.84 44.26
N ALA F 206 14.74 -17.58 44.97
CA ALA F 206 15.47 -16.99 46.09
C ALA F 206 16.76 -16.30 45.68
N THR F 207 17.42 -16.79 44.63
CA THR F 207 18.74 -16.25 44.24
C THR F 207 18.89 -15.88 42.76
N THR F 208 17.76 -15.66 42.11
CA THR F 208 17.72 -15.37 40.69
C THR F 208 18.39 -14.05 40.33
N PRO F 209 19.28 -14.07 39.31
CA PRO F 209 19.90 -12.82 38.84
C PRO F 209 18.84 -11.84 38.32
N PRO F 210 18.85 -10.60 38.82
CA PRO F 210 17.98 -9.58 38.24
C PRO F 210 18.41 -9.22 36.81
N VAL F 211 17.43 -8.82 35.99
CA VAL F 211 17.65 -8.42 34.60
C VAL F 211 16.87 -7.11 34.40
N MET F 212 17.55 -6.07 33.92
CA MET F 212 16.88 -4.80 33.63
C MET F 212 17.52 -4.08 32.45
N GLN F 213 16.71 -3.34 31.70
CA GLN F 213 17.21 -2.49 30.63
C GLN F 213 16.96 -1.05 31.00
N PHE F 214 17.73 -0.16 30.38
CA PHE F 214 17.53 1.25 30.54
C PHE F 214 17.89 1.91 29.22
N THR F 215 17.03 2.84 28.80
CA THR F 215 17.22 3.55 27.54
C THR F 215 16.29 4.76 27.51
N ASN F 216 16.56 5.71 26.63
CA ASN F 216 15.63 6.81 26.43
C ASN F 216 15.02 6.79 25.03
N SER F 217 15.15 5.65 24.34
CA SER F 217 14.60 5.50 22.98
C SER F 217 13.27 4.76 22.88
N VAL F 218 12.73 4.28 24.01
CA VAL F 218 11.46 3.53 24.04
C VAL F 218 10.29 4.31 24.63
N THR F 219 9.14 4.21 23.96
CA THR F 219 7.90 4.83 24.38
C THR F 219 6.81 3.74 24.46
N THR F 220 5.92 3.82 25.46
CA THR F 220 4.73 2.97 25.49
C THR F 220 3.51 3.80 25.12
N VAL F 221 2.76 3.34 24.12
CA VAL F 221 1.51 3.98 23.72
C VAL F 221 0.39 3.54 24.67
N LEU F 222 -0.33 4.51 25.22
CA LEU F 222 -1.35 4.22 26.22
C LEU F 222 -2.78 4.14 25.65
N LEU F 223 -2.94 4.41 24.35
CA LEU F 223 -4.28 4.45 23.74
C LEU F 223 -4.89 3.07 23.76
N ASP F 224 -6.19 2.99 24.04
CA ASP F 224 -6.85 1.70 23.98
C ASP F 224 -7.24 1.31 22.55
N GLU F 225 -7.97 0.20 22.43
CA GLU F 225 -8.36 -0.35 21.14
C GLU F 225 -9.19 0.62 20.30
N ASN F 226 -9.90 1.54 20.95
CA ASN F 226 -10.65 2.58 20.25
C ASN F 226 -9.90 3.89 20.09
N GLY F 227 -8.62 3.90 20.48
CA GLY F 227 -7.73 5.03 20.26
C GLY F 227 -7.79 6.10 21.35
N VAL F 228 -8.28 5.72 22.54
CA VAL F 228 -8.44 6.63 23.66
C VAL F 228 -7.57 6.22 24.83
N GLY F 229 -6.78 7.17 25.32
CA GLY F 229 -5.97 6.94 26.51
C GLY F 229 -6.72 7.24 27.80
N PRO F 230 -6.03 7.06 28.94
CA PRO F 230 -6.62 7.46 30.21
C PRO F 230 -7.03 8.94 30.20
N LEU F 231 -8.20 9.24 30.74
CA LEU F 231 -8.74 10.61 30.79
C LEU F 231 -8.70 11.12 32.23
N CYS F 232 -8.05 12.26 32.41
CA CYS F 232 -7.70 12.72 33.72
C CYS F 232 -8.81 13.51 34.42
N LYS F 233 -9.50 12.81 35.33
CA LYS F 233 -10.61 13.38 36.06
C LYS F 233 -10.05 14.40 37.02
N GLY F 234 -10.70 15.55 37.06
CA GLY F 234 -10.27 16.66 37.90
C GLY F 234 -8.89 17.18 37.55
N ASP F 235 -8.50 17.07 36.27
CA ASP F 235 -7.16 17.50 35.82
C ASP F 235 -6.02 16.85 36.63
N LYS F 236 -6.26 15.62 37.12
CA LYS F 236 -5.26 14.90 37.91
C LYS F 236 -4.78 13.63 37.22
N LEU F 237 -3.45 13.47 37.15
CA LEU F 237 -2.85 12.28 36.55
C LEU F 237 -2.20 11.41 37.63
N PHE F 238 -2.52 10.12 37.59
CA PHE F 238 -2.12 9.20 38.64
C PHE F 238 -1.00 8.30 38.16
N LEU F 239 0.14 8.39 38.84
CA LEU F 239 1.29 7.55 38.49
C LEU F 239 1.52 6.55 39.62
N SER F 240 1.72 5.27 39.30
CA SER F 240 1.92 4.28 40.35
C SER F 240 3.02 3.31 39.94
N ALA F 241 3.74 2.77 40.91
CA ALA F 241 4.84 1.86 40.60
C ALA F 241 5.27 1.00 41.76
N VAL F 242 5.97 -0.09 41.44
CA VAL F 242 6.80 -0.79 42.40
C VAL F 242 7.93 -1.43 41.61
N ASP F 243 9.14 -1.40 42.18
CA ASP F 243 10.30 -1.92 41.49
C ASP F 243 11.22 -2.54 42.51
N ILE F 244 10.82 -3.75 42.93
CA ILE F 244 11.62 -4.60 43.78
C ILE F 244 12.67 -5.23 42.88
N VAL F 245 13.92 -4.92 43.14
CA VAL F 245 15.00 -5.41 42.25
C VAL F 245 15.73 -6.65 42.80
N GLY F 246 15.29 -7.11 43.97
CA GLY F 246 15.80 -8.31 44.60
C GLY F 246 16.02 -8.15 46.10
N ILE F 247 16.88 -9.02 46.65
CA ILE F 247 17.10 -9.09 48.10
C ILE F 247 18.58 -8.90 48.40
N HIS F 248 18.91 -8.00 49.33
CA HIS F 248 20.28 -7.96 49.83
C HIS F 248 20.44 -8.87 51.02
N THR F 249 21.51 -9.65 51.04
CA THR F 249 21.81 -10.53 52.17
C THR F 249 22.97 -9.92 52.98
N ASN F 250 22.80 -9.80 54.29
CA ASN F 250 23.92 -9.35 55.14
C ASN F 250 24.81 -10.50 55.53
N TYR F 251 25.99 -10.17 56.06
CA TYR F 251 26.92 -11.17 56.60
C TYR F 251 26.26 -12.12 57.60
N SER F 252 25.38 -11.58 58.46
CA SER F 252 24.66 -12.40 59.44
C SER F 252 23.59 -13.29 58.77
N GLU F 253 23.41 -13.12 57.47
CA GLU F 253 22.41 -13.83 56.67
C GLU F 253 20.99 -13.30 56.78
N SER F 254 20.79 -12.23 57.55
CA SER F 254 19.52 -11.49 57.52
C SER F 254 19.39 -10.85 56.14
N GLN F 255 18.15 -10.55 55.73
CA GLN F 255 17.91 -10.08 54.36
C GLN F 255 17.01 -8.85 54.25
N ASN F 256 17.29 -8.00 53.26
CA ASN F 256 16.49 -6.80 53.04
C ASN F 256 16.09 -6.65 51.58
N TRP F 257 14.78 -6.47 51.35
CA TRP F 257 14.27 -6.08 50.03
C TRP F 257 14.95 -4.83 49.59
N ARG F 258 15.28 -4.75 48.29
CA ARG F 258 15.88 -3.56 47.71
C ARG F 258 15.03 -3.04 46.56
N GLY F 259 14.73 -1.75 46.64
CA GLY F 259 13.89 -1.05 45.65
C GLY F 259 14.63 0.09 44.97
N LEU F 260 14.18 0.43 43.75
CA LEU F 260 14.77 1.49 42.97
C LEU F 260 13.66 2.43 42.51
N PRO F 261 13.98 3.73 42.30
CA PRO F 261 12.96 4.69 41.90
C PRO F 261 12.63 4.61 40.40
N ARG F 262 11.43 5.06 40.06
CA ARG F 262 10.97 5.06 38.69
C ARG F 262 10.70 6.48 38.17
N TYR F 263 11.28 6.79 37.01
CA TYR F 263 10.95 8.01 36.26
C TYR F 263 9.77 7.80 35.30
N PHE F 264 8.91 8.81 35.20
CA PHE F 264 7.85 8.86 34.18
C PHE F 264 7.97 10.16 33.38
N ASN F 265 7.85 10.06 32.07
CA ASN F 265 7.63 11.23 31.22
C ASN F 265 6.38 10.97 30.35
N VAL F 266 5.32 11.73 30.61
CA VAL F 266 4.01 11.46 30.01
C VAL F 266 3.59 12.57 29.07
N THR F 267 3.22 12.20 27.84
CA THR F 267 2.66 13.14 26.89
C THR F 267 1.14 13.09 26.94
N LEU F 268 0.51 14.24 27.09
CA LEU F 268 -0.95 14.34 27.15
C LEU F 268 -1.49 15.31 26.10
N ARG F 269 -2.64 14.94 25.54
CA ARG F 269 -3.35 15.81 24.61
C ARG F 269 -4.76 16.14 25.11
N LYS F 270 -5.47 17.01 24.39
CA LYS F 270 -6.79 17.48 24.81
C LYS F 270 -7.90 16.71 24.12
N ARG F 271 -8.71 16.01 24.91
CA ARG F 271 -9.84 15.27 24.36
C ARG F 271 -11.14 16.01 24.66
N VAL F 272 -12.03 16.06 23.66
CA VAL F 272 -13.37 16.60 23.84
C VAL F 272 -14.30 15.54 24.43
N VAL F 273 -15.08 15.94 25.42
CA VAL F 273 -16.14 15.09 25.96
C VAL F 273 -17.40 15.94 26.06
N LYS F 274 -18.56 15.31 25.96
CA LYS F 274 -19.83 15.98 26.20
C LYS F 274 -19.89 16.37 27.69
N ASN F 275 -20.37 17.57 28.00
CA ASN F 275 -20.57 17.96 29.41
C ASN F 275 -21.54 17.00 30.11
N PRO F 276 -21.06 16.28 31.14
CA PRO F 276 -21.88 15.32 31.88
C PRO F 276 -22.54 15.87 33.13
N TYR F 277 -22.38 17.17 33.40
CA TYR F 277 -22.95 17.73 34.61
C TYR F 277 -24.35 18.26 34.37
N PRO F 278 -25.18 18.32 35.44
CA PRO F 278 -26.57 18.77 35.27
C PRO F 278 -26.66 20.15 34.63
N VAL G 7 18.61 25.81 18.93
CA VAL G 7 17.27 26.05 19.53
C VAL G 7 16.15 25.65 18.54
N GLU G 8 15.89 26.41 17.48
CA GLU G 8 14.85 26.01 16.51
C GLU G 8 15.38 25.13 15.37
N VAL G 9 14.94 23.88 15.36
CA VAL G 9 15.41 22.88 14.41
C VAL G 9 14.61 22.92 13.11
N LEU G 10 15.30 23.12 11.99
CA LEU G 10 14.64 23.13 10.68
C LEU G 10 14.93 21.83 9.92
N GLU G 11 15.02 21.91 8.59
CA GLU G 11 15.10 20.72 7.75
C GLU G 11 16.53 20.19 7.54
N VAL G 12 16.58 18.96 7.03
CA VAL G 12 17.84 18.33 6.61
C VAL G 12 18.41 19.06 5.38
N ARG G 13 19.72 19.33 5.42
CA ARG G 13 20.43 19.91 4.28
C ARG G 13 20.74 18.80 3.26
N THR G 14 20.20 18.94 2.05
CA THR G 14 20.45 17.98 0.96
C THR G 14 21.66 18.39 0.11
N GLY G 15 22.01 17.56 -0.86
CA GLY G 15 23.08 17.88 -1.82
C GLY G 15 24.29 17.00 -1.58
N PRO G 16 25.37 17.19 -2.38
CA PRO G 16 26.58 16.38 -2.21
C PRO G 16 27.34 16.81 -0.96
N ASP G 17 28.12 15.88 -0.41
CA ASP G 17 28.92 16.12 0.80
C ASP G 17 28.12 16.54 2.03
N ALA G 18 26.86 16.12 2.09
CA ALA G 18 25.97 16.44 3.21
C ALA G 18 26.05 15.40 4.32
N ILE G 19 26.88 14.38 4.10
CA ILE G 19 27.02 13.25 5.00
C ILE G 19 28.47 13.03 5.47
N THR G 20 28.62 12.57 6.70
CA THR G 20 29.92 12.17 7.18
C THR G 20 29.79 10.93 8.05
N GLN G 21 30.91 10.27 8.24
CA GLN G 21 30.97 9.05 9.00
C GLN G 21 32.23 9.09 9.82
N ILE G 22 32.14 8.77 11.10
CA ILE G 22 33.33 8.71 11.96
C ILE G 22 33.36 7.37 12.69
N GLU G 23 34.57 6.93 13.10
CA GLU G 23 34.69 5.73 13.92
C GLU G 23 35.67 5.88 15.06
N ALA G 24 35.40 5.18 16.16
CA ALA G 24 36.21 5.30 17.36
C ALA G 24 36.05 4.07 18.22
N TYR G 25 36.99 3.86 19.13
CA TYR G 25 36.86 2.82 20.13
C TYR G 25 37.24 3.39 21.47
N LEU G 26 36.63 2.81 22.52
CA LEU G 26 36.80 3.24 23.88
C LEU G 26 37.35 2.09 24.69
N ASN G 27 38.51 2.29 25.30
CA ASN G 27 39.06 1.26 26.19
C ASN G 27 38.35 1.22 27.55
N PRO G 28 38.19 -0.01 28.11
CA PRO G 28 37.45 -0.13 29.37
C PRO G 28 38.22 0.49 30.52
N ARG G 29 37.48 1.08 31.45
CA ARG G 29 38.05 1.73 32.63
C ARG G 29 37.56 1.03 33.90
N MET G 30 38.15 -0.13 34.18
CA MET G 30 37.67 -1.04 35.24
C MET G 30 38.29 -0.76 36.59
N GLY G 31 39.39 0.01 36.59
CA GLY G 31 40.12 0.33 37.81
C GLY G 31 41.61 0.41 37.55
N ASN G 32 42.12 -0.62 36.88
CA ASN G 32 43.46 -0.54 36.31
C ASN G 32 43.39 0.14 34.95
N ASN G 33 43.63 1.46 34.97
CA ASN G 33 43.29 2.32 33.84
C ASN G 33 44.46 2.77 32.97
N ASN G 34 45.66 2.34 33.33
CA ASN G 34 46.86 2.66 32.57
C ASN G 34 47.29 1.48 31.70
N PRO G 35 47.52 1.72 30.39
CA PRO G 35 47.92 0.67 29.44
C PRO G 35 49.15 -0.16 29.86
N THR G 36 49.96 0.39 30.79
CA THR G 36 51.10 -0.31 31.31
C THR G 36 50.84 -1.13 32.60
N ASP G 37 49.66 -0.94 33.21
CA ASP G 37 49.25 -1.76 34.37
C ASP G 37 49.22 -3.24 34.01
N GLU G 38 49.74 -4.05 34.91
CA GLU G 38 49.73 -5.49 34.75
C GLU G 38 48.30 -6.01 34.50
N LEU G 39 47.33 -5.47 35.22
CA LEU G 39 45.95 -5.91 35.14
C LEU G 39 45.06 -4.92 34.36
N TYR G 40 45.66 -4.26 33.37
CA TYR G 40 44.91 -3.35 32.50
C TYR G 40 43.69 -4.05 31.93
N GLY G 41 42.54 -3.39 32.03
CA GLY G 41 41.25 -3.96 31.59
C GLY G 41 40.52 -4.73 32.68
N TYR G 42 41.08 -4.69 33.89
CA TYR G 42 40.50 -5.33 35.06
C TYR G 42 40.53 -4.36 36.22
N SER G 43 39.61 -4.54 37.16
CA SER G 43 39.77 -3.88 38.45
C SER G 43 40.87 -4.61 39.23
N ALA G 44 41.46 -3.93 40.21
CA ALA G 44 42.22 -4.62 41.24
C ALA G 44 41.30 -5.52 42.11
N ASP G 45 41.88 -6.33 42.99
CA ASP G 45 41.10 -7.21 43.87
C ASP G 45 40.12 -6.40 44.67
N ILE G 46 38.86 -6.81 44.61
CA ILE G 46 37.76 -6.13 45.29
C ILE G 46 38.10 -6.09 46.77
N ASN G 47 38.07 -4.90 47.39
CA ASN G 47 38.20 -4.81 48.84
C ASN G 47 36.84 -4.56 49.50
N VAL G 48 36.37 -5.58 50.22
CA VAL G 48 35.03 -5.58 50.80
C VAL G 48 34.98 -4.74 52.07
N ALA G 49 33.88 -4.00 52.23
CA ALA G 49 33.60 -3.23 53.45
C ALA G 49 33.68 -4.11 54.68
N SER G 50 34.24 -3.52 55.74
CA SER G 50 34.23 -4.14 57.05
C SER G 50 32.82 -4.11 57.64
N SER G 51 32.20 -2.92 57.62
CA SER G 51 30.84 -2.76 58.07
C SER G 51 30.14 -1.77 57.14
N LYS G 52 28.87 -1.47 57.43
CA LYS G 52 28.18 -0.35 56.77
C LYS G 52 28.92 0.96 57.04
N ALA G 53 29.27 1.18 58.31
CA ALA G 53 30.05 2.34 58.72
C ALA G 53 31.46 2.37 58.11
N SER G 54 32.09 1.21 57.96
CA SER G 54 33.45 1.15 57.43
C SER G 54 33.50 0.51 56.04
N ASP G 55 33.41 1.36 55.02
CA ASP G 55 33.39 0.93 53.62
C ASP G 55 34.21 1.91 52.79
N ASN G 56 35.43 1.51 52.47
CA ASN G 56 36.40 2.36 51.82
C ASN G 56 36.96 1.66 50.57
N PRO G 57 36.17 1.60 49.48
CA PRO G 57 36.62 0.91 48.29
C PRO G 57 37.79 1.64 47.65
N ASN G 58 38.81 0.90 47.21
CA ASN G 58 39.95 1.53 46.54
C ASN G 58 39.54 2.01 45.14
N ALA G 59 40.07 3.17 44.72
CA ALA G 59 39.84 3.69 43.36
C ALA G 59 39.94 2.61 42.29
N THR G 60 41.01 1.81 42.40
CA THR G 60 41.34 0.78 41.42
C THR G 60 40.38 -0.42 41.40
N THR G 61 39.44 -0.47 42.34
CA THR G 61 38.47 -1.56 42.43
C THR G 61 37.08 -1.18 41.90
N LEU G 62 36.98 0.06 41.39
CA LEU G 62 35.70 0.66 41.01
C LEU G 62 35.63 0.97 39.49
N PRO G 63 34.84 0.19 38.75
CA PRO G 63 34.62 0.46 37.33
C PRO G 63 33.95 1.82 37.11
N THR G 64 34.43 2.54 36.12
CA THR G 64 33.93 3.89 35.80
C THR G 64 33.56 3.98 34.33
N TYR G 65 32.74 4.97 33.95
CA TYR G 65 32.38 5.16 32.54
C TYR G 65 33.56 5.56 31.68
N SER G 66 33.51 5.16 30.42
CA SER G 66 34.46 5.59 29.42
C SER G 66 33.75 6.68 28.62
N VAL G 67 34.50 7.67 28.16
CA VAL G 67 33.94 8.68 27.29
C VAL G 67 35.00 9.26 26.39
N ALA G 68 34.61 9.51 25.14
CA ALA G 68 35.46 10.22 24.19
C ALA G 68 34.66 11.32 23.50
N VAL G 69 35.37 12.33 23.00
CA VAL G 69 34.76 13.48 22.34
C VAL G 69 35.36 13.61 20.97
N ILE G 70 34.55 13.46 19.94
CA ILE G 70 35.09 13.50 18.59
C ILE G 70 34.81 14.88 18.01
N LYS G 71 35.86 15.55 17.55
CA LYS G 71 35.72 16.82 16.84
C LYS G 71 35.33 16.55 15.39
N LEU G 72 34.23 17.14 14.96
CA LEU G 72 33.74 16.98 13.60
C LEU G 72 34.12 18.18 12.75
N PRO G 73 34.01 18.07 11.41
CA PRO G 73 34.41 19.20 10.56
C PRO G 73 33.58 20.44 10.81
N MET G 74 34.25 21.59 10.80
CA MET G 74 33.62 22.89 11.01
C MET G 74 32.58 23.18 9.93
N LEU G 75 31.40 23.61 10.33
CA LEU G 75 30.30 23.81 9.37
C LEU G 75 30.06 25.26 9.03
N ASN G 76 29.99 26.11 10.06
CA ASN G 76 29.55 27.47 9.88
C ASN G 76 30.71 28.44 9.76
N GLU G 77 30.98 28.90 8.54
CA GLU G 77 32.01 29.90 8.30
C GLU G 77 31.56 31.30 8.75
N ASP G 78 30.28 31.61 8.52
CA ASP G 78 29.70 32.90 8.87
C ASP G 78 28.63 32.69 9.95
N MET G 79 28.94 33.03 11.17
CA MET G 79 27.97 32.85 12.21
C MET G 79 26.91 33.94 12.33
N THR G 80 26.80 34.78 11.33
CA THR G 80 25.77 35.78 11.34
C THR G 80 24.58 35.43 10.45
N CYS G 81 24.66 34.31 9.75
CA CYS G 81 23.64 33.97 8.81
C CYS G 81 22.39 33.52 9.53
N ASP G 82 21.25 33.95 9.04
CA ASP G 82 20.00 33.66 9.68
C ASP G 82 19.75 32.19 10.03
N THR G 83 20.37 31.29 9.29
CA THR G 83 20.39 29.89 9.62
C THR G 83 21.80 29.30 9.64
N LEU G 84 22.01 28.33 10.49
CA LEU G 84 23.29 27.65 10.63
C LEU G 84 23.10 26.17 10.34
N LEU G 85 24.20 25.42 10.36
CA LEU G 85 24.19 23.97 10.21
C LEU G 85 24.79 23.32 11.46
N MET G 86 24.26 22.15 11.82
CA MET G 86 24.80 21.32 12.90
C MET G 86 24.88 19.88 12.41
N TRP G 87 25.91 19.16 12.84
CA TRP G 87 25.98 17.73 12.59
C TRP G 87 24.92 17.00 13.37
N GLU G 88 24.22 16.11 12.67
CA GLU G 88 23.11 15.37 13.27
C GLU G 88 23.47 13.90 13.19
N ALA G 89 23.59 13.24 14.35
CA ALA G 89 23.92 11.81 14.40
C ALA G 89 22.67 11.00 14.07
N VAL G 90 22.77 10.16 13.03
CA VAL G 90 21.60 9.53 12.45
C VAL G 90 21.53 8.06 12.83
N SER G 91 22.69 7.40 12.81
CA SER G 91 22.74 5.98 13.11
C SER G 91 24.10 5.57 13.60
N VAL G 92 24.13 4.42 14.25
CA VAL G 92 25.39 3.91 14.79
C VAL G 92 25.48 2.39 14.67
N LYS G 93 26.64 1.92 14.22
CA LYS G 93 27.00 0.53 14.36
C LYS G 93 27.92 0.46 15.58
N THR G 94 27.60 -0.38 16.54
CA THR G 94 28.47 -0.54 17.72
C THR G 94 28.73 -2.00 18.08
N GLU G 95 29.86 -2.27 18.71
CA GLU G 95 30.34 -3.65 18.85
C GLU G 95 31.25 -3.74 20.06
N VAL G 96 31.00 -4.67 20.96
CA VAL G 96 31.94 -4.96 22.05
C VAL G 96 33.02 -5.86 21.45
N MET G 97 34.28 -5.46 21.58
CA MET G 97 35.36 -6.19 20.92
C MET G 97 36.04 -7.18 21.85
N GLY G 98 36.67 -8.23 21.29
CA GLY G 98 37.37 -9.24 22.07
C GLY G 98 36.51 -10.14 22.93
N ILE G 99 35.25 -10.33 22.54
CA ILE G 99 34.37 -11.26 23.24
C ILE G 99 34.96 -12.68 23.37
N SER G 100 35.57 -13.16 22.30
CA SER G 100 36.15 -14.50 22.30
C SER G 100 37.36 -14.67 23.24
N SER G 101 37.92 -13.58 23.77
CA SER G 101 38.97 -13.67 24.78
C SER G 101 38.50 -14.37 26.06
N LEU G 102 37.18 -14.40 26.26
CA LEU G 102 36.58 -15.04 27.42
C LEU G 102 36.54 -16.56 27.31
N VAL G 103 36.68 -17.03 26.07
CA VAL G 103 36.61 -18.46 25.76
C VAL G 103 38.00 -19.05 26.05
N ASN G 104 38.24 -19.30 27.34
CA ASN G 104 39.58 -19.52 27.86
C ASN G 104 39.45 -20.17 29.22
N LEU G 105 39.88 -21.42 29.30
CA LEU G 105 39.71 -22.17 30.54
C LEU G 105 41.04 -22.58 31.13
N HIS G 106 42.12 -21.97 30.64
CA HIS G 106 43.48 -22.27 31.11
C HIS G 106 44.08 -21.17 31.93
N GLN G 107 43.47 -19.98 31.89
CA GLN G 107 43.90 -18.84 32.70
C GLN G 107 43.97 -19.26 34.18
N GLY G 108 44.93 -18.69 34.92
CA GLY G 108 44.98 -18.90 36.37
C GLY G 108 43.63 -18.60 36.99
N GLY G 109 43.28 -19.32 38.05
CA GLY G 109 41.98 -19.11 38.69
C GLY G 109 41.52 -20.28 39.53
N LYS G 110 40.21 -20.35 39.74
CA LYS G 110 39.57 -21.37 40.58
C LYS G 110 39.13 -22.55 39.72
N TYR G 111 39.45 -23.78 40.11
CA TYR G 111 39.06 -24.95 39.32
C TYR G 111 37.55 -25.11 39.23
N ILE G 112 37.05 -25.52 38.06
CA ILE G 112 35.61 -25.81 37.84
C ILE G 112 35.22 -26.99 38.71
N TYR G 113 35.98 -28.08 38.61
CA TYR G 113 35.78 -29.21 39.51
C TYR G 113 37.07 -29.38 40.32
N GLY G 114 37.79 -30.47 40.08
CA GLY G 114 39.06 -30.68 40.75
C GLY G 114 40.28 -30.12 40.03
N SER G 115 41.43 -30.34 40.63
CA SER G 115 42.68 -29.76 40.15
C SER G 115 43.09 -30.28 38.77
N SER G 116 42.38 -31.29 38.27
CA SER G 116 42.59 -31.79 36.89
C SER G 116 41.74 -31.07 35.83
N SER G 117 40.84 -30.20 36.26
CA SER G 117 39.89 -29.55 35.33
C SER G 117 40.37 -28.18 34.90
N GLY G 118 39.63 -27.53 33.98
CA GLY G 118 39.91 -26.14 33.63
C GLY G 118 39.48 -25.19 34.73
N THR G 119 39.77 -23.91 34.56
CA THR G 119 39.37 -22.91 35.53
C THR G 119 38.06 -22.19 35.15
N ILE G 120 37.36 -21.70 36.17
CA ILE G 120 36.08 -20.98 36.00
C ILE G 120 36.29 -19.70 35.16
N PRO G 121 35.53 -19.56 34.06
CA PRO G 121 35.69 -18.40 33.20
C PRO G 121 35.06 -17.17 33.86
N VAL G 122 35.24 -16.01 33.23
CA VAL G 122 34.62 -14.76 33.69
C VAL G 122 33.10 -14.93 33.70
N GLN G 123 32.47 -14.62 34.83
CA GLN G 123 31.01 -14.76 34.97
C GLN G 123 30.47 -13.84 36.07
N GLY G 124 29.14 -13.84 36.25
CA GLY G 124 28.53 -12.99 37.26
C GLY G 124 27.97 -11.70 36.66
N THR G 125 27.96 -10.62 37.45
CA THR G 125 27.29 -9.37 37.10
C THR G 125 27.87 -8.74 35.81
N THR G 126 26.96 -8.31 34.92
CA THR G 126 27.30 -7.65 33.66
C THR G 126 26.54 -6.33 33.51
N LEU G 127 27.18 -5.38 32.86
CA LEU G 127 26.58 -4.10 32.59
C LEU G 127 27.14 -3.62 31.27
N HIS G 128 26.22 -3.30 30.36
CA HIS G 128 26.58 -2.81 29.05
C HIS G 128 25.82 -1.56 28.81
N MET G 129 26.53 -0.50 28.49
CA MET G 129 25.90 0.75 28.09
C MET G 129 26.69 1.42 26.98
N PHE G 130 25.99 2.07 26.05
CA PHE G 130 26.62 2.95 25.09
C PHE G 130 25.71 4.15 24.88
N SER G 131 26.31 5.31 24.59
CA SER G 131 25.54 6.50 24.29
C SER G 131 26.22 7.34 23.21
N VAL G 132 25.40 7.98 22.39
CA VAL G 132 25.85 8.88 21.34
C VAL G 132 25.06 10.19 21.54
N GLY G 133 25.75 11.31 21.69
CA GLY G 133 25.06 12.60 21.87
C GLY G 133 25.89 13.80 21.43
N GLY G 134 25.24 14.96 21.38
CA GLY G 134 25.90 16.17 20.91
C GLY G 134 26.42 17.06 22.04
N GLU G 135 26.63 16.45 23.21
CA GLU G 135 27.04 17.12 24.46
C GLU G 135 27.22 16.03 25.52
N PRO G 136 27.83 16.33 26.70
CA PRO G 136 28.03 15.25 27.69
C PRO G 136 26.73 14.52 28.11
N LEU G 137 26.84 13.22 28.34
CA LEU G 137 25.74 12.43 28.88
C LEU G 137 25.46 12.88 30.29
N GLU G 138 24.19 13.20 30.55
CA GLU G 138 23.78 13.74 31.85
C GLU G 138 23.47 12.59 32.82
N LEU G 139 23.93 12.74 34.06
CA LEU G 139 23.96 11.63 35.00
C LEU G 139 23.18 11.91 36.27
N GLN G 140 22.69 10.83 36.89
CA GLN G 140 22.01 10.88 38.17
C GLN G 140 22.76 9.98 39.15
N GLY G 141 22.93 10.46 40.39
CA GLY G 141 23.59 9.68 41.44
C GLY G 141 22.63 8.87 42.29
N LEU G 142 23.02 7.64 42.60
CA LEU G 142 22.25 6.74 43.46
C LEU G 142 23.18 5.59 43.84
N VAL G 143 23.21 5.25 45.13
CA VAL G 143 24.18 4.28 45.64
C VAL G 143 23.53 3.20 46.50
N ALA G 144 24.25 2.09 46.67
CA ALA G 144 23.80 1.01 47.55
C ALA G 144 23.83 1.47 49.01
N SER G 145 24.85 2.27 49.37
CA SER G 145 25.01 2.72 50.74
C SER G 145 25.55 4.15 50.85
N SER G 146 24.79 5.01 51.53
CA SER G 146 25.19 6.39 51.68
C SER G 146 26.39 6.57 52.62
N THR G 147 26.79 5.53 53.36
CA THR G 147 27.91 5.66 54.29
C THR G 147 29.25 5.16 53.71
N THR G 148 29.22 4.77 52.45
CA THR G 148 30.46 4.46 51.73
C THR G 148 31.32 5.72 51.60
N THR G 149 32.60 5.61 51.98
CA THR G 149 33.54 6.66 51.69
C THR G 149 34.22 6.38 50.35
N TYR G 150 33.91 7.19 49.32
CA TYR G 150 34.56 7.01 48.03
C TYR G 150 35.90 7.74 47.94
N PRO G 151 36.80 7.28 47.05
CA PRO G 151 38.09 7.96 46.91
C PRO G 151 37.92 9.38 46.38
N THR G 152 38.67 10.31 46.98
CA THR G 152 38.48 11.75 46.74
C THR G 152 38.80 12.18 45.31
N ASP G 153 39.69 11.46 44.63
CA ASP G 153 40.05 11.83 43.28
C ASP G 153 39.06 11.32 42.22
N MET G 154 38.01 10.64 42.66
CA MET G 154 36.94 10.29 41.73
C MET G 154 35.82 11.30 41.89
N VAL G 155 34.93 11.37 40.91
CA VAL G 155 33.76 12.22 41.02
C VAL G 155 32.63 11.37 41.55
N THR G 156 32.21 11.68 42.77
CA THR G 156 31.08 10.99 43.38
C THR G 156 30.13 12.02 43.96
N ILE G 157 29.19 11.60 44.80
CA ILE G 157 28.17 12.50 45.33
C ILE G 157 28.72 13.22 46.55
N LYS G 158 28.57 14.55 46.53
CA LYS G 158 29.05 15.41 47.60
C LYS G 158 28.16 15.31 48.82
N ASN G 159 28.74 14.96 49.96
CA ASN G 159 28.04 15.01 51.24
C ASN G 159 26.77 14.17 51.24
N MET G 160 26.90 12.89 50.88
CA MET G 160 25.79 11.94 50.86
C MET G 160 25.01 11.88 52.17
N LYS G 161 23.73 11.59 52.06
CA LYS G 161 22.86 11.34 53.20
C LYS G 161 22.03 10.12 52.79
N PRO G 162 21.34 9.46 53.75
CA PRO G 162 20.56 8.25 53.43
C PRO G 162 19.64 8.33 52.19
N VAL G 163 19.17 9.55 51.89
CA VAL G 163 18.35 9.80 50.69
C VAL G 163 19.04 9.43 49.37
N ASN G 164 20.37 9.40 49.36
CA ASN G 164 21.09 9.06 48.14
C ASN G 164 21.09 7.55 47.81
N GLN G 165 20.44 6.77 48.67
CA GLN G 165 20.19 5.36 48.41
C GLN G 165 18.94 5.22 47.54
N ALA G 166 18.25 6.33 47.34
CA ALA G 166 17.18 6.40 46.35
C ALA G 166 17.37 7.70 45.55
N LEU G 167 16.30 8.29 45.05
CA LEU G 167 16.44 9.47 44.17
C LEU G 167 16.58 10.78 44.93
N ASP G 168 17.76 11.40 44.78
CA ASP G 168 18.02 12.74 45.31
C ASP G 168 18.17 13.70 44.12
N PRO G 169 17.22 14.65 43.97
CA PRO G 169 17.16 15.53 42.80
C PRO G 169 18.37 16.45 42.65
N ASN G 170 19.14 16.63 43.72
CA ASN G 170 20.32 17.47 43.67
C ASN G 170 21.58 16.73 43.26
N ALA G 171 21.53 15.40 43.24
CA ALA G 171 22.70 14.57 42.92
C ALA G 171 22.82 14.34 41.42
N LYS G 172 23.24 15.38 40.70
CA LYS G 172 23.37 15.32 39.23
C LYS G 172 24.79 15.61 38.79
N ALA G 173 25.18 15.07 37.64
CA ALA G 173 26.52 15.27 37.10
C ALA G 173 26.51 15.21 35.57
N LEU G 174 27.65 15.58 34.99
CA LEU G 174 27.88 15.42 33.58
C LEU G 174 29.01 14.46 33.43
N LEU G 175 28.84 13.50 32.53
CA LEU G 175 29.91 12.59 32.16
C LEU G 175 30.92 13.33 31.27
N ASP G 176 31.84 14.05 31.92
CA ASP G 176 32.77 14.92 31.22
C ASP G 176 34.22 14.49 31.38
N LYS G 177 34.46 13.40 32.11
CA LYS G 177 35.81 12.86 32.25
C LYS G 177 35.84 11.34 32.10
N ASP G 178 36.76 10.85 31.29
CA ASP G 178 36.99 9.43 31.13
C ASP G 178 37.59 8.83 32.42
N GLY G 179 37.00 7.73 32.90
CA GLY G 179 37.56 6.97 34.02
C GLY G 179 37.50 7.62 35.38
N LYS G 180 36.42 8.35 35.63
CA LYS G 180 36.33 9.17 36.83
C LYS G 180 35.00 9.03 37.57
N TYR G 181 33.95 8.65 36.84
CA TYR G 181 32.60 8.52 37.40
C TYR G 181 32.27 7.04 37.59
N PRO G 182 32.29 6.55 38.85
CA PRO G 182 31.95 5.13 39.11
C PRO G 182 30.54 4.75 38.63
N VAL G 183 30.41 3.54 38.08
CA VAL G 183 29.10 3.06 37.60
C VAL G 183 28.17 2.74 38.78
N GLU G 184 28.75 2.31 39.90
CA GLU G 184 27.93 2.01 41.08
C GLU G 184 27.38 3.27 41.76
N VAL G 185 27.74 4.44 41.22
CA VAL G 185 27.29 5.75 41.76
C VAL G 185 26.38 6.51 40.78
N TRP G 186 26.77 6.51 39.50
CA TRP G 186 26.13 7.31 38.46
C TRP G 186 25.49 6.43 37.41
N SER G 187 24.33 6.86 36.95
CA SER G 187 23.62 6.21 35.84
C SER G 187 22.93 7.31 34.99
N PRO G 188 22.53 6.99 33.74
CA PRO G 188 21.98 8.04 32.89
C PRO G 188 20.70 8.63 33.48
N ASP G 189 20.56 9.95 33.34
CA ASP G 189 19.48 10.69 33.93
C ASP G 189 18.34 10.78 32.92
N PRO G 190 17.23 10.05 33.15
CA PRO G 190 16.16 10.03 32.14
C PRO G 190 15.34 11.31 32.12
N SER G 191 15.51 12.16 33.13
CA SER G 191 14.82 13.45 33.16
C SER G 191 15.53 14.47 32.28
N LYS G 192 16.71 14.15 31.77
CA LYS G 192 17.42 15.06 30.86
C LYS G 192 17.76 14.34 29.57
N ASN G 193 19.00 14.50 29.08
CA ASN G 193 19.46 13.74 27.92
C ASN G 193 18.59 13.82 26.68
N GLU G 194 17.95 14.97 26.50
CA GLU G 194 17.19 15.28 25.28
C GLU G 194 18.04 15.14 24.01
N ASN G 195 19.32 15.45 24.11
CA ASN G 195 20.20 15.53 22.96
C ASN G 195 21.24 14.39 22.91
N THR G 196 20.95 13.30 23.64
CA THR G 196 21.80 12.08 23.62
C THR G 196 20.86 10.86 23.49
N ARG G 197 21.29 9.81 22.81
CA ARG G 197 20.57 8.54 22.86
C ARG G 197 21.41 7.52 23.61
N TYR G 198 20.88 6.97 24.70
CA TYR G 198 21.60 5.98 25.49
C TYR G 198 20.85 4.68 25.57
N TYR G 199 21.62 3.61 25.68
CA TYR G 199 21.07 2.25 25.64
C TYR G 199 21.84 1.43 26.67
N GLY G 200 21.10 0.80 27.56
CA GLY G 200 21.70 0.08 28.67
C GLY G 200 21.14 -1.30 28.92
N SER G 201 22.02 -2.23 29.28
CA SER G 201 21.58 -3.54 29.74
C SER G 201 22.30 -4.07 30.95
N PHE G 202 21.55 -4.65 31.90
CA PHE G 202 22.12 -5.17 33.15
C PHE G 202 21.59 -6.55 33.50
N THR G 203 22.51 -7.48 33.80
CA THR G 203 22.15 -8.74 34.43
C THR G 203 23.01 -8.95 35.69
N GLY G 204 22.34 -9.24 36.80
CA GLY G 204 23.04 -9.34 38.08
C GLY G 204 23.50 -10.74 38.42
N GLY G 205 23.64 -11.02 39.71
CA GLY G 205 24.12 -12.32 40.16
C GLY G 205 25.61 -12.40 40.37
N ALA G 206 26.02 -13.34 41.23
CA ALA G 206 27.43 -13.56 41.49
C ALA G 206 28.10 -14.47 40.45
N THR G 207 27.36 -15.44 39.91
CA THR G 207 27.95 -16.44 39.00
C THR G 207 27.23 -16.58 37.65
N THR G 208 26.34 -15.65 37.33
CA THR G 208 25.54 -15.69 36.10
C THR G 208 26.40 -15.76 34.84
N PRO G 209 26.09 -16.70 33.92
CA PRO G 209 26.85 -16.76 32.67
C PRO G 209 26.61 -15.53 31.78
N PRO G 210 27.70 -14.92 31.28
CA PRO G 210 27.64 -13.77 30.35
C PRO G 210 27.10 -14.16 28.98
N VAL G 211 26.37 -13.24 28.35
CA VAL G 211 25.79 -13.48 27.03
C VAL G 211 26.05 -12.26 26.18
N MET G 212 26.65 -12.46 25.01
CA MET G 212 26.96 -11.37 24.09
C MET G 212 26.86 -11.77 22.60
N GLN G 213 26.34 -10.85 21.79
CA GLN G 213 26.30 -10.99 20.34
C GLN G 213 27.37 -10.14 19.67
N PHE G 214 27.84 -10.58 18.51
CA PHE G 214 28.72 -9.73 17.71
C PHE G 214 28.46 -9.89 16.23
N THR G 215 28.39 -8.77 15.52
CA THR G 215 28.05 -8.82 14.10
C THR G 215 28.35 -7.48 13.46
N ASN G 216 28.57 -7.46 12.17
CA ASN G 216 28.58 -6.20 11.46
C ASN G 216 27.33 -5.98 10.60
N SER G 217 26.21 -6.61 10.95
CA SER G 217 25.01 -6.47 10.13
C SER G 217 23.97 -5.57 10.77
N VAL G 218 24.22 -5.09 11.98
CA VAL G 218 23.17 -4.43 12.78
C VAL G 218 23.45 -2.94 12.99
N THR G 219 22.47 -2.10 12.66
CA THR G 219 22.57 -0.65 12.82
C THR G 219 21.50 -0.13 13.81
N THR G 220 21.87 0.82 14.67
CA THR G 220 20.90 1.47 15.54
C THR G 220 20.58 2.85 15.01
N VAL G 221 19.31 3.10 14.72
CA VAL G 221 18.87 4.41 14.28
C VAL G 221 18.73 5.32 15.49
N LEU G 222 19.23 6.55 15.37
CA LEU G 222 19.33 7.48 16.51
C LEU G 222 18.28 8.60 16.50
N LEU G 223 17.37 8.58 15.52
CA LEU G 223 16.39 9.64 15.37
C LEU G 223 15.32 9.50 16.43
N ASP G 224 14.85 10.62 16.96
CA ASP G 224 13.76 10.60 17.90
C ASP G 224 12.44 10.49 17.15
N GLU G 225 11.33 10.65 17.87
CA GLU G 225 10.01 10.49 17.29
C GLU G 225 9.68 11.57 16.24
N ASN G 226 10.41 12.69 16.27
CA ASN G 226 10.27 13.73 15.25
C ASN G 226 11.27 13.62 14.09
N GLY G 227 12.04 12.54 14.06
CA GLY G 227 13.04 12.33 13.01
C GLY G 227 14.33 13.12 13.18
N VAL G 228 14.69 13.42 14.43
CA VAL G 228 15.86 14.25 14.68
C VAL G 228 16.83 13.48 15.56
N GLY G 229 18.05 13.35 15.10
CA GLY G 229 19.08 12.72 15.89
C GLY G 229 19.71 13.74 16.82
N PRO G 230 20.63 13.29 17.71
CA PRO G 230 21.46 14.19 18.52
C PRO G 230 22.18 15.25 17.67
N LEU G 231 22.21 16.51 18.12
CA LEU G 231 22.83 17.58 17.35
C LEU G 231 24.11 18.05 18.03
N CYS G 232 25.21 18.06 17.30
CA CYS G 232 26.54 18.22 17.92
C CYS G 232 26.91 19.68 18.23
N LYS G 233 26.76 20.06 19.49
CA LYS G 233 27.07 21.43 19.91
C LYS G 233 28.56 21.66 19.78
N GLY G 234 28.92 22.71 19.05
CA GLY G 234 30.32 23.10 18.85
C GLY G 234 31.04 22.09 17.97
N ASP G 235 30.27 21.36 17.16
CA ASP G 235 30.80 20.31 16.27
C ASP G 235 31.50 19.17 17.03
N LYS G 236 30.93 18.80 18.18
CA LYS G 236 31.47 17.77 19.06
C LYS G 236 30.49 16.58 19.24
N LEU G 237 31.01 15.40 18.96
CA LEU G 237 30.26 14.19 19.21
C LEU G 237 30.79 13.51 20.47
N PHE G 238 29.86 13.17 21.37
CA PHE G 238 30.18 12.53 22.64
C PHE G 238 29.80 11.06 22.61
N LEU G 239 30.80 10.19 22.74
CA LEU G 239 30.57 8.74 22.77
C LEU G 239 30.95 8.24 24.16
N SER G 240 30.03 7.50 24.78
CA SER G 240 30.21 7.04 26.14
C SER G 240 29.87 5.59 26.19
N ALA G 241 30.44 4.87 27.15
CA ALA G 241 30.20 3.42 27.25
C ALA G 241 30.69 2.84 28.56
N VAL G 242 30.07 1.72 28.96
CA VAL G 242 30.71 0.83 29.92
C VAL G 242 30.36 -0.58 29.51
N ASP G 243 31.35 -1.46 29.59
CA ASP G 243 31.12 -2.87 29.25
C ASP G 243 31.79 -3.83 30.24
N ILE G 244 31.14 -3.99 31.39
CA ILE G 244 31.58 -4.92 32.42
C ILE G 244 31.03 -6.28 32.00
N VAL G 245 31.91 -7.24 31.74
CA VAL G 245 31.45 -8.52 31.19
C VAL G 245 31.42 -9.63 32.25
N GLY G 246 31.86 -9.29 33.47
CA GLY G 246 31.71 -10.16 34.63
C GLY G 246 32.87 -10.02 35.59
N ILE G 247 33.08 -11.07 36.38
CA ILE G 247 34.08 -11.13 37.43
C ILE G 247 35.02 -12.31 37.17
N HIS G 248 36.34 -12.08 37.25
CA HIS G 248 37.29 -13.20 37.23
C HIS G 248 37.68 -13.52 38.64
N THR G 249 37.72 -14.81 38.98
CA THR G 249 38.09 -15.23 40.30
C THR G 249 39.47 -15.90 40.26
N ASN G 250 40.38 -15.41 41.08
CA ASN G 250 41.69 -15.98 41.24
C ASN G 250 41.63 -17.24 42.09
N TYR G 251 42.72 -18.01 42.09
CA TYR G 251 42.78 -19.28 42.85
C TYR G 251 42.57 -19.02 44.31
N SER G 252 43.07 -17.87 44.78
CA SER G 252 42.94 -17.42 46.17
C SER G 252 41.50 -17.05 46.51
N GLU G 253 40.64 -16.99 45.48
CA GLU G 253 39.24 -16.55 45.62
C GLU G 253 39.05 -15.03 45.64
N SER G 254 40.14 -14.26 45.53
CA SER G 254 39.99 -12.83 45.28
C SER G 254 39.40 -12.62 43.87
N GLN G 255 38.77 -11.47 43.66
CA GLN G 255 38.00 -11.27 42.43
C GLN G 255 38.30 -9.93 41.77
N ASN G 256 38.28 -9.93 40.43
CA ASN G 256 38.51 -8.73 39.64
C ASN G 256 37.42 -8.56 38.61
N TRP G 257 36.95 -7.32 38.44
CA TRP G 257 36.03 -6.97 37.36
C TRP G 257 36.76 -7.04 36.07
N ARG G 258 36.09 -7.58 35.05
CA ARG G 258 36.65 -7.62 33.71
C ARG G 258 35.76 -6.77 32.76
N GLY G 259 36.38 -5.91 31.97
CA GLY G 259 35.67 -5.14 30.94
C GLY G 259 36.28 -5.37 29.58
N LEU G 260 35.50 -5.04 28.53
CA LEU G 260 35.95 -5.11 27.14
C LEU G 260 35.74 -3.77 26.44
N PRO G 261 36.54 -3.47 25.40
CA PRO G 261 36.41 -2.18 24.73
C PRO G 261 35.25 -2.16 23.73
N ARG G 262 34.77 -0.97 23.42
CA ARG G 262 33.63 -0.84 22.51
C ARG G 262 34.01 -0.07 21.25
N TYR G 263 33.57 -0.57 20.10
CA TYR G 263 33.72 0.16 18.85
C TYR G 263 32.44 0.95 18.50
N PHE G 264 32.63 2.13 17.92
CA PHE G 264 31.53 2.96 17.41
C PHE G 264 31.82 3.32 15.96
N ASN G 265 30.80 3.21 15.12
CA ASN G 265 30.82 3.83 13.80
C ASN G 265 29.55 4.66 13.63
N VAL G 266 29.70 5.99 13.62
CA VAL G 266 28.56 6.91 13.63
C VAL G 266 28.41 7.63 12.28
N THR G 267 27.19 7.63 11.74
CA THR G 267 26.87 8.34 10.52
C THR G 267 26.14 9.60 10.89
N LEU G 268 26.55 10.70 10.26
CA LEU G 268 26.02 12.00 10.55
C LEU G 268 25.66 12.75 9.28
N ARG G 269 24.68 13.64 9.39
CA ARG G 269 24.22 14.44 8.26
C ARG G 269 24.12 15.85 8.74
N LYS G 270 24.09 16.79 7.78
CA LYS G 270 23.88 18.21 8.08
C LYS G 270 22.40 18.54 8.32
N ARG G 271 22.14 19.24 9.43
CA ARG G 271 20.80 19.70 9.81
C ARG G 271 20.79 21.21 9.87
N VAL G 272 19.82 21.84 9.21
CA VAL G 272 19.64 23.28 9.31
C VAL G 272 18.97 23.63 10.64
N VAL G 273 19.46 24.68 11.32
CA VAL G 273 18.83 25.27 12.51
C VAL G 273 18.71 26.81 12.35
N LYS G 274 17.71 27.40 12.99
CA LYS G 274 17.58 28.86 12.99
C LYS G 274 18.66 29.46 13.89
N ASN G 275 19.29 30.54 13.44
CA ASN G 275 20.39 31.16 14.21
C ASN G 275 19.84 31.92 15.42
N PRO G 276 20.15 31.44 16.64
CA PRO G 276 19.59 32.03 17.86
C PRO G 276 20.43 33.19 18.44
N TYR G 277 21.11 33.97 17.60
CA TYR G 277 21.89 35.14 18.07
C TYR G 277 21.45 36.40 17.37
N GLY H 5 37.30 -0.98 -1.20
CA GLY H 5 36.84 0.42 -1.33
C GLY H 5 37.49 1.18 -2.48
N GLY H 6 38.32 0.49 -3.26
CA GLY H 6 38.99 1.13 -4.39
C GLY H 6 38.22 1.04 -5.72
N VAL H 7 37.13 0.29 -5.72
CA VAL H 7 36.42 -0.08 -6.94
C VAL H 7 35.01 0.52 -6.97
N GLU H 8 34.61 1.13 -8.09
CA GLU H 8 33.25 1.66 -8.25
C GLU H 8 32.25 0.55 -8.62
N VAL H 9 31.36 0.22 -7.69
CA VAL H 9 30.37 -0.82 -7.89
C VAL H 9 29.17 -0.31 -8.70
N LEU H 10 28.78 -1.06 -9.73
CA LEU H 10 27.67 -0.68 -10.58
C LEU H 10 26.50 -1.64 -10.40
N GLU H 11 25.74 -1.89 -11.46
CA GLU H 11 24.48 -2.61 -11.32
C GLU H 11 24.61 -4.13 -11.38
N VAL H 12 23.55 -4.82 -10.94
CA VAL H 12 23.45 -6.26 -11.05
C VAL H 12 23.32 -6.68 -12.51
N ARG H 13 24.07 -7.72 -12.90
CA ARG H 13 24.02 -8.25 -14.26
C ARG H 13 22.86 -9.22 -14.38
N THR H 14 21.95 -8.95 -15.30
CA THR H 14 20.83 -9.88 -15.51
C THR H 14 21.09 -10.81 -16.67
N GLY H 15 20.13 -11.71 -16.90
CA GLY H 15 20.19 -12.64 -18.02
C GLY H 15 20.16 -14.06 -17.49
N PRO H 16 20.10 -15.05 -18.41
CA PRO H 16 20.18 -16.45 -17.98
C PRO H 16 21.52 -16.68 -17.28
N ASP H 17 21.59 -17.66 -16.39
CA ASP H 17 22.87 -18.06 -15.80
C ASP H 17 23.61 -16.95 -15.06
N ALA H 18 22.87 -16.00 -14.51
CA ALA H 18 23.44 -14.90 -13.76
C ALA H 18 23.71 -15.30 -12.30
N ILE H 19 23.23 -16.48 -11.92
CA ILE H 19 23.17 -16.94 -10.53
C ILE H 19 23.88 -18.27 -10.34
N THR H 20 24.64 -18.40 -9.26
CA THR H 20 25.19 -19.69 -8.90
C THR H 20 25.08 -19.97 -7.38
N GLN H 21 25.22 -21.23 -7.00
CA GLN H 21 25.20 -21.63 -5.61
C GLN H 21 26.47 -22.42 -5.34
N ILE H 22 27.04 -22.27 -4.15
CA ILE H 22 28.05 -23.21 -3.72
C ILE H 22 27.74 -23.78 -2.34
N GLU H 23 28.17 -25.00 -2.10
CA GLU H 23 27.97 -25.66 -0.83
C GLU H 23 29.32 -26.08 -0.29
N ALA H 24 29.47 -26.01 1.02
CA ALA H 24 30.73 -26.37 1.66
C ALA H 24 30.46 -26.71 3.11
N TYR H 25 31.42 -27.38 3.74
CA TYR H 25 31.36 -27.60 5.18
C TYR H 25 32.72 -27.32 5.78
N LEU H 26 32.73 -26.86 7.03
CA LEU H 26 33.98 -26.59 7.75
C LEU H 26 34.04 -27.45 8.98
N ASN H 27 35.04 -28.33 9.05
CA ASN H 27 35.20 -29.18 10.22
C ASN H 27 35.81 -28.35 11.32
N PRO H 28 35.45 -28.63 12.59
CA PRO H 28 35.96 -27.81 13.69
C PRO H 28 37.47 -28.01 13.94
N ARG H 29 38.12 -26.96 14.44
CA ARG H 29 39.55 -27.05 14.76
C ARG H 29 39.70 -26.76 16.25
N MET H 30 39.38 -27.75 17.07
CA MET H 30 39.36 -27.60 18.53
C MET H 30 40.72 -27.75 19.19
N GLY H 31 41.69 -28.24 18.44
CA GLY H 31 43.03 -28.41 18.98
C GLY H 31 43.58 -29.74 18.49
N ASN H 32 42.75 -30.78 18.54
CA ASN H 32 43.03 -32.02 17.85
C ASN H 32 42.48 -31.90 16.44
N ASN H 33 43.34 -31.56 15.48
CA ASN H 33 42.86 -31.05 14.19
C ASN H 33 43.07 -31.93 12.97
N ASN H 34 43.70 -33.08 13.18
CA ASN H 34 43.90 -34.08 12.15
C ASN H 34 42.80 -35.10 12.25
N PRO H 35 42.25 -35.54 11.10
CA PRO H 35 41.12 -36.51 11.11
C PRO H 35 41.50 -37.89 11.66
N THR H 36 42.81 -38.13 11.81
CA THR H 36 43.31 -39.37 12.40
C THR H 36 43.45 -39.30 13.91
N ASP H 37 43.35 -38.11 14.49
CA ASP H 37 43.47 -37.93 15.95
C ASP H 37 42.36 -38.66 16.70
N GLU H 38 42.72 -39.33 17.78
CA GLU H 38 41.74 -40.02 18.60
C GLU H 38 40.57 -39.10 19.02
N LEU H 39 40.92 -37.86 19.36
CA LEU H 39 39.97 -36.89 19.88
C LEU H 39 39.70 -35.73 18.90
N TYR H 40 39.79 -36.03 17.60
CA TYR H 40 39.36 -35.10 16.55
C TYR H 40 37.98 -34.55 16.88
N GLY H 41 37.83 -33.22 16.78
CA GLY H 41 36.57 -32.55 17.11
C GLY H 41 36.51 -32.09 18.57
N TYR H 42 37.56 -32.42 19.32
CA TYR H 42 37.76 -31.96 20.69
C TYR H 42 39.16 -31.37 20.82
N SER H 43 39.36 -30.51 21.82
CA SER H 43 40.73 -30.13 22.22
C SER H 43 41.38 -31.27 23.05
N ALA H 44 42.70 -31.19 23.23
CA ALA H 44 43.38 -32.04 24.22
C ALA H 44 42.98 -31.56 25.62
N ASP H 45 43.25 -32.36 26.65
CA ASP H 45 42.97 -31.97 28.05
C ASP H 45 43.54 -30.61 28.35
N ILE H 46 42.69 -29.69 28.82
CA ILE H 46 43.10 -28.32 29.13
C ILE H 46 44.25 -28.30 30.14
N ASN H 47 45.39 -27.71 29.79
CA ASN H 47 46.48 -27.56 30.75
C ASN H 47 46.43 -26.15 31.34
N VAL H 48 46.16 -26.07 32.63
CA VAL H 48 45.92 -24.81 33.33
C VAL H 48 47.24 -24.17 33.76
N ALA H 49 47.30 -22.84 33.73
CA ALA H 49 48.46 -22.09 34.18
C ALA H 49 48.76 -22.37 35.65
N SER H 50 50.04 -22.37 36.04
CA SER H 50 50.38 -22.47 37.47
C SER H 50 50.28 -21.12 38.17
N SER H 51 50.56 -20.05 37.43
CA SER H 51 50.34 -18.67 37.87
C SER H 51 50.17 -17.75 36.65
N LYS H 52 50.02 -16.45 36.89
CA LYS H 52 49.91 -15.50 35.79
C LYS H 52 51.22 -15.47 34.99
N ALA H 53 52.34 -15.54 35.69
CA ALA H 53 53.67 -15.53 35.08
C ALA H 53 53.96 -16.79 34.25
N SER H 54 53.40 -17.92 34.65
CA SER H 54 53.67 -19.21 34.00
C SER H 54 52.39 -19.84 33.44
N ASP H 55 52.17 -19.60 32.16
CA ASP H 55 50.95 -19.96 31.45
C ASP H 55 51.36 -20.35 30.04
N ASN H 56 51.54 -21.65 29.82
CA ASN H 56 51.93 -22.18 28.52
C ASN H 56 50.91 -23.20 28.01
N PRO H 57 49.78 -22.71 27.48
CA PRO H 57 48.78 -23.64 26.96
C PRO H 57 49.35 -24.43 25.77
N ASN H 58 49.14 -25.74 25.76
CA ASN H 58 49.56 -26.56 24.61
C ASN H 58 48.76 -26.15 23.38
N ALA H 59 49.37 -26.26 22.20
CA ALA H 59 48.69 -25.87 20.97
C ALA H 59 47.39 -26.68 20.76
N THR H 60 47.42 -27.93 21.23
CA THR H 60 46.29 -28.86 21.08
C THR H 60 45.13 -28.58 22.04
N THR H 61 45.29 -27.58 22.90
CA THR H 61 44.22 -27.22 23.85
C THR H 61 43.53 -25.91 23.51
N LEU H 62 43.91 -25.29 22.39
CA LEU H 62 43.40 -23.99 22.00
C LEU H 62 42.52 -24.06 20.72
N PRO H 63 41.19 -23.87 20.87
CA PRO H 63 40.36 -23.87 19.66
C PRO H 63 40.69 -22.68 18.76
N THR H 64 40.61 -22.90 17.45
CA THR H 64 41.03 -21.90 16.46
C THR H 64 39.90 -21.77 15.43
N TYR H 65 39.96 -20.73 14.60
CA TYR H 65 38.95 -20.55 13.55
C TYR H 65 39.13 -21.54 12.43
N SER H 66 38.01 -21.98 11.84
CA SER H 66 38.04 -22.67 10.57
C SER H 66 37.93 -21.63 9.49
N VAL H 67 38.57 -21.88 8.36
CA VAL H 67 38.43 -21.05 7.17
C VAL H 67 38.62 -21.92 5.95
N ALA H 68 37.76 -21.73 4.94
CA ALA H 68 37.97 -22.32 3.61
C ALA H 68 37.84 -21.24 2.54
N VAL H 69 38.69 -21.35 1.53
CA VAL H 69 38.62 -20.49 0.35
C VAL H 69 38.10 -21.33 -0.83
N ILE H 70 36.98 -20.89 -1.42
CA ILE H 70 36.41 -21.54 -2.60
C ILE H 70 36.62 -20.64 -3.82
N LYS H 71 37.29 -21.15 -4.85
CA LYS H 71 37.39 -20.36 -6.07
C LYS H 71 36.16 -20.55 -6.96
N LEU H 72 35.72 -19.45 -7.56
CA LEU H 72 34.49 -19.45 -8.36
C LEU H 72 34.81 -19.42 -9.87
N PRO H 73 33.82 -19.74 -10.74
CA PRO H 73 34.09 -19.63 -12.17
C PRO H 73 34.57 -18.24 -12.58
N MET H 74 35.58 -18.20 -13.46
CA MET H 74 36.12 -16.95 -13.97
C MET H 74 35.07 -16.18 -14.73
N LEU H 75 35.03 -14.86 -14.54
CA LEU H 75 33.98 -14.06 -15.14
C LEU H 75 34.44 -13.19 -16.31
N ASN H 76 35.72 -12.80 -16.32
CA ASN H 76 36.18 -11.83 -17.30
C ASN H 76 37.16 -12.43 -18.31
N GLU H 77 36.77 -12.42 -19.58
CA GLU H 77 37.64 -12.84 -20.71
C GLU H 77 38.81 -11.88 -20.90
N ASP H 78 38.54 -10.59 -20.69
CA ASP H 78 39.48 -9.52 -21.02
C ASP H 78 39.51 -8.49 -19.88
N MET H 79 40.69 -8.19 -19.39
CA MET H 79 40.81 -7.28 -18.29
C MET H 79 41.00 -5.86 -18.71
N THR H 80 40.89 -5.62 -20.00
CA THR H 80 40.99 -4.27 -20.49
C THR H 80 39.64 -3.64 -20.76
N CYS H 81 38.57 -4.36 -20.53
CA CYS H 81 37.25 -3.83 -20.78
C CYS H 81 36.87 -2.80 -19.76
N ASP H 82 36.05 -1.84 -20.14
CA ASP H 82 35.71 -0.77 -19.23
C ASP H 82 35.03 -1.17 -17.96
N THR H 83 34.25 -2.23 -18.05
CA THR H 83 33.57 -2.75 -16.90
C THR H 83 33.93 -4.21 -16.72
N LEU H 84 33.91 -4.67 -15.50
CA LEU H 84 34.17 -6.08 -15.20
C LEU H 84 33.06 -6.66 -14.34
N LEU H 85 33.00 -7.97 -14.27
CA LEU H 85 32.05 -8.65 -13.40
C LEU H 85 32.77 -9.22 -12.16
N MET H 86 32.06 -9.25 -11.03
CA MET H 86 32.50 -9.90 -9.79
C MET H 86 31.32 -10.71 -9.28
N TRP H 87 31.62 -11.85 -8.66
CA TRP H 87 30.61 -12.63 -7.96
C TRP H 87 30.23 -11.98 -6.67
N GLU H 88 28.93 -11.77 -6.46
CA GLU H 88 28.42 -11.14 -5.26
C GLU H 88 27.64 -12.14 -4.43
N ALA H 89 28.06 -12.35 -3.18
CA ALA H 89 27.37 -13.27 -2.26
C ALA H 89 26.10 -12.58 -1.77
N VAL H 90 24.96 -13.20 -2.09
CA VAL H 90 23.64 -12.59 -1.88
C VAL H 90 23.03 -13.06 -0.56
N SER H 91 23.07 -14.36 -0.32
CA SER H 91 22.45 -14.96 0.86
C SER H 91 23.14 -16.26 1.19
N VAL H 92 22.86 -16.79 2.38
CA VAL H 92 23.46 -18.03 2.85
C VAL H 92 22.48 -18.79 3.73
N LYS H 93 22.42 -20.10 3.52
CA LYS H 93 21.83 -20.99 4.52
C LYS H 93 22.97 -21.71 5.19
N THR H 94 22.93 -21.79 6.51
CA THR H 94 24.05 -22.36 7.26
C THR H 94 23.49 -23.14 8.45
N GLU H 95 24.15 -24.22 8.81
CA GLU H 95 23.64 -25.15 9.80
C GLU H 95 24.83 -25.73 10.53
N VAL H 96 24.70 -25.86 11.85
CA VAL H 96 25.68 -26.57 12.66
C VAL H 96 25.21 -28.02 12.65
N MET H 97 26.07 -28.91 12.17
CA MET H 97 25.74 -30.33 12.01
C MET H 97 26.10 -31.18 13.23
N GLY H 98 25.41 -32.30 13.35
CA GLY H 98 25.64 -33.25 14.43
C GLY H 98 25.20 -32.81 15.80
N ILE H 99 24.26 -31.85 15.88
CA ILE H 99 23.79 -31.35 17.19
C ILE H 99 23.25 -32.46 18.07
N SER H 100 22.54 -33.43 17.50
CA SER H 100 22.01 -34.49 18.35
C SER H 100 23.08 -35.45 18.89
N SER H 101 24.34 -35.28 18.45
CA SER H 101 25.40 -36.18 18.95
C SER H 101 25.62 -35.91 20.43
N LEU H 102 25.18 -34.72 20.87
CA LEU H 102 25.27 -34.33 22.29
C LEU H 102 24.25 -34.99 23.23
N VAL H 103 23.22 -35.58 22.63
CA VAL H 103 22.14 -36.21 23.40
C VAL H 103 22.58 -37.64 23.69
N ASN H 104 23.48 -37.73 24.66
CA ASN H 104 24.24 -38.94 24.92
C ASN H 104 24.62 -38.87 26.37
N LEU H 105 24.04 -39.75 27.20
CA LEU H 105 24.42 -39.82 28.62
C LEU H 105 25.25 -41.05 29.00
N HIS H 106 25.78 -41.75 28.01
CA HIS H 106 26.47 -43.03 28.27
C HIS H 106 27.94 -42.96 28.01
N GLN H 107 28.40 -41.80 27.56
CA GLN H 107 29.78 -41.60 27.21
C GLN H 107 30.60 -41.63 28.49
N GLY H 108 31.78 -42.27 28.44
CA GLY H 108 32.66 -42.23 29.61
C GLY H 108 32.82 -40.79 30.07
N GLY H 109 32.70 -40.57 31.38
CA GLY H 109 32.84 -39.23 31.93
C GLY H 109 32.57 -39.21 33.42
N LYS H 110 32.11 -38.06 33.89
CA LYS H 110 31.78 -37.84 35.30
C LYS H 110 30.28 -38.08 35.52
N TYR H 111 29.94 -38.75 36.63
CA TYR H 111 28.55 -39.10 36.90
C TYR H 111 27.77 -37.87 37.31
N ILE H 112 26.56 -37.75 36.75
CA ILE H 112 25.59 -36.75 37.19
C ILE H 112 25.33 -36.84 38.71
N TYR H 113 24.94 -38.03 39.16
CA TYR H 113 24.80 -38.27 40.59
C TYR H 113 25.89 -39.28 40.98
N GLY H 114 25.56 -40.41 41.60
CA GLY H 114 26.54 -41.49 41.84
C GLY H 114 26.74 -42.43 40.66
N SER H 115 27.40 -43.56 40.88
CA SER H 115 27.81 -44.46 39.78
C SER H 115 26.67 -45.23 39.10
N SER H 116 25.45 -45.06 39.61
CA SER H 116 24.26 -45.62 38.97
C SER H 116 23.67 -44.71 37.89
N SER H 117 24.07 -43.46 37.90
CA SER H 117 23.48 -42.48 36.97
C SER H 117 24.20 -42.43 35.62
N GLY H 118 23.64 -41.65 34.69
CA GLY H 118 24.35 -41.31 33.45
C GLY H 118 25.46 -40.31 33.70
N THR H 119 26.21 -39.97 32.64
CA THR H 119 27.32 -39.00 32.78
C THR H 119 26.93 -37.59 32.33
N ILE H 120 27.61 -36.59 32.91
CA ILE H 120 27.37 -35.17 32.58
C ILE H 120 27.71 -34.91 31.10
N PRO H 121 26.72 -34.41 30.33
CA PRO H 121 26.93 -34.15 28.89
C PRO H 121 27.73 -32.87 28.65
N VAL H 122 28.09 -32.61 27.39
CA VAL H 122 28.86 -31.44 27.02
C VAL H 122 28.12 -30.18 27.47
N GLN H 123 28.79 -29.32 28.24
CA GLN H 123 28.15 -28.08 28.68
C GLN H 123 29.23 -27.06 29.06
N GLY H 124 28.81 -25.84 29.38
CA GLY H 124 29.74 -24.76 29.65
C GLY H 124 29.74 -23.80 28.47
N THR H 125 30.83 -23.05 28.36
CA THR H 125 30.96 -21.94 27.43
C THR H 125 30.76 -22.31 25.96
N THR H 126 29.96 -21.52 25.25
CA THR H 126 29.78 -21.71 23.82
C THR H 126 30.13 -20.44 23.04
N LEU H 127 30.69 -20.65 21.86
CA LEU H 127 30.95 -19.59 20.88
C LEU H 127 30.56 -20.10 19.49
N HIS H 128 29.63 -19.38 18.87
CA HIS H 128 29.23 -19.69 17.50
C HIS H 128 29.46 -18.49 16.66
N MET H 129 30.19 -18.69 15.57
CA MET H 129 30.41 -17.61 14.61
C MET H 129 30.49 -18.15 13.20
N PHE H 130 29.91 -17.40 12.27
CA PHE H 130 30.13 -17.63 10.85
C PHE H 130 30.31 -16.33 10.09
N SER H 131 30.98 -16.44 8.96
CA SER H 131 31.20 -15.30 8.09
C SER H 131 31.33 -15.71 6.63
N VAL H 132 30.93 -14.79 5.77
CA VAL H 132 30.99 -14.97 4.33
C VAL H 132 31.55 -13.66 3.79
N GLY H 133 32.66 -13.76 3.08
CA GLY H 133 33.33 -12.57 2.58
C GLY H 133 33.98 -12.73 1.23
N GLY H 134 34.42 -11.62 0.66
CA GLY H 134 35.09 -11.62 -0.63
C GLY H 134 36.60 -11.47 -0.50
N GLU H 135 37.10 -11.67 0.72
CA GLU H 135 38.51 -11.55 1.10
C GLU H 135 38.59 -12.06 2.54
N PRO H 136 39.82 -12.21 3.12
CA PRO H 136 39.88 -12.79 4.46
C PRO H 136 39.20 -11.95 5.52
N LEU H 137 38.59 -12.60 6.52
CA LEU H 137 38.04 -11.90 7.68
C LEU H 137 39.17 -11.15 8.36
N GLU H 138 38.91 -9.88 8.66
CA GLU H 138 39.88 -9.04 9.32
C GLU H 138 39.69 -9.15 10.83
N LEU H 139 40.80 -9.40 11.52
CA LEU H 139 40.79 -9.74 12.94
C LEU H 139 41.49 -8.72 13.82
N GLN H 140 40.96 -8.60 15.04
CA GLN H 140 41.55 -7.79 16.10
C GLN H 140 41.99 -8.68 17.24
N GLY H 141 43.23 -8.47 17.70
CA GLY H 141 43.81 -9.21 18.83
C GLY H 141 43.45 -8.65 20.19
N LEU H 142 43.08 -9.52 21.12
CA LEU H 142 42.80 -9.14 22.50
C LEU H 142 42.80 -10.37 23.37
N VAL H 143 43.54 -10.33 24.47
CA VAL H 143 43.72 -11.51 25.33
C VAL H 143 43.34 -11.27 26.78
N ALA H 144 43.01 -12.36 27.49
CA ALA H 144 42.81 -12.32 28.94
C ALA H 144 44.07 -11.94 29.72
N SER H 145 45.22 -12.47 29.32
CA SER H 145 46.49 -12.18 30.01
C SER H 145 47.64 -12.01 29.03
N SER H 146 48.24 -10.83 29.05
CA SER H 146 49.37 -10.50 28.18
C SER H 146 50.66 -11.28 28.50
N THR H 147 50.69 -11.99 29.63
CA THR H 147 51.89 -12.75 30.04
C THR H 147 51.80 -14.23 29.67
N THR H 148 50.70 -14.61 29.02
CA THR H 148 50.57 -15.96 28.48
C THR H 148 51.60 -16.14 27.41
N THR H 149 52.25 -17.30 27.41
CA THR H 149 53.18 -17.64 26.34
C THR H 149 52.47 -18.61 25.43
N TYR H 150 52.10 -18.14 24.24
CA TYR H 150 51.42 -18.98 23.25
C TYR H 150 52.41 -19.84 22.44
N PRO H 151 51.96 -20.99 21.92
CA PRO H 151 52.80 -21.83 21.07
C PRO H 151 53.23 -21.09 19.80
N THR H 152 54.51 -21.20 19.44
CA THR H 152 55.04 -20.39 18.34
C THR H 152 54.55 -20.87 16.96
N ASP H 153 54.04 -22.09 16.87
CA ASP H 153 53.47 -22.62 15.62
C ASP H 153 52.01 -22.17 15.37
N MET H 154 51.53 -21.24 16.18
CA MET H 154 50.19 -20.64 16.02
C MET H 154 50.38 -19.16 15.74
N VAL H 155 49.34 -18.51 15.22
CA VAL H 155 49.43 -17.07 14.93
C VAL H 155 48.79 -16.28 16.05
N THR H 156 49.63 -15.61 16.85
CA THR H 156 49.12 -14.82 17.96
C THR H 156 49.72 -13.41 17.89
N ILE H 157 49.52 -12.61 18.93
CA ILE H 157 50.03 -11.24 18.92
C ILE H 157 51.55 -11.26 19.13
N LYS H 158 52.27 -10.53 18.28
CA LYS H 158 53.71 -10.44 18.44
C LYS H 158 54.08 -9.40 19.53
N ASN H 159 54.98 -9.82 20.43
CA ASN H 159 55.47 -8.98 21.53
C ASN H 159 54.38 -8.32 22.39
N MET H 160 53.53 -9.15 23.00
CA MET H 160 52.41 -8.64 23.79
C MET H 160 52.86 -7.79 24.94
N LYS H 161 52.10 -6.74 25.19
CA LYS H 161 52.25 -5.94 26.39
C LYS H 161 50.87 -5.89 27.08
N PRO H 162 50.81 -5.44 28.35
CA PRO H 162 49.55 -5.29 29.11
C PRO H 162 48.45 -4.50 28.38
N VAL H 163 48.81 -3.74 27.35
CA VAL H 163 47.81 -3.15 26.47
C VAL H 163 46.95 -4.20 25.68
N ASN H 164 47.52 -5.37 25.41
CA ASN H 164 46.80 -6.40 24.64
C ASN H 164 45.69 -7.12 25.41
N GLN H 165 45.55 -6.80 26.68
CA GLN H 165 44.37 -7.18 27.48
C GLN H 165 43.15 -6.28 27.18
N ALA H 166 43.39 -5.21 26.42
CA ALA H 166 42.32 -4.37 25.87
C ALA H 166 42.67 -4.06 24.42
N LEU H 167 42.23 -2.91 23.90
CA LEU H 167 42.36 -2.64 22.47
C LEU H 167 43.67 -1.96 22.15
N ASP H 168 44.52 -2.67 21.42
CA ASP H 168 45.74 -2.11 20.86
C ASP H 168 45.57 -2.15 19.34
N PRO H 169 45.45 -0.97 18.71
CA PRO H 169 45.18 -0.84 17.27
C PRO H 169 46.23 -1.50 16.37
N ASN H 170 47.37 -1.89 16.96
CA ASN H 170 48.43 -2.57 16.21
C ASN H 170 48.27 -4.06 16.06
N ALA H 171 47.45 -4.65 16.93
CA ALA H 171 47.25 -6.11 16.99
C ALA H 171 46.17 -6.54 15.99
N LYS H 172 46.53 -6.50 14.71
CA LYS H 172 45.60 -6.86 13.63
C LYS H 172 46.10 -8.07 12.87
N ALA H 173 45.19 -8.84 12.31
CA ALA H 173 45.58 -9.98 11.47
C ALA H 173 44.50 -10.29 10.44
N LEU H 174 44.81 -11.20 9.52
CA LEU H 174 43.85 -11.71 8.57
C LEU H 174 43.59 -13.20 8.81
N LEU H 175 42.33 -13.60 8.74
CA LEU H 175 42.03 -15.01 8.91
C LEU H 175 42.38 -15.76 7.63
N ASP H 176 43.66 -16.13 7.50
CA ASP H 176 44.16 -16.65 6.24
C ASP H 176 44.82 -18.02 6.36
N LYS H 177 44.67 -18.64 7.52
CA LYS H 177 45.14 -20.00 7.75
C LYS H 177 44.05 -20.68 8.57
N ASP H 178 43.67 -21.88 8.14
CA ASP H 178 42.74 -22.72 8.85
C ASP H 178 43.43 -23.35 10.05
N GLY H 179 42.78 -23.28 11.21
CA GLY H 179 43.29 -23.97 12.40
C GLY H 179 44.57 -23.41 13.01
N LYS H 180 44.75 -22.09 12.93
CA LYS H 180 46.01 -21.47 13.41
C LYS H 180 45.78 -20.22 14.26
N TYR H 181 44.60 -19.65 14.14
CA TYR H 181 44.29 -18.40 14.84
C TYR H 181 43.40 -18.71 16.04
N PRO H 182 43.94 -18.58 17.28
CA PRO H 182 43.15 -18.96 18.46
C PRO H 182 41.96 -18.03 18.70
N VAL H 183 40.80 -18.58 19.05
CA VAL H 183 39.66 -17.69 19.31
C VAL H 183 39.88 -16.83 20.55
N GLU H 184 40.71 -17.34 21.47
CA GLU H 184 40.90 -16.62 22.71
C GLU H 184 41.82 -15.42 22.52
N VAL H 185 42.37 -15.27 21.32
CA VAL H 185 43.29 -14.19 20.98
C VAL H 185 42.70 -13.27 19.92
N TRP H 186 41.99 -13.84 18.93
CA TRP H 186 41.43 -13.06 17.81
C TRP H 186 39.92 -13.04 17.75
N SER H 187 39.36 -11.87 17.45
CA SER H 187 37.93 -11.75 17.09
C SER H 187 37.75 -10.82 15.88
N PRO H 188 36.56 -10.88 15.23
CA PRO H 188 36.39 -10.05 14.03
C PRO H 188 36.53 -8.59 14.35
N ASP H 189 37.17 -7.85 13.46
CA ASP H 189 37.49 -6.45 13.69
C ASP H 189 36.34 -5.59 13.11
N PRO H 190 35.55 -4.93 13.98
CA PRO H 190 34.42 -4.20 13.43
C PRO H 190 34.80 -2.89 12.75
N SER H 191 36.06 -2.47 12.87
CA SER H 191 36.56 -1.27 12.18
C SER H 191 36.89 -1.53 10.71
N LYS H 192 36.97 -2.80 10.32
CA LYS H 192 37.26 -3.13 8.94
C LYS H 192 36.08 -3.97 8.44
N ASN H 193 36.38 -5.03 7.71
CA ASN H 193 35.36 -6.00 7.31
C ASN H 193 34.18 -5.39 6.51
N GLU H 194 34.52 -4.40 5.67
CA GLU H 194 33.55 -3.81 4.73
C GLU H 194 33.08 -4.83 3.69
N ASN H 195 33.90 -5.82 3.39
CA ASN H 195 33.61 -6.81 2.34
C ASN H 195 33.34 -8.24 2.85
N THR H 196 32.95 -8.36 4.11
CA THR H 196 32.64 -9.63 4.75
C THR H 196 31.41 -9.39 5.64
N ARG H 197 30.51 -10.36 5.72
CA ARG H 197 29.47 -10.26 6.75
C ARG H 197 29.75 -11.30 7.81
N TYR H 198 29.82 -10.89 9.08
CA TYR H 198 29.99 -11.86 10.15
C TYR H 198 28.91 -11.80 11.23
N TYR H 199 28.64 -12.96 11.82
CA TYR H 199 27.56 -13.13 12.81
C TYR H 199 28.07 -14.02 13.94
N GLY H 200 27.97 -13.53 15.16
CA GLY H 200 28.54 -14.24 16.29
C GLY H 200 27.67 -14.25 17.52
N SER H 201 27.78 -15.34 18.28
CA SER H 201 27.07 -15.49 19.53
C SER H 201 27.92 -16.16 20.58
N PHE H 202 27.93 -15.59 21.78
CA PHE H 202 28.70 -16.12 22.91
C PHE H 202 27.80 -16.26 24.13
N THR H 203 27.93 -17.40 24.80
CA THR H 203 27.42 -17.56 26.15
C THR H 203 28.50 -18.26 26.99
N GLY H 204 28.84 -17.63 28.10
CA GLY H 204 29.92 -18.10 28.97
C GLY H 204 29.44 -18.99 30.10
N GLY H 205 30.23 -19.05 31.17
CA GLY H 205 29.91 -19.89 32.31
C GLY H 205 30.63 -21.22 32.25
N ALA H 206 30.68 -21.89 33.40
CA ALA H 206 31.42 -23.12 33.54
C ALA H 206 30.57 -24.33 33.17
N THR H 207 29.27 -24.27 33.45
CA THR H 207 28.44 -25.46 33.33
C THR H 207 27.13 -25.21 32.57
N THR H 208 27.01 -24.03 31.96
CA THR H 208 25.81 -23.60 31.24
C THR H 208 25.32 -24.63 30.18
N PRO H 209 24.02 -24.95 30.18
CA PRO H 209 23.43 -25.80 29.12
C PRO H 209 23.57 -25.17 27.72
N PRO H 210 24.09 -25.91 26.74
CA PRO H 210 24.11 -25.36 25.38
C PRO H 210 22.69 -25.34 24.80
N VAL H 211 22.45 -24.39 23.90
CA VAL H 211 21.17 -24.22 23.21
C VAL H 211 21.49 -24.03 21.73
N MET H 212 20.81 -24.80 20.89
CA MET H 212 21.05 -24.71 19.44
C MET H 212 19.79 -25.08 18.68
N GLN H 213 19.56 -24.43 17.55
CA GLN H 213 18.46 -24.77 16.66
C GLN H 213 19.03 -25.38 15.38
N PHE H 214 18.18 -26.07 14.64
CA PHE H 214 18.52 -26.58 13.31
C PHE H 214 17.24 -26.70 12.47
N THR H 215 17.30 -26.24 11.22
CA THR H 215 16.16 -26.22 10.30
C THR H 215 16.75 -25.97 8.94
N ASN H 216 16.02 -26.29 7.88
CA ASN H 216 16.47 -25.91 6.54
C ASN H 216 15.60 -24.79 5.95
N SER H 217 14.88 -24.09 6.82
CA SER H 217 13.90 -23.11 6.38
C SER H 217 14.36 -21.66 6.50
N VAL H 218 15.57 -21.43 7.01
CA VAL H 218 16.03 -20.07 7.32
C VAL H 218 17.23 -19.70 6.46
N THR H 219 17.17 -18.52 5.87
CA THR H 219 18.23 -17.99 5.04
C THR H 219 18.65 -16.67 5.68
N THR H 220 19.95 -16.36 5.64
CA THR H 220 20.44 -15.03 6.00
C THR H 220 20.77 -14.19 4.75
N VAL H 221 20.19 -12.98 4.66
CA VAL H 221 20.49 -12.07 3.53
C VAL H 221 21.79 -11.30 3.78
N LEU H 222 22.71 -11.33 2.83
CA LEU H 222 24.05 -10.77 3.04
C LEU H 222 24.26 -9.35 2.52
N LEU H 223 23.20 -8.74 1.98
CA LEU H 223 23.32 -7.47 1.30
C LEU H 223 23.47 -6.38 2.34
N ASP H 224 24.31 -5.38 2.05
CA ASP H 224 24.43 -4.23 2.96
C ASP H 224 23.27 -3.27 2.72
N GLU H 225 23.35 -2.11 3.36
CA GLU H 225 22.27 -1.12 3.32
C GLU H 225 22.15 -0.41 1.98
N ASN H 226 23.07 -0.70 1.06
CA ASN H 226 22.99 -0.20 -0.31
C ASN H 226 22.67 -1.32 -1.28
N GLY H 227 22.32 -2.50 -0.76
CA GLY H 227 21.92 -3.64 -1.60
C GLY H 227 23.07 -4.44 -2.21
N VAL H 228 24.26 -4.33 -1.62
CA VAL H 228 25.45 -5.00 -2.16
C VAL H 228 25.97 -6.04 -1.16
N GLY H 229 26.12 -7.28 -1.62
CA GLY H 229 26.73 -8.32 -0.82
C GLY H 229 28.25 -8.30 -0.93
N PRO H 230 28.94 -9.13 -0.16
CA PRO H 230 30.38 -9.30 -0.35
C PRO H 230 30.74 -9.56 -1.81
N LEU H 231 31.77 -8.87 -2.30
CA LEU H 231 32.26 -9.06 -3.66
C LEU H 231 33.59 -9.85 -3.66
N CYS H 232 33.62 -10.91 -4.46
CA CYS H 232 34.67 -11.94 -4.39
C CYS H 232 35.92 -11.55 -5.17
N LYS H 233 36.89 -10.94 -4.49
CA LYS H 233 38.11 -10.48 -5.15
C LYS H 233 38.91 -11.67 -5.65
N GLY H 234 39.40 -11.61 -6.88
CA GLY H 234 40.07 -12.74 -7.52
C GLY H 234 39.20 -13.99 -7.61
N ASP H 235 37.88 -13.79 -7.67
CA ASP H 235 36.90 -14.88 -7.71
C ASP H 235 36.99 -15.85 -6.52
N LYS H 236 37.45 -15.32 -5.39
CA LYS H 236 37.61 -16.11 -4.17
C LYS H 236 36.51 -15.82 -3.15
N LEU H 237 35.86 -16.87 -2.65
CA LEU H 237 34.83 -16.72 -1.62
C LEU H 237 35.38 -17.29 -0.32
N PHE H 238 35.38 -16.47 0.73
CA PHE H 238 35.96 -16.88 2.02
C PHE H 238 34.84 -17.22 3.00
N LEU H 239 34.89 -18.45 3.52
CA LEU H 239 33.94 -18.94 4.52
C LEU H 239 34.67 -19.24 5.81
N SER H 240 34.22 -18.62 6.90
CA SER H 240 34.85 -18.85 8.20
C SER H 240 33.86 -19.24 9.27
N ALA H 241 34.36 -19.95 10.30
CA ALA H 241 33.48 -20.46 11.33
C ALA H 241 34.22 -20.86 12.60
N VAL H 242 33.51 -20.73 13.71
CA VAL H 242 33.84 -21.49 14.90
C VAL H 242 32.54 -21.87 15.59
N ASP H 243 32.43 -23.13 15.98
CA ASP H 243 31.25 -23.62 16.69
C ASP H 243 31.63 -24.46 17.91
N ILE H 244 32.05 -23.77 18.97
CA ILE H 244 32.35 -24.42 20.24
C ILE H 244 31.04 -24.65 20.99
N VAL H 245 30.71 -25.91 21.27
CA VAL H 245 29.40 -26.24 21.86
C VAL H 245 29.49 -26.62 23.33
N GLY H 246 30.68 -26.47 23.91
CA GLY H 246 30.86 -26.65 25.34
C GLY H 246 32.10 -27.44 25.66
N ILE H 247 32.11 -28.02 26.86
CA ILE H 247 33.25 -28.71 27.42
C ILE H 247 32.82 -30.12 27.81
N HIS H 248 33.57 -31.13 27.39
CA HIS H 248 33.32 -32.47 27.88
C HIS H 248 34.21 -32.77 29.06
N THR H 249 33.63 -33.30 30.14
CA THR H 249 34.40 -33.58 31.36
C THR H 249 34.62 -35.07 31.51
N ASN H 250 35.88 -35.47 31.66
CA ASN H 250 36.23 -36.88 31.86
C ASN H 250 36.07 -37.36 33.29
N TYR H 251 36.07 -38.67 33.47
CA TYR H 251 35.96 -39.26 34.81
C TYR H 251 37.04 -38.70 35.76
N SER H 252 38.24 -38.43 35.25
CA SER H 252 39.34 -37.87 36.06
C SER H 252 39.11 -36.38 36.38
N GLU H 253 38.11 -35.81 35.70
CA GLU H 253 37.78 -34.39 35.75
C GLU H 253 38.65 -33.52 34.85
N SER H 254 39.52 -34.14 34.05
CA SER H 254 40.15 -33.42 32.96
C SER H 254 39.05 -33.00 31.98
N GLN H 255 39.30 -31.96 31.19
CA GLN H 255 38.27 -31.40 30.32
C GLN H 255 38.78 -31.11 28.91
N ASN H 256 37.92 -31.38 27.93
CA ASN H 256 38.18 -31.11 26.53
C ASN H 256 37.09 -30.25 25.93
N TRP H 257 37.48 -29.21 25.18
CA TRP H 257 36.53 -28.45 24.36
C TRP H 257 35.91 -29.34 23.33
N ARG H 258 34.65 -29.07 22.99
CA ARG H 258 33.96 -29.86 21.96
C ARG H 258 33.45 -28.91 20.88
N GLY H 259 33.74 -29.24 19.63
CA GLY H 259 33.27 -28.41 18.51
C GLY H 259 32.43 -29.22 17.56
N LEU H 260 31.59 -28.56 16.75
CA LEU H 260 30.85 -29.23 15.69
C LEU H 260 31.12 -28.56 14.34
N PRO H 261 30.94 -29.31 13.23
CA PRO H 261 31.12 -28.71 11.90
C PRO H 261 29.96 -27.76 11.50
N ARG H 262 30.23 -26.91 10.52
CA ARG H 262 29.24 -26.01 9.98
C ARG H 262 29.12 -26.18 8.48
N TYR H 263 27.86 -26.22 8.03
CA TYR H 263 27.47 -26.27 6.63
C TYR H 263 27.19 -24.86 6.11
N PHE H 264 27.60 -24.58 4.87
CA PHE H 264 27.25 -23.35 4.15
C PHE H 264 26.61 -23.66 2.81
N ASN H 265 25.56 -22.93 2.46
CA ASN H 265 25.04 -22.91 1.11
C ASN H 265 24.89 -21.46 0.67
N VAL H 266 25.75 -21.03 -0.23
CA VAL H 266 25.86 -19.62 -0.54
C VAL H 266 25.35 -19.38 -1.93
N THR H 267 24.40 -18.46 -2.07
CA THR H 267 23.92 -18.04 -3.38
C THR H 267 24.67 -16.78 -3.81
N LEU H 268 25.17 -16.78 -5.04
CA LEU H 268 25.91 -15.67 -5.61
C LEU H 268 25.31 -15.24 -6.94
N ARG H 269 25.52 -13.97 -7.28
CA ARG H 269 25.11 -13.43 -8.57
C ARG H 269 26.22 -12.57 -9.15
N LYS H 270 26.09 -12.22 -10.42
CA LYS H 270 27.05 -11.36 -11.10
C LYS H 270 26.77 -9.86 -10.86
N ARG H 271 27.81 -9.12 -10.47
CA ARG H 271 27.73 -7.67 -10.26
C ARG H 271 28.73 -6.96 -11.18
N VAL H 272 28.29 -5.84 -11.77
CA VAL H 272 29.14 -5.01 -12.61
C VAL H 272 29.95 -4.06 -11.75
N VAL H 273 31.24 -3.91 -12.06
CA VAL H 273 32.09 -2.92 -11.44
C VAL H 273 32.88 -2.20 -12.52
N LYS H 274 33.25 -0.95 -12.25
CA LYS H 274 34.07 -0.19 -13.17
C LYS H 274 35.48 -0.74 -13.10
N ASN H 275 36.15 -0.84 -14.24
CA ASN H 275 37.53 -1.33 -14.28
C ASN H 275 38.44 -0.32 -13.58
N PRO H 276 39.12 -0.74 -12.48
CA PRO H 276 40.02 0.21 -11.79
C PRO H 276 41.33 0.52 -12.53
N TYR H 277 41.84 -0.42 -13.31
CA TYR H 277 43.13 -0.26 -14.00
C TYR H 277 43.06 0.74 -15.15
N PRO H 278 44.18 1.39 -15.48
CA PRO H 278 44.25 2.52 -16.43
C PRO H 278 43.85 2.19 -17.87
N GLY I 5 13.86 -32.99 -8.44
CA GLY I 5 15.05 -33.71 -8.98
C GLY I 5 15.21 -33.37 -10.45
N GLY I 6 15.12 -34.36 -11.33
CA GLY I 6 15.04 -34.09 -12.76
C GLY I 6 13.65 -33.63 -13.19
N VAL I 7 12.70 -33.64 -12.26
CA VAL I 7 11.30 -33.28 -12.55
C VAL I 7 11.04 -31.77 -12.58
N GLU I 8 10.46 -31.29 -13.69
CA GLU I 8 10.10 -29.87 -13.81
C GLU I 8 8.76 -29.54 -13.12
N VAL I 9 8.81 -28.62 -12.17
CA VAL I 9 7.62 -28.25 -11.41
C VAL I 9 6.86 -27.11 -12.12
N LEU I 10 5.56 -27.30 -12.30
CA LEU I 10 4.73 -26.28 -12.94
C LEU I 10 3.74 -25.68 -11.94
N GLU I 11 2.58 -25.22 -12.41
CA GLU I 11 1.65 -24.42 -11.61
C GLU I 11 0.80 -25.24 -10.63
N VAL I 12 0.19 -24.58 -9.65
CA VAL I 12 -0.75 -25.22 -8.76
C VAL I 12 -2.10 -25.50 -9.48
N ARG I 13 -2.65 -26.71 -9.32
CA ARG I 13 -3.97 -27.06 -9.88
C ARG I 13 -5.10 -26.47 -9.06
N THR I 14 -5.90 -25.64 -9.68
CA THR I 14 -7.06 -25.05 -9.02
C THR I 14 -8.31 -25.88 -9.28
N GLY I 15 -9.41 -25.52 -8.61
CA GLY I 15 -10.71 -26.14 -8.85
C GLY I 15 -11.22 -26.80 -7.60
N PRO I 16 -12.37 -27.51 -7.70
CA PRO I 16 -12.90 -28.23 -6.54
C PRO I 16 -11.99 -29.41 -6.17
N ASP I 17 -12.08 -29.86 -4.92
CA ASP I 17 -11.33 -31.04 -4.45
C ASP I 17 -9.83 -31.01 -4.78
N ALA I 18 -9.24 -29.82 -4.73
CA ALA I 18 -7.82 -29.66 -4.95
C ALA I 18 -7.01 -29.71 -3.64
N ILE I 19 -7.71 -29.70 -2.51
CA ILE I 19 -7.04 -29.67 -1.21
C ILE I 19 -7.44 -30.89 -0.39
N THR I 20 -6.46 -31.52 0.26
CA THR I 20 -6.77 -32.52 1.28
C THR I 20 -5.98 -32.28 2.58
N GLN I 21 -6.47 -32.84 3.68
CA GLN I 21 -5.79 -32.79 4.96
C GLN I 21 -5.61 -34.18 5.50
N ILE I 22 -4.46 -34.43 6.12
CA ILE I 22 -4.24 -35.65 6.87
C ILE I 22 -3.85 -35.33 8.30
N GLU I 23 -4.14 -36.27 9.20
CA GLU I 23 -3.60 -36.17 10.53
C GLU I 23 -2.98 -37.51 10.97
N ALA I 24 -2.04 -37.43 11.89
CA ALA I 24 -1.35 -38.60 12.40
C ALA I 24 -0.70 -38.26 13.71
N TYR I 25 -0.25 -39.29 14.43
CA TYR I 25 0.58 -39.12 15.61
C TYR I 25 1.67 -40.19 15.58
N LEU I 26 2.82 -39.86 16.15
CA LEU I 26 3.94 -40.78 16.22
C LEU I 26 4.27 -40.93 17.70
N ASN I 27 4.36 -42.17 18.14
CA ASN I 27 4.76 -42.41 19.51
C ASN I 27 6.27 -42.38 19.69
N PRO I 28 6.74 -41.92 20.85
CA PRO I 28 8.19 -41.82 20.99
C PRO I 28 8.88 -43.20 20.98
N ARG I 29 10.14 -43.20 20.58
CA ARG I 29 10.96 -44.40 20.56
C ARG I 29 12.21 -44.15 21.38
N MET I 30 12.10 -44.38 22.69
CA MET I 30 13.14 -44.01 23.64
C MET I 30 14.05 -45.18 23.95
N GLY I 31 13.61 -46.38 23.59
CA GLY I 31 14.37 -47.60 23.85
C GLY I 31 13.45 -48.75 24.20
N ASN I 32 12.50 -48.52 25.10
CA ASN I 32 11.38 -49.44 25.27
C ASN I 32 10.30 -49.01 24.28
N ASN I 33 10.23 -49.70 23.14
CA ASN I 33 9.39 -49.27 22.02
C ASN I 33 8.28 -50.24 21.65
N ASN I 34 7.96 -51.16 22.56
CA ASN I 34 6.82 -52.06 22.43
C ASN I 34 5.80 -51.60 23.48
N PRO I 35 4.56 -51.30 23.05
CA PRO I 35 3.55 -50.77 23.97
C PRO I 35 3.26 -51.68 25.18
N THR I 36 3.78 -52.91 25.16
CA THR I 36 3.57 -53.83 26.29
C THR I 36 4.71 -53.75 27.32
N ASP I 37 5.78 -53.01 26.99
CA ASP I 37 6.88 -52.79 27.95
C ASP I 37 6.41 -51.96 29.13
N GLU I 38 6.70 -52.45 30.32
CA GLU I 38 6.50 -51.69 31.55
C GLU I 38 6.95 -50.23 31.42
N LEU I 39 8.08 -50.02 30.75
CA LEU I 39 8.62 -48.67 30.59
C LEU I 39 8.51 -48.11 29.18
N TYR I 40 7.47 -48.53 28.46
CA TYR I 40 7.11 -47.92 27.17
C TYR I 40 7.10 -46.38 27.33
N GLY I 41 7.74 -45.67 26.41
CA GLY I 41 7.84 -44.21 26.45
C GLY I 41 9.08 -43.72 27.18
N TYR I 42 9.90 -44.67 27.60
CA TYR I 42 11.14 -44.40 28.35
C TYR I 42 12.24 -45.25 27.78
N SER I 43 13.49 -44.79 27.92
CA SER I 43 14.63 -45.71 27.73
C SER I 43 14.74 -46.65 28.93
N ALA I 44 15.46 -47.75 28.78
CA ALA I 44 15.91 -48.54 29.91
C ALA I 44 17.00 -47.73 30.63
N ASP I 45 17.29 -48.07 31.90
CA ASP I 45 18.38 -47.46 32.66
C ASP I 45 19.65 -47.32 31.82
N ILE I 46 20.13 -46.09 31.72
CA ILE I 46 21.36 -45.76 30.97
C ILE I 46 22.52 -46.65 31.45
N ASN I 47 23.13 -47.43 30.56
CA ASN I 47 24.37 -48.16 30.92
C ASN I 47 25.60 -47.40 30.41
N VAL I 48 26.42 -46.95 31.35
CA VAL I 48 27.52 -46.04 31.02
C VAL I 48 28.80 -46.79 30.62
N ALA I 49 29.55 -46.18 29.70
CA ALA I 49 30.87 -46.66 29.31
C ALA I 49 31.81 -46.84 30.51
N SER I 50 32.57 -47.93 30.51
CA SER I 50 33.65 -48.10 31.47
C SER I 50 34.86 -47.25 31.10
N SER I 51 35.05 -47.03 29.80
CA SER I 51 36.12 -46.17 29.28
C SER I 51 35.78 -45.80 27.85
N LYS I 52 36.59 -44.94 27.22
CA LYS I 52 36.37 -44.58 25.81
C LYS I 52 36.43 -45.85 24.96
N ALA I 53 37.40 -46.71 25.27
CA ALA I 53 37.66 -47.97 24.56
C ALA I 53 36.56 -49.03 24.71
N SER I 54 35.87 -49.07 25.85
CA SER I 54 34.80 -50.04 26.07
C SER I 54 33.50 -49.32 26.42
N ASP I 55 32.71 -49.06 25.37
CA ASP I 55 31.44 -48.32 25.45
C ASP I 55 30.46 -49.12 24.61
N ASN I 56 29.61 -49.89 25.30
CA ASN I 56 28.62 -50.74 24.65
C ASN I 56 27.22 -50.42 25.14
N PRO I 57 26.58 -49.38 24.57
CA PRO I 57 25.28 -49.00 25.11
C PRO I 57 24.24 -50.01 24.66
N ASN I 58 23.35 -50.42 25.56
CA ASN I 58 22.26 -51.33 25.20
C ASN I 58 21.30 -50.64 24.21
N ALA I 59 20.77 -51.42 23.26
CA ALA I 59 19.78 -50.91 22.31
C ALA I 59 18.58 -50.25 22.98
N THR I 60 18.18 -50.76 24.14
CA THR I 60 17.03 -50.22 24.88
C THR I 60 17.35 -48.89 25.60
N THR I 61 18.62 -48.49 25.60
CA THR I 61 19.03 -47.24 26.25
C THR I 61 19.22 -46.09 25.26
N LEU I 62 18.97 -46.37 23.98
CA LEU I 62 19.24 -45.39 22.92
C LEU I 62 17.97 -44.90 22.23
N PRO I 63 17.57 -43.63 22.50
CA PRO I 63 16.46 -43.00 21.76
C PRO I 63 16.72 -42.93 20.25
N THR I 64 15.71 -43.28 19.47
CA THR I 64 15.79 -43.27 18.01
C THR I 64 14.69 -42.40 17.40
N TYR I 65 14.86 -42.01 16.15
CA TYR I 65 13.84 -41.25 15.43
C TYR I 65 12.58 -42.07 15.23
N SER I 66 11.44 -41.40 15.34
CA SER I 66 10.14 -41.93 14.90
C SER I 66 9.88 -41.53 13.45
N VAL I 67 9.23 -42.40 12.68
CA VAL I 67 8.87 -42.06 11.31
C VAL I 67 7.64 -42.88 10.90
N ALA I 68 6.73 -42.22 10.18
CA ALA I 68 5.57 -42.85 9.61
C ALA I 68 5.36 -42.34 8.19
N VAL I 69 4.84 -43.22 7.33
CA VAL I 69 4.56 -42.90 5.94
C VAL I 69 3.05 -42.96 5.76
N ILE I 70 2.48 -41.93 5.15
CA ILE I 70 1.05 -41.88 4.87
C ILE I 70 0.83 -42.00 3.37
N LYS I 71 -0.08 -42.90 3.00
CA LYS I 71 -0.42 -43.10 1.62
C LYS I 71 -1.56 -42.15 1.30
N LEU I 72 -1.35 -41.27 0.34
CA LEU I 72 -2.34 -40.25 -0.01
C LEU I 72 -3.16 -40.73 -1.19
N PRO I 73 -4.35 -40.14 -1.43
CA PRO I 73 -5.16 -40.61 -2.57
C PRO I 73 -4.38 -40.57 -3.87
N MET I 74 -4.58 -41.57 -4.73
CA MET I 74 -3.91 -41.66 -6.01
C MET I 74 -4.37 -40.55 -6.96
N LEU I 75 -3.45 -40.02 -7.75
CA LEU I 75 -3.75 -38.85 -8.57
C LEU I 75 -3.77 -39.09 -10.08
N ASN I 76 -2.83 -39.89 -10.57
CA ASN I 76 -2.65 -40.06 -12.01
C ASN I 76 -3.17 -41.42 -12.52
N GLU I 77 -4.03 -41.37 -13.53
CA GLU I 77 -4.68 -42.56 -14.08
C GLU I 77 -3.77 -43.32 -15.05
N ASP I 78 -3.43 -42.69 -16.19
CA ASP I 78 -2.32 -43.17 -17.00
C ASP I 78 -1.12 -42.23 -16.88
N MET I 79 0.10 -42.75 -16.84
CA MET I 79 1.24 -41.86 -16.74
C MET I 79 1.80 -41.54 -18.08
N THR I 80 0.95 -41.71 -19.07
CA THR I 80 1.25 -41.38 -20.44
C THR I 80 0.98 -39.93 -20.79
N CYS I 81 0.32 -39.21 -19.89
CA CYS I 81 -0.01 -37.82 -20.11
C CYS I 81 1.12 -36.83 -19.88
N ASP I 82 1.20 -35.84 -20.74
CA ASP I 82 2.32 -34.95 -20.74
C ASP I 82 2.60 -34.29 -19.41
N THR I 83 1.57 -34.07 -18.61
CA THR I 83 1.78 -33.51 -17.29
C THR I 83 1.10 -34.40 -16.30
N LEU I 84 1.64 -34.41 -15.09
CA LEU I 84 1.14 -35.24 -14.00
C LEU I 84 0.88 -34.39 -12.77
N LEU I 85 0.22 -34.98 -11.78
CA LEU I 85 -0.04 -34.28 -10.53
C LEU I 85 0.69 -34.92 -9.37
N MET I 86 1.13 -34.09 -8.44
CA MET I 86 1.72 -34.55 -7.20
C MET I 86 1.02 -33.83 -6.07
N TRP I 87 0.88 -34.51 -4.93
CA TRP I 87 0.47 -33.84 -3.70
C TRP I 87 1.60 -32.94 -3.17
N GLU I 88 1.25 -31.74 -2.78
CA GLU I 88 2.22 -30.76 -2.30
C GLU I 88 1.81 -30.40 -0.89
N ALA I 89 2.70 -30.70 0.06
CA ALA I 89 2.48 -30.32 1.46
C ALA I 89 2.70 -28.82 1.62
N VAL I 90 1.66 -28.15 2.13
CA VAL I 90 1.62 -26.70 2.13
C VAL I 90 1.84 -26.13 3.53
N SER I 91 1.25 -26.78 4.53
CA SER I 91 1.34 -26.30 5.89
C SER I 91 1.11 -27.40 6.89
N VAL I 92 1.57 -27.19 8.12
CA VAL I 92 1.39 -28.20 9.15
C VAL I 92 1.09 -27.58 10.51
N LYS I 93 0.14 -28.19 11.22
CA LYS I 93 -0.04 -27.97 12.64
C LYS I 93 0.54 -29.17 13.36
N THR I 94 1.42 -28.93 14.32
CA THR I 94 2.01 -30.01 15.07
C THR I 94 2.10 -29.68 16.55
N GLU I 95 2.00 -30.70 17.40
CA GLU I 95 1.83 -30.53 18.84
C GLU I 95 2.51 -31.66 19.55
N VAL I 96 3.28 -31.34 20.59
CA VAL I 96 3.79 -32.38 21.47
C VAL I 96 2.71 -32.67 22.51
N MET I 97 2.30 -33.93 22.64
CA MET I 97 1.17 -34.31 23.48
C MET I 97 1.60 -34.89 24.82
N GLY I 98 0.74 -34.75 25.83
CA GLY I 98 1.04 -35.27 27.16
C GLY I 98 1.99 -34.35 27.95
N ILE I 99 2.18 -33.12 27.49
CA ILE I 99 3.14 -32.23 28.16
C ILE I 99 2.91 -32.26 29.65
N SER I 100 1.67 -32.01 30.08
CA SER I 100 1.33 -31.88 31.49
C SER I 100 1.49 -33.18 32.33
N SER I 101 1.66 -34.33 31.67
CA SER I 101 2.06 -35.54 32.40
C SER I 101 3.36 -35.35 33.23
N LEU I 102 4.16 -34.33 32.92
CA LEU I 102 5.43 -34.09 33.65
C LEU I 102 5.23 -33.32 34.94
N VAL I 103 4.05 -32.73 35.08
CA VAL I 103 3.62 -31.99 36.27
C VAL I 103 3.19 -32.99 37.35
N ASN I 104 4.18 -33.65 37.94
CA ASN I 104 3.96 -34.82 38.75
C ASN I 104 5.16 -34.94 39.69
N LEU I 105 4.90 -34.78 40.98
CA LEU I 105 5.96 -34.80 41.99
C LEU I 105 5.80 -35.96 42.96
N HIS I 106 4.92 -36.90 42.66
CA HIS I 106 4.69 -38.01 43.58
C HIS I 106 5.24 -39.30 43.06
N GLN I 107 5.68 -39.27 41.81
CA GLN I 107 6.30 -40.41 41.13
C GLN I 107 7.50 -40.89 41.94
N GLY I 108 7.64 -42.21 42.10
CA GLY I 108 8.82 -42.78 42.77
C GLY I 108 10.06 -42.18 42.12
N GLY I 109 11.04 -41.78 42.93
CA GLY I 109 12.23 -41.19 42.37
C GLY I 109 13.15 -40.63 43.44
N LYS I 110 13.99 -39.69 43.05
CA LYS I 110 14.95 -39.06 43.96
C LYS I 110 14.28 -37.84 44.61
N TYR I 111 14.33 -37.78 45.95
CA TYR I 111 13.72 -36.66 46.69
C TYR I 111 14.35 -35.32 46.33
N ILE I 112 13.53 -34.28 46.24
CA ILE I 112 14.00 -32.94 45.98
C ILE I 112 14.85 -32.49 47.17
N TYR I 113 14.30 -32.62 48.38
CA TYR I 113 15.05 -32.40 49.61
C TYR I 113 15.20 -33.73 50.34
N GLY I 114 14.73 -33.82 51.57
CA GLY I 114 14.72 -35.08 52.31
C GLY I 114 13.47 -35.89 52.01
N SER I 115 13.23 -36.93 52.82
CA SER I 115 12.20 -37.92 52.49
C SER I 115 10.77 -37.44 52.74
N SER I 116 10.62 -36.19 53.22
CA SER I 116 9.30 -35.57 53.35
C SER I 116 8.87 -34.75 52.11
N SER I 117 9.77 -34.58 51.14
CA SER I 117 9.48 -33.76 49.94
C SER I 117 8.94 -34.58 48.77
N GLY I 118 8.52 -33.87 47.71
CA GLY I 118 8.20 -34.51 46.43
C GLY I 118 9.47 -35.00 45.77
N THR I 119 9.34 -35.59 44.60
CA THR I 119 10.49 -36.11 43.87
C THR I 119 10.84 -35.21 42.70
N ILE I 120 12.08 -35.37 42.21
CA ILE I 120 12.62 -34.52 41.17
C ILE I 120 11.95 -34.89 39.86
N PRO I 121 11.33 -33.92 39.18
CA PRO I 121 10.61 -34.31 37.97
C PRO I 121 11.58 -34.54 36.82
N VAL I 122 11.06 -34.94 35.67
CA VAL I 122 11.86 -35.09 34.44
C VAL I 122 12.59 -33.79 34.11
N GLN I 123 13.90 -33.87 33.84
CA GLN I 123 14.69 -32.67 33.53
C GLN I 123 16.01 -33.05 32.88
N GLY I 124 16.80 -32.07 32.45
CA GLY I 124 18.04 -32.36 31.72
C GLY I 124 17.85 -32.09 30.23
N THR I 125 18.66 -32.77 29.41
CA THR I 125 18.73 -32.55 27.98
C THR I 125 17.39 -32.79 27.28
N THR I 126 17.00 -31.88 26.37
CA THR I 126 15.82 -32.06 25.54
C THR I 126 16.19 -31.91 24.07
N LEU I 127 15.52 -32.68 23.21
CA LEU I 127 15.67 -32.59 21.78
C LEU I 127 14.29 -32.72 21.14
N HIS I 128 13.91 -31.72 20.35
CA HIS I 128 12.66 -31.72 19.61
C HIS I 128 12.97 -31.56 18.16
N MET I 129 12.41 -32.45 17.36
CA MET I 129 12.52 -32.30 15.94
C MET I 129 11.27 -32.86 15.28
N PHE I 130 10.85 -32.20 14.20
CA PHE I 130 9.82 -32.75 13.31
C PHE I 130 10.16 -32.34 11.90
N SER I 131 9.74 -33.18 10.96
CA SER I 131 9.92 -32.90 9.56
C SER I 131 8.74 -33.44 8.79
N VAL I 132 8.50 -32.87 7.62
CA VAL I 132 7.42 -33.24 6.71
C VAL I 132 8.06 -33.19 5.33
N GLY I 133 8.05 -34.32 4.62
CA GLY I 133 8.64 -34.39 3.29
C GLY I 133 7.96 -35.38 2.39
N GLY I 134 8.25 -35.30 1.10
CA GLY I 134 7.67 -36.23 0.14
C GLY I 134 8.57 -37.42 -0.12
N GLU I 135 9.52 -37.65 0.80
CA GLU I 135 10.45 -38.79 0.73
C GLU I 135 11.18 -38.94 2.08
N PRO I 136 11.95 -40.04 2.27
CA PRO I 136 12.67 -40.17 3.54
C PRO I 136 13.57 -38.97 3.89
N LEU I 137 13.55 -38.60 5.17
CA LEU I 137 14.48 -37.60 5.67
C LEU I 137 15.92 -38.11 5.49
N GLU I 138 16.76 -37.25 4.90
CA GLU I 138 18.17 -37.57 4.66
C GLU I 138 19.03 -37.21 5.86
N LEU I 139 19.88 -38.15 6.29
CA LEU I 139 20.61 -38.02 7.54
C LEU I 139 22.13 -37.98 7.39
N GLN I 140 22.78 -37.34 8.36
CA GLN I 140 24.22 -37.23 8.43
C GLN I 140 24.70 -37.86 9.73
N GLY I 141 25.78 -38.63 9.65
CA GLY I 141 26.34 -39.32 10.80
C GLY I 141 27.40 -38.47 11.49
N LEU I 142 27.37 -38.51 12.82
CA LEU I 142 28.37 -37.82 13.64
C LEU I 142 28.12 -38.31 15.06
N VAL I 143 29.17 -38.78 15.72
CA VAL I 143 29.05 -39.32 17.09
C VAL I 143 29.96 -38.58 18.06
N ALA I 144 29.72 -38.75 19.36
CA ALA I 144 30.61 -38.20 20.38
C ALA I 144 31.91 -39.01 20.42
N SER I 145 31.82 -40.33 20.16
CA SER I 145 33.01 -41.19 20.16
C SER I 145 33.00 -42.25 19.06
N SER I 146 34.04 -42.26 18.22
CA SER I 146 34.15 -43.25 17.16
C SER I 146 34.43 -44.65 17.68
N THR I 147 34.76 -44.78 18.97
CA THR I 147 35.16 -46.10 19.49
C THR I 147 33.99 -46.80 20.19
N THR I 148 32.85 -46.13 20.24
CA THR I 148 31.64 -46.73 20.77
C THR I 148 31.19 -47.94 19.91
N THR I 149 30.79 -49.03 20.57
CA THR I 149 30.18 -50.17 19.86
C THR I 149 28.66 -50.14 20.00
N TYR I 150 27.98 -49.76 18.92
CA TYR I 150 26.52 -49.71 18.88
C TYR I 150 25.95 -51.11 18.63
N PRO I 151 24.68 -51.36 19.07
CA PRO I 151 24.03 -52.64 18.81
C PRO I 151 23.85 -52.86 17.32
N THR I 152 24.08 -54.09 16.87
CA THR I 152 24.04 -54.43 15.44
C THR I 152 22.65 -54.38 14.79
N ASP I 153 21.59 -54.58 15.59
N ASP I 153 21.59 -54.58 15.59
CA ASP I 153 20.22 -54.51 15.09
CA ASP I 153 20.21 -54.48 15.08
C ASP I 153 19.82 -53.06 14.72
C ASP I 153 19.64 -53.06 15.08
N MET I 154 20.50 -52.07 15.28
CA MET I 154 20.19 -50.68 14.98
C MET I 154 20.96 -50.30 13.72
N VAL I 155 20.58 -49.19 13.08
CA VAL I 155 21.31 -48.69 11.92
C VAL I 155 22.25 -47.57 12.38
N THR I 156 23.56 -47.78 12.28
CA THR I 156 24.55 -46.78 12.72
C THR I 156 25.62 -46.62 11.64
N ILE I 157 26.70 -45.89 11.92
CA ILE I 157 27.76 -45.70 10.92
C ILE I 157 28.60 -46.96 10.72
N LYS I 158 28.80 -47.36 9.47
CA LYS I 158 29.61 -48.55 9.14
C LYS I 158 31.11 -48.22 9.24
N ASN I 159 31.88 -49.12 9.87
CA ASN I 159 33.35 -48.95 9.97
C ASN I 159 33.78 -47.57 10.49
N MET I 160 33.29 -47.19 11.66
CA MET I 160 33.63 -45.88 12.23
C MET I 160 35.12 -45.64 12.45
N LYS I 161 35.58 -44.45 12.08
CA LYS I 161 36.92 -43.99 12.41
C LYS I 161 36.79 -42.65 13.16
N PRO I 162 37.91 -42.13 13.72
CA PRO I 162 37.81 -40.86 14.46
C PRO I 162 37.27 -39.67 13.65
N VAL I 163 37.37 -39.71 12.32
CA VAL I 163 36.75 -38.68 11.48
C VAL I 163 35.25 -38.53 11.78
N ASN I 164 34.63 -39.63 12.21
CA ASN I 164 33.18 -39.60 12.48
C ASN I 164 32.77 -38.83 13.71
N GLN I 165 33.75 -38.24 14.41
CA GLN I 165 33.51 -37.35 15.53
C GLN I 165 33.29 -35.92 15.02
N ALA I 166 33.54 -35.75 13.72
CA ALA I 166 33.18 -34.56 12.97
C ALA I 166 32.53 -35.02 11.66
N LEU I 167 32.68 -34.24 10.58
CA LEU I 167 31.96 -34.51 9.33
C LEU I 167 32.74 -35.44 8.41
N ASP I 168 32.22 -36.65 8.21
CA ASP I 168 32.67 -37.55 7.16
C ASP I 168 31.54 -37.63 6.13
N PRO I 169 31.80 -37.13 4.91
CA PRO I 169 30.72 -37.07 3.92
C PRO I 169 30.22 -38.45 3.40
N ASN I 170 30.88 -39.54 3.79
CA ASN I 170 30.39 -40.90 3.49
C ASN I 170 29.38 -41.42 4.50
N ALA I 171 29.29 -40.73 5.65
CA ALA I 171 28.40 -41.16 6.73
C ALA I 171 26.97 -40.63 6.52
N LYS I 172 26.26 -41.22 5.55
CA LYS I 172 24.91 -40.74 5.23
C LYS I 172 23.89 -41.88 5.22
N ALA I 173 22.62 -41.51 5.42
CA ALA I 173 21.56 -42.49 5.58
C ALA I 173 20.21 -41.88 5.29
N LEU I 174 19.23 -42.75 5.06
CA LEU I 174 17.82 -42.34 4.96
C LEU I 174 17.09 -42.84 6.19
N LEU I 175 16.35 -41.92 6.83
CA LEU I 175 15.40 -42.26 7.89
C LEU I 175 14.21 -43.03 7.29
N ASP I 176 14.42 -44.34 7.06
CA ASP I 176 13.43 -45.19 6.42
C ASP I 176 12.85 -46.28 7.31
N LYS I 177 13.21 -46.29 8.58
CA LYS I 177 12.68 -47.25 9.55
C LYS I 177 12.42 -46.57 10.87
N ASP I 178 11.28 -46.90 11.46
CA ASP I 178 10.90 -46.38 12.76
C ASP I 178 11.68 -47.10 13.88
N GLY I 179 12.18 -46.33 14.84
CA GLY I 179 12.83 -46.89 16.01
C GLY I 179 14.15 -47.60 15.75
N LYS I 180 14.90 -47.17 14.74
CA LYS I 180 16.18 -47.83 14.40
C LYS I 180 17.41 -46.92 14.35
N TYR I 181 17.20 -45.63 14.09
CA TYR I 181 18.28 -44.67 13.88
C TYR I 181 18.48 -43.81 15.14
N PRO I 182 19.58 -44.02 15.88
CA PRO I 182 19.80 -43.28 17.13
C PRO I 182 19.97 -41.78 16.91
N VAL I 183 19.35 -40.96 17.75
CA VAL I 183 19.55 -39.50 17.64
C VAL I 183 21.01 -39.12 17.86
N GLU I 184 21.70 -39.89 18.72
CA GLU I 184 23.10 -39.59 19.03
C GLU I 184 24.07 -39.93 17.89
N VAL I 185 23.56 -40.59 16.85
CA VAL I 185 24.40 -40.90 15.71
C VAL I 185 23.97 -40.07 14.49
N TRP I 186 22.66 -39.89 14.33
CA TRP I 186 22.14 -39.29 13.12
C TRP I 186 21.49 -37.97 13.35
N SER I 187 21.70 -37.03 12.41
CA SER I 187 21.00 -35.76 12.38
C SER I 187 20.65 -35.34 10.94
N PRO I 188 19.73 -34.37 10.77
CA PRO I 188 19.29 -33.98 9.42
C PRO I 188 20.44 -33.44 8.59
N ASP I 189 20.52 -33.88 7.33
CA ASP I 189 21.66 -33.53 6.49
C ASP I 189 21.30 -32.26 5.73
N PRO I 190 21.92 -31.12 6.08
CA PRO I 190 21.44 -29.86 5.47
C PRO I 190 21.95 -29.69 4.03
N SER I 191 22.79 -30.61 3.55
CA SER I 191 23.29 -30.50 2.19
C SER I 191 22.39 -31.25 1.22
N LYS I 192 21.43 -31.98 1.76
CA LYS I 192 20.37 -32.59 0.94
C LYS I 192 19.02 -32.08 1.45
N ASN I 193 17.99 -32.93 1.44
CA ASN I 193 16.67 -32.59 1.94
C ASN I 193 16.00 -31.43 1.21
N GLU I 194 16.25 -31.34 -0.10
CA GLU I 194 15.55 -30.39 -0.97
C GLU I 194 14.02 -30.59 -0.95
N ASN I 195 13.58 -31.82 -0.68
CA ASN I 195 12.17 -32.16 -0.75
C ASN I 195 11.51 -32.44 0.62
N THR I 196 12.17 -31.97 1.68
CA THR I 196 11.66 -32.09 3.06
C THR I 196 11.86 -30.75 3.79
N ARG I 197 10.97 -30.43 4.71
CA ARG I 197 11.28 -29.35 5.66
C ARG I 197 11.44 -29.96 7.05
N TYR I 198 12.53 -29.61 7.72
CA TYR I 198 12.74 -30.09 9.08
C TYR I 198 13.01 -28.92 10.01
N TYR I 199 12.66 -29.09 11.28
CA TYR I 199 12.75 -28.05 12.29
C TYR I 199 13.18 -28.71 13.60
N GLY I 200 14.25 -28.20 14.20
CA GLY I 200 14.83 -28.83 15.40
C GLY I 200 15.25 -27.85 16.47
N SER I 201 15.10 -28.27 17.73
CA SER I 201 15.53 -27.49 18.89
C SER I 201 16.22 -28.38 19.92
N PHE I 202 17.36 -27.91 20.41
CA PHE I 202 18.18 -28.62 21.40
C PHE I 202 18.57 -27.72 22.56
N THR I 203 18.37 -28.22 23.79
CA THR I 203 18.93 -27.64 25.01
C THR I 203 19.59 -28.74 25.82
N GLY I 204 20.86 -28.54 26.14
CA GLY I 204 21.63 -29.58 26.81
C GLY I 204 21.53 -29.53 28.32
N GLY I 205 22.64 -29.89 28.97
CA GLY I 205 22.76 -29.83 30.41
C GLY I 205 22.27 -31.06 31.13
N ALA I 206 22.69 -31.17 32.37
CA ALA I 206 22.43 -32.33 33.20
C ALA I 206 21.06 -32.27 33.84
N THR I 207 20.69 -31.08 34.32
CA THR I 207 19.52 -30.91 35.18
C THR I 207 18.57 -29.81 34.70
N THR I 208 18.78 -29.34 33.47
CA THR I 208 18.04 -28.22 32.89
C THR I 208 16.51 -28.41 32.90
N PRO I 209 15.78 -27.38 33.35
CA PRO I 209 14.31 -27.44 33.33
C PRO I 209 13.80 -27.47 31.91
N PRO I 210 12.91 -28.43 31.58
CA PRO I 210 12.36 -28.47 30.24
C PRO I 210 11.33 -27.33 30.06
N VAL I 211 11.18 -26.88 28.82
CA VAL I 211 10.29 -25.79 28.50
C VAL I 211 9.55 -26.17 27.23
N MET I 212 8.23 -26.19 27.29
CA MET I 212 7.44 -26.47 26.10
C MET I 212 6.17 -25.66 26.07
N GLN I 213 5.76 -25.22 24.88
CA GLN I 213 4.43 -24.58 24.68
C GLN I 213 3.45 -25.57 24.04
N PHE I 214 2.16 -25.30 24.17
CA PHE I 214 1.14 -26.06 23.44
C PHE I 214 -0.06 -25.18 23.11
N THR I 215 -0.55 -25.30 21.88
CA THR I 215 -1.66 -24.49 21.40
C THR I 215 -2.22 -25.11 20.12
N ASN I 216 -3.42 -24.73 19.73
CA ASN I 216 -3.90 -25.14 18.43
C ASN I 216 -4.06 -23.90 17.51
N SER I 217 -3.35 -22.82 17.85
CA SER I 217 -3.43 -21.57 17.11
C SER I 217 -2.27 -21.31 16.12
N VAL I 218 -1.30 -22.22 16.09
CA VAL I 218 -0.05 -22.02 15.32
C VAL I 218 0.09 -22.99 14.13
N THR I 219 0.42 -22.42 12.97
CA THR I 219 0.62 -23.15 11.74
C THR I 219 1.98 -22.78 11.18
N THR I 220 2.72 -23.79 10.74
CA THR I 220 3.97 -23.63 10.00
C THR I 220 3.73 -23.86 8.50
N VAL I 221 4.15 -22.90 7.68
CA VAL I 221 4.01 -22.97 6.23
C VAL I 221 5.25 -23.65 5.70
N LEU I 222 5.06 -24.62 4.80
CA LEU I 222 6.13 -25.50 4.36
C LEU I 222 6.70 -25.15 2.98
N LEU I 223 6.23 -24.05 2.41
CA LEU I 223 6.64 -23.64 1.09
C LEU I 223 8.05 -23.11 1.11
N ASP I 224 8.83 -23.43 0.06
CA ASP I 224 10.18 -22.88 -0.03
C ASP I 224 10.15 -21.44 -0.56
N GLU I 225 11.31 -20.89 -0.94
CA GLU I 225 11.37 -19.51 -1.39
C GLU I 225 10.72 -19.28 -2.77
N ASN I 226 10.46 -20.37 -3.49
CA ASN I 226 9.75 -20.29 -4.78
C ASN I 226 8.28 -20.65 -4.65
N GLY I 227 7.77 -20.66 -3.41
CA GLY I 227 6.41 -21.05 -3.10
C GLY I 227 6.08 -22.52 -3.33
N VAL I 228 7.09 -23.40 -3.28
CA VAL I 228 6.84 -24.82 -3.49
C VAL I 228 7.07 -25.62 -2.21
N GLY I 229 6.09 -26.45 -1.87
CA GLY I 229 6.19 -27.32 -0.71
C GLY I 229 6.86 -28.64 -1.06
N PRO I 230 7.07 -29.51 -0.04
CA PRO I 230 7.47 -30.89 -0.34
C PRO I 230 6.46 -31.57 -1.28
N LEU I 231 6.98 -32.25 -2.29
CA LEU I 231 6.19 -32.95 -3.27
C LEU I 231 6.28 -34.46 -2.99
N CYS I 232 5.12 -35.12 -2.92
CA CYS I 232 5.05 -36.49 -2.41
C CYS I 232 5.26 -37.58 -3.47
N LYS I 233 6.47 -38.12 -3.55
CA LYS I 233 6.78 -39.12 -4.57
C LYS I 233 6.00 -40.39 -4.30
N GLY I 234 5.44 -40.95 -5.37
CA GLY I 234 4.58 -42.11 -5.29
C GLY I 234 3.44 -41.92 -4.30
N ASP I 235 2.93 -40.68 -4.18
CA ASP I 235 1.79 -40.36 -3.31
C ASP I 235 2.04 -40.75 -1.86
N LYS I 236 3.27 -40.55 -1.40
CA LYS I 236 3.62 -40.90 -0.05
C LYS I 236 4.18 -39.72 0.70
N LEU I 237 3.64 -39.51 1.90
CA LEU I 237 4.06 -38.43 2.76
C LEU I 237 4.82 -38.98 3.97
N PHE I 238 6.04 -38.47 4.18
CA PHE I 238 6.89 -38.90 5.30
C PHE I 238 6.86 -37.88 6.43
N LEU I 239 6.46 -38.31 7.63
CA LEU I 239 6.45 -37.49 8.83
C LEU I 239 7.46 -38.07 9.78
N SER I 240 8.35 -37.23 10.31
CA SER I 240 9.42 -37.72 11.18
C SER I 240 9.52 -36.88 12.42
N ALA I 241 10.00 -37.49 13.50
CA ALA I 241 9.97 -36.79 14.77
C ALA I 241 10.83 -37.41 15.85
N VAL I 242 11.28 -36.55 16.75
CA VAL I 242 11.74 -36.99 18.05
C VAL I 242 11.45 -35.90 19.06
N ASP I 243 10.98 -36.30 20.24
CA ASP I 243 10.71 -35.36 21.31
C ASP I 243 11.15 -35.93 22.67
N ILE I 244 12.43 -35.77 22.96
CA ILE I 244 12.99 -36.17 24.23
C ILE I 244 12.81 -34.97 25.16
N VAL I 245 12.14 -35.17 26.29
CA VAL I 245 11.75 -34.05 27.14
C VAL I 245 12.62 -34.01 28.39
N GLY I 246 13.51 -34.98 28.51
CA GLY I 246 14.47 -35.03 29.61
C GLY I 246 14.76 -36.42 30.14
N ILE I 247 15.26 -36.46 31.37
CA ILE I 247 15.69 -37.68 32.02
C ILE I 247 14.90 -37.84 33.30
N HIS I 248 14.37 -39.03 33.53
CA HIS I 248 13.84 -39.35 34.86
C HIS I 248 14.88 -40.06 35.67
N THR I 249 15.04 -39.63 36.92
CA THR I 249 15.97 -40.26 37.84
C THR I 249 15.21 -41.13 38.84
N ASN I 250 15.71 -42.33 39.08
CA ASN I 250 15.09 -43.22 40.05
C ASN I 250 15.67 -43.01 41.44
N TYR I 251 15.03 -43.57 42.45
CA TYR I 251 15.55 -43.52 43.79
C TYR I 251 17.00 -44.03 43.85
N SER I 252 17.28 -45.09 43.10
CA SER I 252 18.60 -45.72 43.04
C SER I 252 19.63 -44.86 42.33
N GLU I 253 19.15 -43.80 41.65
CA GLU I 253 19.97 -42.89 40.84
C GLU I 253 20.20 -43.39 39.41
N SER I 254 19.65 -44.54 39.06
CA SER I 254 19.61 -44.94 37.66
C SER I 254 18.69 -43.96 36.92
N GLN I 255 18.91 -43.81 35.62
CA GLN I 255 18.19 -42.79 34.86
C GLN I 255 17.66 -43.34 33.53
N ASN I 256 16.51 -42.84 33.13
CA ASN I 256 15.84 -43.19 31.89
C ASN I 256 15.45 -41.96 31.12
N TRP I 257 15.72 -41.96 29.82
CA TRP I 257 15.19 -40.91 28.93
C TRP I 257 13.68 -40.98 28.88
N ARG I 258 13.05 -39.80 28.88
CA ARG I 258 11.60 -39.70 28.73
C ARG I 258 11.25 -38.98 27.43
N GLY I 259 10.33 -39.58 26.66
CA GLY I 259 9.84 -38.97 25.42
C GLY I 259 8.32 -38.89 25.36
N LEU I 260 7.81 -38.01 24.51
CA LEU I 260 6.38 -37.76 24.36
C LEU I 260 5.99 -37.87 22.89
N PRO I 261 4.73 -38.19 22.62
CA PRO I 261 4.24 -38.32 21.24
C PRO I 261 4.05 -36.98 20.54
N ARG I 262 4.10 -36.99 19.20
CA ARG I 262 3.88 -35.80 18.40
C ARG I 262 2.67 -35.95 17.49
N TYR I 263 1.78 -34.95 17.50
CA TYR I 263 0.68 -34.89 16.54
C TYR I 263 1.09 -34.06 15.32
N PHE I 264 0.57 -34.43 14.14
CA PHE I 264 0.74 -33.70 12.87
C PHE I 264 -0.65 -33.52 12.22
N ASN I 265 -0.88 -32.38 11.62
CA ASN I 265 -2.04 -32.16 10.76
C ASN I 265 -1.52 -31.36 9.58
N VAL I 266 -1.47 -32.03 8.43
CA VAL I 266 -0.81 -31.48 7.25
C VAL I 266 -1.86 -31.20 6.17
N THR I 267 -1.78 -29.99 5.60
CA THR I 267 -2.66 -29.60 4.49
C THR I 267 -1.91 -29.70 3.19
N LEU I 268 -2.53 -30.35 2.20
CA LEU I 268 -1.90 -30.60 0.92
C LEU I 268 -2.76 -30.13 -0.26
N ARG I 269 -2.10 -29.83 -1.37
CA ARG I 269 -2.78 -29.39 -2.59
C ARG I 269 -2.17 -30.12 -3.78
N LYS I 270 -2.88 -30.14 -4.91
CA LYS I 270 -2.42 -30.79 -6.14
C LYS I 270 -1.47 -29.87 -6.90
N ARG I 271 -0.32 -30.39 -7.31
CA ARG I 271 0.68 -29.57 -8.01
C ARG I 271 1.01 -30.19 -9.35
N VAL I 272 0.91 -29.39 -10.42
CA VAL I 272 1.26 -29.86 -11.76
C VAL I 272 2.77 -29.97 -11.96
N VAL I 273 3.22 -31.10 -12.50
CA VAL I 273 4.61 -31.30 -12.87
C VAL I 273 4.66 -31.84 -14.30
N LYS I 274 5.79 -31.64 -14.97
CA LYS I 274 6.01 -32.19 -16.29
C LYS I 274 6.34 -33.68 -16.14
N ASN I 275 5.70 -34.53 -16.96
CA ASN I 275 5.99 -35.96 -16.96
C ASN I 275 7.38 -36.29 -17.53
N PRO I 276 8.26 -36.94 -16.74
CA PRO I 276 9.53 -37.46 -17.28
C PRO I 276 9.47 -38.97 -17.54
N GLY J 6 -20.34 -30.43 10.71
CA GLY J 6 -21.76 -30.73 10.41
C GLY J 6 -22.53 -29.52 9.90
N VAL J 7 -22.31 -28.36 10.53
CA VAL J 7 -23.06 -27.13 10.26
C VAL J 7 -22.30 -26.13 9.37
N GLU J 8 -22.99 -25.54 8.39
CA GLU J 8 -22.35 -24.56 7.49
C GLU J 8 -22.38 -23.15 8.10
N VAL J 9 -21.20 -22.55 8.21
CA VAL J 9 -21.04 -21.18 8.74
C VAL J 9 -21.14 -20.17 7.61
N LEU J 10 -21.89 -19.11 7.85
CA LEU J 10 -22.04 -18.02 6.89
C LEU J 10 -21.43 -16.75 7.46
N GLU J 11 -21.97 -15.59 7.09
CA GLU J 11 -21.37 -14.29 7.42
C GLU J 11 -21.64 -13.79 8.83
N VAL J 12 -20.83 -12.82 9.26
CA VAL J 12 -21.06 -12.09 10.51
C VAL J 12 -22.32 -11.23 10.37
N ARG J 13 -23.15 -11.24 11.41
CA ARG J 13 -24.33 -10.37 11.49
C ARG J 13 -23.94 -8.97 11.96
N THR J 14 -24.27 -7.96 11.16
CA THR J 14 -23.93 -6.57 11.48
C THR J 14 -25.14 -5.86 12.06
N GLY J 15 -24.96 -4.61 12.49
CA GLY J 15 -26.06 -3.76 12.95
C GLY J 15 -25.80 -3.20 14.34
N PRO J 16 -26.86 -2.69 15.00
CA PRO J 16 -26.74 -2.28 16.39
C PRO J 16 -26.79 -3.51 17.30
N ASP J 17 -26.22 -3.39 18.50
CA ASP J 17 -26.17 -4.49 19.47
C ASP J 17 -25.64 -5.81 18.89
N ALA J 18 -24.71 -5.73 17.94
CA ALA J 18 -24.18 -6.93 17.32
C ALA J 18 -23.15 -7.66 18.22
N ILE J 19 -22.48 -6.93 19.11
CA ILE J 19 -21.47 -7.55 19.96
C ILE J 19 -21.72 -7.40 21.47
N THR J 20 -21.20 -8.34 22.25
CA THR J 20 -21.33 -8.32 23.70
C THR J 20 -20.02 -8.74 24.41
N GLN J 21 -19.91 -8.43 25.70
CA GLN J 21 -18.76 -8.79 26.52
C GLN J 21 -19.19 -9.56 27.75
N ILE J 22 -18.52 -10.68 28.03
CA ILE J 22 -18.67 -11.33 29.34
C ILE J 22 -17.34 -11.34 30.08
N GLU J 23 -17.41 -11.34 31.41
CA GLU J 23 -16.23 -11.57 32.24
C GLU J 23 -16.50 -12.60 33.33
N ALA J 24 -15.44 -13.27 33.76
CA ALA J 24 -15.53 -14.34 34.73
C ALA J 24 -14.15 -14.56 35.33
N TYR J 25 -14.14 -15.20 36.49
CA TYR J 25 -12.89 -15.71 37.04
C TYR J 25 -13.03 -17.19 37.43
N LEU J 26 -11.92 -17.92 37.26
CA LEU J 26 -11.80 -19.32 37.66
C LEU J 26 -10.79 -19.42 38.82
N ASN J 27 -11.25 -19.91 39.97
CA ASN J 27 -10.39 -20.16 41.12
C ASN J 27 -9.62 -21.48 40.92
N PRO J 28 -8.37 -21.52 41.39
CA PRO J 28 -7.49 -22.69 41.17
C PRO J 28 -7.98 -23.96 41.88
N ARG J 29 -7.70 -25.11 41.30
CA ARG J 29 -8.12 -26.36 41.89
C ARG J 29 -6.90 -27.22 42.09
N MET J 30 -6.15 -26.90 43.13
CA MET J 30 -4.87 -27.53 43.41
C MET J 30 -4.98 -28.83 44.20
N GLY J 31 -6.15 -29.10 44.78
CA GLY J 31 -6.35 -30.27 45.63
C GLY J 31 -7.22 -29.97 46.84
N ASN J 32 -6.93 -28.84 47.50
CA ASN J 32 -7.79 -28.27 48.52
C ASN J 32 -8.69 -27.28 47.80
N ASN J 33 -9.87 -27.73 47.42
CA ASN J 33 -10.69 -27.02 46.43
C ASN J 33 -11.94 -26.36 47.03
N ASN J 34 -12.12 -26.53 48.35
CA ASN J 34 -13.21 -25.91 49.08
C ASN J 34 -12.72 -24.63 49.78
N PRO J 35 -13.42 -23.49 49.56
CA PRO J 35 -13.01 -22.20 50.10
C PRO J 35 -12.89 -22.08 51.64
N THR J 36 -13.41 -23.06 52.38
CA THR J 36 -13.19 -23.08 53.84
C THR J 36 -11.97 -23.94 54.22
N ASP J 37 -11.38 -24.62 53.24
CA ASP J 37 -10.18 -25.43 53.48
C ASP J 37 -9.05 -24.51 53.91
N GLU J 38 -8.41 -24.83 55.03
CA GLU J 38 -7.25 -24.10 55.50
C GLU J 38 -6.22 -23.82 54.38
N LEU J 39 -5.92 -24.81 53.54
CA LEU J 39 -4.95 -24.60 52.46
C LEU J 39 -5.59 -24.42 51.06
N TYR J 40 -6.76 -23.77 51.03
CA TYR J 40 -7.39 -23.37 49.78
C TYR J 40 -6.39 -22.66 48.87
N GLY J 41 -6.32 -23.12 47.63
CA GLY J 41 -5.37 -22.56 46.66
C GLY J 41 -4.05 -23.32 46.63
N TYR J 42 -3.93 -24.34 47.48
CA TYR J 42 -2.77 -25.22 47.52
C TYR J 42 -3.21 -26.67 47.45
N SER J 43 -2.30 -27.55 47.05
CA SER J 43 -2.54 -28.98 47.26
C SER J 43 -2.25 -29.31 48.72
N ALA J 44 -2.77 -30.44 49.18
CA ALA J 44 -2.27 -31.08 50.41
C ALA J 44 -0.81 -31.51 50.20
N ASP J 45 -0.11 -31.86 51.28
CA ASP J 45 1.28 -32.29 51.20
C ASP J 45 1.44 -33.44 50.21
N ILE J 46 2.35 -33.27 49.25
CA ILE J 46 2.62 -34.32 48.27
C ILE J 46 2.93 -35.63 49.00
N ASN J 47 2.19 -36.69 48.68
CA ASN J 47 2.54 -38.02 49.17
C ASN J 47 3.15 -38.84 48.05
N VAL J 48 4.41 -39.18 48.23
CA VAL J 48 5.23 -39.83 47.23
C VAL J 48 5.01 -41.35 47.24
N ALA J 49 5.03 -41.96 46.06
CA ALA J 49 5.00 -43.42 45.92
C ALA J 49 6.18 -44.10 46.63
N SER J 50 5.93 -45.23 47.28
CA SER J 50 7.05 -46.00 47.84
C SER J 50 7.81 -46.69 46.71
N SER J 51 7.06 -47.20 45.73
CA SER J 51 7.62 -47.83 44.52
C SER J 51 6.70 -47.64 43.31
N LYS J 52 7.13 -48.16 42.15
CA LYS J 52 6.34 -48.04 40.92
C LYS J 52 5.04 -48.85 41.01
N ALA J 53 5.11 -49.97 41.73
CA ALA J 53 3.96 -50.83 41.93
C ALA J 53 2.97 -50.25 42.96
N SER J 54 3.45 -49.35 43.82
CA SER J 54 2.62 -48.79 44.88
C SER J 54 2.60 -47.27 44.82
N ASP J 55 1.80 -46.76 43.90
CA ASP J 55 1.65 -45.34 43.69
C ASP J 55 0.19 -44.96 43.91
N ASN J 56 -0.08 -44.35 45.06
CA ASN J 56 -1.45 -43.99 45.46
C ASN J 56 -1.58 -42.53 45.92
N PRO J 57 -1.48 -41.58 44.98
CA PRO J 57 -1.62 -40.17 45.33
C PRO J 57 -3.01 -39.89 45.89
N ASN J 58 -3.07 -39.03 46.91
CA ASN J 58 -4.32 -38.55 47.48
C ASN J 58 -4.96 -37.55 46.55
N ALA J 59 -6.29 -37.59 46.48
CA ALA J 59 -7.03 -36.69 45.60
C ALA J 59 -6.63 -35.24 45.87
N THR J 60 -6.43 -34.92 47.14
CA THR J 60 -6.10 -33.56 47.55
C THR J 60 -4.68 -33.12 47.16
N THR J 61 -3.86 -34.05 46.69
CA THR J 61 -2.50 -33.69 46.26
C THR J 61 -2.38 -33.52 44.74
N LEU J 62 -3.50 -33.67 44.02
CA LEU J 62 -3.47 -33.69 42.55
C LEU J 62 -4.15 -32.49 41.92
N PRO J 63 -3.36 -31.55 41.38
CA PRO J 63 -3.96 -30.39 40.70
C PRO J 63 -4.83 -30.80 39.51
N THR J 64 -5.97 -30.12 39.37
CA THR J 64 -6.97 -30.44 38.34
C THR J 64 -7.33 -29.19 37.53
N TYR J 65 -7.89 -29.38 36.34
CA TYR J 65 -8.35 -28.24 35.53
C TYR J 65 -9.53 -27.50 36.18
N SER J 66 -9.57 -26.19 35.99
CA SER J 66 -10.73 -25.38 36.32
C SER J 66 -11.57 -25.26 35.05
N VAL J 67 -12.89 -25.26 35.18
CA VAL J 67 -13.77 -25.03 34.03
C VAL J 67 -15.03 -24.31 34.50
N ALA J 68 -15.46 -23.32 33.74
CA ALA J 68 -16.78 -22.66 33.95
C ALA J 68 -17.55 -22.59 32.64
N VAL J 69 -18.88 -22.68 32.72
CA VAL J 69 -19.73 -22.55 31.55
C VAL J 69 -20.65 -21.36 31.72
N ILE J 70 -20.70 -20.49 30.71
CA ILE J 70 -21.59 -19.35 30.69
C ILE J 70 -22.66 -19.59 29.64
N LYS J 71 -23.92 -19.54 30.05
CA LYS J 71 -25.01 -19.68 29.12
C LYS J 71 -25.40 -18.29 28.61
N LEU J 72 -25.27 -18.08 27.33
CA LEU J 72 -25.49 -16.80 26.72
C LEU J 72 -26.96 -16.64 26.30
N PRO J 73 -27.38 -15.45 25.96
CA PRO J 73 -28.77 -15.19 25.55
C PRO J 73 -29.27 -15.94 24.30
N MET J 74 -30.49 -16.45 24.32
CA MET J 74 -31.14 -17.08 23.15
C MET J 74 -31.12 -15.98 22.09
N LEU J 75 -30.73 -16.28 20.87
CA LEU J 75 -30.72 -15.27 19.84
C LEU J 75 -31.76 -15.53 18.75
N ASN J 76 -32.42 -16.65 18.81
CA ASN J 76 -33.28 -17.07 17.75
C ASN J 76 -34.73 -17.19 18.25
N GLU J 77 -35.65 -16.40 17.68
CA GLU J 77 -37.05 -16.47 18.07
C GLU J 77 -37.69 -17.63 17.33
N ASP J 78 -37.63 -17.56 16.01
CA ASP J 78 -38.19 -18.57 15.12
C ASP J 78 -37.09 -19.57 14.76
N MET J 79 -37.35 -20.87 14.90
CA MET J 79 -36.33 -21.85 14.53
C MET J 79 -36.75 -22.55 13.24
N THR J 80 -37.71 -21.97 12.58
CA THR J 80 -38.10 -22.44 11.27
C THR J 80 -37.18 -21.83 10.20
N CYS J 81 -36.57 -20.73 10.59
CA CYS J 81 -35.72 -19.93 9.75
C CYS J 81 -34.58 -20.68 9.13
N ASP J 82 -34.53 -20.65 7.81
CA ASP J 82 -33.48 -21.20 6.99
C ASP J 82 -32.04 -20.93 7.57
N THR J 83 -31.90 -19.90 8.36
CA THR J 83 -30.61 -19.62 9.00
C THR J 83 -30.79 -19.29 10.45
N LEU J 84 -29.71 -19.40 11.22
CA LEU J 84 -29.76 -19.11 12.66
C LEU J 84 -28.58 -18.22 13.10
N LEU J 85 -28.72 -17.60 14.27
CA LEU J 85 -27.62 -16.85 14.89
C LEU J 85 -26.94 -17.66 16.00
N MET J 86 -25.61 -17.58 16.04
CA MET J 86 -24.81 -18.16 17.12
C MET J 86 -23.87 -17.10 17.66
N TRP J 87 -23.58 -17.18 18.97
CA TRP J 87 -22.52 -16.37 19.53
C TRP J 87 -21.18 -16.89 19.12
N GLU J 88 -20.32 -15.98 18.65
CA GLU J 88 -18.97 -16.31 18.22
C GLU J 88 -17.98 -15.55 19.09
N ALA J 89 -17.10 -16.27 19.77
CA ALA J 89 -16.03 -15.67 20.54
C ALA J 89 -14.92 -15.14 19.62
N VAL J 90 -14.68 -13.83 19.69
CA VAL J 90 -13.80 -13.10 18.79
C VAL J 90 -12.41 -12.88 19.40
N SER J 91 -12.39 -12.30 20.61
CA SER J 91 -11.15 -12.15 21.35
C SER J 91 -11.34 -12.31 22.86
N VAL J 92 -10.22 -12.35 23.58
CA VAL J 92 -10.23 -12.46 25.04
C VAL J 92 -9.07 -11.67 25.66
N LYS J 93 -9.38 -10.91 26.72
CA LYS J 93 -8.35 -10.45 27.63
C LYS J 93 -8.36 -11.38 28.84
N THR J 94 -7.19 -11.92 29.17
CA THR J 94 -7.07 -12.83 30.28
C THR J 94 -5.86 -12.47 31.14
N GLU J 95 -5.97 -12.75 32.44
CA GLU J 95 -4.96 -12.32 33.38
C GLU J 95 -4.88 -13.32 34.53
N VAL J 96 -3.65 -13.66 34.91
CA VAL J 96 -3.41 -14.38 36.16
C VAL J 96 -3.35 -13.36 37.28
N MET J 97 -4.23 -13.54 38.26
CA MET J 97 -4.41 -12.59 39.33
C MET J 97 -3.65 -13.05 40.57
N GLY J 98 -3.21 -12.10 41.38
CA GLY J 98 -2.54 -12.38 42.65
C GLY J 98 -1.06 -12.76 42.56
N ILE J 99 -0.44 -12.42 41.43
CA ILE J 99 0.97 -12.72 41.15
C ILE J 99 1.90 -12.19 42.26
N SER J 100 1.68 -10.95 42.67
CA SER J 100 2.52 -10.31 43.69
C SER J 100 2.38 -10.94 45.10
N SER J 101 1.36 -11.77 45.33
CA SER J 101 1.28 -12.56 46.57
C SER J 101 2.48 -13.50 46.75
N LEU J 102 3.19 -13.78 45.66
CA LEU J 102 4.39 -14.63 45.73
C LEU J 102 5.59 -13.83 46.22
N VAL J 103 5.44 -12.51 46.26
CA VAL J 103 6.51 -11.62 46.65
C VAL J 103 6.48 -11.49 48.17
N ASN J 104 6.94 -12.57 48.82
CA ASN J 104 6.68 -12.83 50.23
C ASN J 104 7.78 -13.75 50.72
N LEU J 105 8.61 -13.25 51.63
CA LEU J 105 9.75 -14.00 52.14
C LEU J 105 9.62 -14.34 53.62
N HIS J 106 8.45 -14.05 54.19
CA HIS J 106 8.25 -14.14 55.63
C HIS J 106 7.32 -15.24 56.01
N GLN J 107 6.61 -15.78 55.01
CA GLN J 107 5.78 -16.97 55.19
C GLN J 107 6.63 -18.10 55.76
N GLY J 108 6.04 -18.90 56.63
CA GLY J 108 6.73 -20.05 57.19
C GLY J 108 7.13 -21.02 56.07
N GLY J 109 8.30 -21.64 56.24
CA GLY J 109 8.81 -22.54 55.23
C GLY J 109 10.26 -22.87 55.49
N LYS J 110 11.00 -23.14 54.43
CA LYS J 110 12.41 -23.50 54.51
C LYS J 110 13.24 -22.23 54.32
N TYR J 111 14.24 -22.01 55.19
CA TYR J 111 15.11 -20.83 55.13
C TYR J 111 15.98 -20.83 53.89
N ILE J 112 16.16 -19.66 53.26
CA ILE J 112 17.10 -19.49 52.14
C ILE J 112 18.53 -19.85 52.57
N TYR J 113 19.01 -19.24 53.65
CA TYR J 113 20.32 -19.55 54.22
C TYR J 113 20.11 -20.12 55.62
N GLY J 114 20.71 -19.52 56.65
CA GLY J 114 20.42 -19.95 58.01
C GLY J 114 19.08 -19.46 58.52
N SER J 115 18.83 -19.62 59.82
CA SER J 115 17.60 -19.16 60.44
C SER J 115 17.48 -17.64 60.64
N SER J 116 18.51 -16.87 60.29
CA SER J 116 18.38 -15.42 60.24
C SER J 116 17.76 -14.90 58.91
N SER J 117 17.69 -15.76 57.90
CA SER J 117 17.28 -15.30 56.57
C SER J 117 15.76 -15.39 56.33
N GLY J 118 15.33 -15.00 55.12
CA GLY J 118 13.96 -15.23 54.68
C GLY J 118 13.74 -16.68 54.26
N THR J 119 12.50 -17.04 53.97
CA THR J 119 12.20 -18.40 53.52
C THR J 119 12.12 -18.46 52.00
N ILE J 120 12.38 -19.65 51.46
CA ILE J 120 12.37 -19.90 50.02
C ILE J 120 10.96 -19.73 49.45
N PRO J 121 10.81 -18.90 48.40
CA PRO J 121 9.45 -18.68 47.89
C PRO J 121 8.96 -19.82 46.99
N VAL J 122 7.72 -19.69 46.52
CA VAL J 122 7.12 -20.65 45.63
C VAL J 122 7.96 -20.73 44.37
N GLN J 123 8.40 -21.93 44.04
CA GLN J 123 9.28 -22.12 42.90
C GLN J 123 9.17 -23.54 42.35
N GLY J 124 9.73 -23.77 41.17
CA GLY J 124 9.70 -25.10 40.55
C GLY J 124 8.74 -25.18 39.36
N THR J 125 8.29 -26.40 39.04
CA THR J 125 7.44 -26.64 37.87
C THR J 125 6.25 -25.68 37.85
N THR J 126 6.05 -25.01 36.71
CA THR J 126 4.86 -24.19 36.46
C THR J 126 4.07 -24.72 35.25
N LEU J 127 2.75 -24.58 35.27
CA LEU J 127 1.92 -24.93 34.11
C LEU J 127 0.80 -23.92 34.00
N HIS J 128 0.75 -23.22 32.87
CA HIS J 128 -0.31 -22.25 32.59
C HIS J 128 -1.05 -22.65 31.38
N MET J 129 -2.37 -22.57 31.46
CA MET J 129 -3.20 -22.83 30.31
C MET J 129 -4.50 -22.09 30.46
N PHE J 130 -4.99 -21.56 29.34
CA PHE J 130 -6.37 -21.09 29.26
C PHE J 130 -6.98 -21.52 27.94
N SER J 131 -8.30 -21.61 27.91
CA SER J 131 -8.98 -21.95 26.65
C SER J 131 -10.37 -21.38 26.62
N VAL J 132 -10.81 -21.03 25.42
CA VAL J 132 -12.17 -20.51 25.21
C VAL J 132 -12.79 -21.30 24.06
N GLY J 133 -13.97 -21.87 24.28
CA GLY J 133 -14.63 -22.65 23.23
C GLY J 133 -16.13 -22.64 23.35
N GLY J 134 -16.82 -23.11 22.30
CA GLY J 134 -18.27 -23.28 22.32
C GLY J 134 -18.74 -24.70 22.66
N GLU J 135 -17.87 -25.45 23.34
CA GLU J 135 -18.14 -26.81 23.81
C GLU J 135 -17.02 -27.20 24.78
N PRO J 136 -17.15 -28.35 25.49
CA PRO J 136 -16.09 -28.74 26.44
C PRO J 136 -14.74 -28.91 25.75
N LEU J 137 -13.66 -28.61 26.48
CA LEU J 137 -12.31 -28.86 25.98
C LEU J 137 -12.12 -30.37 25.78
N GLU J 138 -11.65 -30.76 24.60
CA GLU J 138 -11.43 -32.18 24.35
C GLU J 138 -10.01 -32.58 24.81
N LEU J 139 -9.94 -33.65 25.60
CA LEU J 139 -8.72 -34.07 26.31
C LEU J 139 -8.18 -35.42 25.80
N GLN J 140 -6.85 -35.55 25.82
CA GLN J 140 -6.20 -36.82 25.57
C GLN J 140 -5.52 -37.25 26.86
N GLY J 141 -5.58 -38.54 27.16
CA GLY J 141 -4.95 -39.05 28.37
C GLY J 141 -3.56 -39.57 28.17
N LEU J 142 -2.66 -39.20 29.08
CA LEU J 142 -1.29 -39.69 29.07
C LEU J 142 -0.67 -39.52 30.46
N VAL J 143 -0.03 -40.58 30.98
CA VAL J 143 0.56 -40.52 32.33
C VAL J 143 2.05 -40.87 32.39
N ALA J 144 2.70 -40.43 33.46
CA ALA J 144 4.08 -40.83 33.76
C ALA J 144 4.16 -42.33 34.01
N SER J 145 3.12 -42.89 34.63
CA SER J 145 3.12 -44.30 35.03
C SER J 145 1.75 -44.97 34.97
N SER J 146 1.65 -46.05 34.18
CA SER J 146 0.40 -46.78 34.01
C SER J 146 0.04 -47.65 35.22
N THR J 147 0.95 -47.73 36.20
CA THR J 147 0.71 -48.54 37.39
C THR J 147 0.34 -47.65 38.59
N THR J 148 0.14 -46.37 38.33
CA THR J 148 -0.37 -45.46 39.36
C THR J 148 -1.85 -45.78 39.61
N THR J 149 -2.25 -45.82 40.88
CA THR J 149 -3.65 -45.95 41.28
C THR J 149 -4.24 -44.58 41.64
N TYR J 150 -5.13 -44.08 40.79
CA TYR J 150 -5.74 -42.77 41.02
C TYR J 150 -6.98 -42.86 41.92
N PRO J 151 -7.26 -41.79 42.69
CA PRO J 151 -8.50 -41.84 43.47
C PRO J 151 -9.70 -42.06 42.55
N THR J 152 -10.60 -42.95 42.96
CA THR J 152 -11.73 -43.33 42.11
C THR J 152 -12.72 -42.17 41.91
N ASP J 153 -12.70 -41.21 42.83
CA ASP J 153 -13.61 -40.06 42.78
CA ASP J 153 -13.63 -40.07 42.76
C ASP J 153 -13.17 -38.98 41.77
N MET J 154 -12.05 -39.20 41.09
CA MET J 154 -11.59 -38.26 40.07
C MET J 154 -11.76 -38.93 38.72
N VAL J 155 -11.76 -38.16 37.64
CA VAL J 155 -11.82 -38.75 36.32
C VAL J 155 -10.41 -39.02 35.79
N THR J 156 -10.05 -40.29 35.67
CA THR J 156 -8.78 -40.67 35.05
C THR J 156 -9.02 -41.75 33.99
N ILE J 157 -7.92 -42.36 33.52
CA ILE J 157 -8.00 -43.34 32.45
C ILE J 157 -8.46 -44.68 32.98
N LYS J 158 -9.46 -45.25 32.30
CA LYS J 158 -10.01 -46.54 32.64
C LYS J 158 -9.03 -47.68 32.31
N ASN J 159 -8.79 -48.56 33.27
CA ASN J 159 -7.99 -49.78 33.06
C ASN J 159 -6.71 -49.54 32.26
N MET J 160 -5.80 -48.75 32.82
CA MET J 160 -4.54 -48.41 32.18
C MET J 160 -3.67 -49.61 31.85
N LYS J 161 -3.02 -49.56 30.69
CA LYS J 161 -1.92 -50.47 30.34
C LYS J 161 -0.66 -49.60 30.08
N PRO J 162 0.53 -50.23 29.94
CA PRO J 162 1.71 -49.39 29.74
C PRO J 162 1.62 -48.50 28.48
N VAL J 163 0.73 -48.86 27.54
CA VAL J 163 0.47 -48.03 26.36
C VAL J 163 0.06 -46.59 26.76
N ASN J 164 -0.57 -46.44 27.92
CA ASN J 164 -0.98 -45.12 28.43
C ASN J 164 0.15 -44.19 28.87
N GLN J 165 1.38 -44.70 28.88
CA GLN J 165 2.58 -43.85 29.09
C GLN J 165 3.01 -43.06 27.84
N ALA J 166 2.39 -43.39 26.72
CA ALA J 166 2.46 -42.59 25.47
C ALA J 166 1.03 -42.39 24.92
N LEU J 167 0.88 -42.33 23.61
CA LEU J 167 -0.42 -42.08 23.00
C LEU J 167 -1.27 -43.34 22.77
N ASP J 168 -2.33 -43.46 23.57
CA ASP J 168 -3.38 -44.44 23.37
C ASP J 168 -4.61 -43.70 22.82
N PRO J 169 -4.92 -43.91 21.53
CA PRO J 169 -6.04 -43.19 20.91
C PRO J 169 -7.40 -43.43 21.60
N ASN J 170 -7.51 -44.48 22.41
CA ASN J 170 -8.76 -44.76 23.14
C ASN J 170 -8.93 -43.99 24.45
N ALA J 171 -7.87 -43.30 24.86
CA ALA J 171 -7.90 -42.57 26.12
C ALA J 171 -8.35 -41.11 25.94
N LYS J 172 -9.64 -40.93 25.62
CA LYS J 172 -10.17 -39.58 25.36
C LYS J 172 -11.16 -39.14 26.43
N ALA J 173 -11.31 -37.83 26.62
CA ALA J 173 -12.28 -37.31 27.59
C ALA J 173 -12.70 -35.88 27.28
N LEU J 174 -13.72 -35.42 27.98
CA LEU J 174 -14.18 -34.03 27.86
C LEU J 174 -13.97 -33.31 29.17
N LEU J 175 -13.50 -32.09 29.09
CA LEU J 175 -13.38 -31.28 30.31
C LEU J 175 -14.75 -30.68 30.67
N ASP J 176 -15.52 -31.40 31.47
CA ASP J 176 -16.92 -31.07 31.75
C ASP J 176 -17.24 -31.07 33.24
N LYS J 177 -16.20 -31.23 34.06
CA LYS J 177 -16.32 -31.09 35.51
C LYS J 177 -15.15 -30.26 36.05
N ASP J 178 -15.49 -29.23 36.82
CA ASP J 178 -14.51 -28.43 37.55
C ASP J 178 -13.85 -29.26 38.67
N GLY J 179 -12.53 -29.24 38.70
CA GLY J 179 -11.77 -29.82 39.80
C GLY J 179 -11.79 -31.34 39.87
N LYS J 180 -11.81 -32.00 38.72
CA LYS J 180 -11.97 -33.47 38.70
C LYS J 180 -11.02 -34.19 37.74
N TYR J 181 -10.51 -33.46 36.74
CA TYR J 181 -9.57 -33.98 35.77
C TYR J 181 -8.14 -33.53 36.11
N PRO J 182 -7.27 -34.44 36.60
CA PRO J 182 -5.90 -34.07 36.97
C PRO J 182 -5.05 -33.68 35.77
N VAL J 183 -4.20 -32.68 35.95
CA VAL J 183 -3.33 -32.19 34.87
C VAL J 183 -2.28 -33.22 34.46
N GLU J 184 -1.88 -34.09 35.40
CA GLU J 184 -0.85 -35.10 35.12
C GLU J 184 -1.42 -36.28 34.34
N VAL J 185 -2.74 -36.29 34.16
CA VAL J 185 -3.39 -37.35 33.41
C VAL J 185 -3.87 -36.82 32.06
N TRP J 186 -4.40 -35.59 32.04
CA TRP J 186 -5.10 -35.07 30.84
C TRP J 186 -4.43 -33.85 30.27
N SER J 187 -4.41 -33.75 28.94
CA SER J 187 -3.90 -32.57 28.23
C SER J 187 -4.83 -32.29 27.02
N PRO J 188 -4.91 -31.01 26.59
CA PRO J 188 -5.74 -30.68 25.41
C PRO J 188 -5.39 -31.59 24.23
N ASP J 189 -6.44 -32.08 23.56
CA ASP J 189 -6.29 -33.00 22.43
C ASP J 189 -6.20 -32.23 21.10
N PRO J 190 -5.02 -32.28 20.44
CA PRO J 190 -4.89 -31.53 19.19
C PRO J 190 -5.52 -32.18 17.94
N SER J 191 -5.93 -33.43 18.04
CA SER J 191 -6.65 -34.07 16.93
C SER J 191 -8.12 -33.63 16.90
N LYS J 192 -8.54 -32.87 17.91
CA LYS J 192 -9.90 -32.35 17.95
C LYS J 192 -9.87 -30.85 18.28
N ASN J 193 -10.74 -30.41 19.18
CA ASN J 193 -10.80 -28.99 19.57
C ASN J 193 -10.90 -27.98 18.41
N GLU J 194 -11.59 -28.39 17.36
CA GLU J 194 -11.87 -27.53 16.21
CA GLU J 194 -11.92 -27.54 16.20
C GLU J 194 -12.68 -26.29 16.63
N ASN J 195 -13.50 -26.41 17.66
CA ASN J 195 -14.35 -25.31 18.11
C ASN J 195 -13.90 -24.70 19.43
N THR J 196 -12.61 -24.82 19.74
CA THR J 196 -12.05 -24.26 20.96
C THR J 196 -10.67 -23.70 20.61
N ARG J 197 -10.28 -22.57 21.19
CA ARG J 197 -8.86 -22.17 21.14
C ARG J 197 -8.21 -22.37 22.51
N TYR J 198 -7.06 -23.05 22.53
CA TYR J 198 -6.32 -23.24 23.78
C TYR J 198 -4.87 -22.81 23.62
N TYR J 199 -4.30 -22.38 24.75
CA TYR J 199 -2.96 -21.82 24.79
C TYR J 199 -2.31 -22.28 26.08
N GLY J 200 -1.08 -22.76 26.03
CA GLY J 200 -0.41 -23.21 27.25
C GLY J 200 1.12 -23.15 27.24
N SER J 201 1.69 -23.01 28.44
CA SER J 201 3.13 -23.09 28.61
C SER J 201 3.52 -23.81 29.90
N PHE J 202 4.59 -24.58 29.77
CA PHE J 202 5.09 -25.45 30.82
C PHE J 202 6.58 -25.14 30.99
N THR J 203 7.02 -25.15 32.24
CA THR J 203 8.46 -25.11 32.57
C THR J 203 8.62 -26.02 33.75
N GLY J 204 9.52 -26.99 33.63
CA GLY J 204 9.68 -27.99 34.67
C GLY J 204 10.75 -27.58 35.66
N GLY J 205 11.44 -28.60 36.19
CA GLY J 205 12.48 -28.38 37.16
C GLY J 205 11.91 -28.48 38.57
N ALA J 206 12.80 -28.79 39.51
CA ALA J 206 12.42 -28.87 40.91
C ALA J 206 12.38 -27.51 41.57
N THR J 207 13.26 -26.60 41.16
CA THR J 207 13.44 -25.31 41.86
C THR J 207 13.43 -24.06 40.97
N THR J 208 12.94 -24.21 39.74
CA THR J 208 12.97 -23.13 38.72
C THR J 208 12.17 -21.91 39.18
N PRO J 209 12.76 -20.70 39.09
CA PRO J 209 12.06 -19.45 39.39
C PRO J 209 10.86 -19.26 38.46
N PRO J 210 9.67 -18.96 39.02
CA PRO J 210 8.51 -18.66 38.15
C PRO J 210 8.63 -17.30 37.47
N VAL J 211 8.07 -17.20 36.26
CA VAL J 211 8.12 -15.96 35.49
C VAL J 211 6.71 -15.68 34.99
N MET J 212 6.19 -14.53 35.35
CA MET J 212 4.85 -14.12 34.89
C MET J 212 4.78 -12.64 34.58
N GLN J 213 3.89 -12.31 33.63
CA GLN J 213 3.58 -10.95 33.21
CA GLN J 213 3.61 -10.93 33.30
C GLN J 213 2.16 -10.64 33.63
N PHE J 214 1.86 -9.37 33.89
CA PHE J 214 0.47 -8.92 34.05
C PHE J 214 0.30 -7.54 33.42
N THR J 215 -0.83 -7.32 32.76
CA THR J 215 -1.13 -6.05 32.08
C THR J 215 -2.58 -6.08 31.59
N ASN J 216 -3.19 -4.91 31.44
CA ASN J 216 -4.49 -4.82 30.77
C ASN J 216 -4.39 -4.28 29.34
N SER J 217 -3.21 -4.34 28.74
CA SER J 217 -3.02 -3.82 27.38
C SER J 217 -3.04 -4.87 26.27
N VAL J 218 -3.19 -6.14 26.63
CA VAL J 218 -2.97 -7.22 25.66
C VAL J 218 -4.23 -8.04 25.42
N THR J 219 -4.53 -8.27 24.14
CA THR J 219 -5.70 -9.04 23.72
C THR J 219 -5.28 -10.21 22.86
N THR J 220 -5.92 -11.37 23.03
CA THR J 220 -5.76 -12.52 22.13
C THR J 220 -6.97 -12.72 21.21
N VAL J 221 -6.70 -12.69 19.90
CA VAL J 221 -7.75 -12.84 18.92
C VAL J 221 -7.99 -14.33 18.70
N LEU J 222 -9.25 -14.73 18.78
CA LEU J 222 -9.65 -16.13 18.77
C LEU J 222 -10.05 -16.65 17.40
N LEU J 223 -9.98 -15.79 16.39
CA LEU J 223 -10.39 -16.16 15.05
C LEU J 223 -9.44 -17.17 14.45
N ASP J 224 -9.99 -18.14 13.72
CA ASP J 224 -9.15 -19.11 13.01
C ASP J 224 -8.73 -18.57 11.64
N GLU J 225 -8.12 -19.42 10.83
CA GLU J 225 -7.59 -19.02 9.53
C GLU J 225 -8.68 -18.55 8.55
N ASN J 226 -9.93 -18.92 8.80
CA ASN J 226 -11.05 -18.42 8.00
C ASN J 226 -11.80 -17.26 8.63
N GLY J 227 -11.22 -16.67 9.67
CA GLY J 227 -11.90 -15.57 10.36
C GLY J 227 -13.09 -15.98 11.23
N VAL J 228 -13.08 -17.23 11.70
CA VAL J 228 -14.18 -17.74 12.52
C VAL J 228 -13.67 -18.18 13.87
N GLY J 229 -14.20 -17.57 14.92
CA GLY J 229 -13.90 -18.03 16.27
C GLY J 229 -14.80 -19.17 16.71
N PRO J 230 -14.59 -19.67 17.94
CA PRO J 230 -15.48 -20.65 18.57
C PRO J 230 -16.96 -20.23 18.54
N LEU J 231 -17.81 -21.15 18.11
CA LEU J 231 -19.24 -20.90 18.03
C LEU J 231 -19.90 -21.61 19.19
N CYS J 232 -20.68 -20.85 19.96
CA CYS J 232 -21.24 -21.37 21.21
C CYS J 232 -22.42 -22.35 21.00
N LYS J 233 -22.13 -23.66 21.02
CA LYS J 233 -23.21 -24.65 20.86
C LYS J 233 -24.19 -24.58 22.02
N GLY J 234 -25.48 -24.57 21.69
CA GLY J 234 -26.57 -24.44 22.67
C GLY J 234 -26.41 -23.20 23.55
N ASP J 235 -25.82 -22.15 22.98
CA ASP J 235 -25.52 -20.88 23.67
C ASP J 235 -24.54 -20.98 24.85
N LYS J 236 -23.74 -22.03 24.90
CA LYS J 236 -22.78 -22.17 26.01
C LYS J 236 -21.36 -21.77 25.64
N LEU J 237 -20.78 -20.91 26.47
CA LEU J 237 -19.36 -20.55 26.38
C LEU J 237 -18.58 -21.26 27.48
N PHE J 238 -17.52 -21.96 27.07
CA PHE J 238 -16.74 -22.77 28.00
C PHE J 238 -15.41 -22.08 28.24
N LEU J 239 -15.10 -21.83 29.52
CA LEU J 239 -13.79 -21.24 29.89
C LEU J 239 -13.06 -22.23 30.78
N SER J 240 -11.82 -22.54 30.42
CA SER J 240 -11.04 -23.55 31.14
C SER J 240 -9.65 -23.00 31.43
N ALA J 241 -9.09 -23.38 32.57
CA ALA J 241 -7.75 -22.89 32.97
C ALA J 241 -7.02 -23.80 33.96
N VAL J 242 -5.70 -23.70 33.97
CA VAL J 242 -4.92 -24.16 35.11
C VAL J 242 -3.73 -23.25 35.17
N ASP J 243 -3.40 -22.79 36.37
CA ASP J 243 -2.25 -21.91 36.56
C ASP J 243 -1.46 -22.30 37.80
N ILE J 244 -0.61 -23.31 37.62
CA ILE J 244 0.25 -23.80 38.67
C ILE J 244 1.48 -22.90 38.64
N VAL J 245 1.75 -22.24 39.75
CA VAL J 245 2.80 -21.23 39.74
C VAL J 245 4.07 -21.70 40.42
N GLY J 246 4.00 -22.89 41.01
CA GLY J 246 5.18 -23.56 41.55
C GLY J 246 4.82 -24.38 42.77
N ILE J 247 5.84 -24.64 43.58
CA ILE J 247 5.74 -25.48 44.74
C ILE J 247 6.13 -24.65 45.97
N HIS J 248 5.29 -24.66 46.99
CA HIS J 248 5.71 -24.10 48.27
C HIS J 248 6.27 -25.19 49.14
N THR J 249 7.43 -24.92 49.74
CA THR J 249 8.08 -25.87 50.63
C THR J 249 7.87 -25.48 52.10
N ASN J 250 7.37 -26.43 52.89
CA ASN J 250 7.25 -26.23 54.33
C ASN J 250 8.57 -26.42 55.10
N TYR J 251 8.60 -25.96 56.36
CA TYR J 251 9.79 -26.12 57.21
C TYR J 251 10.17 -27.60 57.34
N SER J 252 9.18 -28.48 57.45
CA SER J 252 9.43 -29.92 57.51
C SER J 252 9.92 -30.53 56.19
N GLU J 253 9.97 -29.72 55.12
CA GLU J 253 10.35 -30.12 53.76
C GLU J 253 9.24 -30.84 52.99
N SER J 254 8.03 -30.86 53.55
CA SER J 254 6.88 -31.32 52.81
C SER J 254 6.49 -30.20 51.86
N GLN J 255 5.84 -30.55 50.76
CA GLN J 255 5.60 -29.58 49.70
C GLN J 255 4.16 -29.58 49.20
N ASN J 256 3.71 -28.39 48.82
CA ASN J 256 2.37 -28.14 48.32
C ASN J 256 2.42 -27.37 47.00
N TRP J 257 1.65 -27.84 46.03
CA TRP J 257 1.45 -27.08 44.80
C TRP J 257 0.73 -25.80 45.15
N ARG J 258 1.08 -24.72 44.45
CA ARG J 258 0.42 -23.42 44.58
C ARG J 258 -0.19 -23.03 43.24
N GLY J 259 -1.46 -22.63 43.24
CA GLY J 259 -2.11 -22.14 42.04
C GLY J 259 -2.67 -20.74 42.28
N LEU J 260 -2.95 -20.01 41.20
CA LEU J 260 -3.58 -18.68 41.26
C LEU J 260 -4.81 -18.64 40.34
N PRO J 261 -5.79 -17.78 40.66
CA PRO J 261 -6.98 -17.68 39.81
C PRO J 261 -6.69 -17.03 38.48
N ARG J 262 -7.57 -17.23 37.51
CA ARG J 262 -7.47 -16.57 36.21
C ARG J 262 -8.73 -15.77 35.87
N TYR J 263 -8.54 -14.56 35.35
CA TYR J 263 -9.63 -13.69 34.88
C TYR J 263 -9.77 -13.77 33.36
N PHE J 264 -11.03 -13.76 32.89
CA PHE J 264 -11.35 -13.72 31.47
C PHE J 264 -12.28 -12.55 31.15
N ASN J 265 -12.03 -11.90 30.03
CA ASN J 265 -12.96 -10.94 29.45
C ASN J 265 -13.04 -11.27 27.96
N VAL J 266 -14.19 -11.81 27.56
CA VAL J 266 -14.41 -12.35 26.22
C VAL J 266 -15.37 -11.49 25.44
N THR J 267 -14.93 -11.06 24.26
CA THR J 267 -15.79 -10.35 23.33
C THR J 267 -16.40 -11.35 22.37
N LEU J 268 -17.72 -11.21 22.21
CA LEU J 268 -18.49 -12.12 21.38
C LEU J 268 -19.32 -11.33 20.37
N ARG J 269 -19.50 -11.88 19.18
CA ARG J 269 -20.35 -11.26 18.17
C ARG J 269 -21.37 -12.28 17.65
N LYS J 270 -22.28 -11.83 16.80
CA LYS J 270 -23.32 -12.68 16.23
C LYS J 270 -22.93 -13.21 14.84
N ARG J 271 -22.95 -14.53 14.71
CA ARG J 271 -22.56 -15.23 13.50
C ARG J 271 -23.72 -16.02 12.93
N VAL J 272 -23.95 -15.84 11.63
CA VAL J 272 -25.02 -16.51 10.92
C VAL J 272 -24.57 -17.90 10.46
N VAL J 273 -25.42 -18.90 10.73
CA VAL J 273 -25.17 -20.26 10.25
C VAL J 273 -26.43 -20.77 9.53
N LYS J 274 -26.24 -21.74 8.66
CA LYS J 274 -27.33 -22.44 8.00
C LYS J 274 -28.03 -23.38 8.96
N ASN J 275 -29.36 -23.27 9.02
CA ASN J 275 -30.16 -24.10 9.89
C ASN J 275 -30.10 -25.55 9.40
N PRO J 276 -29.55 -26.48 10.21
CA PRO J 276 -29.47 -27.86 9.76
C PRO J 276 -30.83 -28.54 9.74
N TYR J 277 -31.82 -27.89 10.36
CA TYR J 277 -33.18 -28.40 10.40
C TYR J 277 -34.21 -27.29 10.07
N PRO J 278 -34.31 -26.92 8.78
CA PRO J 278 -35.16 -25.79 8.34
C PRO J 278 -36.67 -26.08 8.44
#